data_8FWQ
#
_entry.id   8FWQ
#
_cell.length_a   1.00
_cell.length_b   1.00
_cell.length_c   1.00
_cell.angle_alpha   90.00
_cell.angle_beta   90.00
_cell.angle_gamma   90.00
#
_symmetry.space_group_name_H-M   'P 1'
#
loop_
_entity.id
_entity.type
_entity.pdbx_description
1 polymer 'Glutamate receptor ionotropic, kainate 2'
2 branched 2-acetamido-2-deoxy-beta-D-glucopyranose-(1-4)-2-acetamido-2-deoxy-beta-D-glucopyranose
3 branched beta-D-mannopyranose-(1-3)-2-acetamido-2-deoxy-beta-D-glucopyranose-(1-4)-2-acetamido-2-deoxy-beta-D-glucopyranose
4 branched beta-D-mannopyranose-(1-4)-2-acetamido-2-deoxy-beta-D-glucopyranose-(1-4)-2-acetamido-2-deoxy-beta-D-glucopyranose
5 branched beta-D-mannopyranose-(1-3)-beta-D-mannopyranose-(1-4)-2-acetamido-2-deoxy-beta-D-glucopyranose-(1-4)-2-acetamido-2-deoxy-beta-D-glucopyranose
6 non-polymer 2-acetamido-2-deoxy-beta-D-glucopyranose
7 non-polymer '4-cyclopropyl-7-fluoro-3,4-dihydro-2H-1,2,4-benzothiadiazine 1,1-dioxide'
8 non-polymer 'SODIUM ION'
#
_entity_poly.entity_id   1
_entity_poly.type   'polypeptide(L)'
_entity_poly.pdbx_seq_one_letter_code
;MKIISPVLSNLVFSRSIKVLLCLLWIGYSQGTTHVLRFGGIFEYVESGPMGAEELAFRFAVNTINRNRTLLPNTTLTYDT
QKINLYDSFEASKKACDQLSLGVAAIFGPSHSSSANAVQSICNALGVPHIQTRWKHQVSDNKDSFYVSLYPDFSSLSRAI
LDLVQFFKWKTVTVVYDDSTGLIRLQELIKAPSRYNLRLKIRQLPADTKDAKPLLKEMKRGKEFHVIFDCSHEMAAGILK
QALAMGMMTEYYHYIFTTLDLFALDVEPYRYSGVNMTGFRILNTENTQVSSIIEKWSMERLQAPPKPDSGLLDGFMTTDA
ALMYDAVHVVSVAVQQFPQMTVSSLQCNRHKPWRFGTRFMSLIKEAHWEGLTGRITFNKTNGLRTDFDLDVISLKEEGLE
KIGTWDPASGLNMTESQKGKPANITDSLSNRSLIVTTILEEPYVLFKKSDKPLYGNDRFEGYCIDLLRELSTILGFTYEI
RLVEDGKYGAQDDVNGQWNGMVRELIDHKADLAVAPLAITYVREKVIDFSKPFMTLGISILYRKPNGTNPGVFSFLNPLS
PDIWMYVLLACLGVSCVLFVIARFSPYEWYNPHPCNPDSDVVENNFTLLNSFWFGVGALMQQGSELMPKALSTRIVGGIW
WFFTLIIISSYTANLAAFLTVERMESPIDSADDLAKQTKIEYGAVEDGATMTFFKKSKISTYDKMWAFMSSRRQSVLVKS
NEEGIQRVLTSDYAFLMESTTIEFVTQRNCNLTQIGGLIDSKGYGVGTPMGSPYRDKITIAILQLQEEGKLHMMKEKWWR
GNGCPEEESKEASALGVQNIGGIFIVLAAGLVLSVFVAVGEFLYKSKKNAQLEKRSFCSAMVEELRMSLKCQRRLKHKPQ
APVIVKTEEVINMHTFNDRRLPGKETMA
;
_entity_poly.pdbx_strand_id   A,B,C,D
#
# COMPACT_ATOMS: atom_id res chain seq x y z
N THR A 33 61.58 40.27 -61.54
CA THR A 33 62.07 39.47 -60.44
C THR A 33 61.77 40.14 -59.11
N HIS A 34 61.07 39.42 -58.23
CA HIS A 34 60.64 39.95 -56.95
C HIS A 34 61.27 39.16 -55.82
N VAL A 35 61.44 39.84 -54.68
CA VAL A 35 62.06 39.25 -53.50
C VAL A 35 61.09 39.42 -52.33
N LEU A 36 60.26 38.41 -52.10
CA LEU A 36 59.29 38.45 -51.03
C LEU A 36 59.82 37.72 -49.81
N ARG A 37 59.69 38.36 -48.66
CA ARG A 37 60.30 37.89 -47.41
C ARG A 37 59.18 37.54 -46.44
N PHE A 38 58.83 36.26 -46.34
CA PHE A 38 57.91 35.81 -45.32
C PHE A 38 58.64 35.59 -44.01
N GLY A 39 58.29 36.39 -43.01
CA GLY A 39 58.87 36.19 -41.69
C GLY A 39 58.38 34.92 -41.05
N GLY A 40 59.15 34.45 -40.08
CA GLY A 40 58.81 33.25 -39.35
C GLY A 40 59.36 33.32 -37.95
N ILE A 41 58.55 32.91 -36.98
CA ILE A 41 58.94 32.96 -35.57
C ILE A 41 58.70 31.57 -35.01
N PHE A 42 59.77 30.86 -34.70
CA PHE A 42 59.65 29.46 -34.31
C PHE A 42 60.28 29.21 -32.95
N GLU A 43 60.32 27.93 -32.58
CA GLU A 43 60.85 27.52 -31.30
C GLU A 43 62.36 27.51 -31.33
N TYR A 44 62.98 27.96 -30.23
CA TYR A 44 64.42 27.81 -30.05
C TYR A 44 64.68 26.50 -29.32
N VAL A 45 65.22 25.54 -30.04
CA VAL A 45 65.70 24.29 -29.47
C VAL A 45 67.22 24.35 -29.43
N GLU A 46 67.81 23.68 -28.44
CA GLU A 46 69.25 23.72 -28.26
C GLU A 46 69.95 22.45 -28.74
N SER A 47 69.32 21.30 -28.57
CA SER A 47 69.98 20.02 -28.82
C SER A 47 69.61 19.44 -30.19
N GLY A 48 68.33 19.22 -30.45
CA GLY A 48 67.91 18.56 -31.65
C GLY A 48 67.85 19.49 -32.85
N PRO A 49 67.29 19.01 -33.95
CA PRO A 49 67.12 19.86 -35.14
C PRO A 49 65.96 20.82 -34.95
N MET A 50 65.71 21.61 -35.99
CA MET A 50 64.69 22.67 -35.98
C MET A 50 63.31 22.07 -35.84
N GLY A 51 62.35 22.92 -35.45
CA GLY A 51 61.00 22.48 -35.21
C GLY A 51 60.29 22.01 -36.46
N ALA A 52 59.26 21.20 -36.24
CA ALA A 52 58.53 20.56 -37.32
C ALA A 52 57.77 21.59 -38.16
N GLU A 53 57.25 22.63 -37.51
CA GLU A 53 56.73 23.75 -38.25
C GLU A 53 57.82 24.48 -39.01
N GLU A 54 59.00 24.63 -38.40
CA GLU A 54 60.11 25.29 -39.07
C GLU A 54 60.65 24.44 -40.21
N LEU A 55 60.57 23.12 -40.07
CA LEU A 55 60.90 22.24 -41.18
C LEU A 55 59.89 22.38 -42.31
N ALA A 56 58.60 22.38 -41.99
CA ALA A 56 57.59 22.51 -43.02
C ALA A 56 57.53 23.91 -43.60
N PHE A 57 57.94 24.92 -42.84
CA PHE A 57 58.05 26.26 -43.40
C PHE A 57 59.19 26.35 -44.38
N ARG A 58 60.34 25.73 -44.07
CA ARG A 58 61.42 25.64 -45.03
C ARG A 58 61.07 24.72 -46.17
N PHE A 59 60.27 23.69 -45.92
CA PHE A 59 59.86 22.79 -46.99
C PHE A 59 58.89 23.45 -47.95
N ALA A 60 58.05 24.36 -47.45
CA ALA A 60 57.03 24.98 -48.31
C ALA A 60 57.63 26.13 -49.14
N VAL A 61 58.52 26.93 -48.54
CA VAL A 61 59.19 27.99 -49.29
C VAL A 61 60.04 27.41 -50.40
N ASN A 62 60.62 26.25 -50.15
CA ASN A 62 61.36 25.54 -51.19
C ASN A 62 60.43 24.90 -52.21
N THR A 63 59.14 24.77 -51.91
CA THR A 63 58.25 24.10 -52.86
C THR A 63 57.75 25.05 -53.93
N ILE A 64 57.26 26.24 -53.53
CA ILE A 64 56.76 27.21 -54.49
C ILE A 64 57.89 27.81 -55.31
N ASN A 65 59.03 28.11 -54.68
CA ASN A 65 60.16 28.68 -55.41
C ASN A 65 60.77 27.68 -56.40
N ARG A 66 60.54 26.38 -56.20
CA ARG A 66 60.84 25.45 -57.28
C ARG A 66 59.83 25.54 -58.41
N ASN A 67 58.58 25.82 -58.09
CA ASN A 67 57.54 25.69 -59.11
C ASN A 67 57.36 26.99 -59.87
N ARG A 68 56.83 26.89 -61.09
CA ARG A 68 56.76 27.99 -62.04
C ARG A 68 55.36 28.49 -62.30
N THR A 69 54.35 27.60 -62.30
CA THR A 69 52.98 28.04 -62.50
C THR A 69 52.49 28.90 -61.35
N LEU A 70 52.58 28.39 -60.13
CA LEU A 70 52.29 29.19 -58.96
C LEU A 70 53.49 30.10 -58.69
N LEU A 71 53.24 31.41 -58.73
CA LEU A 71 54.21 32.50 -58.62
C LEU A 71 55.33 32.38 -59.65
N PRO A 72 55.08 32.70 -60.92
CA PRO A 72 56.20 32.86 -61.85
C PRO A 72 56.97 34.13 -61.53
N ASN A 73 58.29 34.06 -61.75
CA ASN A 73 59.24 35.17 -61.71
C ASN A 73 59.40 35.83 -60.33
N THR A 74 58.84 35.27 -59.27
CA THR A 74 59.04 35.83 -57.93
C THR A 74 59.78 34.82 -57.05
N THR A 75 60.46 35.34 -56.04
CA THR A 75 61.36 34.55 -55.20
C THR A 75 60.95 34.73 -53.73
N LEU A 76 60.48 33.66 -53.11
CA LEU A 76 60.16 33.71 -51.69
C LEU A 76 61.42 33.43 -50.88
N THR A 77 61.80 34.37 -50.04
CA THR A 77 62.83 34.16 -49.03
C THR A 77 62.19 34.28 -47.64
N TYR A 78 62.98 33.98 -46.62
CA TYR A 78 62.46 33.96 -45.26
C TYR A 78 63.46 34.57 -44.30
N ASP A 79 62.94 34.89 -43.11
CA ASP A 79 63.69 35.56 -42.05
C ASP A 79 63.40 34.89 -40.72
N THR A 80 63.57 33.56 -40.67
CA THR A 80 63.16 32.77 -39.52
C THR A 80 63.96 33.10 -38.26
N GLN A 81 63.23 33.42 -37.20
CA GLN A 81 63.78 33.63 -35.87
C GLN A 81 63.31 32.52 -34.95
N LYS A 82 64.00 32.37 -33.83
CA LYS A 82 63.67 31.36 -32.83
C LYS A 82 63.48 32.03 -31.48
N ILE A 83 62.39 31.67 -30.78
CA ILE A 83 62.04 32.26 -29.51
C ILE A 83 61.86 31.17 -28.47
N ASN A 84 61.54 31.59 -27.25
CA ASN A 84 61.35 30.69 -26.12
C ASN A 84 59.91 30.17 -26.02
N LEU A 85 58.98 30.75 -26.79
CA LEU A 85 57.55 30.45 -26.89
C LEU A 85 56.77 30.79 -25.62
N TYR A 86 57.45 31.30 -24.60
CA TYR A 86 56.80 31.77 -23.38
C TYR A 86 57.33 33.14 -22.97
N ASP A 87 57.76 33.94 -23.94
CA ASP A 87 58.19 35.31 -23.68
C ASP A 87 57.63 36.18 -24.80
N SER A 88 56.54 36.89 -24.51
CA SER A 88 56.00 37.83 -25.47
C SER A 88 56.88 39.05 -25.67
N PHE A 89 57.72 39.38 -24.68
CA PHE A 89 58.70 40.44 -24.84
C PHE A 89 59.75 40.05 -25.87
N GLU A 90 60.24 38.80 -25.79
CA GLU A 90 61.11 38.26 -26.83
C GLU A 90 60.37 38.18 -28.16
N ALA A 91 59.09 37.80 -28.12
CA ALA A 91 58.30 37.73 -29.33
C ALA A 91 58.05 39.10 -29.93
N SER A 92 58.00 40.13 -29.09
CA SER A 92 57.79 41.48 -29.59
C SER A 92 59.04 42.04 -30.24
N LYS A 93 60.22 41.70 -29.72
CA LYS A 93 61.46 42.20 -30.31
C LYS A 93 61.72 41.55 -31.66
N LYS A 94 61.52 40.23 -31.76
CA LYS A 94 61.71 39.53 -33.01
C LYS A 94 60.68 39.94 -34.04
N ALA A 95 59.46 40.28 -33.59
CA ALA A 95 58.49 40.85 -34.51
C ALA A 95 58.86 42.26 -34.92
N CYS A 96 59.45 43.03 -34.00
CA CYS A 96 59.95 44.35 -34.37
C CYS A 96 61.17 44.28 -35.27
N ASP A 97 61.95 43.21 -35.17
CA ASP A 97 63.13 43.13 -36.02
C ASP A 97 62.77 42.67 -37.43
N GLN A 98 61.77 41.79 -37.54
CA GLN A 98 61.32 41.37 -38.87
C GLN A 98 60.62 42.50 -39.61
N LEU A 99 59.91 43.36 -38.90
CA LEU A 99 59.28 44.50 -39.54
C LEU A 99 60.29 45.57 -39.94
N SER A 100 61.34 45.73 -39.13
CA SER A 100 62.39 46.68 -39.47
C SER A 100 63.21 46.16 -40.65
N LEU A 101 63.43 44.86 -40.72
CA LEU A 101 63.96 44.27 -41.95
C LEU A 101 62.90 44.26 -43.04
N GLY A 102 61.64 44.25 -42.66
CA GLY A 102 60.59 44.30 -43.65
C GLY A 102 60.17 42.92 -44.09
N VAL A 103 58.95 42.53 -43.72
CA VAL A 103 58.40 41.25 -44.10
C VAL A 103 57.07 41.46 -44.82
N ALA A 104 56.54 40.39 -45.39
CA ALA A 104 55.24 40.43 -46.05
C ALA A 104 54.15 39.75 -45.23
N ALA A 105 54.49 38.78 -44.40
CA ALA A 105 53.58 38.13 -43.48
C ALA A 105 54.43 37.43 -42.42
N ILE A 106 53.82 37.19 -41.26
CA ILE A 106 54.49 36.51 -40.17
C ILE A 106 53.70 35.26 -39.85
N PHE A 107 54.37 34.11 -39.90
CA PHE A 107 53.70 32.81 -39.78
C PHE A 107 53.69 32.27 -38.36
N GLY A 108 53.20 33.06 -37.42
CA GLY A 108 52.72 32.58 -36.15
C GLY A 108 53.79 32.28 -35.13
N PRO A 109 53.56 32.68 -33.88
CA PRO A 109 54.41 32.22 -32.78
C PRO A 109 54.00 30.87 -32.24
N SER A 110 52.89 30.29 -32.73
CA SER A 110 52.45 28.92 -32.46
C SER A 110 52.10 28.68 -30.99
N HIS A 111 51.84 29.73 -30.21
CA HIS A 111 51.47 29.59 -28.82
C HIS A 111 50.75 30.84 -28.37
N SER A 112 49.77 30.66 -27.48
CA SER A 112 48.75 31.66 -27.20
C SER A 112 49.33 32.93 -26.59
N SER A 113 50.25 32.78 -25.64
CA SER A 113 50.78 33.94 -24.94
C SER A 113 51.66 34.78 -25.84
N SER A 114 52.38 34.14 -26.75
CA SER A 114 53.24 34.87 -27.65
C SER A 114 52.51 35.29 -28.92
N ALA A 115 51.36 34.69 -29.22
CA ALA A 115 50.68 35.05 -30.46
C ALA A 115 49.98 36.40 -30.36
N ASN A 116 49.27 36.65 -29.25
CA ASN A 116 48.48 37.87 -29.10
C ASN A 116 49.34 39.13 -29.10
N ALA A 117 50.56 39.02 -28.58
CA ALA A 117 51.47 40.16 -28.65
C ALA A 117 51.87 40.47 -30.08
N VAL A 118 52.21 39.44 -30.86
CA VAL A 118 52.58 39.67 -32.25
C VAL A 118 51.34 39.94 -33.08
N GLN A 119 50.19 39.44 -32.63
CA GLN A 119 48.93 39.80 -33.26
C GLN A 119 48.60 41.26 -33.01
N SER A 120 48.94 41.77 -31.82
CA SER A 120 48.76 43.19 -31.53
C SER A 120 49.73 44.05 -32.32
N ILE A 121 50.92 43.53 -32.61
CA ILE A 121 51.88 44.29 -33.40
C ILE A 121 51.51 44.26 -34.87
N CYS A 122 51.15 43.09 -35.39
CA CYS A 122 50.79 42.97 -36.80
C CYS A 122 49.50 43.69 -37.12
N ASN A 123 48.60 43.82 -36.15
CA ASN A 123 47.44 44.67 -36.36
C ASN A 123 47.85 46.14 -36.38
N ALA A 124 48.72 46.54 -35.47
CA ALA A 124 49.06 47.95 -35.34
C ALA A 124 50.01 48.43 -36.44
N LEU A 125 50.65 47.51 -37.15
CA LEU A 125 51.57 47.89 -38.21
C LEU A 125 51.12 47.43 -39.58
N GLY A 126 49.90 46.91 -39.71
CA GLY A 126 49.30 46.68 -41.02
C GLY A 126 49.57 45.35 -41.66
N VAL A 127 50.76 44.79 -41.45
CA VAL A 127 51.16 43.53 -42.08
C VAL A 127 50.34 42.39 -41.49
N PRO A 128 49.86 41.45 -42.30
CA PRO A 128 49.06 40.34 -41.77
C PRO A 128 49.82 39.41 -40.84
N HIS A 129 49.06 38.66 -40.05
CA HIS A 129 49.56 37.70 -39.08
C HIS A 129 48.92 36.37 -39.41
N ILE A 130 49.73 35.34 -39.66
CA ILE A 130 49.20 34.06 -40.09
C ILE A 130 49.39 33.05 -38.98
N GLN A 131 48.30 32.42 -38.56
CA GLN A 131 48.32 31.49 -37.44
C GLN A 131 47.93 30.09 -37.91
N THR A 132 48.52 29.08 -37.29
CA THR A 132 48.22 27.69 -37.61
C THR A 132 47.81 26.89 -36.39
N ARG A 133 47.76 27.51 -35.21
CA ARG A 133 47.37 26.80 -34.00
C ARG A 133 46.29 27.61 -33.30
N TRP A 134 45.48 26.90 -32.52
CA TRP A 134 44.36 27.53 -31.85
C TRP A 134 44.83 28.32 -30.64
N LYS A 135 44.14 29.42 -30.37
CA LYS A 135 44.32 30.11 -29.10
C LYS A 135 42.99 30.72 -28.69
N HIS A 136 42.93 31.19 -27.46
CA HIS A 136 41.73 31.85 -26.99
C HIS A 136 41.62 33.22 -27.61
N GLN A 137 40.64 33.39 -28.49
CA GLN A 137 40.30 34.72 -28.99
C GLN A 137 39.38 35.35 -27.96
N VAL A 138 39.86 36.40 -27.29
CA VAL A 138 38.98 37.18 -26.45
C VAL A 138 37.98 37.93 -27.32
N SER A 139 36.76 38.10 -26.80
CA SER A 139 35.66 38.53 -27.66
C SER A 139 35.71 40.02 -27.97
N ASP A 140 36.29 40.82 -27.08
CA ASP A 140 36.30 42.27 -27.24
C ASP A 140 37.59 42.76 -27.87
N ASN A 141 38.20 41.94 -28.73
CA ASN A 141 39.44 42.31 -29.40
C ASN A 141 39.10 42.70 -30.83
N LYS A 142 39.29 43.97 -31.15
CA LYS A 142 38.95 44.50 -32.47
C LYS A 142 40.16 44.40 -33.40
N ASP A 143 40.56 43.17 -33.65
CA ASP A 143 41.67 42.86 -34.54
C ASP A 143 41.12 42.23 -35.82
N SER A 144 41.70 42.60 -36.95
CA SER A 144 41.31 42.04 -38.24
C SER A 144 42.49 41.48 -39.01
N PHE A 145 43.72 41.89 -38.67
CA PHE A 145 44.93 41.53 -39.42
C PHE A 145 45.46 40.17 -38.96
N TYR A 146 44.60 39.16 -39.04
CA TYR A 146 44.97 37.79 -38.68
C TYR A 146 43.96 36.83 -39.29
N VAL A 147 44.45 35.69 -39.73
CA VAL A 147 43.63 34.51 -39.96
C VAL A 147 44.35 33.33 -39.34
N SER A 148 43.57 32.39 -38.81
CA SER A 148 44.12 31.15 -38.30
C SER A 148 43.68 30.01 -39.20
N LEU A 149 44.59 29.09 -39.43
CA LEU A 149 44.31 27.93 -40.27
C LEU A 149 44.03 26.69 -39.45
N TYR A 150 44.05 26.79 -38.16
CA TYR A 150 43.74 25.65 -37.31
C TYR A 150 42.23 25.43 -37.32
N PRO A 151 41.79 24.18 -37.32
CA PRO A 151 40.34 23.91 -37.31
C PRO A 151 39.74 24.31 -35.97
N ASP A 152 38.68 25.12 -36.03
CA ASP A 152 38.16 25.77 -34.82
C ASP A 152 37.41 24.77 -33.95
N PHE A 153 37.65 24.87 -32.64
CA PHE A 153 36.99 24.03 -31.65
C PHE A 153 35.50 24.32 -31.51
N SER A 154 35.04 25.46 -32.02
CA SER A 154 33.60 25.70 -32.13
C SER A 154 32.97 24.71 -33.09
N SER A 155 33.70 24.33 -34.14
CA SER A 155 33.22 23.30 -35.04
C SER A 155 33.61 21.91 -34.55
N LEU A 156 34.77 21.81 -33.91
CA LEU A 156 35.27 20.50 -33.49
C LEU A 156 34.43 19.90 -32.38
N SER A 157 34.02 20.72 -31.42
CA SER A 157 33.24 20.20 -30.31
C SER A 157 31.85 19.76 -30.74
N ARG A 158 31.26 20.46 -31.71
CA ARG A 158 30.00 20.02 -32.28
C ARG A 158 30.16 18.70 -33.01
N ALA A 159 31.30 18.51 -33.68
CA ALA A 159 31.57 17.25 -34.35
C ALA A 159 31.72 16.12 -33.34
N ILE A 160 32.33 16.41 -32.19
CA ILE A 160 32.39 15.43 -31.12
C ILE A 160 31.01 15.19 -30.54
N LEU A 161 30.22 16.27 -30.45
CA LEU A 161 28.87 16.17 -29.91
C LEU A 161 27.97 15.34 -30.81
N ASP A 162 28.25 15.32 -32.11
CA ASP A 162 27.48 14.48 -32.99
C ASP A 162 27.86 13.01 -32.84
N LEU A 163 29.09 12.73 -32.40
CA LEU A 163 29.50 11.34 -32.23
C LEU A 163 28.85 10.71 -31.02
N VAL A 164 28.77 11.45 -29.91
CA VAL A 164 28.21 10.88 -28.69
C VAL A 164 26.71 10.71 -28.80
N GLN A 165 26.06 11.41 -29.73
CA GLN A 165 24.68 11.13 -30.07
C GLN A 165 24.61 9.93 -31.00
N PHE A 166 25.53 9.83 -31.95
CA PHE A 166 25.53 8.73 -32.89
C PHE A 166 25.88 7.41 -32.21
N PHE A 167 26.69 7.48 -31.17
CA PHE A 167 27.06 6.29 -30.43
C PHE A 167 26.14 6.02 -29.25
N LYS A 168 25.16 6.92 -29.03
CA LYS A 168 24.09 6.77 -28.04
C LYS A 168 24.65 6.62 -26.62
N TRP A 169 25.56 7.51 -26.26
CA TRP A 169 26.12 7.52 -24.93
C TRP A 169 25.26 8.33 -23.98
N LYS A 170 25.41 8.07 -22.67
CA LYS A 170 24.70 8.87 -21.67
C LYS A 170 25.50 9.26 -20.44
N THR A 171 26.75 8.82 -20.29
CA THR A 171 27.49 9.08 -19.05
C THR A 171 28.92 9.51 -19.36
N VAL A 172 29.05 10.55 -20.20
CA VAL A 172 30.34 10.93 -20.76
C VAL A 172 31.20 11.56 -19.68
N THR A 173 32.48 11.22 -19.66
CA THR A 173 33.44 11.80 -18.73
C THR A 173 34.58 12.41 -19.52
N VAL A 174 34.72 13.71 -19.45
CA VAL A 174 35.72 14.45 -20.23
C VAL A 174 36.96 14.64 -19.38
N VAL A 175 38.11 14.29 -19.93
CA VAL A 175 39.39 14.51 -19.27
C VAL A 175 40.23 15.40 -20.16
N TYR A 176 40.78 16.46 -19.60
CA TYR A 176 41.65 17.38 -20.28
C TYR A 176 42.96 17.49 -19.51
N ASP A 177 43.90 18.26 -20.06
CA ASP A 177 45.21 18.41 -19.46
C ASP A 177 45.48 19.81 -18.92
N ASP A 178 45.30 20.84 -19.74
CA ASP A 178 45.59 22.21 -19.32
C ASP A 178 44.32 23.05 -19.36
N SER A 179 44.35 24.16 -18.62
CA SER A 179 43.14 24.92 -18.33
C SER A 179 42.49 25.53 -19.56
N THR A 180 43.23 25.68 -20.64
CA THR A 180 42.68 26.20 -21.87
C THR A 180 41.74 25.21 -22.55
N GLY A 181 41.80 23.93 -22.17
CA GLY A 181 40.95 22.93 -22.78
C GLY A 181 39.48 23.06 -22.47
N LEU A 182 39.14 23.72 -21.37
CA LEU A 182 37.74 23.91 -21.05
C LEU A 182 37.10 24.87 -22.04
N ILE A 183 37.87 25.88 -22.46
CA ILE A 183 37.44 26.72 -23.56
C ILE A 183 37.42 25.90 -24.85
N ARG A 184 38.36 24.96 -24.98
CA ARG A 184 38.42 24.13 -26.18
C ARG A 184 37.20 23.23 -26.28
N LEU A 185 36.58 22.92 -25.15
CA LEU A 185 35.37 22.12 -25.14
C LEU A 185 34.19 22.84 -24.49
N GLN A 186 34.01 24.15 -24.71
CA GLN A 186 32.93 24.83 -24.01
C GLN A 186 31.56 24.45 -24.57
N GLU A 187 31.49 23.96 -25.80
CA GLU A 187 30.19 23.59 -26.34
C GLU A 187 29.81 22.16 -26.00
N LEU A 188 30.77 21.35 -25.56
CA LEU A 188 30.44 20.02 -25.08
C LEU A 188 30.03 20.04 -23.61
N ILE A 189 30.60 20.95 -22.83
CA ILE A 189 30.25 21.03 -21.42
C ILE A 189 28.82 21.52 -21.25
N LYS A 190 28.39 22.46 -22.08
CA LYS A 190 27.04 23.00 -21.95
C LYS A 190 25.98 22.08 -22.52
N ALA A 191 26.36 20.97 -23.14
CA ALA A 191 25.44 20.08 -23.85
C ALA A 191 24.38 19.34 -23.02
N PRO A 192 24.58 18.98 -21.75
CA PRO A 192 23.43 18.44 -20.98
C PRO A 192 22.34 19.46 -20.70
N SER A 193 22.55 20.74 -20.95
CA SER A 193 21.48 21.72 -20.87
C SER A 193 20.57 21.71 -22.09
N ARG A 194 20.94 20.99 -23.15
CA ARG A 194 20.10 20.88 -24.32
C ARG A 194 19.96 19.45 -24.82
N TYR A 195 20.62 18.49 -24.19
CA TYR A 195 20.41 17.07 -24.45
C TYR A 195 20.45 16.34 -23.13
N ASN A 196 20.63 15.02 -23.22
CA ASN A 196 20.49 14.11 -22.10
C ASN A 196 21.82 13.51 -21.64
N LEU A 197 22.92 14.25 -21.81
CA LEU A 197 24.21 13.78 -21.34
C LEU A 197 24.36 14.01 -19.85
N ARG A 198 25.45 13.48 -19.30
CA ARG A 198 25.72 13.59 -17.88
C ARG A 198 27.24 13.61 -17.70
N LEU A 199 27.79 14.81 -17.51
CA LEU A 199 29.24 14.98 -17.50
C LEU A 199 29.82 14.86 -16.10
N LYS A 200 31.11 14.51 -16.05
CA LYS A 200 31.93 14.60 -14.84
C LYS A 200 33.30 15.06 -15.32
N ILE A 201 33.54 16.37 -15.33
CA ILE A 201 34.79 16.87 -15.88
C ILE A 201 35.93 16.60 -14.91
N ARG A 202 36.95 15.89 -15.39
CA ARG A 202 38.14 15.59 -14.62
C ARG A 202 39.33 16.19 -15.34
N GLN A 203 40.41 16.34 -14.62
CA GLN A 203 41.61 16.97 -15.16
C GLN A 203 42.81 16.07 -14.92
N LEU A 204 43.66 15.96 -15.93
CA LEU A 204 44.94 15.27 -15.79
C LEU A 204 45.80 15.94 -14.73
N PRO A 205 46.76 15.20 -14.17
CA PRO A 205 47.75 15.84 -13.29
C PRO A 205 48.61 16.84 -14.03
N ALA A 206 49.40 17.57 -13.25
CA ALA A 206 50.02 18.82 -13.70
C ALA A 206 51.02 18.59 -14.83
N ASP A 207 52.12 17.89 -14.53
CA ASP A 207 53.17 17.76 -15.54
C ASP A 207 53.58 16.32 -15.79
N THR A 208 53.54 15.50 -14.74
CA THR A 208 54.01 14.13 -14.84
C THR A 208 53.02 13.30 -15.65
N LYS A 209 53.55 12.25 -16.27
CA LYS A 209 52.69 11.28 -16.94
C LYS A 209 52.32 10.15 -15.98
N ASP A 210 51.81 10.53 -14.81
CA ASP A 210 51.33 9.60 -13.81
C ASP A 210 49.81 9.63 -13.81
N ALA A 211 49.23 9.18 -14.92
CA ALA A 211 47.79 9.23 -15.11
C ALA A 211 47.06 8.13 -14.37
N LYS A 212 47.77 7.28 -13.66
CA LYS A 212 47.15 6.13 -13.01
C LYS A 212 46.18 6.45 -11.86
N PRO A 213 46.46 7.37 -10.92
CA PRO A 213 45.44 7.65 -9.90
C PRO A 213 44.17 8.23 -10.45
N LEU A 214 44.24 8.97 -11.55
CA LEU A 214 43.04 9.35 -12.27
C LEU A 214 42.31 8.13 -12.80
N LEU A 215 43.03 7.23 -13.46
CA LEU A 215 42.41 6.06 -14.07
C LEU A 215 41.97 5.03 -13.05
N LYS A 216 42.43 5.13 -11.80
CA LYS A 216 41.83 4.35 -10.74
C LYS A 216 40.41 4.82 -10.48
N GLU A 217 40.21 6.13 -10.41
CA GLU A 217 38.91 6.67 -10.08
C GLU A 217 37.91 6.46 -11.20
N MET A 218 38.37 6.55 -12.44
CA MET A 218 37.49 6.40 -13.58
C MET A 218 37.01 4.97 -13.72
N LYS A 219 37.89 4.01 -13.41
CA LYS A 219 37.51 2.62 -13.38
C LYS A 219 36.55 2.34 -12.24
N ARG A 220 36.78 2.98 -11.10
CA ARG A 220 35.83 2.89 -10.00
C ARG A 220 34.60 3.75 -10.27
N GLY A 221 34.72 4.73 -11.15
CA GLY A 221 33.57 5.54 -11.47
C GLY A 221 32.60 4.91 -12.44
N LYS A 222 32.89 3.69 -12.90
CA LYS A 222 32.15 3.01 -13.98
C LYS A 222 32.05 3.89 -15.22
N GLU A 223 33.19 4.46 -15.60
CA GLU A 223 33.25 5.48 -16.62
C GLU A 223 33.77 4.82 -17.88
N PHE A 224 32.87 4.59 -18.83
CA PHE A 224 33.21 3.83 -20.02
C PHE A 224 33.02 4.63 -21.29
N HIS A 225 32.70 5.91 -21.18
CA HIS A 225 32.48 6.75 -22.34
C HIS A 225 33.34 7.99 -22.11
N VAL A 226 34.59 7.90 -22.54
CA VAL A 226 35.64 8.79 -22.09
C VAL A 226 36.17 9.58 -23.27
N ILE A 227 36.25 10.90 -23.11
CA ILE A 227 36.81 11.77 -24.13
C ILE A 227 38.09 12.38 -23.58
N PHE A 228 39.19 12.20 -24.30
CA PHE A 228 40.48 12.77 -23.93
C PHE A 228 40.77 14.01 -24.77
N ASP A 229 41.07 15.10 -24.08
CA ASP A 229 41.58 16.32 -24.70
C ASP A 229 43.07 16.39 -24.43
N CYS A 230 43.86 15.87 -25.36
CA CYS A 230 45.30 15.85 -25.20
C CYS A 230 45.95 16.12 -26.55
N SER A 231 47.27 16.14 -26.53
CA SER A 231 48.04 16.01 -27.74
C SER A 231 48.30 14.54 -28.01
N HIS A 232 48.70 14.23 -29.24
CA HIS A 232 49.11 12.87 -29.56
C HIS A 232 50.38 12.47 -28.85
N GLU A 233 51.19 13.45 -28.43
CA GLU A 233 52.26 13.17 -27.49
C GLU A 233 51.72 12.70 -26.16
N MET A 234 50.66 13.35 -25.66
CA MET A 234 50.11 12.97 -24.37
C MET A 234 49.08 11.86 -24.50
N ALA A 235 48.58 11.61 -25.71
CA ALA A 235 47.67 10.49 -25.92
C ALA A 235 48.40 9.17 -25.88
N ALA A 236 49.59 9.10 -26.48
CA ALA A 236 50.36 7.88 -26.45
C ALA A 236 50.89 7.58 -25.05
N GLY A 237 51.02 8.60 -24.21
CA GLY A 237 51.51 8.39 -22.86
C GLY A 237 50.52 7.67 -21.95
N ILE A 238 49.23 7.92 -22.17
CA ILE A 238 48.21 7.40 -21.28
C ILE A 238 47.62 6.08 -21.73
N LEU A 239 47.74 5.73 -23.01
CA LEU A 239 47.19 4.47 -23.48
C LEU A 239 48.05 3.29 -23.09
N LYS A 240 49.35 3.51 -22.89
CA LYS A 240 50.20 2.46 -22.33
C LYS A 240 49.80 2.17 -20.89
N GLN A 241 49.41 3.20 -20.15
CA GLN A 241 48.98 3.01 -18.78
C GLN A 241 47.54 2.51 -18.69
N ALA A 242 46.73 2.80 -19.70
CA ALA A 242 45.39 2.23 -19.75
C ALA A 242 45.40 0.76 -20.14
N LEU A 243 46.44 0.34 -20.86
CA LEU A 243 46.64 -1.08 -21.09
C LEU A 243 47.07 -1.77 -19.82
N ALA A 244 47.98 -1.14 -19.07
CA ALA A 244 48.62 -1.79 -17.94
C ALA A 244 47.77 -1.82 -16.68
N MET A 245 46.53 -1.32 -16.69
CA MET A 245 45.76 -1.42 -15.45
C MET A 245 44.55 -2.34 -15.58
N GLY A 246 43.51 -1.93 -16.31
CA GLY A 246 42.48 -2.89 -16.64
C GLY A 246 41.66 -2.48 -17.84
N MET A 247 42.01 -1.37 -18.45
CA MET A 247 41.00 -0.56 -19.10
C MET A 247 41.07 -0.53 -20.61
N MET A 248 41.85 -1.40 -21.23
CA MET A 248 41.71 -1.62 -22.67
C MET A 248 40.89 -2.89 -22.92
N THR A 249 39.65 -2.86 -22.44
CA THR A 249 38.71 -3.94 -22.69
C THR A 249 37.72 -3.53 -23.77
N GLU A 250 36.72 -4.39 -24.00
CA GLU A 250 35.60 -4.06 -24.87
C GLU A 250 34.49 -3.32 -24.13
N TYR A 251 34.72 -2.97 -22.88
CA TYR A 251 33.78 -2.16 -22.13
C TYR A 251 33.94 -0.67 -22.39
N TYR A 252 35.12 -0.25 -22.79
CA TYR A 252 35.45 1.16 -22.92
C TYR A 252 35.34 1.58 -24.37
N HIS A 253 34.90 2.81 -24.58
CA HIS A 253 34.87 3.39 -25.90
C HIS A 253 35.43 4.80 -25.80
N TYR A 254 36.48 5.08 -26.55
CA TYR A 254 37.26 6.30 -26.39
C TYR A 254 37.08 7.17 -27.61
N ILE A 255 36.74 8.40 -27.40
CA ILE A 255 36.89 9.42 -28.43
C ILE A 255 38.06 10.31 -28.02
N PHE A 256 38.90 10.67 -28.98
CA PHE A 256 40.01 11.57 -28.71
C PHE A 256 39.76 12.91 -29.37
N THR A 257 40.24 13.97 -28.73
CA THR A 257 40.10 15.29 -29.32
C THR A 257 41.04 15.47 -30.50
N THR A 258 42.24 14.89 -30.42
CA THR A 258 43.31 15.25 -31.35
C THR A 258 43.03 14.74 -32.75
N LEU A 259 43.59 15.45 -33.72
CA LEU A 259 43.42 15.13 -35.12
C LEU A 259 44.48 14.17 -35.61
N ASP A 260 45.47 13.87 -34.77
CA ASP A 260 46.61 13.05 -35.12
C ASP A 260 46.56 11.72 -34.39
N LEU A 261 45.35 11.15 -34.28
CA LEU A 261 45.21 9.77 -33.83
C LEU A 261 45.83 8.78 -34.81
N PHE A 262 45.85 9.14 -36.10
CA PHE A 262 46.39 8.33 -37.16
C PHE A 262 47.89 8.09 -37.03
N ALA A 263 48.59 8.89 -36.24
CA ALA A 263 50.02 8.73 -36.02
C ALA A 263 50.31 8.01 -34.71
N LEU A 264 49.48 7.04 -34.35
CA LEU A 264 49.71 6.24 -33.15
C LEU A 264 50.05 4.81 -33.52
N ASP A 265 51.00 4.22 -32.81
CA ASP A 265 51.28 2.80 -32.95
C ASP A 265 50.22 2.04 -32.18
N VAL A 266 49.12 1.72 -32.84
CA VAL A 266 47.99 1.05 -32.21
C VAL A 266 48.11 -0.47 -32.33
N GLU A 267 49.28 -0.94 -32.74
CA GLU A 267 49.51 -2.37 -32.91
C GLU A 267 49.34 -3.22 -31.64
N PRO A 268 49.71 -2.80 -30.43
CA PRO A 268 49.31 -3.58 -29.25
C PRO A 268 47.83 -3.47 -28.90
N TYR A 269 47.02 -2.79 -29.70
CA TYR A 269 45.62 -2.59 -29.37
C TYR A 269 44.67 -2.99 -30.48
N ARG A 270 45.20 -3.48 -31.61
CA ARG A 270 44.34 -3.87 -32.73
C ARG A 270 43.53 -5.11 -32.39
N TYR A 271 44.15 -6.06 -31.70
CA TYR A 271 43.49 -7.26 -31.27
C TYR A 271 43.10 -7.23 -29.80
N SER A 272 43.01 -6.04 -29.21
CA SER A 272 42.62 -5.91 -27.81
C SER A 272 41.11 -5.80 -27.61
N GLY A 273 40.34 -5.52 -28.66
CA GLY A 273 38.90 -5.53 -28.59
C GLY A 273 38.24 -4.25 -28.12
N VAL A 274 38.98 -3.15 -28.01
CA VAL A 274 38.45 -1.89 -27.53
C VAL A 274 37.75 -1.19 -28.68
N ASN A 275 37.05 -0.10 -28.39
CA ASN A 275 36.72 0.84 -29.45
C ASN A 275 37.37 2.18 -29.11
N MET A 276 37.99 2.78 -30.12
CA MET A 276 38.71 4.05 -30.01
C MET A 276 38.33 4.86 -31.25
N THR A 277 37.67 5.99 -31.05
CA THR A 277 37.23 6.78 -32.20
C THR A 277 38.03 8.09 -32.24
N GLY A 278 38.00 8.77 -33.39
CA GLY A 278 38.73 10.01 -33.54
C GLY A 278 38.35 10.70 -34.84
N PHE A 279 39.29 11.51 -35.34
CA PHE A 279 39.08 12.25 -36.56
C PHE A 279 40.39 12.37 -37.33
N ARG A 280 40.27 12.86 -38.55
CA ARG A 280 41.43 13.11 -39.40
C ARG A 280 41.08 14.14 -40.44
N ILE A 281 41.61 15.35 -40.30
CA ILE A 281 41.50 16.34 -41.36
C ILE A 281 42.59 16.12 -42.41
N LEU A 282 43.68 15.45 -42.05
CA LEU A 282 44.78 15.18 -42.96
C LEU A 282 44.32 14.23 -44.05
N ASN A 283 44.09 14.75 -45.24
CA ASN A 283 43.39 13.99 -46.28
C ASN A 283 44.38 13.02 -46.93
N THR A 284 44.62 11.90 -46.23
CA THR A 284 45.66 10.95 -46.62
C THR A 284 45.31 10.09 -47.82
N GLU A 285 44.09 10.19 -48.34
CA GLU A 285 43.65 9.31 -49.42
C GLU A 285 43.91 9.90 -50.80
N ASN A 286 44.43 11.11 -50.89
CA ASN A 286 44.84 11.65 -52.17
C ASN A 286 46.27 11.23 -52.47
N THR A 287 46.51 10.93 -53.75
CA THR A 287 47.85 10.60 -54.19
C THR A 287 48.78 11.79 -54.10
N GLN A 288 48.26 12.99 -54.43
CA GLN A 288 49.03 14.23 -54.30
C GLN A 288 49.40 14.50 -52.85
N VAL A 289 48.49 14.21 -51.92
CA VAL A 289 48.81 14.41 -50.51
C VAL A 289 49.74 13.29 -50.03
N SER A 290 49.49 12.05 -50.46
CA SER A 290 50.37 10.95 -50.12
C SER A 290 51.75 11.09 -50.74
N SER A 291 51.88 11.87 -51.81
CA SER A 291 53.19 12.16 -52.35
C SER A 291 54.00 13.04 -51.41
N ILE A 292 53.35 14.03 -50.79
CA ILE A 292 54.06 14.96 -49.92
C ILE A 292 54.42 14.28 -48.60
N ILE A 293 53.66 13.26 -48.20
CA ILE A 293 53.99 12.47 -47.02
C ILE A 293 55.29 11.72 -47.22
N GLU A 294 55.45 11.12 -48.40
CA GLU A 294 56.65 10.35 -48.69
C GLU A 294 57.86 11.25 -48.86
N LYS A 295 57.65 12.45 -49.43
CA LYS A 295 58.73 13.43 -49.50
C LYS A 295 59.13 13.92 -48.12
N TRP A 296 58.17 13.98 -47.19
CA TRP A 296 58.43 14.55 -45.87
C TRP A 296 59.38 13.70 -45.06
N SER A 297 59.30 12.38 -45.21
CA SER A 297 60.20 11.48 -44.48
C SER A 297 61.64 11.59 -44.96
N MET A 298 61.86 12.15 -46.14
CA MET A 298 63.21 12.21 -46.70
C MET A 298 64.06 13.26 -45.99
N GLU A 299 63.66 14.53 -46.08
CA GLU A 299 64.50 15.60 -45.53
C GLU A 299 64.40 15.69 -44.01
N ARG A 300 63.41 15.03 -43.41
CA ARG A 300 63.28 15.05 -41.96
C ARG A 300 64.33 14.20 -41.26
N LEU A 301 64.99 13.30 -42.01
CA LEU A 301 65.55 12.01 -41.59
C LEU A 301 66.13 11.92 -40.17
N GLN A 302 66.76 13.00 -39.69
CA GLN A 302 67.23 13.07 -38.31
C GLN A 302 66.06 13.07 -37.32
N ALA A 303 66.43 13.05 -36.02
CA ALA A 303 65.55 13.02 -34.86
C ALA A 303 64.56 11.86 -34.93
N PRO A 304 65.00 10.61 -34.74
CA PRO A 304 64.07 9.49 -34.84
C PRO A 304 63.21 9.40 -33.59
N PRO A 305 62.05 8.75 -33.67
CA PRO A 305 61.23 8.54 -32.46
C PRO A 305 61.84 7.49 -31.55
N LYS A 306 61.97 7.84 -30.27
CA LYS A 306 62.43 6.87 -29.29
C LYS A 306 61.34 5.80 -29.08
N PRO A 307 61.71 4.57 -28.69
CA PRO A 307 60.71 3.48 -28.70
C PRO A 307 59.57 3.64 -27.71
N ASP A 308 59.83 4.15 -26.51
CA ASP A 308 58.76 4.36 -25.53
C ASP A 308 58.10 5.73 -25.70
N SER A 309 57.77 6.06 -26.93
CA SER A 309 57.02 7.25 -27.30
C SER A 309 56.04 6.89 -28.40
N GLY A 310 55.23 5.86 -28.16
CA GLY A 310 54.80 4.95 -29.20
C GLY A 310 53.93 5.52 -30.31
N LEU A 311 54.48 6.48 -31.02
CA LEU A 311 53.91 7.01 -32.25
C LEU A 311 54.37 6.17 -33.43
N LEU A 312 53.97 6.60 -34.63
CA LEU A 312 54.48 5.96 -35.83
C LEU A 312 55.83 6.57 -36.20
N ASP A 313 56.43 6.03 -37.26
CA ASP A 313 57.74 6.51 -37.69
C ASP A 313 57.63 7.74 -38.58
N GLY A 314 57.00 7.60 -39.74
CA GLY A 314 57.00 8.65 -40.73
C GLY A 314 55.61 9.18 -41.03
N PHE A 315 55.40 10.46 -40.75
CA PHE A 315 54.08 11.07 -40.79
C PHE A 315 54.25 12.57 -40.73
N MET A 316 53.26 13.28 -41.26
CA MET A 316 53.16 14.70 -40.98
C MET A 316 52.16 14.92 -39.87
N THR A 317 52.56 15.67 -38.85
CA THR A 317 51.59 16.16 -37.89
C THR A 317 50.68 17.17 -38.55
N THR A 318 49.50 17.34 -37.98
CA THR A 318 48.64 18.41 -38.48
C THR A 318 49.16 19.79 -38.07
N ASP A 319 50.08 19.87 -37.12
CA ASP A 319 50.76 21.12 -36.83
C ASP A 319 51.60 21.56 -38.03
N ALA A 320 52.42 20.65 -38.54
CA ALA A 320 53.22 20.97 -39.70
C ALA A 320 52.41 20.93 -41.00
N ALA A 321 51.32 20.17 -41.03
CA ALA A 321 50.52 20.09 -42.26
C ALA A 321 49.82 21.40 -42.55
N LEU A 322 49.37 22.09 -41.51
CA LEU A 322 48.82 23.43 -41.71
C LEU A 322 49.92 24.44 -42.00
N MET A 323 51.11 24.25 -41.42
CA MET A 323 52.20 25.17 -41.68
C MET A 323 52.71 25.05 -43.11
N TYR A 324 52.60 23.86 -43.70
CA TYR A 324 52.84 23.71 -45.13
C TYR A 324 51.78 24.44 -45.94
N ASP A 325 50.52 24.36 -45.49
CA ASP A 325 49.43 24.94 -46.24
C ASP A 325 49.39 26.45 -46.06
N ALA A 326 49.91 26.96 -44.94
CA ALA A 326 49.84 28.38 -44.62
C ALA A 326 50.61 29.21 -45.63
N VAL A 327 51.71 28.68 -46.16
CA VAL A 327 52.45 29.38 -47.19
C VAL A 327 51.66 29.41 -48.49
N HIS A 328 50.97 28.31 -48.80
CA HIS A 328 50.26 28.16 -50.06
C HIS A 328 49.05 29.07 -50.15
N VAL A 329 48.40 29.32 -49.02
CA VAL A 329 47.22 30.17 -49.04
C VAL A 329 47.62 31.63 -49.21
N VAL A 330 48.74 32.03 -48.60
CA VAL A 330 49.27 33.37 -48.84
C VAL A 330 49.80 33.47 -50.27
N SER A 331 50.24 32.35 -50.84
CA SER A 331 50.76 32.33 -52.20
C SER A 331 49.67 32.58 -53.24
N VAL A 332 48.42 32.24 -52.93
CA VAL A 332 47.34 32.57 -53.86
C VAL A 332 47.08 34.07 -53.84
N ALA A 333 47.23 34.70 -52.67
CA ALA A 333 46.92 36.13 -52.56
C ALA A 333 48.00 36.98 -53.21
N VAL A 334 49.26 36.54 -53.20
CA VAL A 334 50.28 37.31 -53.90
C VAL A 334 50.22 37.08 -55.40
N GLN A 335 49.60 35.99 -55.84
CA GLN A 335 49.37 35.79 -57.27
C GLN A 335 48.35 36.79 -57.80
N GLN A 336 47.34 37.11 -57.00
CA GLN A 336 46.36 38.12 -57.34
C GLN A 336 46.80 39.52 -56.92
N PHE A 337 48.03 39.66 -56.46
CA PHE A 337 48.57 40.97 -56.07
C PHE A 337 50.05 41.01 -56.42
N PRO A 338 50.37 41.26 -57.69
CA PRO A 338 51.78 41.26 -58.09
C PRO A 338 52.54 42.50 -57.67
N GLN A 339 51.88 43.59 -57.32
CA GLN A 339 52.55 44.85 -57.06
C GLN A 339 53.01 45.00 -55.61
N MET A 340 53.17 43.90 -54.89
CA MET A 340 53.67 43.98 -53.53
C MET A 340 55.13 44.40 -53.48
N THR A 341 55.39 45.51 -52.80
CA THR A 341 56.73 45.94 -52.49
C THR A 341 56.89 45.91 -50.98
N VAL A 342 57.86 45.13 -50.51
CA VAL A 342 58.05 44.93 -49.07
C VAL A 342 58.65 46.19 -48.46
N SER A 343 57.97 46.76 -47.49
CA SER A 343 58.43 47.97 -46.83
C SER A 343 59.01 47.64 -45.47
N SER A 344 59.88 48.51 -44.99
CA SER A 344 60.51 48.37 -43.68
C SER A 344 59.78 49.27 -42.70
N LEU A 345 58.87 48.69 -41.93
CA LEU A 345 58.10 49.48 -40.99
C LEU A 345 58.85 49.60 -39.66
N GLN A 346 58.32 50.46 -38.78
CA GLN A 346 58.95 50.79 -37.51
C GLN A 346 57.94 50.62 -36.39
N CYS A 347 58.41 50.12 -35.24
CA CYS A 347 57.51 49.86 -34.12
C CYS A 347 57.13 51.13 -33.36
N ASN A 348 58.13 51.87 -32.85
CA ASN A 348 57.83 53.03 -32.03
C ASN A 348 57.37 54.25 -32.81
N ARG A 349 57.40 54.18 -34.14
CA ARG A 349 56.84 55.19 -35.04
C ARG A 349 55.86 54.51 -35.99
N HIS A 350 54.96 53.74 -35.40
CA HIS A 350 54.13 52.78 -36.14
C HIS A 350 53.23 53.46 -37.15
N LYS A 351 53.36 53.03 -38.40
CA LYS A 351 52.52 53.46 -39.49
C LYS A 351 51.96 52.21 -40.16
N PRO A 352 50.68 52.22 -40.54
CA PRO A 352 50.13 51.10 -41.29
C PRO A 352 50.80 50.97 -42.65
N TRP A 353 51.05 49.73 -43.04
CA TRP A 353 51.66 49.47 -44.34
C TRP A 353 50.67 49.83 -45.44
N ARG A 354 51.21 50.25 -46.59
CA ARG A 354 50.41 50.84 -47.66
C ARG A 354 49.42 49.85 -48.25
N PHE A 355 49.80 48.57 -48.34
CA PHE A 355 48.88 47.58 -48.86
C PHE A 355 48.44 46.58 -47.80
N GLY A 356 48.46 46.99 -46.52
CA GLY A 356 48.09 46.08 -45.46
C GLY A 356 46.61 45.78 -45.41
N THR A 357 45.79 46.66 -45.97
CA THR A 357 44.34 46.48 -45.95
C THR A 357 43.85 45.61 -47.10
N ARG A 358 44.32 45.89 -48.32
CA ARG A 358 43.85 45.15 -49.48
C ARG A 358 44.37 43.72 -49.52
N PHE A 359 45.66 43.54 -49.20
CA PHE A 359 46.25 42.21 -49.25
C PHE A 359 45.67 41.28 -48.19
N MET A 360 45.28 41.82 -47.03
CA MET A 360 44.60 41.04 -46.01
C MET A 360 43.24 40.56 -46.51
N SER A 361 42.55 41.38 -47.31
CA SER A 361 41.30 40.96 -47.92
C SER A 361 41.52 39.85 -48.93
N LEU A 362 42.65 39.86 -49.61
CA LEU A 362 42.97 38.81 -50.56
C LEU A 362 43.29 37.50 -49.84
N ILE A 363 43.79 37.60 -48.61
CA ILE A 363 43.99 36.42 -47.80
C ILE A 363 42.66 35.82 -47.39
N LYS A 364 41.73 36.65 -46.92
CA LYS A 364 40.45 36.17 -46.44
C LYS A 364 39.54 35.68 -47.56
N GLU A 365 39.86 35.99 -48.82
CA GLU A 365 39.11 35.51 -49.96
C GLU A 365 39.81 34.37 -50.68
N ALA A 366 40.79 33.74 -50.04
CA ALA A 366 41.59 32.72 -50.72
C ALA A 366 40.95 31.35 -50.62
N HIS A 367 41.11 30.56 -51.67
CA HIS A 367 40.65 29.18 -51.72
C HIS A 367 41.78 28.30 -52.23
N TRP A 368 41.92 27.13 -51.62
CA TRP A 368 43.09 26.29 -51.83
C TRP A 368 42.74 24.86 -51.46
N GLU A 369 43.33 23.92 -52.19
CA GLU A 369 43.19 22.50 -51.91
C GLU A 369 44.54 21.98 -51.43
N GLY A 370 44.69 21.88 -50.11
CA GLY A 370 45.93 21.50 -49.49
C GLY A 370 45.90 20.11 -48.88
N LEU A 371 46.74 19.92 -47.86
CA LEU A 371 46.85 18.62 -47.20
C LEU A 371 45.62 18.29 -46.39
N THR A 372 44.98 19.31 -45.81
CA THR A 372 43.87 19.12 -44.88
C THR A 372 42.53 19.39 -45.54
N GLY A 373 42.37 19.00 -46.79
CA GLY A 373 41.11 19.23 -47.48
C GLY A 373 41.00 20.65 -47.99
N ARG A 374 39.79 21.21 -47.94
CA ARG A 374 39.57 22.57 -48.40
C ARG A 374 39.90 23.56 -47.30
N ILE A 375 40.32 24.75 -47.70
CA ILE A 375 40.62 25.84 -46.78
C ILE A 375 39.81 27.05 -47.23
N THR A 376 38.65 27.24 -46.62
CA THR A 376 37.93 28.50 -46.71
C THR A 376 37.92 29.13 -45.33
N PHE A 377 37.73 30.44 -45.31
CA PHE A 377 37.81 31.16 -44.05
C PHE A 377 36.45 31.65 -43.60
N ASN A 378 36.41 32.07 -42.34
CA ASN A 378 35.22 32.60 -41.70
C ASN A 378 35.25 34.10 -41.92
N LYS A 379 34.39 34.59 -42.82
CA LYS A 379 34.34 35.99 -43.25
C LYS A 379 34.15 36.97 -42.09
N THR A 380 33.47 36.50 -41.04
CA THR A 380 33.22 37.32 -39.86
C THR A 380 34.51 37.67 -39.14
N ASN A 381 35.25 36.66 -38.68
CA ASN A 381 36.38 36.88 -37.79
C ASN A 381 37.71 36.45 -38.38
N GLY A 382 37.72 35.38 -39.17
CA GLY A 382 38.96 34.98 -39.82
C GLY A 382 39.40 33.58 -39.45
N LEU A 383 38.45 32.73 -39.07
CA LEU A 383 38.76 31.40 -38.59
C LEU A 383 38.42 30.38 -39.67
N ARG A 384 38.64 29.10 -39.35
CA ARG A 384 38.22 28.02 -40.23
C ARG A 384 37.17 27.21 -39.50
N THR A 385 35.91 27.55 -39.74
CA THR A 385 34.80 26.80 -39.20
C THR A 385 34.06 26.01 -40.27
N ASP A 386 34.53 26.03 -41.51
CA ASP A 386 33.96 25.20 -42.57
C ASP A 386 35.06 24.28 -43.10
N PHE A 387 35.04 23.03 -42.65
CA PHE A 387 36.05 22.06 -43.05
C PHE A 387 35.49 20.66 -42.96
N ASP A 388 36.10 19.74 -43.69
CA ASP A 388 35.59 18.39 -43.85
C ASP A 388 36.47 17.45 -43.05
N LEU A 389 35.89 16.75 -42.10
CA LEU A 389 36.63 15.79 -41.30
C LEU A 389 36.38 14.36 -41.79
N ASP A 390 37.24 13.44 -41.35
CA ASP A 390 37.13 12.05 -41.75
C ASP A 390 37.10 11.23 -40.47
N VAL A 391 35.97 10.61 -40.19
CA VAL A 391 35.80 9.87 -38.94
C VAL A 391 36.56 8.56 -39.05
N ILE A 392 37.61 8.42 -38.25
CA ILE A 392 38.45 7.24 -38.25
C ILE A 392 38.32 6.53 -36.91
N SER A 393 38.22 5.21 -36.96
CA SER A 393 37.99 4.40 -35.78
C SER A 393 38.91 3.18 -35.83
N LEU A 394 39.00 2.49 -34.68
CA LEU A 394 39.89 1.35 -34.53
C LEU A 394 39.15 0.06 -34.85
N LYS A 395 39.52 -0.57 -35.95
CA LYS A 395 39.02 -1.87 -36.31
C LYS A 395 40.01 -2.94 -35.84
N GLU A 396 39.71 -4.19 -36.16
CA GLU A 396 40.64 -5.27 -35.89
C GLU A 396 41.87 -5.15 -36.77
N GLU A 397 41.66 -4.78 -38.04
CA GLU A 397 42.76 -4.58 -38.97
C GLU A 397 43.63 -3.39 -38.56
N GLY A 398 43.00 -2.25 -38.35
CA GLY A 398 43.74 -1.08 -37.92
C GLY A 398 42.84 0.10 -37.63
N LEU A 399 43.31 1.28 -37.99
CA LEU A 399 42.62 2.53 -37.69
C LEU A 399 42.09 3.06 -39.01
N GLU A 400 40.81 2.86 -39.29
CA GLU A 400 40.27 3.01 -40.63
C GLU A 400 39.13 4.02 -40.68
N LYS A 401 38.99 4.66 -41.85
CA LYS A 401 37.99 5.69 -42.06
C LYS A 401 36.59 5.09 -42.13
N ILE A 402 35.70 5.57 -41.28
CA ILE A 402 34.34 5.05 -41.21
C ILE A 402 33.30 6.11 -41.50
N GLY A 403 33.67 7.38 -41.60
CA GLY A 403 32.67 8.41 -41.81
C GLY A 403 33.29 9.76 -42.09
N THR A 404 32.42 10.73 -42.35
CA THR A 404 32.83 12.04 -42.81
C THR A 404 31.93 13.09 -42.16
N TRP A 405 32.53 14.21 -41.77
CA TRP A 405 31.78 15.28 -41.14
C TRP A 405 31.91 16.56 -41.92
N ASP A 406 30.82 17.31 -41.97
CA ASP A 406 30.70 18.59 -42.65
C ASP A 406 29.83 19.46 -41.76
N PRO A 407 30.20 20.72 -41.51
CA PRO A 407 29.30 21.60 -40.72
C PRO A 407 27.96 21.82 -41.37
N ALA A 408 27.90 21.88 -42.70
CA ALA A 408 26.62 21.96 -43.40
C ALA A 408 25.87 20.65 -43.30
N SER A 409 26.52 19.55 -43.70
CA SER A 409 25.83 18.28 -43.81
C SER A 409 25.64 17.61 -42.44
N GLY A 410 26.74 17.37 -41.74
CA GLY A 410 26.71 16.57 -40.53
C GLY A 410 27.57 15.32 -40.69
N LEU A 411 27.21 14.27 -39.95
CA LEU A 411 27.92 13.00 -40.03
C LEU A 411 27.36 12.18 -41.19
N ASN A 412 28.13 12.08 -42.27
CA ASN A 412 27.84 11.12 -43.33
C ASN A 412 28.72 9.90 -43.03
N MET A 413 28.25 9.06 -42.12
CA MET A 413 29.00 7.89 -41.68
C MET A 413 28.49 6.68 -42.45
N THR A 414 29.16 6.39 -43.56
CA THR A 414 28.76 5.29 -44.44
C THR A 414 29.22 3.92 -43.93
N GLU A 415 29.78 3.84 -42.73
CA GLU A 415 30.10 2.57 -42.13
C GLU A 415 28.83 1.80 -41.79
N SER A 416 28.96 0.47 -41.74
CA SER A 416 27.87 -0.43 -41.38
C SER A 416 28.36 -1.46 -40.39
N GLN A 417 27.59 -2.51 -40.15
CA GLN A 417 27.94 -3.47 -39.08
C GLN A 417 27.79 -4.90 -39.58
N LYS A 418 28.95 -5.56 -39.77
CA LYS A 418 29.11 -6.96 -40.15
C LYS A 418 30.49 -7.44 -39.72
N GLY A 419 30.59 -8.57 -39.01
CA GLY A 419 31.90 -9.18 -39.06
C GLY A 419 31.86 -10.23 -40.15
N LYS A 420 32.33 -11.46 -39.88
CA LYS A 420 31.86 -12.57 -40.72
C LYS A 420 30.82 -13.49 -40.04
N PRO A 421 31.09 -14.10 -38.82
CA PRO A 421 30.10 -15.05 -38.32
C PRO A 421 29.18 -14.49 -37.24
N ALA A 422 28.27 -15.32 -36.77
CA ALA A 422 27.65 -15.18 -35.46
C ALA A 422 27.85 -16.44 -34.63
N ASN A 423 28.89 -17.22 -34.93
CA ASN A 423 29.09 -18.55 -34.41
C ASN A 423 29.64 -18.51 -32.99
N ILE A 424 28.85 -18.95 -32.00
CA ILE A 424 29.31 -18.86 -30.61
C ILE A 424 30.48 -19.78 -30.32
N THR A 425 30.67 -20.83 -31.15
CA THR A 425 31.83 -21.71 -31.07
C THR A 425 33.12 -20.94 -31.26
N ASP A 426 33.93 -20.88 -30.19
CA ASP A 426 35.15 -20.09 -30.11
C ASP A 426 34.86 -18.62 -30.42
N SER A 427 34.19 -17.91 -29.50
CA SER A 427 33.60 -16.60 -29.80
C SER A 427 34.65 -15.48 -29.76
N LEU A 428 35.77 -15.74 -30.46
CA LEU A 428 37.01 -14.96 -30.49
C LEU A 428 37.35 -14.45 -29.09
N SER A 429 37.34 -15.36 -28.11
CA SER A 429 37.59 -14.96 -26.74
C SER A 429 39.07 -15.13 -26.43
N ASN A 430 39.90 -14.58 -27.31
CA ASN A 430 41.34 -14.70 -27.26
C ASN A 430 41.88 -13.84 -26.13
N ARG A 431 41.67 -14.28 -24.90
CA ARG A 431 42.05 -13.56 -23.69
C ARG A 431 41.90 -14.50 -22.50
N SER A 432 42.27 -14.00 -21.33
CA SER A 432 42.15 -14.76 -20.10
C SER A 432 41.06 -14.14 -19.24
N LEU A 433 40.36 -14.97 -18.48
CA LEU A 433 39.26 -14.51 -17.65
C LEU A 433 39.52 -14.86 -16.19
N ILE A 434 39.31 -13.89 -15.31
CA ILE A 434 39.43 -14.11 -13.88
C ILE A 434 38.09 -14.60 -13.37
N VAL A 435 38.07 -15.85 -12.91
CA VAL A 435 36.84 -16.53 -12.54
C VAL A 435 36.79 -16.61 -11.02
N THR A 436 35.79 -15.98 -10.42
CA THR A 436 35.62 -16.05 -8.99
C THR A 436 34.46 -16.95 -8.57
N THR A 437 34.77 -17.94 -7.75
CA THR A 437 33.79 -18.88 -7.24
C THR A 437 34.00 -19.00 -5.74
N ILE A 438 33.30 -19.96 -5.14
CA ILE A 438 33.43 -20.24 -3.71
C ILE A 438 33.52 -21.75 -3.54
N LEU A 439 34.10 -22.18 -2.42
CA LEU A 439 34.30 -23.60 -2.14
C LEU A 439 33.02 -24.24 -1.63
N GLU A 440 32.50 -25.22 -2.38
CA GLU A 440 31.32 -25.97 -1.97
C GLU A 440 31.37 -27.29 -2.72
N GLU A 441 30.55 -28.25 -2.30
CA GLU A 441 30.54 -29.56 -2.91
C GLU A 441 29.17 -29.85 -3.49
N PRO A 442 29.06 -30.51 -4.67
CA PRO A 442 29.98 -31.03 -5.69
C PRO A 442 30.60 -29.98 -6.59
N TYR A 443 30.57 -28.75 -6.12
CA TYR A 443 31.10 -27.58 -6.81
C TYR A 443 32.61 -27.54 -6.63
N VAL A 444 33.20 -26.35 -6.79
CA VAL A 444 34.65 -26.16 -6.72
C VAL A 444 35.22 -26.67 -5.40
N LEU A 445 36.08 -27.68 -5.51
CA LEU A 445 36.76 -28.35 -4.41
C LEU A 445 38.25 -28.34 -4.70
N PHE A 446 38.99 -29.12 -3.91
CA PHE A 446 40.39 -29.39 -4.14
C PHE A 446 40.56 -30.82 -4.64
N LYS A 447 41.68 -31.09 -5.30
CA LYS A 447 41.94 -32.45 -5.72
C LYS A 447 42.68 -33.23 -4.63
N LYS A 448 42.43 -34.54 -4.60
CA LYS A 448 42.85 -35.39 -3.49
C LYS A 448 44.15 -36.12 -3.83
N SER A 449 45.20 -35.32 -3.99
CA SER A 449 46.56 -35.84 -4.09
C SER A 449 47.47 -34.84 -3.39
N ASP A 450 48.77 -35.09 -3.47
CA ASP A 450 49.72 -34.21 -2.77
C ASP A 450 50.27 -33.10 -3.68
N LYS A 451 51.16 -33.47 -4.65
CA LYS A 451 51.69 -32.77 -5.84
C LYS A 451 51.70 -31.25 -5.77
N PRO A 452 52.37 -30.63 -4.80
CA PRO A 452 52.09 -29.23 -4.44
C PRO A 452 52.67 -28.18 -5.36
N LEU A 453 52.34 -28.27 -6.65
CA LEU A 453 52.70 -27.25 -7.63
C LEU A 453 51.49 -27.02 -8.53
N TYR A 454 50.32 -26.93 -7.92
CA TYR A 454 49.09 -26.82 -8.69
C TYR A 454 48.83 -25.39 -9.10
N GLY A 455 48.41 -25.22 -10.35
CA GLY A 455 47.78 -24.01 -10.82
C GLY A 455 46.84 -24.37 -11.94
N ASN A 456 45.55 -24.02 -11.78
CA ASN A 456 44.40 -24.35 -12.64
C ASN A 456 44.15 -25.86 -12.77
N ASP A 457 44.94 -26.68 -12.08
CA ASP A 457 44.70 -28.09 -11.88
C ASP A 457 44.45 -28.34 -10.40
N ARG A 458 44.46 -27.26 -9.62
CA ARG A 458 44.25 -27.32 -8.18
C ARG A 458 42.84 -27.75 -7.82
N PHE A 459 41.88 -27.44 -8.66
CA PHE A 459 40.48 -27.54 -8.29
C PHE A 459 39.77 -28.61 -9.13
N GLU A 460 38.65 -29.08 -8.60
CA GLU A 460 37.83 -30.07 -9.29
C GLU A 460 36.43 -30.00 -8.70
N GLY A 461 35.42 -30.06 -9.56
CA GLY A 461 34.06 -30.09 -9.07
C GLY A 461 33.06 -29.94 -10.19
N TYR A 462 31.86 -29.49 -9.82
CA TYR A 462 30.84 -29.30 -10.85
C TYR A 462 31.16 -28.11 -11.72
N CYS A 463 31.47 -26.97 -11.09
CA CYS A 463 31.76 -25.75 -11.82
C CYS A 463 33.00 -25.86 -12.68
N ILE A 464 33.99 -26.65 -12.26
CA ILE A 464 35.19 -26.78 -13.04
C ILE A 464 34.93 -27.61 -14.29
N ASP A 465 34.13 -28.67 -14.17
CA ASP A 465 33.73 -29.43 -15.35
C ASP A 465 32.78 -28.63 -16.23
N LEU A 466 32.01 -27.73 -15.63
CA LEU A 466 31.20 -26.80 -16.41
C LEU A 466 32.08 -25.83 -17.18
N LEU A 467 33.03 -25.22 -16.48
CA LEU A 467 33.84 -24.18 -17.08
C LEU A 467 34.81 -24.76 -18.09
N ARG A 468 35.18 -26.02 -17.91
CA ARG A 468 35.96 -26.72 -18.93
C ARG A 468 35.15 -26.90 -20.19
N GLU A 469 33.88 -27.24 -20.07
CA GLU A 469 33.02 -27.33 -21.25
C GLU A 469 32.54 -25.97 -21.71
N LEU A 470 32.65 -24.94 -20.87
CA LEU A 470 32.41 -23.59 -21.33
C LEU A 470 33.57 -23.04 -22.15
N SER A 471 34.79 -23.16 -21.63
CA SER A 471 35.96 -22.67 -22.34
C SER A 471 36.24 -23.47 -23.61
N THR A 472 35.67 -24.66 -23.73
CA THR A 472 35.79 -25.43 -24.96
C THR A 472 35.04 -24.75 -26.10
N ILE A 473 33.77 -24.40 -25.88
CA ILE A 473 32.96 -23.84 -26.96
C ILE A 473 32.97 -22.32 -26.98
N LEU A 474 33.59 -21.67 -26.01
CA LEU A 474 33.83 -20.23 -26.13
C LEU A 474 35.27 -19.90 -26.51
N GLY A 475 36.21 -20.79 -26.23
CA GLY A 475 37.56 -20.59 -26.67
C GLY A 475 38.39 -19.70 -25.77
N PHE A 476 37.83 -19.16 -24.69
CA PHE A 476 38.68 -18.41 -23.79
C PHE A 476 39.55 -19.33 -22.96
N THR A 477 40.58 -18.75 -22.39
CA THR A 477 41.25 -19.36 -21.25
C THR A 477 40.89 -18.56 -20.00
N TYR A 478 41.21 -19.14 -18.86
CA TYR A 478 40.76 -18.61 -17.60
C TYR A 478 41.80 -18.92 -16.54
N GLU A 479 41.63 -18.31 -15.37
CA GLU A 479 42.40 -18.67 -14.20
C GLU A 479 41.50 -18.53 -12.99
N ILE A 480 41.41 -19.59 -12.20
CA ILE A 480 40.49 -19.59 -11.08
C ILE A 480 41.10 -18.81 -9.93
N ARG A 481 40.38 -17.83 -9.43
CA ARG A 481 40.80 -17.07 -8.26
C ARG A 481 39.62 -17.03 -7.30
N LEU A 482 39.80 -17.58 -6.12
CA LEU A 482 38.70 -17.65 -5.16
C LEU A 482 38.38 -16.26 -4.61
N VAL A 483 37.15 -16.11 -4.14
CA VAL A 483 36.79 -14.91 -3.40
C VAL A 483 37.56 -14.90 -2.08
N GLU A 484 38.05 -13.72 -1.70
CA GLU A 484 38.81 -13.62 -0.47
C GLU A 484 37.91 -13.68 0.75
N ASP A 485 36.84 -12.89 0.76
CA ASP A 485 35.95 -12.86 1.91
C ASP A 485 34.76 -13.81 1.72
N GLY A 486 35.06 -15.03 1.27
CA GLY A 486 34.30 -16.26 1.50
C GLY A 486 32.79 -16.23 1.60
N LYS A 487 32.12 -15.42 0.79
CA LYS A 487 30.68 -15.25 0.89
C LYS A 487 30.08 -15.15 -0.50
N TYR A 488 28.76 -15.27 -0.56
CA TYR A 488 28.05 -15.12 -1.83
C TYR A 488 27.81 -13.66 -2.14
N GLY A 489 27.32 -12.89 -1.18
CA GLY A 489 27.20 -11.47 -1.35
C GLY A 489 25.88 -10.93 -0.87
N ALA A 490 25.91 -9.82 -0.14
CA ALA A 490 24.71 -9.17 0.35
C ALA A 490 25.07 -7.73 0.67
N GLN A 491 24.04 -6.92 0.91
CA GLN A 491 24.28 -5.57 1.41
C GLN A 491 24.53 -5.62 2.90
N ASP A 492 25.66 -5.07 3.33
CA ASP A 492 26.07 -5.12 4.72
C ASP A 492 25.34 -4.10 5.57
N ASP A 493 24.61 -3.17 4.94
CA ASP A 493 23.67 -2.21 5.50
C ASP A 493 24.35 -1.12 6.33
N VAL A 494 25.65 -1.19 6.57
CA VAL A 494 26.37 -0.10 7.19
C VAL A 494 26.82 0.92 6.15
N ASN A 495 26.94 0.49 4.89
CA ASN A 495 27.22 1.38 3.78
C ASN A 495 26.50 0.97 2.51
N GLY A 496 25.72 -0.11 2.54
CA GLY A 496 25.11 -0.63 1.33
C GLY A 496 26.10 -1.26 0.37
N GLN A 497 27.33 -1.52 0.82
CA GLN A 497 28.36 -2.12 -0.01
C GLN A 497 28.14 -3.62 -0.05
N TRP A 498 27.97 -4.14 -1.26
CA TRP A 498 27.90 -5.57 -1.46
C TRP A 498 29.26 -6.19 -1.13
N ASN A 499 29.23 -7.45 -0.72
CA ASN A 499 30.45 -8.12 -0.32
C ASN A 499 30.58 -9.42 -1.08
N GLY A 500 31.52 -10.27 -0.69
CA GLY A 500 31.58 -11.61 -1.25
C GLY A 500 31.99 -11.57 -2.71
N MET A 501 31.35 -12.43 -3.50
CA MET A 501 31.66 -12.48 -4.91
C MET A 501 31.03 -11.32 -5.67
N VAL A 502 29.84 -10.87 -5.28
CA VAL A 502 29.18 -9.82 -6.03
C VAL A 502 29.79 -8.45 -5.77
N ARG A 503 30.68 -8.32 -4.78
CA ARG A 503 31.54 -7.16 -4.75
C ARG A 503 32.59 -7.24 -5.83
N GLU A 504 33.15 -8.42 -6.05
CA GLU A 504 34.14 -8.59 -7.10
C GLU A 504 33.51 -8.62 -8.48
N LEU A 505 32.20 -8.72 -8.55
CA LEU A 505 31.54 -8.60 -9.84
C LEU A 505 31.21 -7.15 -10.14
N ILE A 506 30.95 -6.34 -9.11
CA ILE A 506 30.57 -4.96 -9.35
C ILE A 506 31.80 -4.07 -9.49
N ASP A 507 32.96 -4.51 -9.01
CA ASP A 507 34.19 -3.74 -9.12
C ASP A 507 35.10 -4.28 -10.22
N HIS A 508 34.62 -5.24 -11.00
CA HIS A 508 35.33 -5.82 -12.15
C HIS A 508 36.67 -6.42 -11.79
N LYS A 509 36.83 -6.89 -10.55
CA LYS A 509 38.01 -7.66 -10.21
C LYS A 509 37.90 -9.11 -10.64
N ALA A 510 36.77 -9.49 -11.25
CA ALA A 510 36.61 -10.81 -11.81
C ALA A 510 35.67 -10.70 -13.01
N ASP A 511 35.91 -11.56 -13.98
CA ASP A 511 35.09 -11.58 -15.18
C ASP A 511 33.86 -12.46 -15.05
N LEU A 512 33.95 -13.56 -14.32
CA LEU A 512 32.87 -14.52 -14.19
C LEU A 512 32.60 -14.87 -12.74
N ALA A 513 31.43 -15.46 -12.53
CA ALA A 513 31.08 -16.08 -11.26
C ALA A 513 30.27 -17.33 -11.61
N VAL A 514 30.98 -18.45 -11.71
CA VAL A 514 30.35 -19.75 -11.87
C VAL A 514 30.34 -20.36 -10.48
N ALA A 515 29.19 -20.32 -9.83
CA ALA A 515 29.11 -20.56 -8.40
C ALA A 515 27.68 -20.94 -8.08
N PRO A 516 27.44 -21.49 -6.90
CA PRO A 516 26.05 -21.61 -6.42
C PRO A 516 25.46 -20.27 -6.02
N LEU A 517 25.23 -19.42 -7.00
CA LEU A 517 24.78 -18.05 -6.75
C LEU A 517 23.34 -17.96 -7.20
N ALA A 518 22.44 -17.82 -6.24
CA ALA A 518 21.02 -17.81 -6.54
C ALA A 518 20.62 -16.50 -7.20
N ILE A 519 19.96 -16.61 -8.35
CA ILE A 519 19.42 -15.42 -9.01
C ILE A 519 18.27 -14.91 -8.17
N THR A 520 18.51 -13.83 -7.44
CA THR A 520 17.48 -13.23 -6.61
C THR A 520 17.31 -11.77 -7.00
N TYR A 521 16.25 -11.18 -6.47
CA TYR A 521 15.77 -9.90 -6.98
C TYR A 521 16.69 -8.75 -6.61
N VAL A 522 17.23 -8.76 -5.39
CA VAL A 522 18.13 -7.69 -5.00
C VAL A 522 19.49 -7.85 -5.64
N ARG A 523 19.86 -9.04 -6.06
CA ARG A 523 21.15 -9.26 -6.70
C ARG A 523 21.04 -9.11 -8.21
N GLU A 524 19.82 -9.13 -8.75
CA GLU A 524 19.65 -8.89 -10.17
C GLU A 524 19.89 -7.42 -10.50
N LYS A 525 19.63 -6.51 -9.57
CA LYS A 525 19.68 -5.09 -9.88
C LYS A 525 21.07 -4.48 -9.77
N VAL A 526 22.08 -5.25 -9.39
CA VAL A 526 23.44 -4.72 -9.29
C VAL A 526 24.40 -5.42 -10.24
N ILE A 527 24.28 -6.74 -10.40
CA ILE A 527 25.03 -7.48 -11.42
C ILE A 527 24.02 -8.30 -12.20
N ASP A 528 24.46 -8.83 -13.33
CA ASP A 528 23.54 -9.50 -14.25
C ASP A 528 23.96 -10.94 -14.47
N PHE A 529 22.98 -11.85 -14.49
CA PHE A 529 23.22 -13.27 -14.53
C PHE A 529 23.05 -13.83 -15.93
N SER A 530 23.45 -15.09 -16.08
CA SER A 530 23.22 -15.83 -17.32
C SER A 530 21.81 -16.41 -17.31
N LYS A 531 21.55 -17.30 -18.23
CA LYS A 531 20.26 -17.97 -18.10
C LYS A 531 20.46 -19.29 -17.37
N PRO A 532 19.62 -19.64 -16.40
CA PRO A 532 20.05 -20.53 -15.31
C PRO A 532 20.39 -21.96 -15.72
N PHE A 533 21.44 -22.46 -15.09
CA PHE A 533 22.03 -23.75 -15.39
C PHE A 533 21.73 -24.80 -14.34
N MET A 534 20.98 -24.45 -13.31
CA MET A 534 20.57 -25.43 -12.31
C MET A 534 19.33 -24.91 -11.61
N THR A 535 18.35 -25.78 -11.48
CA THR A 535 17.08 -25.43 -10.86
C THR A 535 17.03 -26.02 -9.47
N LEU A 536 16.69 -25.20 -8.50
CA LEU A 536 16.67 -25.65 -7.12
C LEU A 536 15.40 -25.17 -6.45
N GLY A 537 15.28 -25.46 -5.16
CA GLY A 537 14.12 -25.03 -4.41
C GLY A 537 14.26 -25.43 -2.97
N ILE A 538 13.38 -24.87 -2.16
CA ILE A 538 13.36 -25.16 -0.73
C ILE A 538 12.61 -26.47 -0.51
N SER A 539 13.26 -27.42 0.12
CA SER A 539 12.58 -28.64 0.55
C SER A 539 13.21 -29.09 1.86
N ILE A 540 12.87 -30.29 2.29
CA ILE A 540 12.94 -30.67 3.69
C ILE A 540 13.86 -31.86 3.84
N LEU A 541 14.81 -31.77 4.77
CA LEU A 541 15.49 -32.95 5.27
C LEU A 541 14.64 -33.66 6.28
N TYR A 542 14.61 -34.99 6.20
CA TYR A 542 13.98 -35.75 7.26
C TYR A 542 14.68 -37.10 7.38
N ARG A 543 14.68 -37.63 8.59
CA ARG A 543 15.25 -38.94 8.86
C ARG A 543 14.48 -39.99 8.10
N LYS A 544 15.18 -40.85 7.37
CA LYS A 544 14.54 -41.91 6.62
C LYS A 544 13.87 -42.88 7.61
N PRO A 545 12.62 -43.28 7.36
CA PRO A 545 11.84 -43.95 8.41
C PRO A 545 12.37 -45.33 8.77
N ASN A 546 13.04 -45.35 9.92
CA ASN A 546 13.41 -46.57 10.61
C ASN A 546 12.14 -47.29 11.00
N GLY A 547 11.85 -48.41 10.32
CA GLY A 547 10.65 -49.16 10.61
C GLY A 547 10.80 -49.91 11.91
N THR A 548 9.79 -49.82 12.76
CA THR A 548 9.80 -50.54 14.02
C THR A 548 9.55 -52.01 13.76
N ASN A 549 10.53 -52.85 14.06
CA ASN A 549 10.30 -54.28 14.09
C ASN A 549 9.24 -54.60 15.14
N PRO A 550 8.19 -55.32 14.78
CA PRO A 550 7.12 -55.60 15.75
C PRO A 550 7.52 -56.60 16.81
N GLY A 551 8.65 -57.28 16.65
CA GLY A 551 9.01 -58.38 17.51
C GLY A 551 8.43 -59.68 17.01
N VAL A 552 8.93 -60.77 17.55
CA VAL A 552 8.44 -62.07 17.16
C VAL A 552 7.18 -62.43 17.96
N PHE A 553 7.05 -61.92 19.18
CA PHE A 553 5.84 -62.09 19.97
C PHE A 553 4.93 -60.89 19.83
N SER A 554 4.61 -60.52 18.59
CA SER A 554 3.82 -59.32 18.35
C SER A 554 2.34 -59.61 18.27
N PHE A 555 1.95 -60.88 18.21
CA PHE A 555 0.55 -61.23 18.30
C PHE A 555 0.04 -61.19 19.73
N LEU A 556 0.93 -61.09 20.71
CA LEU A 556 0.53 -60.81 22.08
C LEU A 556 0.10 -59.38 22.27
N ASN A 557 0.36 -58.52 21.30
CA ASN A 557 0.16 -57.08 21.49
C ASN A 557 -1.27 -56.60 21.76
N PRO A 558 -2.36 -57.15 21.19
CA PRO A 558 -3.66 -56.51 21.45
C PRO A 558 -4.23 -56.77 22.82
N LEU A 559 -3.55 -57.47 23.71
CA LEU A 559 -4.02 -57.57 25.09
C LEU A 559 -2.86 -57.26 26.02
N SER A 560 -3.17 -56.65 27.16
CA SER A 560 -2.16 -56.42 28.16
C SER A 560 -1.72 -57.75 28.76
N PRO A 561 -0.45 -57.85 29.16
CA PRO A 561 0.05 -59.12 29.71
C PRO A 561 -0.56 -59.50 31.05
N ASP A 562 -1.20 -58.56 31.75
CA ASP A 562 -1.96 -58.93 32.94
C ASP A 562 -3.17 -59.76 32.58
N ILE A 563 -3.78 -59.49 31.42
CA ILE A 563 -4.91 -60.29 30.97
C ILE A 563 -4.45 -61.69 30.60
N TRP A 564 -3.28 -61.80 29.95
CA TRP A 564 -2.78 -63.11 29.56
C TRP A 564 -2.43 -63.97 30.76
N MET A 565 -2.04 -63.34 31.87
CA MET A 565 -1.86 -64.10 33.09
C MET A 565 -3.20 -64.52 33.68
N TYR A 566 -4.19 -63.63 33.62
CA TYR A 566 -5.45 -63.89 34.29
C TYR A 566 -6.33 -64.87 33.54
N VAL A 567 -6.18 -64.94 32.22
CA VAL A 567 -6.89 -65.98 31.46
C VAL A 567 -6.30 -67.35 31.77
N LEU A 568 -4.97 -67.43 31.83
CA LEU A 568 -4.31 -68.69 32.14
C LEU A 568 -4.61 -69.13 33.57
N LEU A 569 -4.76 -68.18 34.49
CA LEU A 569 -5.22 -68.53 35.82
C LEU A 569 -6.68 -68.91 35.84
N ALA A 570 -7.48 -68.39 34.92
CA ALA A 570 -8.86 -68.81 34.84
C ALA A 570 -8.98 -70.21 34.25
N CYS A 571 -8.01 -70.61 33.43
CA CYS A 571 -8.00 -71.98 32.95
C CYS A 571 -7.70 -72.96 34.08
N LEU A 572 -6.73 -72.64 34.91
CA LEU A 572 -6.42 -73.50 36.04
C LEU A 572 -7.39 -73.33 37.19
N GLY A 573 -8.25 -72.32 37.14
CA GLY A 573 -9.24 -72.14 38.18
C GLY A 573 -10.54 -72.86 37.86
N VAL A 574 -11.09 -72.59 36.68
CA VAL A 574 -12.42 -73.09 36.33
C VAL A 574 -12.38 -74.60 36.10
N SER A 575 -11.26 -75.10 35.59
CA SER A 575 -11.11 -76.55 35.44
C SER A 575 -11.04 -77.24 36.78
N CYS A 576 -10.38 -76.65 37.77
CA CYS A 576 -10.31 -77.26 39.08
C CYS A 576 -11.60 -77.09 39.87
N VAL A 577 -12.47 -76.17 39.47
CA VAL A 577 -13.76 -76.06 40.12
C VAL A 577 -14.75 -77.08 39.57
N LEU A 578 -14.70 -77.31 38.25
CA LEU A 578 -15.60 -78.27 37.64
C LEU A 578 -15.28 -79.69 38.06
N PHE A 579 -14.01 -79.98 38.33
CA PHE A 579 -13.63 -81.29 38.86
C PHE A 579 -14.18 -81.51 40.26
N VAL A 580 -14.30 -80.44 41.03
CA VAL A 580 -14.95 -80.53 42.34
C VAL A 580 -16.43 -80.84 42.17
N ILE A 581 -17.10 -80.13 41.26
CA ILE A 581 -18.54 -80.27 41.09
C ILE A 581 -18.88 -81.61 40.45
N ALA A 582 -17.98 -82.14 39.60
CA ALA A 582 -18.24 -83.42 38.95
C ALA A 582 -18.21 -84.58 39.93
N ARG A 583 -17.30 -84.55 40.90
CA ARG A 583 -17.29 -85.57 41.94
C ARG A 583 -18.41 -85.38 42.94
N PHE A 584 -18.88 -84.15 43.11
CA PHE A 584 -19.87 -83.84 44.14
C PHE A 584 -21.29 -84.00 43.65
N SER A 585 -21.56 -83.71 42.39
CA SER A 585 -22.93 -83.79 41.93
C SER A 585 -23.29 -85.25 41.62
N PRO A 586 -24.50 -85.68 41.99
CA PRO A 586 -24.85 -87.08 41.76
C PRO A 586 -25.17 -87.39 40.31
N TYR A 587 -25.70 -86.42 39.56
CA TYR A 587 -26.15 -86.65 38.20
C TYR A 587 -24.99 -86.98 37.28
N GLU A 588 -23.81 -86.43 37.56
CA GLU A 588 -22.65 -86.67 36.70
C GLU A 588 -22.16 -88.09 36.84
N TRP A 589 -22.41 -88.72 37.98
CA TRP A 589 -22.14 -90.15 38.12
C TRP A 589 -23.15 -90.91 37.27
N TYR A 590 -22.71 -91.40 36.11
CA TYR A 590 -23.61 -92.05 35.18
C TYR A 590 -23.13 -93.46 34.87
N ASN A 591 -24.00 -94.21 34.22
CA ASN A 591 -23.69 -95.55 33.76
C ASN A 591 -23.08 -95.47 32.37
N PRO A 592 -21.85 -95.93 32.17
CA PRO A 592 -21.26 -95.94 30.82
C PRO A 592 -21.83 -97.01 29.89
N HIS A 593 -22.70 -97.90 30.37
CA HIS A 593 -23.26 -98.97 29.55
C HIS A 593 -24.77 -98.85 29.50
N PRO A 594 -25.32 -98.14 28.50
CA PRO A 594 -26.71 -98.41 28.10
C PRO A 594 -26.82 -99.68 27.30
N CYS A 595 -25.70 -100.19 26.78
CA CYS A 595 -25.64 -101.51 26.15
C CYS A 595 -25.84 -102.63 27.17
N ASN A 596 -25.49 -102.40 28.43
CA ASN A 596 -25.63 -103.39 29.49
C ASN A 596 -26.15 -102.69 30.75
N PRO A 597 -27.45 -102.82 31.06
CA PRO A 597 -28.01 -102.12 32.23
C PRO A 597 -27.53 -102.68 33.56
N ASP A 598 -26.27 -102.41 33.91
CA ASP A 598 -25.64 -102.99 35.07
C ASP A 598 -25.70 -102.01 36.25
N SER A 599 -24.97 -102.34 37.32
CA SER A 599 -24.75 -101.45 38.44
C SER A 599 -23.31 -101.59 38.87
N ASP A 600 -22.89 -100.69 39.77
CA ASP A 600 -21.58 -100.59 40.41
C ASP A 600 -20.46 -100.17 39.45
N VAL A 601 -20.75 -100.05 38.15
CA VAL A 601 -19.81 -99.52 37.17
C VAL A 601 -20.04 -98.03 36.95
N VAL A 602 -20.78 -97.38 37.85
CA VAL A 602 -21.14 -95.97 37.69
C VAL A 602 -19.90 -95.11 37.86
N GLU A 603 -19.63 -94.26 36.87
CA GLU A 603 -18.37 -93.56 36.80
C GLU A 603 -18.58 -92.18 36.22
N ASN A 604 -17.56 -91.34 36.37
CA ASN A 604 -17.47 -90.07 35.68
C ASN A 604 -16.49 -90.17 34.53
N ASN A 605 -16.58 -89.21 33.61
CA ASN A 605 -15.52 -89.00 32.64
C ASN A 605 -14.66 -87.80 32.99
N PHE A 606 -15.10 -86.95 33.90
CA PHE A 606 -14.34 -85.77 34.28
C PHE A 606 -13.34 -86.16 35.35
N THR A 607 -12.16 -86.57 34.91
CA THR A 607 -11.04 -86.76 35.81
C THR A 607 -10.37 -85.40 36.03
N LEU A 608 -9.25 -85.41 36.77
CA LEU A 608 -8.52 -84.16 36.96
C LEU A 608 -7.84 -83.75 35.67
N LEU A 609 -7.36 -84.71 34.88
CA LEU A 609 -6.78 -84.40 33.59
C LEU A 609 -7.85 -84.04 32.57
N ASN A 610 -9.01 -84.67 32.63
CA ASN A 610 -10.08 -84.38 31.69
C ASN A 610 -10.65 -82.99 31.90
N SER A 611 -10.77 -82.54 33.15
CA SER A 611 -11.30 -81.22 33.41
C SER A 611 -10.37 -80.13 32.91
N PHE A 612 -9.05 -80.38 32.95
CA PHE A 612 -8.12 -79.49 32.28
C PHE A 612 -8.34 -79.50 30.78
N TRP A 613 -8.62 -80.67 30.22
CA TRP A 613 -8.81 -80.79 28.79
C TRP A 613 -10.10 -80.14 28.31
N PHE A 614 -11.12 -80.04 29.16
CA PHE A 614 -12.32 -79.36 28.73
C PHE A 614 -12.13 -77.86 28.72
N GLY A 615 -11.44 -77.32 29.73
CA GLY A 615 -11.22 -75.88 29.77
C GLY A 615 -10.30 -75.40 28.67
N VAL A 616 -9.31 -76.21 28.32
CA VAL A 616 -8.43 -75.89 27.21
C VAL A 616 -9.17 -76.01 25.90
N GLY A 617 -9.90 -77.11 25.71
CA GLY A 617 -10.55 -77.36 24.43
C GLY A 617 -11.69 -76.40 24.15
N ALA A 618 -12.32 -75.90 25.20
CA ALA A 618 -13.29 -74.84 25.00
C ALA A 618 -12.62 -73.50 24.84
N LEU A 619 -11.37 -73.36 25.28
CA LEU A 619 -10.71 -72.08 25.12
C LEU A 619 -10.38 -71.80 23.66
N MET A 620 -10.09 -72.84 22.88
CA MET A 620 -9.73 -72.62 21.49
C MET A 620 -10.92 -72.76 20.57
N GLN A 621 -12.14 -72.63 21.11
CA GLN A 621 -13.39 -72.53 20.35
C GLN A 621 -13.70 -73.78 19.52
N GLN A 622 -13.10 -74.91 19.85
CA GLN A 622 -13.38 -76.13 19.10
C GLN A 622 -14.11 -77.16 19.94
N GLY A 623 -14.32 -76.86 21.21
CA GLY A 623 -14.98 -77.81 22.07
C GLY A 623 -14.07 -78.97 22.43
N SER A 624 -14.70 -80.01 22.95
CA SER A 624 -14.00 -81.23 23.34
C SER A 624 -14.98 -82.38 23.13
N GLU A 625 -14.69 -83.53 23.75
CA GLU A 625 -15.56 -84.70 23.65
C GLU A 625 -16.18 -85.04 25.01
N LEU A 626 -16.26 -84.07 25.91
CA LEU A 626 -16.73 -84.36 27.26
C LEU A 626 -18.18 -83.93 27.46
N MET A 627 -18.50 -82.62 27.28
CA MET A 627 -19.85 -82.08 27.24
C MET A 627 -20.68 -82.42 28.46
N PRO A 628 -20.51 -81.71 29.59
CA PRO A 628 -21.02 -82.17 30.88
C PRO A 628 -22.52 -82.38 30.91
N LYS A 629 -22.96 -83.39 31.65
CA LYS A 629 -24.36 -83.74 31.70
C LYS A 629 -25.08 -83.10 32.88
N ALA A 630 -24.42 -83.01 34.04
CA ALA A 630 -25.07 -82.54 35.24
C ALA A 630 -25.29 -81.03 35.16
N LEU A 631 -26.42 -80.60 35.74
CA LEU A 631 -26.90 -79.22 35.61
C LEU A 631 -25.95 -78.21 36.22
N SER A 632 -25.43 -78.49 37.40
CA SER A 632 -24.47 -77.59 38.03
C SER A 632 -23.12 -77.62 37.32
N THR A 633 -22.76 -78.73 36.70
CA THR A 633 -21.62 -78.74 35.80
C THR A 633 -21.92 -78.02 34.50
N ARG A 634 -23.18 -78.00 34.09
CA ARG A 634 -23.59 -77.28 32.89
C ARG A 634 -23.66 -75.79 33.10
N ILE A 635 -23.81 -75.33 34.34
CA ILE A 635 -23.73 -73.91 34.61
C ILE A 635 -22.31 -73.41 34.46
N VAL A 636 -21.35 -74.24 34.87
CA VAL A 636 -19.94 -73.90 34.65
C VAL A 636 -19.63 -73.93 33.17
N GLY A 637 -20.19 -74.91 32.45
CA GLY A 637 -19.99 -74.99 31.02
C GLY A 637 -20.66 -73.84 30.27
N GLY A 638 -21.73 -73.29 30.84
CA GLY A 638 -22.39 -72.18 30.19
C GLY A 638 -21.61 -70.89 30.31
N ILE A 639 -21.06 -70.61 31.49
CA ILE A 639 -20.42 -69.31 31.69
C ILE A 639 -19.03 -69.30 31.10
N TRP A 640 -18.32 -70.41 31.20
CA TRP A 640 -16.99 -70.53 30.59
C TRP A 640 -17.05 -70.40 29.09
N TRP A 641 -18.15 -70.79 28.46
CA TRP A 641 -18.28 -70.56 27.03
C TRP A 641 -18.56 -69.09 26.72
N PHE A 642 -19.43 -68.46 27.52
CA PHE A 642 -19.62 -67.03 27.35
C PHE A 642 -18.37 -66.26 27.75
N PHE A 643 -17.53 -66.83 28.59
CA PHE A 643 -16.25 -66.20 28.85
C PHE A 643 -15.35 -66.24 27.64
N THR A 644 -15.45 -67.30 26.84
CA THR A 644 -14.45 -67.51 25.81
C THR A 644 -14.76 -66.73 24.56
N LEU A 645 -16.04 -66.50 24.27
CA LEU A 645 -16.36 -65.67 23.12
C LEU A 645 -15.99 -64.23 23.36
N ILE A 646 -15.98 -63.79 24.61
CA ILE A 646 -15.58 -62.40 24.83
C ILE A 646 -14.09 -62.25 24.64
N ILE A 647 -13.30 -63.26 24.99
CA ILE A 647 -11.86 -63.14 24.82
C ILE A 647 -11.48 -63.18 23.36
N ILE A 648 -12.04 -64.14 22.60
CA ILE A 648 -11.71 -64.21 21.18
C ILE A 648 -12.28 -63.02 20.44
N SER A 649 -13.53 -62.67 20.68
CA SER A 649 -14.00 -61.50 19.98
C SER A 649 -13.65 -60.20 20.66
N SER A 650 -12.75 -60.19 21.62
CA SER A 650 -11.97 -59.00 21.87
C SER A 650 -10.52 -59.17 21.45
N TYR A 651 -10.10 -60.40 21.16
CA TYR A 651 -8.80 -60.52 20.55
C TYR A 651 -8.84 -60.07 19.11
N THR A 652 -9.77 -60.62 18.33
CA THR A 652 -9.83 -60.34 16.90
C THR A 652 -10.12 -58.88 16.64
N ALA A 653 -11.09 -58.32 17.35
CA ALA A 653 -11.43 -56.93 17.13
C ALA A 653 -10.31 -56.00 17.53
N ASN A 654 -9.52 -56.38 18.52
CA ASN A 654 -8.42 -55.50 18.87
C ASN A 654 -7.22 -55.72 17.95
N LEU A 655 -7.02 -56.94 17.49
CA LEU A 655 -5.97 -57.14 16.51
C LEU A 655 -6.34 -56.54 15.18
N ALA A 656 -7.62 -56.46 14.87
CA ALA A 656 -8.03 -55.65 13.75
C ALA A 656 -8.00 -54.17 14.04
N ALA A 657 -7.68 -53.76 15.26
CA ALA A 657 -7.49 -52.34 15.50
C ALA A 657 -6.04 -51.91 15.36
N PHE A 658 -5.09 -52.72 15.83
CA PHE A 658 -3.68 -52.39 15.58
C PHE A 658 -3.35 -52.44 14.10
N LEU A 659 -4.05 -53.25 13.32
CA LEU A 659 -3.72 -53.28 11.91
C LEU A 659 -4.57 -52.34 11.07
N THR A 660 -5.61 -51.74 11.63
CA THR A 660 -6.26 -50.70 10.86
C THR A 660 -5.83 -49.31 11.28
N VAL A 661 -5.08 -49.18 12.37
CA VAL A 661 -4.52 -47.88 12.68
C VAL A 661 -3.18 -47.71 12.01
N GLU A 662 -2.33 -48.75 12.10
CA GLU A 662 -0.99 -48.67 11.54
C GLU A 662 -1.03 -48.60 10.03
N ARG A 663 -2.01 -49.22 9.40
CA ARG A 663 -2.14 -49.07 7.95
C ARG A 663 -2.73 -47.72 7.59
N MET A 664 -3.59 -47.16 8.43
CA MET A 664 -4.19 -45.87 8.09
C MET A 664 -3.19 -44.72 8.22
N GLU A 665 -2.25 -44.81 9.16
CA GLU A 665 -1.32 -43.72 9.34
C GLU A 665 -0.28 -43.72 8.23
N SER A 666 0.41 -42.59 8.09
CA SER A 666 1.38 -42.39 7.03
C SER A 666 2.46 -41.45 7.55
N PRO A 667 3.69 -41.57 7.06
CA PRO A 667 4.70 -40.55 7.35
C PRO A 667 4.38 -39.26 6.62
N ILE A 668 5.08 -38.21 7.06
CA ILE A 668 4.92 -36.88 6.47
C ILE A 668 5.38 -36.90 5.02
N ASP A 669 4.65 -36.19 4.17
CA ASP A 669 5.01 -36.11 2.77
C ASP A 669 4.74 -34.72 2.20
N SER A 670 4.45 -33.76 3.06
CA SER A 670 4.21 -32.40 2.63
C SER A 670 4.55 -31.47 3.78
N ALA A 671 4.63 -30.18 3.46
CA ALA A 671 4.85 -29.17 4.48
C ALA A 671 3.62 -28.96 5.33
N ASP A 672 2.45 -29.23 4.78
CA ASP A 672 1.20 -29.06 5.51
C ASP A 672 1.05 -30.12 6.58
N ASP A 673 1.43 -31.36 6.24
CA ASP A 673 1.56 -32.40 7.26
C ASP A 673 2.68 -32.10 8.24
N LEU A 674 3.71 -31.39 7.79
CA LEU A 674 4.73 -30.88 8.70
C LEU A 674 4.28 -29.63 9.43
N ALA A 675 3.25 -28.94 8.92
CA ALA A 675 2.79 -27.72 9.60
C ALA A 675 2.07 -28.04 10.92
N LYS A 676 1.31 -29.13 10.94
CA LYS A 676 0.37 -29.38 12.04
C LYS A 676 1.06 -30.06 13.21
N GLN A 677 1.82 -31.12 12.94
CA GLN A 677 2.34 -31.97 14.00
C GLN A 677 3.51 -31.27 14.68
N THR A 678 3.24 -30.66 15.82
CA THR A 678 4.24 -29.91 16.57
C THR A 678 5.21 -30.80 17.33
N LYS A 679 5.05 -32.12 17.23
CA LYS A 679 6.06 -33.01 17.79
C LYS A 679 7.33 -32.98 16.95
N ILE A 680 7.21 -32.78 15.64
CA ILE A 680 8.39 -32.78 14.78
C ILE A 680 9.06 -31.41 14.86
N GLU A 681 10.31 -31.41 15.32
CA GLU A 681 11.10 -30.19 15.37
C GLU A 681 11.53 -29.80 13.96
N TYR A 682 11.42 -28.52 13.64
CA TYR A 682 11.75 -28.03 12.30
C TYR A 682 13.24 -27.78 12.22
N GLY A 683 13.67 -27.03 11.21
CA GLY A 683 15.02 -26.52 11.18
C GLY A 683 15.34 -25.61 10.02
N ALA A 684 16.14 -24.58 10.25
CA ALA A 684 16.52 -23.66 9.18
C ALA A 684 17.85 -23.01 9.54
N VAL A 685 18.55 -22.57 8.50
CA VAL A 685 19.78 -21.81 8.67
C VAL A 685 19.44 -20.48 9.33
N GLU A 686 20.10 -20.18 10.44
CA GLU A 686 20.04 -18.84 11.00
C GLU A 686 20.63 -17.84 10.03
N ASP A 687 19.81 -16.86 9.64
CA ASP A 687 20.11 -15.86 8.62
C ASP A 687 20.49 -16.54 7.29
N GLY A 688 19.53 -17.26 6.74
CA GLY A 688 19.64 -17.78 5.39
C GLY A 688 18.50 -17.24 4.54
N ALA A 689 18.58 -17.54 3.24
CA ALA A 689 17.50 -17.17 2.35
C ALA A 689 16.25 -18.02 2.58
N THR A 690 16.40 -19.17 3.24
CA THR A 690 15.27 -20.02 3.57
C THR A 690 14.36 -19.35 4.59
N MET A 691 14.92 -18.98 5.75
CA MET A 691 14.13 -18.26 6.75
C MET A 691 13.79 -16.84 6.29
N THR A 692 14.56 -16.30 5.34
CA THR A 692 14.17 -15.05 4.70
C THR A 692 12.89 -15.23 3.92
N PHE A 693 12.72 -16.39 3.28
CA PHE A 693 11.50 -16.64 2.53
C PHE A 693 10.29 -16.79 3.43
N PHE A 694 10.48 -17.34 4.63
CA PHE A 694 9.34 -17.49 5.53
C PHE A 694 9.00 -16.21 6.28
N LYS A 695 9.85 -15.18 6.21
CA LYS A 695 9.41 -13.88 6.67
C LYS A 695 8.44 -13.27 5.67
N LYS A 696 8.83 -13.22 4.41
CA LYS A 696 8.08 -12.56 3.36
C LYS A 696 6.96 -13.44 2.80
N SER A 697 6.81 -14.66 3.29
CA SER A 697 5.78 -15.54 2.77
C SER A 697 4.42 -15.07 3.22
N LYS A 698 3.47 -15.08 2.28
CA LYS A 698 2.08 -14.80 2.58
C LYS A 698 1.22 -16.04 2.51
N ILE A 699 1.83 -17.22 2.41
CA ILE A 699 1.06 -18.45 2.42
C ILE A 699 0.73 -18.82 3.84
N SER A 700 -0.53 -19.20 4.07
CA SER A 700 -1.03 -19.56 5.39
C SER A 700 -0.34 -20.77 5.98
N THR A 701 0.26 -21.61 5.16
CA THR A 701 0.94 -22.78 5.68
C THR A 701 2.36 -22.49 6.10
N TYR A 702 2.86 -21.29 5.82
CA TYR A 702 4.29 -21.01 5.98
C TYR A 702 4.59 -20.02 7.08
N ASP A 703 3.75 -19.01 7.25
CA ASP A 703 3.88 -18.12 8.38
C ASP A 703 3.62 -18.85 9.70
N LYS A 704 2.78 -19.88 9.66
CA LYS A 704 2.61 -20.75 10.81
C LYS A 704 3.90 -21.51 11.11
N MET A 705 4.58 -21.97 10.06
CA MET A 705 5.93 -22.51 10.23
C MET A 705 6.88 -21.42 10.70
N TRP A 706 6.69 -20.20 10.20
CA TRP A 706 7.44 -19.07 10.71
C TRP A 706 7.01 -18.72 12.13
N ALA A 707 5.74 -18.98 12.47
CA ALA A 707 5.32 -18.81 13.85
C ALA A 707 5.92 -19.88 14.75
N PHE A 708 6.23 -21.05 14.17
CA PHE A 708 6.95 -22.06 14.94
C PHE A 708 8.39 -21.64 15.17
N MET A 709 9.04 -21.11 14.14
CA MET A 709 10.45 -20.74 14.25
C MET A 709 10.66 -19.47 15.04
N SER A 710 9.69 -18.57 15.02
CA SER A 710 9.74 -17.41 15.91
C SER A 710 9.52 -17.81 17.35
N SER A 711 8.73 -18.87 17.58
CA SER A 711 8.50 -19.36 18.93
C SER A 711 9.74 -20.02 19.52
N ARG A 712 10.20 -21.08 18.88
CA ARG A 712 11.27 -21.92 19.42
C ARG A 712 12.63 -21.56 18.85
N ARG A 713 12.86 -20.27 18.61
CA ARG A 713 14.15 -19.75 18.21
C ARG A 713 15.19 -20.07 19.28
N GLN A 714 16.46 -20.22 18.83
CA GLN A 714 17.67 -20.74 19.47
C GLN A 714 17.61 -22.29 19.53
N SER A 715 16.48 -22.90 19.19
CA SER A 715 16.39 -24.33 19.09
C SER A 715 16.17 -24.82 17.68
N VAL A 716 15.44 -24.08 16.85
CA VAL A 716 15.17 -24.46 15.48
C VAL A 716 15.85 -23.53 14.49
N LEU A 717 16.83 -22.77 14.96
CA LEU A 717 17.50 -21.73 14.19
C LEU A 717 19.00 -21.95 14.18
N VAL A 718 19.41 -23.17 13.78
CA VAL A 718 20.83 -23.48 13.72
C VAL A 718 21.51 -22.62 12.66
N LYS A 719 22.83 -22.45 12.81
CA LYS A 719 23.53 -21.40 12.09
C LYS A 719 23.91 -21.77 10.66
N SER A 720 24.04 -23.06 10.35
CA SER A 720 24.52 -23.45 9.03
C SER A 720 23.88 -24.76 8.62
N ASN A 721 24.22 -25.19 7.41
CA ASN A 721 23.72 -26.44 6.88
C ASN A 721 24.36 -27.63 7.57
N GLU A 722 25.65 -27.54 7.88
CA GLU A 722 26.39 -28.69 8.38
C GLU A 722 25.97 -29.06 9.78
N GLU A 723 25.75 -28.07 10.64
CA GLU A 723 25.16 -28.36 11.92
C GLU A 723 23.67 -28.66 11.82
N GLY A 724 23.02 -28.23 10.73
CA GLY A 724 21.63 -28.60 10.52
C GLY A 724 21.46 -30.07 10.16
N ILE A 725 22.46 -30.65 9.50
CA ILE A 725 22.37 -32.04 9.10
C ILE A 725 22.48 -32.96 10.32
N GLN A 726 23.36 -32.62 11.25
CA GLN A 726 23.61 -33.51 12.38
C GLN A 726 22.46 -33.56 13.37
N ARG A 727 21.62 -32.53 13.38
CA ARG A 727 20.47 -32.55 14.26
C ARG A 727 19.42 -33.56 13.83
N VAL A 728 19.25 -33.76 12.52
CA VAL A 728 18.31 -34.77 12.06
C VAL A 728 18.86 -36.16 12.35
N LEU A 729 20.18 -36.31 12.30
CA LEU A 729 20.80 -37.59 12.61
C LEU A 729 20.67 -37.92 14.10
N THR A 730 20.47 -36.91 14.95
CA THR A 730 20.23 -37.12 16.37
C THR A 730 18.76 -37.01 16.73
N SER A 731 18.16 -35.86 16.46
CA SER A 731 16.83 -35.53 16.93
C SER A 731 15.80 -35.72 15.81
N ASP A 732 14.55 -35.35 16.10
CA ASP A 732 13.47 -35.35 15.12
C ASP A 732 13.41 -33.97 14.44
N TYR A 733 14.47 -33.69 13.71
CA TYR A 733 14.72 -32.37 13.15
C TYR A 733 14.28 -32.40 11.69
N ALA A 734 13.70 -31.30 11.23
CA ALA A 734 13.05 -31.26 9.91
C ALA A 734 13.62 -30.13 9.09
N PHE A 735 14.95 -30.14 8.96
CA PHE A 735 15.72 -28.99 8.51
C PHE A 735 15.36 -28.54 7.10
N LEU A 736 15.11 -27.24 6.96
CA LEU A 736 14.65 -26.63 5.70
C LEU A 736 15.84 -26.02 5.01
N MET A 737 16.17 -26.52 3.83
CA MET A 737 17.29 -26.01 3.06
C MET A 737 16.99 -26.18 1.57
N GLU A 738 17.95 -25.79 0.75
CA GLU A 738 17.74 -25.87 -0.68
C GLU A 738 17.93 -27.30 -1.18
N SER A 739 17.29 -27.57 -2.32
CA SER A 739 17.09 -28.93 -2.82
C SER A 739 18.36 -29.60 -3.27
N THR A 740 19.25 -28.87 -3.90
CA THR A 740 20.45 -29.49 -4.42
C THR A 740 21.41 -29.90 -3.34
N THR A 741 21.38 -29.25 -2.18
CA THR A 741 22.08 -29.72 -0.99
C THR A 741 21.22 -30.67 -0.19
N ILE A 742 20.11 -31.12 -0.74
CA ILE A 742 19.42 -32.29 -0.21
C ILE A 742 19.67 -33.50 -1.07
N GLU A 743 19.58 -33.33 -2.39
CA GLU A 743 19.90 -34.43 -3.29
C GLU A 743 21.35 -34.85 -3.20
N PHE A 744 22.22 -33.96 -2.74
CA PHE A 744 23.59 -34.37 -2.47
C PHE A 744 23.70 -35.19 -1.21
N VAL A 745 23.04 -34.74 -0.13
CA VAL A 745 23.27 -35.36 1.16
C VAL A 745 22.51 -36.66 1.29
N THR A 746 21.27 -36.68 0.80
CA THR A 746 20.45 -37.90 0.83
C THR A 746 21.07 -39.01 0.00
N GLN A 747 21.56 -38.70 -1.18
CA GLN A 747 22.06 -39.75 -2.05
C GLN A 747 23.46 -40.20 -1.67
N ARG A 748 24.14 -39.51 -0.76
CA ARG A 748 25.37 -40.05 -0.18
C ARG A 748 25.22 -40.33 1.31
N ASN A 749 24.01 -40.29 1.84
CA ASN A 749 23.74 -40.77 3.20
C ASN A 749 22.30 -41.28 3.19
N CYS A 750 22.16 -42.59 3.11
CA CYS A 750 20.86 -43.22 2.96
C CYS A 750 20.17 -43.47 4.28
N ASN A 751 20.50 -42.71 5.30
CA ASN A 751 19.69 -42.66 6.50
C ASN A 751 18.78 -41.44 6.49
N LEU A 752 18.83 -40.64 5.43
CA LEU A 752 18.11 -39.39 5.34
C LEU A 752 17.24 -39.41 4.10
N THR A 753 16.25 -38.53 4.07
CA THR A 753 15.36 -38.51 2.92
C THR A 753 14.80 -37.11 2.70
N GLN A 754 14.26 -36.92 1.50
CA GLN A 754 13.61 -35.69 1.07
C GLN A 754 12.12 -35.95 1.04
N ILE A 755 11.40 -35.37 1.97
CA ILE A 755 9.96 -35.48 1.96
C ILE A 755 9.37 -34.18 1.44
N GLY A 756 8.33 -34.30 0.63
CA GLY A 756 7.74 -33.15 -0.02
C GLY A 756 8.38 -32.88 -1.37
N GLY A 757 8.05 -31.71 -1.91
CA GLY A 757 8.59 -31.29 -3.18
C GLY A 757 9.26 -29.95 -3.07
N LEU A 758 9.43 -29.27 -4.20
CA LEU A 758 10.07 -27.96 -4.17
C LEU A 758 9.05 -26.91 -3.78
N ILE A 759 9.35 -26.17 -2.71
CA ILE A 759 8.50 -25.09 -2.26
C ILE A 759 8.80 -23.86 -3.09
N ASP A 760 10.06 -23.44 -3.04
CA ASP A 760 10.52 -22.27 -3.75
C ASP A 760 11.06 -22.72 -5.11
N SER A 761 11.38 -21.76 -5.96
CA SER A 761 11.92 -22.10 -7.28
C SER A 761 12.95 -21.03 -7.63
N LYS A 762 14.20 -21.29 -7.31
CA LYS A 762 15.30 -20.41 -7.63
C LYS A 762 16.12 -21.01 -8.75
N GLY A 763 17.15 -20.30 -9.17
CA GLY A 763 18.05 -20.80 -10.19
C GLY A 763 19.44 -20.23 -10.05
N TYR A 764 20.44 -21.10 -10.08
CA TYR A 764 21.81 -20.65 -10.10
C TYR A 764 22.15 -20.08 -11.46
N GLY A 765 22.68 -18.87 -11.46
CA GLY A 765 23.06 -18.23 -12.71
C GLY A 765 24.53 -17.85 -12.68
N VAL A 766 25.16 -17.98 -13.84
CA VAL A 766 26.56 -17.58 -13.99
C VAL A 766 26.63 -16.07 -13.84
N GLY A 767 27.43 -15.60 -12.90
CA GLY A 767 27.50 -14.18 -12.66
C GLY A 767 28.35 -13.48 -13.69
N THR A 768 27.84 -12.36 -14.18
CA THR A 768 28.55 -11.46 -15.07
C THR A 768 28.46 -10.08 -14.47
N PRO A 769 29.44 -9.21 -14.72
CA PRO A 769 29.28 -7.81 -14.36
C PRO A 769 28.21 -7.17 -15.22
N MET A 770 27.64 -6.08 -14.71
CA MET A 770 26.48 -5.46 -15.34
C MET A 770 26.85 -4.88 -16.69
N GLY A 771 26.20 -5.38 -17.74
CA GLY A 771 26.43 -4.91 -19.07
C GLY A 771 27.58 -5.58 -19.80
N SER A 772 27.94 -6.78 -19.39
CA SER A 772 28.99 -7.43 -20.16
C SER A 772 28.41 -7.98 -21.47
N PRO A 773 29.23 -8.02 -22.52
CA PRO A 773 28.83 -8.76 -23.72
C PRO A 773 28.83 -10.25 -23.50
N TYR A 774 29.56 -10.75 -22.51
CA TYR A 774 29.61 -12.17 -22.20
C TYR A 774 28.31 -12.73 -21.65
N ARG A 775 27.43 -11.87 -21.12
CA ARG A 775 26.15 -12.31 -20.56
C ARG A 775 25.28 -12.99 -21.60
N ASP A 776 25.38 -12.57 -22.86
CA ASP A 776 24.54 -13.19 -23.86
C ASP A 776 25.17 -14.42 -24.48
N LYS A 777 26.51 -14.46 -24.63
CA LYS A 777 27.13 -15.65 -25.21
C LYS A 777 27.01 -16.85 -24.29
N ILE A 778 27.18 -16.63 -22.98
CA ILE A 778 27.05 -17.71 -22.01
C ILE A 778 25.63 -18.25 -21.98
N THR A 779 24.64 -17.37 -22.14
CA THR A 779 23.26 -17.81 -22.30
C THR A 779 23.09 -18.63 -23.58
N ILE A 780 23.84 -18.30 -24.63
CA ILE A 780 23.83 -19.18 -25.78
C ILE A 780 24.78 -20.36 -25.53
N ALA A 781 25.71 -20.24 -24.58
CA ALA A 781 26.61 -21.36 -24.31
C ALA A 781 25.96 -22.40 -23.41
N ILE A 782 25.28 -21.97 -22.34
CA ILE A 782 24.61 -22.90 -21.45
C ILE A 782 23.47 -23.60 -22.17
N LEU A 783 22.73 -22.88 -22.99
CA LEU A 783 21.60 -23.46 -23.69
C LEU A 783 22.03 -24.42 -24.80
N GLN A 784 23.29 -24.40 -25.22
CA GLN A 784 23.77 -25.41 -26.15
C GLN A 784 23.98 -26.74 -25.46
N LEU A 785 24.65 -26.73 -24.31
CA LEU A 785 24.93 -27.93 -23.55
C LEU A 785 23.66 -28.58 -23.02
N GLN A 786 22.60 -27.80 -22.86
CA GLN A 786 21.31 -28.34 -22.48
C GLN A 786 20.72 -29.22 -23.57
N GLU A 787 20.89 -28.84 -24.82
CA GLU A 787 20.22 -29.57 -25.90
C GLU A 787 20.95 -30.86 -26.24
N GLU A 788 22.21 -30.98 -25.89
CA GLU A 788 22.91 -32.24 -26.04
C GLU A 788 23.10 -32.94 -24.71
N GLY A 789 22.38 -32.52 -23.67
CA GLY A 789 22.28 -33.27 -22.44
C GLY A 789 23.56 -33.37 -21.66
N LYS A 790 24.40 -32.34 -21.71
CA LYS A 790 25.68 -32.42 -21.02
C LYS A 790 25.51 -32.38 -19.51
N LEU A 791 24.77 -31.39 -19.02
CA LEU A 791 24.69 -31.09 -17.60
C LEU A 791 24.03 -32.20 -16.79
N HIS A 792 23.03 -32.87 -17.35
CA HIS A 792 22.36 -33.93 -16.61
C HIS A 792 23.29 -35.09 -16.37
N MET A 793 24.09 -35.45 -17.38
CA MET A 793 25.18 -36.38 -17.15
C MET A 793 26.22 -35.82 -16.22
N MET A 794 26.43 -34.51 -16.23
CA MET A 794 27.35 -33.89 -15.27
C MET A 794 26.77 -33.90 -13.88
N LYS A 795 25.48 -33.65 -13.77
CA LYS A 795 24.77 -33.79 -12.51
C LYS A 795 24.79 -35.24 -12.04
N GLU A 796 24.53 -36.17 -12.93
CA GLU A 796 24.65 -37.57 -12.57
C GLU A 796 26.10 -38.01 -12.41
N LYS A 797 27.06 -37.22 -12.85
CA LYS A 797 28.45 -37.57 -12.58
C LYS A 797 28.83 -37.17 -11.17
N TRP A 798 28.21 -36.13 -10.63
CA TRP A 798 28.67 -35.56 -9.37
C TRP A 798 27.76 -35.80 -8.20
N TRP A 799 26.45 -35.94 -8.39
CA TRP A 799 25.55 -36.18 -7.28
C TRP A 799 25.24 -37.63 -7.07
N ARG A 800 25.74 -38.52 -7.91
CA ARG A 800 25.34 -39.92 -7.85
C ARG A 800 25.96 -40.61 -6.64
N GLY A 801 27.28 -40.68 -6.61
CA GLY A 801 27.95 -41.25 -5.46
C GLY A 801 27.99 -42.76 -5.50
N ASN A 802 27.89 -43.35 -4.31
CA ASN A 802 28.06 -44.78 -4.13
C ASN A 802 26.80 -45.52 -4.53
N GLY A 803 26.76 -46.82 -4.22
CA GLY A 803 25.53 -47.58 -4.36
C GLY A 803 24.45 -47.06 -3.44
N CYS A 804 24.78 -46.94 -2.13
CA CYS A 804 23.96 -46.39 -1.06
C CYS A 804 22.64 -47.15 -0.97
N PRO A 805 22.59 -48.29 -0.23
CA PRO A 805 21.64 -49.40 -0.49
C PRO A 805 20.13 -49.12 -0.49
N GLU A 806 19.72 -47.86 -0.59
CA GLU A 806 18.35 -47.34 -0.50
C GLU A 806 17.25 -48.02 -1.30
N GLU A 807 17.61 -48.97 -2.19
CA GLU A 807 16.68 -49.82 -2.93
C GLU A 807 15.50 -50.32 -2.10
N GLU A 808 15.80 -51.06 -1.03
CA GLU A 808 15.05 -51.14 0.24
C GLU A 808 13.54 -51.22 0.07
N SER A 809 13.09 -52.34 -0.54
CA SER A 809 11.71 -52.48 -0.98
C SER A 809 10.79 -52.64 0.23
N LYS A 810 10.42 -51.49 0.79
CA LYS A 810 9.54 -51.46 1.94
C LYS A 810 8.09 -51.68 1.49
N GLU A 811 7.41 -52.58 2.19
CA GLU A 811 5.97 -52.78 2.05
C GLU A 811 5.38 -52.89 3.43
N ALA A 812 4.06 -52.99 3.49
CA ALA A 812 3.37 -52.98 4.77
C ALA A 812 2.08 -53.77 4.64
N SER A 813 1.53 -54.15 5.80
CA SER A 813 0.22 -54.75 6.00
C SER A 813 0.04 -56.11 5.33
N ALA A 814 1.11 -56.66 4.78
CA ALA A 814 1.19 -58.09 4.52
C ALA A 814 1.86 -58.71 5.73
N LEU A 815 1.17 -59.62 6.39
CA LEU A 815 1.73 -60.27 7.57
C LEU A 815 2.84 -61.21 7.16
N GLY A 816 4.03 -61.01 7.74
CA GLY A 816 5.18 -61.81 7.37
C GLY A 816 5.70 -62.63 8.52
N VAL A 817 6.92 -63.14 8.40
CA VAL A 817 7.48 -63.88 9.52
C VAL A 817 7.88 -62.92 10.63
N GLN A 818 8.27 -61.71 10.25
CA GLN A 818 8.78 -60.69 11.17
C GLN A 818 7.74 -60.16 12.13
N ASN A 819 6.45 -60.29 11.82
CA ASN A 819 5.39 -59.76 12.66
C ASN A 819 4.40 -60.81 13.12
N ILE A 820 4.35 -61.98 12.50
CA ILE A 820 3.74 -63.16 13.12
C ILE A 820 4.72 -64.31 12.90
N GLY A 821 5.63 -64.48 13.86
CA GLY A 821 6.54 -65.61 13.80
C GLY A 821 6.64 -66.33 15.11
N GLY A 822 6.14 -65.72 16.19
CA GLY A 822 6.25 -66.36 17.48
C GLY A 822 5.31 -67.51 17.65
N ILE A 823 4.27 -67.58 16.83
CA ILE A 823 3.37 -68.73 16.82
C ILE A 823 3.98 -69.88 16.04
N PHE A 824 5.09 -69.66 15.35
CA PHE A 824 5.89 -70.78 14.89
C PHE A 824 6.81 -71.28 15.97
N ILE A 825 7.36 -70.38 16.79
CA ILE A 825 8.34 -70.77 17.81
C ILE A 825 7.64 -71.51 18.95
N VAL A 826 6.53 -70.96 19.45
CA VAL A 826 5.84 -71.59 20.57
C VAL A 826 5.09 -72.83 20.10
N LEU A 827 4.84 -72.97 18.80
CA LEU A 827 4.37 -74.25 18.26
C LEU A 827 5.44 -75.32 18.43
N ALA A 828 6.66 -75.02 17.98
CA ALA A 828 7.77 -75.96 18.13
C ALA A 828 8.15 -76.15 19.59
N ALA A 829 7.92 -75.13 20.42
CA ALA A 829 8.18 -75.26 21.85
C ALA A 829 7.21 -76.21 22.54
N GLY A 830 6.05 -76.45 21.95
CA GLY A 830 5.10 -77.39 22.51
C GLY A 830 5.28 -78.80 22.01
N LEU A 831 5.72 -78.95 20.77
CA LEU A 831 5.97 -80.28 20.23
C LEU A 831 7.21 -80.92 20.82
N VAL A 832 8.24 -80.13 21.11
CA VAL A 832 9.45 -80.66 21.71
C VAL A 832 9.18 -81.09 23.15
N LEU A 833 8.37 -80.32 23.88
CA LEU A 833 7.99 -80.72 25.24
C LEU A 833 7.10 -81.95 25.24
N SER A 834 6.26 -82.12 24.22
CA SER A 834 5.39 -83.27 24.14
C SER A 834 6.13 -84.56 23.84
N VAL A 835 7.31 -84.47 23.22
CA VAL A 835 8.17 -85.65 23.11
C VAL A 835 8.64 -86.08 24.50
N PHE A 836 9.00 -85.10 25.34
CA PHE A 836 9.56 -85.40 26.65
C PHE A 836 8.52 -85.91 27.63
N VAL A 837 7.25 -85.72 27.33
CA VAL A 837 6.19 -86.37 28.09
C VAL A 837 5.89 -87.74 27.53
N ALA A 838 5.98 -87.90 26.20
CA ALA A 838 5.74 -89.19 25.57
C ALA A 838 6.83 -90.19 25.93
N VAL A 839 8.05 -89.72 26.18
CA VAL A 839 9.07 -90.57 26.78
C VAL A 839 8.70 -90.89 28.22
N GLY A 840 8.18 -89.88 28.95
CA GLY A 840 7.78 -90.08 30.33
C GLY A 840 6.55 -90.95 30.50
N GLU A 841 5.76 -91.12 29.45
CA GLU A 841 4.63 -92.04 29.49
C GLU A 841 5.09 -93.48 29.28
N PHE A 842 5.97 -93.69 28.30
CA PHE A 842 6.42 -95.04 27.96
C PHE A 842 7.29 -95.63 29.05
N LEU A 843 8.02 -94.80 29.79
CA LEU A 843 8.79 -95.30 30.92
C LEU A 843 7.88 -95.58 32.11
N TYR A 844 6.88 -94.72 32.34
CA TYR A 844 6.00 -94.91 33.49
C TYR A 844 5.12 -96.13 33.33
N LYS A 845 4.80 -96.51 32.09
CA LYS A 845 4.06 -97.74 31.88
C LYS A 845 4.94 -98.96 32.13
N SER A 846 6.16 -98.97 31.56
CA SER A 846 7.03 -100.13 31.67
C SER A 846 7.57 -100.30 33.08
N LYS A 847 7.73 -99.21 33.83
CA LYS A 847 8.09 -99.33 35.23
C LYS A 847 6.91 -99.78 36.09
N LYS A 848 5.69 -99.67 35.57
CA LYS A 848 4.56 -100.32 36.22
C LYS A 848 4.47 -101.79 35.81
N ASN A 849 4.89 -102.11 34.58
CA ASN A 849 4.88 -103.50 34.13
C ASN A 849 5.98 -104.30 34.82
N ALA A 850 7.18 -103.74 34.91
CA ALA A 850 8.30 -104.45 35.52
C ALA A 850 8.20 -104.42 37.04
N THR B 33 65.44 63.15 1.66
CA THR B 33 64.18 63.24 0.93
C THR B 33 64.27 62.40 -0.34
N HIS B 34 63.27 61.54 -0.55
CA HIS B 34 63.24 60.65 -1.70
C HIS B 34 62.09 61.01 -2.62
N VAL B 35 62.22 60.56 -3.88
CA VAL B 35 61.19 60.75 -4.89
C VAL B 35 60.97 59.41 -5.59
N LEU B 36 59.95 58.68 -5.15
CA LEU B 36 59.65 57.38 -5.75
C LEU B 36 58.52 57.51 -6.76
N ARG B 37 58.69 56.89 -7.92
CA ARG B 37 57.80 57.07 -9.06
C ARG B 37 57.14 55.74 -9.41
N PHE B 38 55.99 55.46 -8.80
CA PHE B 38 55.24 54.27 -9.15
C PHE B 38 54.50 54.50 -10.46
N GLY B 39 54.74 53.64 -11.44
CA GLY B 39 54.01 53.73 -12.67
C GLY B 39 52.59 53.20 -12.55
N GLY B 40 51.78 53.55 -13.54
CA GLY B 40 50.40 53.11 -13.62
C GLY B 40 49.88 53.24 -15.02
N ILE B 41 49.17 52.22 -15.50
CA ILE B 41 48.68 52.18 -16.87
C ILE B 41 47.20 51.88 -16.79
N PHE B 42 46.36 52.90 -16.96
CA PHE B 42 44.95 52.79 -16.66
C PHE B 42 44.12 52.87 -17.93
N GLU B 43 42.82 52.75 -17.76
CA GLU B 43 41.86 52.87 -18.84
C GLU B 43 41.82 54.31 -19.34
N TYR B 44 41.76 54.48 -20.67
CA TYR B 44 41.57 55.80 -21.26
C TYR B 44 40.08 56.04 -21.45
N VAL B 45 39.55 57.00 -20.71
CA VAL B 45 38.14 57.40 -20.78
C VAL B 45 38.05 58.75 -21.46
N GLU B 46 36.99 58.96 -22.23
CA GLU B 46 36.84 60.17 -23.02
C GLU B 46 35.78 61.12 -22.49
N SER B 47 34.75 60.63 -21.80
CA SER B 47 33.66 61.47 -21.36
C SER B 47 33.69 61.76 -19.87
N GLY B 48 33.71 60.74 -19.03
CA GLY B 48 33.66 60.92 -17.60
C GLY B 48 35.02 61.21 -17.01
N PRO B 49 35.11 61.20 -15.68
CA PRO B 49 36.41 61.34 -15.01
C PRO B 49 37.22 60.07 -15.15
N MET B 50 38.39 60.08 -14.48
CA MET B 50 39.34 58.99 -14.52
C MET B 50 38.74 57.71 -13.94
N GLY B 51 39.34 56.58 -14.28
CA GLY B 51 38.86 55.28 -13.83
C GLY B 51 38.93 55.15 -12.32
N ALA B 52 38.11 54.22 -11.81
CA ALA B 52 37.96 54.05 -10.37
C ALA B 52 39.23 53.51 -9.73
N GLU B 53 39.98 52.71 -10.47
CA GLU B 53 41.31 52.32 -10.02
C GLU B 53 42.28 53.48 -10.09
N GLU B 54 42.13 54.36 -11.08
CA GLU B 54 43.01 55.52 -11.20
C GLU B 54 42.77 56.52 -10.09
N LEU B 55 41.53 56.65 -9.64
CA LEU B 55 41.24 57.48 -8.48
C LEU B 55 41.84 56.89 -7.22
N ALA B 56 41.67 55.59 -7.01
CA ALA B 56 42.19 54.95 -5.80
C ALA B 56 43.70 54.86 -5.80
N PHE B 57 44.33 54.93 -6.98
CA PHE B 57 45.78 55.04 -7.03
C PHE B 57 46.22 56.43 -6.61
N ARG B 58 45.53 57.46 -7.11
CA ARG B 58 45.83 58.83 -6.70
C ARG B 58 45.44 59.08 -5.26
N PHE B 59 44.38 58.43 -4.79
CA PHE B 59 43.99 58.57 -3.39
C PHE B 59 44.97 57.88 -2.47
N ALA B 60 45.61 56.80 -2.93
CA ALA B 60 46.58 56.09 -2.11
C ALA B 60 47.88 56.86 -2.00
N VAL B 61 48.37 57.40 -3.12
CA VAL B 61 49.64 58.12 -3.15
C VAL B 61 49.58 59.36 -2.27
N ASN B 62 48.44 60.03 -2.27
CA ASN B 62 48.28 61.21 -1.43
C ASN B 62 48.14 60.86 0.04
N THR B 63 47.82 59.59 0.36
CA THR B 63 47.65 59.21 1.75
C THR B 63 48.98 59.03 2.46
N ILE B 64 49.88 58.24 1.87
CA ILE B 64 51.18 57.99 2.47
C ILE B 64 52.05 59.24 2.37
N ASN B 65 51.80 60.10 1.39
CA ASN B 65 52.45 61.40 1.38
C ASN B 65 52.00 62.26 2.54
N ARG B 66 50.75 62.12 2.97
CA ARG B 66 50.29 62.84 4.16
C ARG B 66 50.70 62.12 5.44
N ASN B 67 50.51 60.80 5.48
CA ASN B 67 50.76 60.05 6.71
C ASN B 67 52.27 59.90 6.92
N ARG B 68 52.69 59.90 8.19
CA ARG B 68 54.10 60.08 8.51
C ARG B 68 54.79 58.83 9.03
N THR B 69 54.12 57.99 9.82
CA THR B 69 54.74 56.77 10.31
C THR B 69 55.05 55.80 9.17
N LEU B 70 54.12 55.68 8.23
CA LEU B 70 54.38 54.92 7.02
C LEU B 70 55.10 55.82 6.02
N LEU B 71 56.32 55.41 5.65
CA LEU B 71 57.27 56.11 4.78
C LEU B 71 57.58 57.52 5.27
N PRO B 72 58.37 57.67 6.33
CA PRO B 72 58.88 59.00 6.66
C PRO B 72 59.91 59.45 5.65
N ASN B 73 59.97 60.76 5.43
CA ASN B 73 60.97 61.48 4.64
C ASN B 73 60.99 61.11 3.16
N THR B 74 59.96 60.44 2.63
CA THR B 74 59.91 60.12 1.22
C THR B 74 58.66 60.73 0.59
N THR B 75 58.74 60.93 -0.72
CA THR B 75 57.65 61.54 -1.50
C THR B 75 57.33 60.63 -2.69
N LEU B 76 56.20 59.96 -2.62
CA LEU B 76 55.75 59.11 -3.72
C LEU B 76 55.18 59.97 -4.83
N THR B 77 55.72 59.85 -6.04
CA THR B 77 55.10 60.45 -7.21
C THR B 77 54.65 59.35 -8.16
N TYR B 78 53.94 59.75 -9.21
CA TYR B 78 53.34 58.79 -10.13
C TYR B 78 53.45 59.29 -11.56
N ASP B 79 53.33 58.33 -12.48
CA ASP B 79 53.60 58.52 -13.91
C ASP B 79 52.48 57.89 -14.72
N THR B 80 51.24 58.24 -14.41
CA THR B 80 50.08 57.54 -14.96
C THR B 80 49.88 57.79 -16.45
N GLN B 81 49.66 56.71 -17.19
CA GLN B 81 49.31 56.72 -18.60
C GLN B 81 47.94 56.04 -18.80
N LYS B 82 47.37 56.26 -19.98
CA LYS B 82 46.04 55.74 -20.31
C LYS B 82 46.06 55.03 -21.64
N ILE B 83 45.50 53.81 -21.69
CA ILE B 83 45.53 52.95 -22.86
C ILE B 83 44.12 52.47 -23.20
N ASN B 84 44.04 51.64 -24.24
CA ASN B 84 42.80 51.14 -24.80
C ASN B 84 42.27 49.90 -24.08
N LEU B 85 43.13 49.24 -23.29
CA LEU B 85 42.87 47.99 -22.55
C LEU B 85 42.65 46.79 -23.47
N TYR B 86 42.80 46.99 -24.78
CA TYR B 86 42.63 45.93 -25.77
C TYR B 86 43.71 46.01 -26.84
N ASP B 87 44.86 46.61 -26.50
CA ASP B 87 45.97 46.76 -27.42
C ASP B 87 47.24 46.48 -26.63
N SER B 88 47.77 45.27 -26.76
CA SER B 88 49.03 44.93 -26.13
C SER B 88 50.19 45.69 -26.75
N PHE B 89 50.05 46.13 -27.99
CA PHE B 89 51.04 47.00 -28.61
C PHE B 89 51.08 48.37 -27.92
N GLU B 90 49.91 48.95 -27.67
CA GLU B 90 49.87 50.24 -26.96
C GLU B 90 50.35 50.08 -25.53
N ALA B 91 50.01 48.97 -24.89
CA ALA B 91 50.52 48.69 -23.56
C ALA B 91 52.02 48.47 -23.57
N SER B 92 52.56 48.00 -24.69
CA SER B 92 54.00 47.89 -24.82
C SER B 92 54.68 49.25 -24.92
N LYS B 93 54.00 50.21 -25.54
CA LYS B 93 54.63 51.52 -25.73
C LYS B 93 54.66 52.31 -24.43
N LYS B 94 53.54 52.35 -23.71
CA LYS B 94 53.48 53.13 -22.48
C LYS B 94 54.30 52.48 -21.36
N ALA B 95 54.52 51.17 -21.44
CA ALA B 95 55.38 50.52 -20.47
C ALA B 95 56.85 50.85 -20.71
N CYS B 96 57.25 50.91 -21.98
CA CYS B 96 58.60 51.33 -22.30
C CYS B 96 58.84 52.80 -21.99
N ASP B 97 57.79 53.62 -22.00
CA ASP B 97 57.96 55.02 -21.67
C ASP B 97 58.12 55.21 -20.17
N GLN B 98 57.36 54.45 -19.37
CA GLN B 98 57.55 54.50 -17.93
C GLN B 98 58.87 53.88 -17.51
N LEU B 99 59.36 52.92 -18.29
CA LEU B 99 60.71 52.41 -18.04
C LEU B 99 61.78 53.38 -18.52
N SER B 100 61.47 54.17 -19.56
CA SER B 100 62.42 55.18 -20.03
C SER B 100 62.56 56.29 -19.00
N LEU B 101 61.43 56.76 -18.46
CA LEU B 101 61.50 57.71 -17.36
C LEU B 101 62.00 57.04 -16.08
N GLY B 102 61.76 55.75 -15.95
CA GLY B 102 62.26 55.02 -14.81
C GLY B 102 61.24 54.92 -13.70
N VAL B 103 60.73 53.72 -13.49
CA VAL B 103 59.80 53.45 -12.39
C VAL B 103 60.41 52.37 -11.51
N ALA B 104 59.78 52.17 -10.34
CA ALA B 104 60.11 51.07 -9.47
C ALA B 104 59.06 49.98 -9.49
N ALA B 105 57.88 50.25 -10.04
CA ALA B 105 56.80 49.30 -10.17
C ALA B 105 55.85 49.79 -11.25
N ILE B 106 55.05 48.87 -11.78
CA ILE B 106 53.93 49.21 -12.65
C ILE B 106 52.70 48.53 -12.10
N PHE B 107 51.68 49.33 -11.80
CA PHE B 107 50.46 48.84 -11.16
C PHE B 107 49.40 48.41 -12.18
N GLY B 108 49.80 47.57 -13.12
CA GLY B 108 48.89 46.77 -13.90
C GLY B 108 48.18 47.48 -15.03
N PRO B 109 47.97 46.79 -16.13
CA PRO B 109 47.06 47.29 -17.17
C PRO B 109 45.62 46.91 -16.93
N SER B 110 45.34 46.03 -15.96
CA SER B 110 44.01 45.65 -15.48
C SER B 110 43.15 44.95 -16.54
N HIS B 111 43.75 44.38 -17.58
CA HIS B 111 43.00 43.55 -18.52
C HIS B 111 43.89 42.43 -19.04
N SER B 112 43.25 41.27 -19.30
CA SER B 112 43.96 40.01 -19.49
C SER B 112 44.89 40.01 -20.70
N SER B 113 44.45 40.64 -21.80
CA SER B 113 45.29 40.65 -22.99
C SER B 113 46.46 41.61 -22.81
N SER B 114 46.21 42.78 -22.26
CA SER B 114 47.25 43.79 -22.15
C SER B 114 48.23 43.49 -21.04
N ALA B 115 47.78 42.80 -19.99
CA ALA B 115 48.67 42.54 -18.87
C ALA B 115 49.75 41.54 -19.24
N ASN B 116 49.45 40.61 -20.16
CA ASN B 116 50.42 39.59 -20.51
C ASN B 116 51.59 40.16 -21.30
N ALA B 117 51.36 41.21 -22.07
CA ALA B 117 52.47 41.88 -22.72
C ALA B 117 53.34 42.61 -21.71
N VAL B 118 52.71 43.33 -20.78
CA VAL B 118 53.45 44.14 -19.82
C VAL B 118 54.11 43.25 -18.78
N GLN B 119 53.56 42.07 -18.53
CA GLN B 119 54.16 41.14 -17.58
C GLN B 119 55.49 40.62 -18.09
N SER B 120 55.60 40.43 -19.42
CA SER B 120 56.86 39.99 -20.00
C SER B 120 57.90 41.09 -20.00
N ILE B 121 57.47 42.34 -20.12
CA ILE B 121 58.40 43.45 -20.13
C ILE B 121 58.99 43.68 -18.75
N CYS B 122 58.12 43.71 -17.74
CA CYS B 122 58.59 43.91 -16.37
C CYS B 122 59.38 42.70 -15.87
N ASN B 123 59.08 41.50 -16.38
CA ASN B 123 59.91 40.35 -16.07
C ASN B 123 61.30 40.52 -16.68
N ALA B 124 61.36 41.04 -17.90
CA ALA B 124 62.64 41.10 -18.60
C ALA B 124 63.50 42.26 -18.13
N LEU B 125 62.89 43.33 -17.64
CA LEU B 125 63.66 44.51 -17.27
C LEU B 125 63.81 44.67 -15.76
N GLY B 126 63.44 43.66 -14.98
CA GLY B 126 63.73 43.64 -13.57
C GLY B 126 62.69 44.26 -12.67
N VAL B 127 62.00 45.28 -13.17
CA VAL B 127 61.04 46.06 -12.37
C VAL B 127 59.85 45.19 -12.00
N PRO B 128 59.40 45.19 -10.75
CA PRO B 128 58.18 44.44 -10.38
C PRO B 128 56.94 44.94 -11.10
N HIS B 129 55.98 44.04 -11.23
CA HIS B 129 54.71 44.32 -11.88
C HIS B 129 53.57 43.98 -10.92
N ILE B 130 52.83 44.99 -10.51
CA ILE B 130 51.73 44.79 -9.56
C ILE B 130 50.46 44.63 -10.37
N GLN B 131 49.68 43.61 -10.06
CA GLN B 131 48.40 43.38 -10.71
C GLN B 131 47.29 43.47 -9.67
N THR B 132 46.13 43.95 -10.09
CA THR B 132 44.98 44.02 -9.20
C THR B 132 43.78 43.27 -9.75
N ARG B 133 43.82 42.83 -11.00
CA ARG B 133 42.68 42.13 -11.59
C ARG B 133 43.14 40.79 -12.10
N TRP B 134 42.22 39.83 -12.03
CA TRP B 134 42.52 38.46 -12.37
C TRP B 134 42.72 38.33 -13.87
N LYS B 135 43.61 37.43 -14.27
CA LYS B 135 43.73 37.01 -15.65
C LYS B 135 44.14 35.55 -15.66
N HIS B 136 44.16 34.95 -16.85
CA HIS B 136 44.62 33.57 -16.95
C HIS B 136 46.14 33.54 -16.88
N GLN B 137 46.66 32.75 -15.95
CA GLN B 137 48.08 32.39 -15.98
C GLN B 137 48.21 31.05 -16.68
N VAL B 138 48.92 31.03 -17.81
CA VAL B 138 49.22 29.76 -18.45
C VAL B 138 50.21 28.98 -17.60
N SER B 139 50.18 27.65 -17.72
CA SER B 139 50.86 26.81 -16.74
C SER B 139 52.36 26.78 -16.92
N ASP B 140 52.85 27.01 -18.14
CA ASP B 140 54.28 26.87 -18.41
C ASP B 140 54.97 28.20 -18.66
N ASN B 141 54.51 29.26 -18.00
CA ASN B 141 55.14 30.57 -18.11
C ASN B 141 56.12 30.71 -16.97
N LYS B 142 57.39 30.94 -17.30
CA LYS B 142 58.45 31.06 -16.30
C LYS B 142 58.70 32.52 -15.96
N ASP B 143 57.70 33.13 -15.34
CA ASP B 143 57.77 34.54 -14.96
C ASP B 143 57.79 34.68 -13.44
N SER B 144 58.58 35.63 -12.96
CA SER B 144 58.79 35.82 -11.53
C SER B 144 58.35 37.19 -11.03
N PHE B 145 58.49 38.23 -11.84
CA PHE B 145 58.38 39.61 -11.37
C PHE B 145 56.92 40.10 -11.48
N TYR B 146 56.04 39.40 -10.79
CA TYR B 146 54.64 39.81 -10.75
C TYR B 146 53.97 39.26 -9.50
N VAL B 147 53.09 40.07 -8.92
CA VAL B 147 52.11 39.62 -7.96
C VAL B 147 50.77 40.20 -8.36
N SER B 148 49.70 39.47 -8.08
CA SER B 148 48.35 39.97 -8.30
C SER B 148 47.59 39.99 -6.99
N LEU B 149 47.02 41.14 -6.67
CA LEU B 149 46.27 41.31 -5.43
C LEU B 149 44.82 40.91 -5.58
N TYR B 150 44.41 40.51 -6.75
CA TYR B 150 43.09 39.96 -6.84
C TYR B 150 43.10 38.56 -6.23
N PRO B 151 42.13 38.25 -5.37
CA PRO B 151 42.11 36.93 -4.72
C PRO B 151 41.82 35.85 -5.75
N ASP B 152 42.63 34.80 -5.73
CA ASP B 152 42.59 33.84 -6.81
C ASP B 152 41.34 32.97 -6.74
N PHE B 153 40.78 32.70 -7.92
CA PHE B 153 39.62 31.85 -8.07
C PHE B 153 39.90 30.40 -7.70
N SER B 154 41.17 30.01 -7.61
CA SER B 154 41.50 28.70 -7.05
C SER B 154 41.11 28.63 -5.57
N SER B 155 41.15 29.77 -4.89
CA SER B 155 40.58 29.79 -3.55
C SER B 155 39.09 30.08 -3.58
N LEU B 156 38.66 30.92 -4.53
CA LEU B 156 37.27 31.35 -4.54
C LEU B 156 36.35 30.23 -4.95
N SER B 157 36.80 29.33 -5.81
CA SER B 157 35.97 28.19 -6.16
C SER B 157 35.87 27.19 -5.03
N ARG B 158 36.89 27.09 -4.18
CA ARG B 158 36.75 26.27 -2.99
C ARG B 158 35.81 26.91 -2.00
N ALA B 159 35.76 28.24 -1.97
CA ALA B 159 34.85 28.93 -1.08
C ALA B 159 33.40 28.68 -1.48
N ILE B 160 33.09 28.83 -2.76
CA ILE B 160 31.74 28.56 -3.26
C ILE B 160 31.37 27.10 -3.09
N LEU B 161 32.34 26.20 -3.26
CA LEU B 161 32.06 24.78 -3.14
C LEU B 161 31.75 24.40 -1.71
N ASP B 162 32.33 25.11 -0.74
CA ASP B 162 31.96 24.85 0.63
C ASP B 162 30.55 25.31 0.93
N LEU B 163 30.09 26.35 0.23
CA LEU B 163 28.73 26.83 0.45
C LEU B 163 27.70 25.84 -0.05
N VAL B 164 27.88 25.30 -1.25
CA VAL B 164 26.87 24.42 -1.82
C VAL B 164 26.85 23.07 -1.12
N GLN B 165 27.93 22.72 -0.43
CA GLN B 165 27.90 21.59 0.47
C GLN B 165 27.17 21.96 1.75
N PHE B 166 27.30 23.21 2.19
CA PHE B 166 26.61 23.61 3.40
C PHE B 166 25.12 23.75 3.16
N PHE B 167 24.73 24.16 1.96
CA PHE B 167 23.30 24.31 1.68
C PHE B 167 22.67 23.02 1.20
N LYS B 168 23.46 21.94 1.11
CA LYS B 168 22.99 20.59 0.74
C LYS B 168 22.33 20.58 -0.63
N TRP B 169 22.81 21.44 -1.52
CA TRP B 169 22.24 21.49 -2.85
C TRP B 169 22.62 20.25 -3.65
N LYS B 170 21.81 19.96 -4.66
CA LYS B 170 22.12 18.86 -5.56
C LYS B 170 21.91 19.21 -7.02
N THR B 171 21.36 20.37 -7.33
CA THR B 171 20.96 20.66 -8.70
C THR B 171 21.44 22.06 -9.06
N VAL B 172 22.73 22.30 -8.82
CA VAL B 172 23.32 23.60 -9.07
C VAL B 172 23.39 23.86 -10.57
N THR B 173 22.98 25.04 -10.98
CA THR B 173 23.18 25.52 -12.34
C THR B 173 24.10 26.71 -12.26
N VAL B 174 25.21 26.67 -12.98
CA VAL B 174 26.18 27.75 -12.98
C VAL B 174 26.04 28.55 -14.27
N VAL B 175 25.92 29.86 -14.13
CA VAL B 175 25.83 30.77 -15.27
C VAL B 175 27.03 31.69 -15.24
N TYR B 176 27.76 31.73 -16.34
CA TYR B 176 28.91 32.59 -16.53
C TYR B 176 28.61 33.55 -17.67
N ASP B 177 29.54 34.47 -17.92
CA ASP B 177 29.33 35.53 -18.90
C ASP B 177 30.25 35.45 -20.11
N ASP B 178 31.56 35.50 -19.90
CA ASP B 178 32.52 35.26 -20.96
C ASP B 178 33.20 33.93 -20.70
N SER B 179 33.83 33.39 -21.74
CA SER B 179 34.32 32.02 -21.68
C SER B 179 35.45 31.84 -20.69
N THR B 180 36.12 32.93 -20.32
CA THR B 180 37.19 32.90 -19.34
C THR B 180 36.69 32.54 -17.95
N GLY B 181 35.40 32.74 -17.68
CA GLY B 181 34.84 32.32 -16.40
C GLY B 181 34.83 30.83 -16.19
N LEU B 182 34.88 30.05 -17.26
CA LEU B 182 35.03 28.61 -17.14
C LEU B 182 36.34 28.26 -16.46
N ILE B 183 37.41 28.99 -16.81
CA ILE B 183 38.68 28.83 -16.11
C ILE B 183 38.55 29.34 -14.69
N ARG B 184 37.80 30.43 -14.52
CA ARG B 184 37.61 31.02 -13.20
C ARG B 184 36.83 30.08 -12.30
N LEU B 185 36.04 29.18 -12.88
CA LEU B 185 35.23 28.27 -12.09
C LEU B 185 35.60 26.82 -12.32
N GLN B 186 36.86 26.52 -12.62
CA GLN B 186 37.21 25.16 -13.02
C GLN B 186 37.14 24.19 -11.84
N GLU B 187 37.42 24.67 -10.62
CA GLU B 187 37.33 23.78 -9.49
C GLU B 187 35.89 23.52 -9.09
N LEU B 188 35.00 24.44 -9.38
CA LEU B 188 33.60 24.17 -9.15
C LEU B 188 33.04 23.21 -10.18
N ILE B 189 33.54 23.25 -11.42
CA ILE B 189 33.02 22.33 -12.41
C ILE B 189 33.55 20.92 -12.16
N LYS B 190 34.74 20.77 -11.61
CA LYS B 190 35.29 19.44 -11.36
C LYS B 190 34.75 18.76 -10.11
N ALA B 191 33.79 19.36 -9.43
CA ALA B 191 33.24 18.83 -8.20
C ALA B 191 32.33 17.59 -8.31
N PRO B 192 31.46 17.42 -9.33
CA PRO B 192 30.69 16.15 -9.40
C PRO B 192 31.52 14.92 -9.69
N SER B 193 32.80 15.06 -10.00
CA SER B 193 33.74 13.95 -9.99
C SER B 193 34.20 13.60 -8.59
N ARG B 194 33.84 14.41 -7.60
CA ARG B 194 34.16 14.14 -6.21
C ARG B 194 32.93 14.12 -5.32
N TYR B 195 31.84 14.75 -5.74
CA TYR B 195 30.63 14.81 -4.93
C TYR B 195 29.45 14.47 -5.81
N ASN B 196 28.26 14.74 -5.30
CA ASN B 196 27.01 14.27 -5.84
C ASN B 196 26.20 15.37 -6.52
N LEU B 197 26.86 16.43 -6.97
CA LEU B 197 26.16 17.48 -7.66
C LEU B 197 25.84 17.05 -9.08
N ARG B 198 24.93 17.78 -9.72
CA ARG B 198 24.60 17.55 -11.12
C ARG B 198 24.51 18.91 -11.79
N LEU B 199 25.63 19.35 -12.33
CA LEU B 199 25.73 20.69 -12.88
C LEU B 199 25.15 20.75 -14.27
N LYS B 200 24.52 21.88 -14.59
CA LYS B 200 24.09 22.20 -15.94
C LYS B 200 24.70 23.58 -16.17
N ILE B 201 25.83 23.65 -16.85
CA ILE B 201 26.47 24.95 -17.00
C ILE B 201 25.87 25.67 -18.19
N ARG B 202 25.35 26.88 -17.95
CA ARG B 202 24.72 27.67 -18.99
C ARG B 202 25.48 28.96 -19.15
N GLN B 203 25.27 29.61 -20.28
CA GLN B 203 26.01 30.81 -20.60
C GLN B 203 25.04 31.91 -20.95
N LEU B 204 25.35 33.14 -20.50
CA LEU B 204 24.61 34.31 -20.88
C LEU B 204 24.66 34.55 -22.38
N PRO B 205 23.77 35.39 -22.90
CA PRO B 205 24.00 35.92 -24.25
C PRO B 205 25.25 36.79 -24.27
N ALA B 206 25.76 36.97 -25.49
CA ALA B 206 27.10 37.52 -25.69
C ALA B 206 27.21 38.96 -25.19
N ASP B 207 26.40 39.86 -25.72
CA ASP B 207 26.65 41.28 -25.49
C ASP B 207 25.44 42.02 -24.91
N THR B 208 24.25 41.60 -25.31
CA THR B 208 23.05 42.31 -24.88
C THR B 208 22.67 41.89 -23.47
N LYS B 209 21.94 42.76 -22.79
CA LYS B 209 21.34 42.39 -21.51
C LYS B 209 19.93 41.85 -21.72
N ASP B 210 19.81 40.90 -22.64
CA ASP B 210 18.58 40.21 -22.94
C ASP B 210 18.65 38.80 -22.34
N ALA B 211 18.68 38.73 -21.02
CA ALA B 211 18.82 37.45 -20.35
C ALA B 211 17.52 36.68 -20.26
N LYS B 212 16.46 37.21 -20.84
CA LYS B 212 15.16 36.57 -20.73
C LYS B 212 15.03 35.20 -21.41
N PRO B 213 15.54 34.96 -22.64
CA PRO B 213 15.43 33.58 -23.17
C PRO B 213 16.27 32.59 -22.41
N LEU B 214 17.31 33.05 -21.73
CA LEU B 214 18.04 32.18 -20.81
C LEU B 214 17.18 31.78 -19.63
N LEU B 215 16.54 32.75 -18.97
CA LEU B 215 15.78 32.45 -17.77
C LEU B 215 14.50 31.70 -18.08
N LYS B 216 13.98 31.82 -19.30
CA LYS B 216 12.83 31.00 -19.68
C LYS B 216 13.19 29.54 -19.72
N GLU B 217 14.42 29.22 -20.12
CA GLU B 217 14.83 27.83 -20.06
C GLU B 217 15.13 27.41 -18.64
N MET B 218 15.59 28.34 -17.81
CA MET B 218 15.92 27.97 -16.44
C MET B 218 14.68 27.78 -15.60
N LYS B 219 13.66 28.62 -15.82
CA LYS B 219 12.42 28.51 -15.07
C LYS B 219 11.65 27.27 -15.48
N ARG B 220 11.58 26.99 -16.77
CA ARG B 220 10.99 25.75 -17.22
C ARG B 220 11.91 24.57 -16.91
N GLY B 221 13.19 24.82 -16.74
CA GLY B 221 14.09 23.78 -16.31
C GLY B 221 14.05 23.48 -14.85
N LYS B 222 13.27 24.25 -14.07
CA LYS B 222 13.09 24.06 -12.62
C LYS B 222 14.43 24.11 -11.88
N GLU B 223 15.26 25.05 -12.29
CA GLU B 223 16.62 25.19 -11.79
C GLU B 223 16.57 26.21 -10.66
N PHE B 224 16.60 25.73 -9.42
CA PHE B 224 16.27 26.59 -8.30
C PHE B 224 17.47 26.96 -7.45
N HIS B 225 18.69 26.68 -7.89
CA HIS B 225 19.87 27.04 -7.12
C HIS B 225 20.93 27.49 -8.12
N VAL B 226 21.05 28.79 -8.32
CA VAL B 226 21.81 29.34 -9.43
C VAL B 226 23.09 29.96 -8.89
N ILE B 227 24.21 29.73 -9.57
CA ILE B 227 25.46 30.41 -9.28
C ILE B 227 25.81 31.30 -10.46
N PHE B 228 25.86 32.61 -10.22
CA PHE B 228 26.14 33.56 -11.28
C PHE B 228 27.59 33.97 -11.26
N ASP B 229 28.22 33.91 -12.43
CA ASP B 229 29.54 34.51 -12.67
C ASP B 229 29.35 35.72 -13.56
N CYS B 230 29.24 36.89 -12.93
CA CYS B 230 29.14 38.14 -13.66
C CYS B 230 29.95 39.18 -12.92
N SER B 231 29.93 40.40 -13.44
CA SER B 231 30.30 41.55 -12.64
C SER B 231 29.10 41.94 -11.79
N HIS B 232 29.35 42.81 -10.82
CA HIS B 232 28.21 43.42 -10.16
C HIS B 232 27.53 44.43 -11.07
N GLU B 233 28.23 44.91 -12.09
CA GLU B 233 27.58 45.70 -13.12
C GLU B 233 26.61 44.85 -13.93
N MET B 234 26.96 43.59 -14.19
CA MET B 234 26.02 42.76 -14.93
C MET B 234 24.99 42.09 -14.04
N ALA B 235 25.29 41.92 -12.75
CA ALA B 235 24.37 41.24 -11.84
C ALA B 235 23.10 42.07 -11.64
N ALA B 236 23.25 43.37 -11.46
CA ALA B 236 22.09 44.26 -11.42
C ALA B 236 21.39 44.33 -12.78
N GLY B 237 22.11 44.01 -13.86
CA GLY B 237 21.50 43.94 -15.17
C GLY B 237 20.50 42.81 -15.28
N ILE B 238 20.77 41.69 -14.59
CA ILE B 238 19.86 40.56 -14.64
C ILE B 238 18.97 40.43 -13.43
N LEU B 239 19.31 41.06 -12.31
CA LEU B 239 18.42 41.06 -11.15
C LEU B 239 17.11 41.75 -11.46
N LYS B 240 17.16 42.80 -12.26
CA LYS B 240 15.93 43.39 -12.75
C LYS B 240 15.23 42.43 -13.69
N GLN B 241 15.98 41.67 -14.47
CA GLN B 241 15.32 40.70 -15.32
C GLN B 241 15.04 39.39 -14.60
N ALA B 242 15.67 39.16 -13.46
CA ALA B 242 15.20 38.07 -12.61
C ALA B 242 13.90 38.42 -11.93
N LEU B 243 13.65 39.71 -11.71
CA LEU B 243 12.47 40.12 -10.99
C LEU B 243 11.23 40.06 -11.86
N ALA B 244 11.31 40.59 -13.07
CA ALA B 244 10.12 40.68 -13.91
C ALA B 244 9.81 39.40 -14.66
N MET B 245 10.43 38.27 -14.35
CA MET B 245 10.08 37.06 -15.09
C MET B 245 9.43 35.99 -14.25
N GLY B 246 10.08 35.44 -13.25
CA GLY B 246 9.27 34.77 -12.27
C GLY B 246 9.95 34.56 -10.97
N MET B 247 11.19 35.00 -10.86
CA MET B 247 12.15 34.19 -10.14
C MET B 247 12.63 34.76 -8.82
N MET B 248 12.06 35.84 -8.34
CA MET B 248 12.46 36.28 -7.00
C MET B 248 11.45 35.81 -5.95
N THR B 249 11.24 34.51 -5.92
CA THR B 249 10.30 33.93 -4.97
C THR B 249 11.05 33.50 -3.72
N GLU B 250 10.41 32.69 -2.89
CA GLU B 250 11.12 32.03 -1.81
C GLU B 250 11.76 30.74 -2.26
N TYR B 251 11.57 30.36 -3.51
CA TYR B 251 12.10 29.10 -4.00
C TYR B 251 13.49 29.21 -4.58
N TYR B 252 13.89 30.37 -5.08
CA TYR B 252 15.16 30.53 -5.77
C TYR B 252 16.21 30.99 -4.78
N HIS B 253 17.47 30.73 -5.10
CA HIS B 253 18.57 31.01 -4.19
C HIS B 253 19.81 31.28 -5.02
N TYR B 254 20.33 32.49 -4.93
CA TYR B 254 21.35 32.99 -5.85
C TYR B 254 22.66 33.18 -5.10
N ILE B 255 23.70 32.50 -5.53
CA ILE B 255 25.05 32.79 -5.07
C ILE B 255 25.81 33.45 -6.20
N PHE B 256 26.55 34.50 -5.88
CA PHE B 256 27.20 35.34 -6.86
C PHE B 256 28.71 35.17 -6.78
N THR B 257 29.36 35.10 -7.94
CA THR B 257 30.81 34.96 -7.94
C THR B 257 31.48 36.27 -7.61
N THR B 258 30.92 37.38 -8.06
CA THR B 258 31.58 38.67 -7.90
C THR B 258 31.62 39.12 -6.45
N LEU B 259 32.55 40.02 -6.18
CA LEU B 259 32.87 40.41 -4.83
C LEU B 259 32.27 41.74 -4.46
N ASP B 260 31.32 42.23 -5.23
CA ASP B 260 30.68 43.52 -4.97
C ASP B 260 29.17 43.36 -4.91
N LEU B 261 28.71 42.28 -4.28
CA LEU B 261 27.29 42.11 -4.03
C LEU B 261 26.78 43.12 -3.02
N PHE B 262 27.65 43.58 -2.14
CA PHE B 262 27.34 44.55 -1.10
C PHE B 262 26.98 45.92 -1.66
N ALA B 263 27.30 46.20 -2.91
CA ALA B 263 26.99 47.48 -3.53
C ALA B 263 25.94 47.37 -4.63
N LEU B 264 24.94 46.50 -4.45
CA LEU B 264 23.75 46.52 -5.27
C LEU B 264 22.58 46.98 -4.41
N ASP B 265 21.65 47.73 -5.01
CA ASP B 265 20.45 48.14 -4.29
C ASP B 265 19.53 46.92 -4.21
N VAL B 266 19.40 46.37 -3.01
CA VAL B 266 18.61 45.17 -2.79
C VAL B 266 17.26 45.50 -2.14
N GLU B 267 16.97 46.80 -1.97
CA GLU B 267 15.71 47.23 -1.37
C GLU B 267 14.45 46.79 -2.12
N PRO B 268 14.40 46.72 -3.46
CA PRO B 268 13.26 46.03 -4.08
C PRO B 268 13.23 44.52 -3.90
N TYR B 269 14.10 43.93 -3.09
CA TYR B 269 14.11 42.50 -2.91
C TYR B 269 14.16 42.08 -1.45
N ARG B 270 14.12 43.02 -0.51
CA ARG B 270 14.29 42.67 0.90
C ARG B 270 13.09 41.89 1.42
N TYR B 271 11.91 42.26 0.97
CA TYR B 271 10.71 41.56 1.37
C TYR B 271 10.38 40.42 0.43
N SER B 272 11.26 40.12 -0.52
CA SER B 272 10.89 39.19 -1.56
C SER B 272 11.04 37.73 -1.15
N GLY B 273 11.52 37.46 0.05
CA GLY B 273 11.69 36.09 0.50
C GLY B 273 12.78 35.31 -0.20
N VAL B 274 13.60 35.96 -1.02
CA VAL B 274 14.66 35.30 -1.75
C VAL B 274 15.81 35.03 -0.81
N ASN B 275 16.77 34.24 -1.26
CA ASN B 275 17.98 34.00 -0.51
C ASN B 275 19.14 34.31 -1.44
N MET B 276 19.92 35.33 -1.12
CA MET B 276 20.98 35.77 -2.03
C MET B 276 22.29 35.74 -1.27
N THR B 277 22.99 34.62 -1.36
CA THR B 277 24.23 34.49 -0.63
C THR B 277 25.35 35.08 -1.49
N GLY B 278 26.42 35.53 -0.85
CA GLY B 278 27.56 36.05 -1.58
C GLY B 278 28.70 36.33 -0.63
N PHE B 279 29.81 36.81 -1.21
CA PHE B 279 31.01 37.01 -0.44
C PHE B 279 31.35 38.48 -0.37
N ARG B 280 32.20 38.80 0.59
CA ARG B 280 32.74 40.14 0.71
C ARG B 280 34.13 40.02 1.31
N ILE B 281 35.14 40.53 0.59
CA ILE B 281 36.46 40.69 1.17
C ILE B 281 36.64 42.10 1.72
N LEU B 282 35.81 43.05 1.30
CA LEU B 282 35.93 44.42 1.78
C LEU B 282 35.47 44.49 3.22
N ASN B 283 36.43 44.55 4.16
CA ASN B 283 36.14 44.41 5.57
C ASN B 283 35.62 45.74 6.11
N THR B 284 34.36 46.02 5.81
CA THR B 284 33.73 47.27 6.19
C THR B 284 33.38 47.37 7.67
N GLU B 285 33.59 46.30 8.44
CA GLU B 285 33.24 46.27 9.85
C GLU B 285 34.29 46.91 10.74
N ASN B 286 35.42 47.31 10.19
CA ASN B 286 36.43 48.01 10.96
C ASN B 286 36.10 49.50 10.98
N THR B 287 36.43 50.14 12.10
CA THR B 287 36.24 51.58 12.21
C THR B 287 37.19 52.33 11.29
N GLN B 288 38.43 51.85 11.20
CA GLN B 288 39.42 52.48 10.33
C GLN B 288 39.03 52.35 8.86
N VAL B 289 38.53 51.17 8.46
CA VAL B 289 38.18 50.95 7.07
C VAL B 289 36.93 51.73 6.69
N SER B 290 35.92 51.69 7.55
CA SER B 290 34.67 52.43 7.31
C SER B 290 34.88 53.93 7.30
N SER B 291 35.92 54.41 8.00
CA SER B 291 36.31 55.81 7.88
C SER B 291 36.78 56.12 6.46
N ILE B 292 37.60 55.25 5.89
CA ILE B 292 38.14 55.48 4.55
C ILE B 292 37.05 55.37 3.50
N ILE B 293 36.05 54.52 3.75
CA ILE B 293 34.88 54.44 2.88
C ILE B 293 34.13 55.76 2.89
N GLU B 294 33.94 56.32 4.09
CA GLU B 294 33.28 57.62 4.21
C GLU B 294 34.14 58.72 3.63
N LYS B 295 35.46 58.57 3.69
CA LYS B 295 36.33 59.53 3.04
C LYS B 295 36.30 59.38 1.52
N TRP B 296 35.94 58.20 1.03
CA TRP B 296 36.08 57.93 -0.41
C TRP B 296 35.03 58.65 -1.23
N SER B 297 33.79 58.70 -0.76
CA SER B 297 32.71 59.29 -1.54
C SER B 297 32.84 60.80 -1.66
N MET B 298 33.67 61.43 -0.83
CA MET B 298 33.84 62.86 -0.88
C MET B 298 34.56 63.29 -2.15
N GLU B 299 35.79 62.81 -2.35
CA GLU B 299 36.56 63.26 -3.50
C GLU B 299 36.15 62.56 -4.78
N ARG B 300 35.42 61.45 -4.69
CA ARG B 300 34.91 60.79 -5.89
C ARG B 300 33.80 61.59 -6.56
N LEU B 301 33.18 62.52 -5.82
CA LEU B 301 31.78 62.96 -5.90
C LEU B 301 31.14 62.96 -7.28
N GLN B 302 31.90 63.28 -8.32
CA GLN B 302 31.43 63.25 -9.69
C GLN B 302 31.11 61.82 -10.14
N ALA B 303 30.52 61.72 -11.35
CA ALA B 303 30.01 60.52 -12.02
C ALA B 303 28.99 59.79 -11.16
N PRO B 304 27.77 60.32 -10.99
CA PRO B 304 26.80 59.67 -10.13
C PRO B 304 26.20 58.45 -10.79
N PRO B 305 25.64 57.51 -10.02
CA PRO B 305 24.98 56.35 -10.62
C PRO B 305 23.63 56.71 -11.22
N LYS B 306 23.41 56.29 -12.46
CA LYS B 306 22.13 56.51 -13.14
C LYS B 306 21.06 55.61 -12.53
N PRO B 307 19.76 55.99 -12.62
CA PRO B 307 18.74 55.28 -11.82
C PRO B 307 18.49 53.83 -12.21
N ASP B 308 18.44 53.49 -13.49
CA ASP B 308 18.21 52.09 -13.87
C ASP B 308 19.52 51.30 -13.94
N SER B 309 20.32 51.44 -12.89
CA SER B 309 21.60 50.80 -12.73
C SER B 309 21.76 50.37 -11.29
N GLY B 310 20.81 49.59 -10.79
CA GLY B 310 20.46 49.59 -9.38
C GLY B 310 21.51 49.12 -8.39
N LEU B 311 22.65 49.83 -8.41
CA LEU B 311 23.70 49.73 -7.44
C LEU B 311 23.46 50.76 -6.34
N LEU B 312 24.33 50.73 -5.33
CA LEU B 312 24.25 51.77 -4.31
C LEU B 312 24.91 53.05 -4.82
N ASP B 313 24.92 54.07 -3.97
CA ASP B 313 25.38 55.39 -4.41
C ASP B 313 26.88 55.58 -4.13
N GLY B 314 27.26 55.50 -2.86
CA GLY B 314 28.64 55.78 -2.48
C GLY B 314 29.34 54.60 -1.84
N PHE B 315 30.41 54.13 -2.47
CA PHE B 315 31.09 52.91 -2.09
C PHE B 315 32.40 52.81 -2.83
N MET B 316 33.28 51.94 -2.34
CA MET B 316 34.38 51.44 -3.16
C MET B 316 34.01 50.09 -3.74
N THR B 317 34.28 49.90 -5.02
CA THR B 317 34.27 48.55 -5.56
C THR B 317 35.46 47.78 -5.02
N THR B 318 35.41 46.46 -5.16
CA THR B 318 36.56 45.66 -4.76
C THR B 318 37.73 45.81 -5.74
N ASP B 319 37.51 46.38 -6.91
CA ASP B 319 38.60 46.67 -7.82
C ASP B 319 39.46 47.81 -7.28
N ALA B 320 38.83 48.93 -6.97
CA ALA B 320 39.55 50.07 -6.42
C ALA B 320 39.99 49.83 -4.98
N ALA B 321 39.32 48.92 -4.26
CA ALA B 321 39.76 48.61 -2.90
C ALA B 321 41.11 47.94 -2.89
N LEU B 322 41.44 47.20 -3.95
CA LEU B 322 42.75 46.58 -4.05
C LEU B 322 43.81 47.55 -4.54
N MET B 323 43.46 48.46 -5.44
CA MET B 323 44.43 49.42 -5.95
C MET B 323 44.90 50.38 -4.88
N TYR B 324 44.00 50.76 -3.97
CA TYR B 324 44.40 51.48 -2.77
C TYR B 324 45.29 50.60 -1.89
N ASP B 325 44.95 49.32 -1.79
CA ASP B 325 45.78 48.41 -1.01
C ASP B 325 47.04 48.03 -1.78
N ALA B 326 47.05 48.24 -3.10
CA ALA B 326 48.22 47.88 -3.91
C ALA B 326 49.43 48.72 -3.56
N VAL B 327 49.25 50.02 -3.31
CA VAL B 327 50.37 50.88 -2.98
C VAL B 327 50.89 50.57 -1.59
N HIS B 328 49.98 50.20 -0.67
CA HIS B 328 50.33 50.04 0.73
C HIS B 328 51.18 48.81 0.99
N VAL B 329 50.97 47.75 0.22
CA VAL B 329 51.83 46.58 0.37
C VAL B 329 53.20 46.85 -0.25
N VAL B 330 53.24 47.58 -1.36
CA VAL B 330 54.52 48.00 -1.93
C VAL B 330 55.19 49.02 -1.01
N SER B 331 54.38 49.78 -0.26
CA SER B 331 54.93 50.69 0.73
C SER B 331 55.53 49.94 1.92
N VAL B 332 55.09 48.72 2.20
CA VAL B 332 55.75 47.92 3.21
C VAL B 332 57.17 47.55 2.77
N ALA B 333 57.34 47.25 1.48
CA ALA B 333 58.64 46.79 1.02
C ALA B 333 59.64 47.95 0.87
N VAL B 334 59.17 49.13 0.47
CA VAL B 334 60.10 50.26 0.39
C VAL B 334 60.44 50.81 1.76
N GLN B 335 59.64 50.53 2.78
CA GLN B 335 60.02 50.91 4.13
C GLN B 335 61.15 50.03 4.65
N GLN B 336 61.14 48.75 4.27
CA GLN B 336 62.21 47.84 4.61
C GLN B 336 63.36 47.88 3.61
N PHE B 337 63.34 48.84 2.68
CA PHE B 337 64.39 48.96 1.67
C PHE B 337 64.60 50.44 1.40
N PRO B 338 65.39 51.12 2.24
CA PRO B 338 65.55 52.57 2.09
C PRO B 338 66.50 53.00 0.99
N GLN B 339 67.44 52.14 0.58
CA GLN B 339 68.47 52.53 -0.36
C GLN B 339 68.03 52.42 -1.82
N MET B 340 66.73 52.43 -2.09
CA MET B 340 66.22 52.38 -3.45
C MET B 340 66.57 53.63 -4.22
N THR B 341 67.22 53.45 -5.36
CA THR B 341 67.46 54.52 -6.31
C THR B 341 66.84 54.13 -7.64
N VAL B 342 65.93 54.97 -8.14
CA VAL B 342 65.20 54.66 -9.36
C VAL B 342 66.10 54.89 -10.56
N SER B 343 66.27 53.85 -11.38
CA SER B 343 67.10 53.93 -12.57
C SER B 343 66.22 54.02 -13.80
N SER B 344 66.81 54.51 -14.89
CA SER B 344 66.12 54.66 -16.17
C SER B 344 66.58 53.52 -17.08
N LEU B 345 65.72 52.51 -17.22
CA LEU B 345 66.06 51.35 -18.03
C LEU B 345 65.60 51.56 -19.48
N GLN B 346 66.03 50.65 -20.35
CA GLN B 346 65.74 50.75 -21.78
C GLN B 346 65.27 49.40 -22.32
N CYS B 347 64.24 49.43 -23.18
CA CYS B 347 63.58 48.21 -23.64
C CYS B 347 64.42 47.44 -24.65
N ASN B 348 64.83 48.08 -25.75
CA ASN B 348 65.55 47.36 -26.80
C ASN B 348 67.00 47.06 -26.44
N ARG B 349 67.48 47.52 -25.28
CA ARG B 349 68.77 47.20 -24.71
C ARG B 349 68.59 46.66 -23.31
N HIS B 350 67.70 45.67 -23.20
CA HIS B 350 67.11 45.28 -21.93
C HIS B 350 68.15 44.71 -20.97
N LYS B 351 68.19 45.31 -19.78
CA LYS B 351 69.06 44.97 -18.68
C LYS B 351 68.23 44.95 -17.41
N PRO B 352 68.45 43.98 -16.52
CA PRO B 352 67.68 43.94 -15.27
C PRO B 352 68.03 45.11 -14.36
N TRP B 353 67.02 45.56 -13.62
CA TRP B 353 67.24 46.62 -12.66
C TRP B 353 68.05 46.07 -11.48
N ARG B 354 68.90 46.94 -10.92
CA ARG B 354 69.95 46.54 -9.98
C ARG B 354 69.36 45.94 -8.70
N PHE B 355 68.21 46.42 -8.27
CA PHE B 355 67.54 45.84 -7.12
C PHE B 355 66.22 45.18 -7.50
N GLY B 356 66.08 44.77 -8.76
CA GLY B 356 64.84 44.15 -9.19
C GLY B 356 64.60 42.80 -8.56
N THR B 357 65.66 42.14 -8.11
CA THR B 357 65.54 40.84 -7.47
C THR B 357 65.24 40.97 -5.98
N ARG B 358 65.97 41.83 -5.28
CA ARG B 358 65.80 41.97 -3.84
C ARG B 358 64.47 42.60 -3.48
N PHE B 359 64.07 43.62 -4.23
CA PHE B 359 62.82 44.32 -3.91
C PHE B 359 61.59 43.50 -4.23
N MET B 360 61.67 42.62 -5.24
CA MET B 360 60.55 41.75 -5.55
C MET B 360 60.32 40.72 -4.45
N SER B 361 61.39 40.24 -3.82
CA SER B 361 61.23 39.29 -2.72
C SER B 361 60.65 39.97 -1.49
N LEU B 362 60.94 41.25 -1.30
CA LEU B 362 60.35 41.99 -0.19
C LEU B 362 58.86 42.23 -0.42
N ILE B 363 58.46 42.34 -1.68
CA ILE B 363 57.04 42.34 -2.03
C ILE B 363 56.43 41.00 -1.65
N LYS B 364 57.13 39.91 -1.92
CA LYS B 364 56.63 38.58 -1.63
C LYS B 364 56.74 38.22 -0.15
N GLU B 365 57.25 39.11 0.70
CA GLU B 365 57.32 38.88 2.13
C GLU B 365 56.59 39.94 2.93
N ALA B 366 55.87 40.83 2.27
CA ALA B 366 55.19 41.92 2.98
C ALA B 366 53.87 41.44 3.57
N HIS B 367 53.58 41.91 4.77
CA HIS B 367 52.31 41.66 5.44
C HIS B 367 51.60 42.99 5.66
N TRP B 368 50.28 42.99 5.50
CA TRP B 368 49.54 44.24 5.53
C TRP B 368 48.07 43.96 5.85
N GLU B 369 47.50 44.84 6.68
CA GLU B 369 46.08 44.81 7.04
C GLU B 369 45.45 46.01 6.34
N GLY B 370 44.95 45.78 5.13
CA GLY B 370 44.36 46.83 4.33
C GLY B 370 42.84 46.82 4.39
N LEU B 371 42.24 47.30 3.30
CA LEU B 371 40.78 47.27 3.18
C LEU B 371 40.27 45.84 3.08
N THR B 372 41.06 44.96 2.47
CA THR B 372 40.65 43.61 2.14
C THR B 372 41.29 42.56 3.05
N GLY B 373 41.40 42.85 4.33
CA GLY B 373 41.90 41.87 5.27
C GLY B 373 43.41 41.75 5.24
N ARG B 374 43.93 40.62 5.70
CA ARG B 374 45.36 40.37 5.65
C ARG B 374 45.78 40.16 4.20
N ILE B 375 46.98 40.60 3.86
CA ILE B 375 47.48 40.53 2.49
C ILE B 375 48.81 39.78 2.56
N THR B 376 48.76 38.48 2.34
CA THR B 376 49.95 37.66 2.21
C THR B 376 49.95 37.00 0.84
N PHE B 377 51.12 36.57 0.41
CA PHE B 377 51.27 36.09 -0.96
C PHE B 377 51.62 34.61 -1.00
N ASN B 378 51.37 34.03 -2.17
CA ASN B 378 51.60 32.61 -2.40
C ASN B 378 53.02 32.48 -2.90
N LYS B 379 53.93 32.06 -2.02
CA LYS B 379 55.37 32.06 -2.23
C LYS B 379 55.79 31.26 -3.45
N THR B 380 54.97 30.28 -3.84
CA THR B 380 55.18 29.49 -5.04
C THR B 380 55.17 30.37 -6.29
N ASN B 381 54.14 31.19 -6.45
CA ASN B 381 53.98 32.00 -7.66
C ASN B 381 53.82 33.49 -7.39
N GLY B 382 53.07 33.86 -6.36
CA GLY B 382 52.92 35.27 -6.03
C GLY B 382 51.49 35.74 -5.95
N LEU B 383 50.56 34.82 -5.84
CA LEU B 383 49.14 35.16 -5.87
C LEU B 383 48.61 35.27 -4.45
N ARG B 384 47.31 35.55 -4.32
CA ARG B 384 46.66 35.63 -3.01
C ARG B 384 45.71 34.45 -2.89
N THR B 385 46.20 33.39 -2.26
CA THR B 385 45.37 32.25 -1.93
C THR B 385 45.13 32.11 -0.43
N ASP B 386 45.63 33.05 0.37
CA ASP B 386 45.34 33.08 1.81
C ASP B 386 44.75 34.45 2.13
N PHE B 387 43.45 34.48 2.40
CA PHE B 387 42.74 35.71 2.71
C PHE B 387 41.49 35.35 3.50
N ASP B 388 40.74 36.37 3.88
CA ASP B 388 39.58 36.20 4.77
C ASP B 388 38.35 36.81 4.12
N LEU B 389 37.31 35.99 3.95
CA LEU B 389 36.08 36.44 3.33
C LEU B 389 34.96 36.59 4.34
N ASP B 390 33.93 37.33 3.94
CA ASP B 390 32.75 37.52 4.76
C ASP B 390 31.54 37.00 4.00
N VAL B 391 30.99 35.88 4.48
CA VAL B 391 29.82 35.31 3.84
C VAL B 391 28.61 36.18 4.17
N ILE B 392 28.05 36.83 3.15
CA ILE B 392 26.95 37.75 3.35
C ILE B 392 25.71 37.19 2.68
N SER B 393 24.56 37.43 3.29
CA SER B 393 23.28 37.04 2.74
C SER B 393 22.25 38.12 2.93
N LEU B 394 21.08 37.86 2.38
CA LEU B 394 19.96 38.79 2.42
C LEU B 394 18.93 38.29 3.42
N LYS B 395 18.73 39.05 4.48
CA LYS B 395 17.59 38.83 5.36
C LYS B 395 16.50 39.81 4.95
N GLU B 396 15.37 39.75 5.67
CA GLU B 396 14.27 40.65 5.36
C GLU B 396 14.63 42.09 5.68
N GLU B 397 15.44 42.29 6.73
CA GLU B 397 15.93 43.61 7.07
C GLU B 397 16.83 44.15 5.98
N GLY B 398 17.87 43.41 5.64
CA GLY B 398 18.76 43.83 4.57
C GLY B 398 19.83 42.82 4.26
N LEU B 399 20.97 43.30 3.81
CA LEU B 399 22.04 42.47 3.28
C LEU B 399 23.16 42.43 4.32
N GLU B 400 23.26 41.31 5.03
CA GLU B 400 24.07 41.22 6.24
C GLU B 400 25.06 40.06 6.17
N LYS B 401 26.16 40.22 6.91
CA LYS B 401 27.16 39.16 7.02
C LYS B 401 26.62 37.99 7.83
N ILE B 402 26.70 36.79 7.30
CA ILE B 402 26.17 35.60 7.95
C ILE B 402 27.26 34.56 8.22
N GLY B 403 28.51 34.83 7.86
CA GLY B 403 29.51 33.81 8.06
C GLY B 403 30.87 34.22 7.58
N THR B 404 31.84 33.34 7.86
CA THR B 404 33.25 33.66 7.69
C THR B 404 33.95 32.48 7.03
N TRP B 405 34.79 32.79 6.05
CA TRP B 405 35.45 31.76 5.28
C TRP B 405 36.96 31.89 5.42
N ASP B 406 37.63 30.75 5.48
CA ASP B 406 39.06 30.70 5.70
C ASP B 406 39.63 29.50 4.97
N PRO B 407 40.66 29.69 4.13
CA PRO B 407 41.33 28.54 3.50
C PRO B 407 41.91 27.54 4.48
N ALA B 408 42.39 28.01 5.63
CA ALA B 408 42.83 27.12 6.69
C ALA B 408 41.64 26.42 7.34
N SER B 409 40.70 27.22 7.85
CA SER B 409 39.61 26.66 8.64
C SER B 409 38.55 26.03 7.76
N GLY B 410 37.94 26.84 6.88
CA GLY B 410 36.75 26.46 6.16
C GLY B 410 35.63 27.47 6.37
N LEU B 411 34.41 26.96 6.40
CA LEU B 411 33.25 27.76 6.77
C LEU B 411 33.08 27.74 8.29
N ASN B 412 33.35 28.87 8.93
CA ASN B 412 32.75 29.14 10.23
C ASN B 412 31.60 30.12 10.05
N MET B 413 30.49 29.60 9.51
CA MET B 413 29.29 30.41 9.36
C MET B 413 28.66 30.64 10.74
N THR B 414 28.44 31.91 11.07
CA THR B 414 27.85 32.26 12.36
C THR B 414 26.35 31.99 12.41
N GLU B 415 25.77 31.43 11.35
CA GLU B 415 24.35 31.08 11.37
C GLU B 415 24.06 29.79 12.11
N SER B 416 25.06 29.18 12.76
CA SER B 416 24.77 28.13 13.72
C SER B 416 24.33 28.75 15.04
N GLN B 417 24.50 30.07 15.18
CA GLN B 417 23.80 30.84 16.19
C GLN B 417 22.35 30.94 15.73
N LYS B 418 21.42 31.24 16.65
CA LYS B 418 19.99 30.93 16.53
C LYS B 418 19.79 29.44 16.21
N GLY B 419 20.62 28.59 16.84
CA GLY B 419 20.57 27.14 16.69
C GLY B 419 19.26 26.55 17.13
N LYS B 420 18.88 26.77 18.41
CA LYS B 420 17.65 26.41 19.13
C LYS B 420 17.00 25.08 18.74
N PRO B 421 17.67 23.93 18.93
CA PRO B 421 17.04 22.66 18.53
C PRO B 421 15.91 22.30 19.49
N ALA B 422 14.73 22.01 18.92
CA ALA B 422 13.48 21.82 19.67
C ALA B 422 13.22 22.98 20.61
N ASN B 423 12.85 24.14 20.05
CA ASN B 423 13.24 25.51 20.40
C ASN B 423 13.47 25.77 21.89
N ILE B 424 12.41 25.89 22.68
CA ILE B 424 12.52 25.77 24.13
C ILE B 424 11.39 24.90 24.66
N THR B 425 10.28 24.84 23.92
CA THR B 425 9.05 24.20 24.38
C THR B 425 8.22 23.75 23.19
N ASP B 426 7.50 22.63 23.37
CA ASP B 426 6.78 21.96 22.29
C ASP B 426 5.79 20.96 22.87
N SER B 427 4.51 21.07 22.49
CA SER B 427 3.49 20.22 23.12
C SER B 427 2.27 20.11 22.21
N LEU B 428 1.32 19.28 22.64
CA LEU B 428 -0.09 19.17 22.24
C LEU B 428 -0.34 18.53 20.88
N SER B 429 0.68 18.41 20.03
CA SER B 429 0.63 17.42 18.95
C SER B 429 1.17 16.11 19.54
N ASN B 430 2.40 16.20 20.03
CA ASN B 430 3.18 15.14 20.64
C ASN B 430 2.99 15.12 22.15
N ARG B 431 1.74 15.26 22.58
CA ARG B 431 1.41 15.22 24.00
C ARG B 431 1.65 13.84 24.62
N SER B 432 1.63 12.76 23.79
CA SER B 432 1.85 11.37 24.20
C SER B 432 0.88 10.97 25.29
N LEU B 433 -0.41 10.88 24.95
CA LEU B 433 -1.49 10.74 25.92
C LEU B 433 -1.33 9.51 26.80
N ILE B 434 -1.57 9.71 28.09
CA ILE B 434 -1.06 8.82 29.13
C ILE B 434 -2.00 7.62 29.22
N VAL B 435 -1.70 6.60 28.41
CA VAL B 435 -2.56 5.43 28.32
C VAL B 435 -2.33 4.53 29.53
N THR B 436 -3.40 4.25 30.27
CA THR B 436 -3.30 3.34 31.40
C THR B 436 -3.48 1.90 30.94
N THR B 437 -2.98 0.98 31.76
CA THR B 437 -2.91 -0.44 31.40
C THR B 437 -2.80 -1.35 32.62
N ILE B 438 -3.67 -2.34 32.71
CA ILE B 438 -3.51 -3.43 33.65
C ILE B 438 -2.91 -4.61 32.89
N LEU B 439 -2.13 -5.44 33.58
CA LEU B 439 -1.38 -6.51 32.92
C LEU B 439 -2.22 -7.77 32.88
N GLU B 440 -2.55 -8.22 31.68
CA GLU B 440 -3.20 -9.51 31.50
C GLU B 440 -2.59 -10.25 30.34
N GLU B 441 -2.71 -11.56 30.38
CA GLU B 441 -2.19 -12.44 29.35
C GLU B 441 -3.35 -12.95 28.52
N PRO B 442 -3.25 -12.93 27.18
CA PRO B 442 -2.15 -12.46 26.34
C PRO B 442 -2.34 -11.02 25.93
N TYR B 443 -2.93 -10.22 26.82
CA TYR B 443 -3.26 -8.84 26.46
C TYR B 443 -2.02 -7.96 26.47
N VAL B 444 -1.40 -7.83 27.64
CA VAL B 444 -0.17 -7.06 27.81
C VAL B 444 0.77 -7.88 28.68
N LEU B 445 1.94 -8.21 28.16
CA LEU B 445 2.92 -9.03 28.85
C LEU B 445 4.24 -8.28 28.97
N PHE B 446 5.22 -8.94 29.59
CA PHE B 446 6.58 -8.42 29.62
C PHE B 446 7.39 -9.03 28.49
N LYS B 447 7.93 -8.19 27.63
CA LYS B 447 8.88 -8.64 26.62
C LYS B 447 10.26 -8.76 27.25
N LYS B 448 10.92 -9.90 27.03
CA LYS B 448 12.23 -10.18 27.60
C LYS B 448 13.12 -10.76 26.52
N SER B 449 14.21 -10.07 26.17
CA SER B 449 15.26 -10.71 25.38
C SER B 449 16.58 -10.75 26.11
N ASP B 450 17.25 -9.61 26.31
CA ASP B 450 18.53 -9.61 27.01
C ASP B 450 18.77 -8.38 27.87
N LYS B 451 18.15 -7.27 27.49
CA LYS B 451 18.80 -6.02 27.84
C LYS B 451 18.14 -5.35 29.04
N PRO B 452 18.89 -4.57 29.81
CA PRO B 452 18.26 -3.82 30.91
C PRO B 452 17.46 -2.61 30.45
N LEU B 453 17.93 -1.88 29.43
CA LEU B 453 17.40 -0.55 29.14
C LEU B 453 16.03 -0.63 28.48
N TYR B 454 15.05 0.06 29.07
CA TYR B 454 13.65 -0.21 28.79
C TYR B 454 12.77 1.02 28.50
N GLY B 455 11.50 0.75 28.24
CA GLY B 455 10.49 1.77 28.02
C GLY B 455 9.74 1.57 26.72
N ASN B 456 8.42 1.35 26.82
CA ASN B 456 7.48 1.20 25.70
C ASN B 456 7.83 0.06 24.72
N ASP B 457 8.78 -0.80 25.08
CA ASP B 457 9.07 -2.02 24.35
C ASP B 457 9.02 -3.22 25.28
N ARG B 458 8.80 -2.98 26.56
CA ARG B 458 8.59 -4.07 27.51
C ARG B 458 7.29 -4.79 27.24
N PHE B 459 6.33 -4.13 26.60
CA PHE B 459 4.95 -4.61 26.60
C PHE B 459 4.57 -5.15 25.23
N GLU B 460 4.02 -6.35 25.23
CA GLU B 460 3.60 -7.05 24.03
C GLU B 460 2.35 -7.83 24.33
N GLY B 461 1.66 -8.22 23.28
CA GLY B 461 0.46 -9.00 23.44
C GLY B 461 -0.62 -8.47 22.54
N TYR B 462 -1.86 -8.73 22.93
CA TYR B 462 -3.00 -8.34 22.09
C TYR B 462 -3.25 -6.85 22.13
N CYS B 463 -3.31 -6.28 23.34
CA CYS B 463 -3.67 -4.87 23.48
C CYS B 463 -2.61 -3.93 22.96
N ILE B 464 -1.34 -4.30 23.05
CA ILE B 464 -0.26 -3.48 22.52
C ILE B 464 -0.34 -3.43 21.00
N ASP B 465 -0.72 -4.54 20.40
CA ASP B 465 -0.92 -4.57 18.95
C ASP B 465 -2.15 -3.79 18.54
N LEU B 466 -3.10 -3.61 19.45
CA LEU B 466 -4.24 -2.76 19.14
C LEU B 466 -3.84 -1.30 19.10
N LEU B 467 -3.05 -0.87 20.08
CA LEU B 467 -2.77 0.55 20.24
C LEU B 467 -1.84 1.06 19.15
N ARG B 468 -0.94 0.21 18.69
CA ARG B 468 -0.03 0.59 17.62
C ARG B 468 -0.70 0.59 16.26
N GLU B 469 -1.86 -0.02 16.13
CA GLU B 469 -2.60 0.09 14.88
C GLU B 469 -3.63 1.20 14.92
N LEU B 470 -4.04 1.61 16.10
CA LEU B 470 -4.84 2.82 16.23
C LEU B 470 -3.98 4.06 16.00
N SER B 471 -2.82 4.12 16.66
CA SER B 471 -1.89 5.21 16.44
C SER B 471 -1.33 5.19 15.03
N THR B 472 -1.33 4.03 14.39
CA THR B 472 -1.12 3.97 12.94
C THR B 472 -2.23 4.71 12.22
N ILE B 473 -3.48 4.45 12.57
CA ILE B 473 -4.58 5.06 11.84
C ILE B 473 -4.88 6.45 12.37
N LEU B 474 -5.05 6.58 13.68
CA LEU B 474 -5.58 7.83 14.20
C LEU B 474 -4.51 8.92 14.28
N GLY B 475 -3.26 8.55 14.51
CA GLY B 475 -2.15 9.48 14.43
C GLY B 475 -1.61 9.94 15.77
N PHE B 476 -2.15 9.44 16.87
CA PHE B 476 -1.67 9.82 18.19
C PHE B 476 -0.37 9.08 18.52
N THR B 477 0.07 9.22 19.77
CA THR B 477 1.22 8.49 20.27
C THR B 477 0.95 7.90 21.64
N TYR B 478 1.51 6.72 21.87
CA TYR B 478 1.58 6.04 23.17
C TYR B 478 2.67 6.65 24.04
N GLU B 479 3.28 5.85 24.93
CA GLU B 479 3.54 6.06 26.38
C GLU B 479 2.32 5.54 27.13
N ILE B 480 2.08 4.25 26.89
CA ILE B 480 1.47 3.37 27.87
C ILE B 480 2.16 3.59 29.21
N ARG B 481 1.40 3.88 30.24
CA ARG B 481 1.91 3.83 31.61
C ARG B 481 1.01 2.89 32.41
N LEU B 482 1.57 2.24 33.42
CA LEU B 482 0.79 1.22 34.10
C LEU B 482 -0.13 1.83 35.15
N VAL B 483 -1.16 1.08 35.50
CA VAL B 483 -2.11 1.48 36.54
C VAL B 483 -1.58 1.04 37.89
N GLU B 484 -1.99 1.75 38.93
CA GLU B 484 -1.74 1.36 40.31
C GLU B 484 -2.87 0.46 40.80
N ASP B 485 -2.59 -0.22 41.93
CA ASP B 485 -3.48 -1.12 42.67
C ASP B 485 -3.83 -2.40 41.92
N GLY B 486 -3.46 -2.53 40.64
CA GLY B 486 -3.77 -3.71 39.83
C GLY B 486 -5.24 -4.06 39.74
N LYS B 487 -6.09 -3.06 39.55
CA LYS B 487 -7.53 -3.25 39.61
C LYS B 487 -8.16 -2.70 38.34
N TYR B 488 -9.18 -3.41 37.83
CA TYR B 488 -9.95 -2.89 36.72
C TYR B 488 -10.69 -1.63 37.12
N GLY B 489 -11.61 -1.77 38.06
CA GLY B 489 -12.36 -0.64 38.58
C GLY B 489 -13.49 -1.09 39.48
N ALA B 490 -13.63 -0.44 40.62
CA ALA B 490 -14.67 -0.80 41.56
C ALA B 490 -14.96 0.40 42.44
N GLN B 491 -16.25 0.69 42.58
CA GLN B 491 -16.69 1.77 43.44
C GLN B 491 -16.67 1.27 44.86
N ASP B 492 -16.07 2.05 45.76
CA ASP B 492 -16.09 1.65 47.14
C ASP B 492 -17.50 1.83 47.69
N ASP B 493 -17.91 0.90 48.56
CA ASP B 493 -19.29 0.85 48.98
C ASP B 493 -19.62 1.93 50.01
N VAL B 494 -18.65 2.32 50.83
CA VAL B 494 -18.86 3.37 51.80
C VAL B 494 -18.14 4.67 51.43
N ASN B 495 -17.06 4.60 50.65
CA ASN B 495 -16.41 5.83 50.19
C ASN B 495 -17.15 6.38 48.98
N GLY B 496 -17.46 5.52 48.02
CA GLY B 496 -18.04 5.98 46.76
C GLY B 496 -16.95 6.40 45.81
N GLN B 497 -15.78 5.80 45.97
CA GLN B 497 -14.63 6.12 45.13
C GLN B 497 -14.18 4.88 44.38
N TRP B 498 -13.43 5.11 43.31
CA TRP B 498 -13.07 4.09 42.36
C TRP B 498 -11.62 3.69 42.57
N ASN B 499 -11.26 2.52 42.06
CA ASN B 499 -9.97 1.92 42.35
C ASN B 499 -9.38 1.43 41.05
N GLY B 500 -8.28 2.05 40.63
CA GLY B 500 -7.64 1.59 39.42
C GLY B 500 -7.84 2.49 38.22
N MET B 501 -8.21 1.88 37.08
CA MET B 501 -8.18 2.59 35.80
C MET B 501 -9.28 3.64 35.71
N VAL B 502 -10.50 3.31 36.14
CA VAL B 502 -11.58 4.29 36.06
C VAL B 502 -11.43 5.39 37.09
N ARG B 503 -10.71 5.14 38.19
CA ARG B 503 -10.29 6.22 39.06
C ARG B 503 -9.25 7.09 38.37
N GLU B 504 -8.38 6.46 37.58
CA GLU B 504 -7.36 7.20 36.85
C GLU B 504 -7.93 7.91 35.64
N LEU B 505 -9.08 7.46 35.12
CA LEU B 505 -9.72 8.17 34.03
C LEU B 505 -10.58 9.33 34.49
N ILE B 506 -11.24 9.17 35.65
CA ILE B 506 -12.14 10.20 36.12
C ILE B 506 -11.36 11.39 36.66
N ASP B 507 -10.11 11.18 37.07
CA ASP B 507 -9.24 12.25 37.51
C ASP B 507 -8.42 12.82 36.37
N HIS B 508 -8.62 12.31 35.15
CA HIS B 508 -7.85 12.62 33.96
C HIS B 508 -6.35 12.36 34.14
N LYS B 509 -6.03 11.42 35.03
CA LYS B 509 -4.67 10.92 35.18
C LYS B 509 -4.37 9.82 34.19
N ALA B 510 -5.33 9.51 33.34
CA ALA B 510 -5.10 8.75 32.11
C ALA B 510 -6.00 9.32 31.04
N ASP B 511 -5.71 8.97 29.80
CA ASP B 511 -6.51 9.44 28.69
C ASP B 511 -7.17 8.31 27.93
N LEU B 512 -6.53 7.15 27.82
CA LEU B 512 -7.13 5.95 27.28
C LEU B 512 -6.89 4.77 28.23
N ALA B 513 -7.78 3.79 28.12
CA ALA B 513 -7.77 2.63 28.99
C ALA B 513 -7.89 1.37 28.15
N VAL B 514 -7.00 1.23 27.17
CA VAL B 514 -6.97 0.04 26.34
C VAL B 514 -6.50 -1.12 27.21
N ALA B 515 -7.45 -1.99 27.56
CA ALA B 515 -7.31 -3.03 28.57
C ALA B 515 -8.51 -3.95 28.45
N PRO B 516 -8.52 -5.12 29.11
CA PRO B 516 -9.76 -5.90 29.18
C PRO B 516 -10.83 -5.28 30.06
N LEU B 517 -11.36 -4.14 29.65
CA LEU B 517 -12.24 -3.33 30.48
C LEU B 517 -13.67 -3.62 30.05
N ALA B 518 -14.36 -4.40 30.86
CA ALA B 518 -15.68 -4.89 30.50
C ALA B 518 -16.72 -3.79 30.59
N ILE B 519 -17.47 -3.61 29.50
CA ILE B 519 -18.51 -2.60 29.46
C ILE B 519 -19.70 -3.10 30.28
N THR B 520 -19.92 -2.45 31.41
CA THR B 520 -21.05 -2.75 32.27
C THR B 520 -21.76 -1.44 32.60
N TYR B 521 -22.91 -1.56 33.25
CA TYR B 521 -23.80 -0.43 33.40
C TYR B 521 -23.28 0.59 34.39
N VAL B 522 -22.63 0.13 35.45
CA VAL B 522 -22.18 1.07 36.48
C VAL B 522 -20.99 1.89 35.99
N ARG B 523 -20.11 1.28 35.19
CA ARG B 523 -18.98 2.01 34.65
C ARG B 523 -19.39 2.98 33.54
N GLU B 524 -20.51 2.70 32.87
CA GLU B 524 -20.95 3.56 31.77
C GLU B 524 -21.41 4.92 32.28
N LYS B 525 -22.00 4.97 33.46
CA LYS B 525 -22.41 6.25 34.05
C LYS B 525 -21.23 7.05 34.59
N VAL B 526 -20.01 6.53 34.48
CA VAL B 526 -18.83 7.16 35.05
C VAL B 526 -17.88 7.63 33.95
N ILE B 527 -17.38 6.71 33.14
CA ILE B 527 -16.56 7.06 32.00
C ILE B 527 -17.32 6.65 30.75
N ASP B 528 -16.73 6.97 29.60
CA ASP B 528 -17.36 6.68 28.31
C ASP B 528 -16.51 5.67 27.57
N PHE B 529 -17.16 4.67 26.99
CA PHE B 529 -16.47 3.60 26.28
C PHE B 529 -16.64 3.75 24.78
N SER B 530 -15.81 3.05 24.05
CA SER B 530 -15.96 2.95 22.60
C SER B 530 -16.97 1.86 22.30
N LYS B 531 -17.17 1.58 21.05
CA LYS B 531 -17.94 0.38 20.77
C LYS B 531 -17.01 -0.82 20.89
N PRO B 532 -17.51 -1.97 21.33
CA PRO B 532 -16.62 -3.03 21.80
C PRO B 532 -15.83 -3.71 20.70
N PHE B 533 -14.63 -4.14 21.07
CA PHE B 533 -13.70 -4.77 20.15
C PHE B 533 -13.56 -6.27 20.35
N MET B 534 -14.08 -6.81 21.44
CA MET B 534 -14.12 -8.25 21.65
C MET B 534 -15.46 -8.63 22.26
N THR B 535 -16.02 -9.72 21.77
CA THR B 535 -17.32 -10.19 22.21
C THR B 535 -17.11 -11.39 23.11
N LEU B 536 -17.68 -11.35 24.31
CA LEU B 536 -17.35 -12.38 25.28
C LEU B 536 -18.48 -12.55 26.27
N GLY B 537 -18.44 -13.63 27.00
CA GLY B 537 -19.50 -13.95 27.94
C GLY B 537 -19.02 -14.93 28.97
N ILE B 538 -19.95 -15.62 29.59
CA ILE B 538 -19.64 -16.61 30.60
C ILE B 538 -19.72 -17.99 29.97
N SER B 539 -18.70 -18.81 30.20
CA SER B 539 -18.77 -20.21 29.82
C SER B 539 -18.10 -21.06 30.89
N ILE B 540 -17.87 -22.32 30.55
CA ILE B 540 -17.63 -23.39 31.52
C ILE B 540 -16.34 -24.11 31.20
N LEU B 541 -15.42 -24.13 32.16
CA LEU B 541 -14.27 -25.02 32.07
C LEU B 541 -14.66 -26.40 32.56
N TYR B 542 -14.11 -27.41 31.91
CA TYR B 542 -14.29 -28.78 32.37
C TYR B 542 -13.13 -29.60 31.83
N ARG B 543 -12.80 -30.68 32.53
CA ARG B 543 -11.74 -31.57 32.07
C ARG B 543 -12.19 -32.29 30.82
N LYS B 544 -11.26 -32.47 29.88
CA LYS B 544 -11.57 -33.15 28.64
C LYS B 544 -11.90 -34.61 28.91
N PRO B 545 -12.91 -35.16 28.23
CA PRO B 545 -13.24 -36.59 28.40
C PRO B 545 -12.11 -37.48 27.92
N ASN B 546 -11.87 -38.56 28.65
CA ASN B 546 -10.57 -39.20 28.60
C ASN B 546 -10.61 -40.63 28.11
N GLY B 547 -11.62 -41.40 28.48
CA GLY B 547 -11.68 -42.78 28.08
C GLY B 547 -10.70 -43.68 28.78
N THR B 548 -10.21 -43.28 29.96
CA THR B 548 -9.37 -44.18 30.73
C THR B 548 -10.14 -45.01 31.74
N ASN B 549 -11.37 -44.61 32.05
CA ASN B 549 -12.29 -45.47 32.79
C ASN B 549 -13.61 -45.47 32.02
N PRO B 550 -13.74 -46.34 31.02
CA PRO B 550 -14.96 -46.36 30.22
C PRO B 550 -16.10 -47.11 30.87
N GLY B 551 -15.90 -47.66 32.05
CA GLY B 551 -16.84 -48.55 32.68
C GLY B 551 -16.33 -49.98 32.63
N VAL B 552 -16.60 -50.73 33.70
CA VAL B 552 -16.04 -52.07 33.81
C VAL B 552 -16.85 -53.08 33.00
N PHE B 553 -17.98 -52.68 32.45
CA PHE B 553 -18.73 -53.50 31.51
C PHE B 553 -18.74 -52.87 30.12
N SER B 554 -17.58 -52.38 29.70
CA SER B 554 -17.45 -51.71 28.40
C SER B 554 -17.61 -52.68 27.23
N PHE B 555 -17.40 -53.98 27.44
CA PHE B 555 -17.63 -54.94 26.38
C PHE B 555 -19.11 -55.06 26.03
N LEU B 556 -19.98 -54.62 26.92
CA LEU B 556 -21.39 -54.70 26.65
C LEU B 556 -21.85 -53.64 25.67
N ASN B 557 -21.01 -52.64 25.42
CA ASN B 557 -21.41 -51.48 24.62
C ASN B 557 -21.88 -51.76 23.19
N PRO B 558 -21.19 -52.52 22.32
CA PRO B 558 -21.51 -52.42 20.89
C PRO B 558 -22.81 -53.06 20.50
N LEU B 559 -23.42 -53.82 21.37
CA LEU B 559 -24.82 -54.19 21.20
C LEU B 559 -25.62 -53.39 22.21
N SER B 560 -26.75 -52.85 21.75
CA SER B 560 -27.64 -52.17 22.67
C SER B 560 -28.28 -53.19 23.60
N PRO B 561 -28.61 -52.78 24.83
CA PRO B 561 -29.28 -53.73 25.75
C PRO B 561 -30.66 -54.16 25.32
N ASP B 562 -31.27 -53.51 24.32
CA ASP B 562 -32.40 -54.10 23.63
C ASP B 562 -32.00 -55.42 23.01
N ILE B 563 -30.85 -55.46 22.36
CA ILE B 563 -30.41 -56.67 21.67
C ILE B 563 -29.94 -57.70 22.69
N TRP B 564 -29.34 -57.27 23.79
CA TRP B 564 -28.91 -58.19 24.82
C TRP B 564 -30.09 -58.90 25.48
N MET B 565 -31.26 -58.27 25.50
CA MET B 565 -32.45 -58.94 26.02
C MET B 565 -33.12 -59.76 24.95
N TYR B 566 -33.21 -59.24 23.73
CA TYR B 566 -33.89 -59.95 22.66
C TYR B 566 -33.13 -61.18 22.20
N VAL B 567 -31.81 -61.21 22.38
CA VAL B 567 -31.05 -62.43 22.17
C VAL B 567 -31.43 -63.48 23.20
N LEU B 568 -31.48 -63.08 24.47
CA LEU B 568 -31.64 -64.05 25.54
C LEU B 568 -33.04 -64.64 25.53
N LEU B 569 -34.04 -63.84 25.15
CA LEU B 569 -35.37 -64.39 24.93
C LEU B 569 -35.39 -65.29 23.71
N ALA B 570 -34.60 -64.97 22.69
CA ALA B 570 -34.54 -65.84 21.53
C ALA B 570 -33.80 -67.13 21.85
N CYS B 571 -32.87 -67.09 22.81
CA CYS B 571 -32.27 -68.33 23.27
C CYS B 571 -33.26 -69.14 24.08
N LEU B 572 -34.14 -68.48 24.84
CA LEU B 572 -35.13 -69.21 25.60
C LEU B 572 -36.29 -69.67 24.72
N GLY B 573 -36.70 -68.85 23.76
CA GLY B 573 -37.88 -69.16 22.98
C GLY B 573 -37.67 -70.33 22.03
N VAL B 574 -36.53 -70.33 21.33
CA VAL B 574 -36.23 -71.41 20.39
C VAL B 574 -35.95 -72.70 21.14
N SER B 575 -35.37 -72.61 22.34
CA SER B 575 -35.16 -73.80 23.15
C SER B 575 -36.47 -74.41 23.63
N CYS B 576 -37.53 -73.61 23.77
CA CYS B 576 -38.82 -74.18 24.10
C CYS B 576 -39.48 -74.80 22.87
N VAL B 577 -39.30 -74.20 21.69
CA VAL B 577 -39.82 -74.77 20.46
C VAL B 577 -39.08 -76.06 20.11
N LEU B 578 -37.80 -76.13 20.49
CA LEU B 578 -37.05 -77.38 20.38
C LEU B 578 -37.65 -78.48 21.22
N PHE B 579 -38.22 -78.13 22.37
CA PHE B 579 -38.83 -79.14 23.20
C PHE B 579 -40.14 -79.63 22.60
N VAL B 580 -40.89 -78.72 21.97
CA VAL B 580 -42.21 -79.05 21.47
C VAL B 580 -42.12 -79.91 20.21
N ILE B 581 -41.26 -79.51 19.27
CA ILE B 581 -41.17 -80.19 17.98
C ILE B 581 -40.59 -81.58 18.15
N ALA B 582 -39.70 -81.76 19.14
CA ALA B 582 -39.04 -83.04 19.35
C ALA B 582 -39.99 -84.14 19.79
N ARG B 583 -41.08 -83.79 20.49
CA ARG B 583 -41.97 -84.82 21.03
C ARG B 583 -42.78 -85.49 19.93
N PHE B 584 -43.64 -84.73 19.26
CA PHE B 584 -44.57 -85.33 18.32
C PHE B 584 -44.00 -85.47 16.92
N SER B 585 -42.72 -85.21 16.73
CA SER B 585 -42.06 -85.65 15.52
C SER B 585 -41.65 -87.11 15.68
N PRO B 586 -42.20 -88.04 14.90
CA PRO B 586 -41.93 -89.46 15.15
C PRO B 586 -40.51 -89.88 14.81
N TYR B 587 -39.86 -89.24 13.85
CA TYR B 587 -38.51 -89.61 13.47
C TYR B 587 -37.48 -89.18 14.51
N GLU B 588 -37.85 -88.35 15.47
CA GLU B 588 -37.00 -87.99 16.60
C GLU B 588 -37.09 -89.00 17.74
N TRP B 589 -37.74 -90.13 17.50
CA TRP B 589 -37.83 -91.19 18.48
C TRP B 589 -37.06 -92.37 17.90
N TYR B 590 -35.77 -92.41 18.18
CA TYR B 590 -34.84 -93.34 17.57
C TYR B 590 -34.66 -94.56 18.48
N ASN B 591 -33.69 -95.41 18.14
CA ASN B 591 -33.35 -96.57 18.95
C ASN B 591 -32.13 -96.26 19.79
N PRO B 592 -32.28 -96.02 21.09
CA PRO B 592 -31.12 -95.68 21.93
C PRO B 592 -30.29 -96.88 22.37
N HIS B 593 -30.54 -98.05 21.82
CA HIS B 593 -29.83 -99.28 22.18
C HIS B 593 -29.15 -99.82 20.92
N PRO B 594 -27.97 -99.30 20.59
CA PRO B 594 -27.41 -99.54 19.26
C PRO B 594 -26.60 -100.82 19.13
N CYS B 595 -26.04 -101.30 20.23
CA CYS B 595 -25.18 -102.47 20.18
C CYS B 595 -25.98 -103.75 19.91
N ASN B 596 -27.27 -103.73 20.18
CA ASN B 596 -28.15 -104.86 19.89
C ASN B 596 -29.30 -104.41 18.99
N PRO B 597 -29.78 -105.28 18.06
CA PRO B 597 -30.57 -104.78 16.92
C PRO B 597 -31.94 -104.19 17.21
N ASP B 598 -32.83 -104.92 17.87
CA ASP B 598 -34.23 -104.51 17.87
C ASP B 598 -34.86 -104.65 19.25
N SER B 599 -34.14 -104.24 20.29
CA SER B 599 -34.75 -104.12 21.60
C SER B 599 -35.69 -102.93 21.60
N ASP B 600 -36.97 -103.17 21.89
CA ASP B 600 -37.99 -102.12 21.76
C ASP B 600 -37.93 -101.19 22.97
N VAL B 601 -36.96 -100.30 22.93
CA VAL B 601 -36.88 -99.15 23.83
C VAL B 601 -36.83 -97.91 22.97
N VAL B 602 -37.44 -96.83 23.44
CA VAL B 602 -37.56 -95.60 22.68
C VAL B 602 -37.22 -94.43 23.59
N GLU B 603 -36.58 -93.41 23.04
CA GLU B 603 -36.12 -92.27 23.84
C GLU B 603 -36.04 -91.03 22.98
N ASN B 604 -36.56 -89.92 23.52
CA ASN B 604 -36.25 -88.58 23.02
C ASN B 604 -35.21 -87.98 23.95
N ASN B 605 -33.99 -87.85 23.44
CA ASN B 605 -32.93 -87.20 24.19
C ASN B 605 -33.04 -85.69 24.22
N PHE B 606 -33.92 -85.10 23.40
CA PHE B 606 -34.18 -83.67 23.46
C PHE B 606 -35.21 -83.41 24.56
N THR B 607 -34.72 -83.42 25.80
CA THR B 607 -35.56 -83.14 26.94
C THR B 607 -35.72 -81.63 27.12
N LEU B 608 -36.29 -81.23 28.25
CA LEU B 608 -36.39 -79.81 28.54
C LEU B 608 -35.03 -79.24 28.94
N LEU B 609 -34.21 -80.04 29.62
CA LEU B 609 -32.90 -79.55 30.03
C LEU B 609 -31.94 -79.44 28.85
N ASN B 610 -31.91 -80.46 28.00
CA ASN B 610 -30.98 -80.46 26.88
C ASN B 610 -31.37 -79.50 25.78
N SER B 611 -32.63 -79.07 25.72
CA SER B 611 -33.01 -78.11 24.70
C SER B 611 -32.46 -76.73 25.01
N PHE B 612 -32.37 -76.35 26.29
CA PHE B 612 -31.58 -75.17 26.64
C PHE B 612 -30.10 -75.43 26.43
N TRP B 613 -29.68 -76.68 26.56
CA TRP B 613 -28.27 -76.99 26.37
C TRP B 613 -27.91 -77.01 24.90
N PHE B 614 -28.89 -77.18 24.01
CA PHE B 614 -28.61 -77.04 22.60
C PHE B 614 -28.61 -75.58 22.18
N GLY B 615 -29.50 -74.78 22.76
CA GLY B 615 -29.57 -73.38 22.39
C GLY B 615 -28.39 -72.58 22.88
N VAL B 616 -27.98 -72.83 24.12
CA VAL B 616 -26.80 -72.14 24.67
C VAL B 616 -25.54 -72.67 24.04
N GLY B 617 -25.46 -73.99 23.85
CA GLY B 617 -24.28 -74.57 23.21
C GLY B 617 -24.10 -74.12 21.78
N ALA B 618 -25.19 -73.77 21.11
CA ALA B 618 -25.07 -73.22 19.77
C ALA B 618 -24.79 -71.72 19.80
N LEU B 619 -25.31 -71.00 20.79
CA LEU B 619 -25.05 -69.56 20.87
C LEU B 619 -23.59 -69.27 21.11
N MET B 620 -22.92 -70.11 21.89
CA MET B 620 -21.50 -69.90 22.13
C MET B 620 -20.64 -70.59 21.10
N GLN B 621 -21.18 -70.86 19.91
CA GLN B 621 -20.44 -71.27 18.71
C GLN B 621 -19.75 -72.62 18.84
N GLN B 622 -20.05 -73.40 19.87
CA GLN B 622 -19.35 -74.65 20.06
C GLN B 622 -20.22 -75.87 19.83
N GLY B 623 -21.52 -75.76 19.95
CA GLY B 623 -22.40 -76.87 19.67
C GLY B 623 -22.45 -77.89 20.79
N SER B 624 -23.63 -78.46 20.98
CA SER B 624 -23.81 -79.51 21.98
C SER B 624 -23.37 -80.85 21.38
N GLU B 625 -23.67 -81.93 22.08
CA GLU B 625 -23.45 -83.27 21.59
C GLU B 625 -24.70 -83.84 20.96
N LEU B 626 -25.72 -83.01 20.75
CA LEU B 626 -27.04 -83.52 20.36
C LEU B 626 -27.10 -83.78 18.85
N MET B 627 -26.84 -82.74 18.05
CA MET B 627 -26.82 -82.78 16.59
C MET B 627 -28.12 -83.32 16.01
N PRO B 628 -29.17 -82.48 15.93
CA PRO B 628 -30.54 -82.91 15.60
C PRO B 628 -30.67 -83.79 14.37
N LYS B 629 -31.68 -84.65 14.38
CA LYS B 629 -31.58 -85.89 13.63
C LYS B 629 -32.69 -86.17 12.63
N ALA B 630 -33.76 -85.38 12.55
CA ALA B 630 -34.73 -85.82 11.56
C ALA B 630 -34.92 -84.88 10.38
N LEU B 631 -35.73 -83.84 10.53
CA LEU B 631 -35.71 -82.74 9.57
C LEU B 631 -36.12 -81.46 10.25
N SER B 632 -36.99 -81.58 11.25
CA SER B 632 -37.67 -80.40 11.76
C SER B 632 -36.91 -79.81 12.94
N THR B 633 -36.26 -80.64 13.74
CA THR B 633 -35.25 -80.15 14.66
C THR B 633 -33.98 -79.77 13.96
N ARG B 634 -33.78 -80.25 12.74
CA ARG B 634 -32.65 -79.83 11.93
C ARG B 634 -32.83 -78.45 11.34
N ILE B 635 -34.05 -78.11 10.91
CA ILE B 635 -34.32 -76.77 10.42
C ILE B 635 -34.25 -75.76 11.55
N VAL B 636 -34.78 -76.12 12.72
CA VAL B 636 -34.70 -75.25 13.89
C VAL B 636 -33.25 -75.06 14.30
N GLY B 637 -32.47 -76.14 14.32
CA GLY B 637 -31.08 -76.04 14.70
C GLY B 637 -30.24 -75.26 13.70
N GLY B 638 -30.51 -75.46 12.41
CA GLY B 638 -29.75 -74.74 11.40
C GLY B 638 -30.10 -73.28 11.29
N ILE B 639 -31.37 -72.93 11.42
CA ILE B 639 -31.71 -71.52 11.36
C ILE B 639 -31.28 -70.82 12.64
N TRP B 640 -31.27 -71.53 13.76
CA TRP B 640 -30.64 -70.97 14.95
C TRP B 640 -29.13 -70.84 14.77
N TRP B 641 -28.52 -71.69 13.96
CA TRP B 641 -27.10 -71.54 13.68
C TRP B 641 -26.82 -70.29 12.88
N PHE B 642 -27.54 -70.09 11.79
CA PHE B 642 -27.32 -68.90 10.99
C PHE B 642 -27.71 -67.64 11.74
N PHE B 643 -28.58 -67.76 12.74
CA PHE B 643 -28.77 -66.66 13.67
C PHE B 643 -27.49 -66.39 14.46
N THR B 644 -26.69 -67.42 14.73
CA THR B 644 -25.63 -67.24 15.70
C THR B 644 -24.41 -66.57 15.08
N LEU B 645 -24.17 -66.83 13.81
CA LEU B 645 -23.05 -66.19 13.15
C LEU B 645 -23.29 -64.71 12.98
N ILE B 646 -24.51 -64.34 12.58
CA ILE B 646 -24.82 -62.95 12.30
C ILE B 646 -24.73 -62.13 13.56
N ILE B 647 -25.03 -62.71 14.71
CA ILE B 647 -24.79 -62.01 15.96
C ILE B 647 -23.32 -61.88 16.26
N ILE B 648 -22.61 -63.01 16.31
CA ILE B 648 -21.20 -63.00 16.70
C ILE B 648 -20.35 -62.28 15.67
N SER B 649 -20.65 -62.45 14.40
CA SER B 649 -19.95 -61.62 13.43
C SER B 649 -20.43 -60.19 13.41
N SER B 650 -21.52 -59.85 14.08
CA SER B 650 -21.76 -58.44 14.32
C SER B 650 -21.02 -57.93 15.52
N TYR B 651 -20.98 -58.72 16.59
CA TYR B 651 -20.34 -58.26 17.81
C TYR B 651 -18.84 -58.16 17.65
N THR B 652 -18.25 -59.03 16.83
CA THR B 652 -16.84 -58.85 16.53
C THR B 652 -16.63 -57.63 15.65
N ALA B 653 -17.50 -57.44 14.66
CA ALA B 653 -17.36 -56.33 13.74
C ALA B 653 -17.58 -55.01 14.44
N ASN B 654 -18.59 -54.93 15.28
CA ASN B 654 -18.89 -53.67 15.90
C ASN B 654 -17.89 -53.32 16.99
N LEU B 655 -17.29 -54.32 17.62
CA LEU B 655 -16.31 -54.01 18.65
C LEU B 655 -15.03 -53.47 18.03
N ALA B 656 -14.66 -53.96 16.86
CA ALA B 656 -13.49 -53.40 16.18
C ALA B 656 -13.75 -51.98 15.72
N ALA B 657 -15.00 -51.61 15.53
CA ALA B 657 -15.29 -50.22 15.25
C ALA B 657 -15.05 -49.35 16.47
N PHE B 658 -15.43 -49.82 17.66
CA PHE B 658 -15.19 -49.01 18.85
C PHE B 658 -13.73 -48.95 19.21
N LEU B 659 -12.96 -49.94 18.84
CA LEU B 659 -11.58 -49.92 19.26
C LEU B 659 -10.68 -49.15 18.31
N THR B 660 -11.21 -48.63 17.21
CA THR B 660 -10.40 -47.80 16.36
C THR B 660 -10.99 -46.43 16.08
N VAL B 661 -12.27 -46.22 16.31
CA VAL B 661 -12.88 -44.90 16.18
C VAL B 661 -13.50 -44.59 17.54
N GLU B 662 -12.77 -43.84 18.36
CA GLU B 662 -13.18 -43.55 19.72
C GLU B 662 -13.88 -42.20 19.74
N ARG B 663 -15.18 -42.19 20.01
CA ARG B 663 -15.91 -40.95 20.22
C ARG B 663 -16.13 -40.80 21.72
N MET B 664 -15.30 -39.97 22.36
CA MET B 664 -15.44 -39.66 23.77
C MET B 664 -16.42 -38.50 23.92
N GLU B 665 -17.46 -38.69 24.72
CA GLU B 665 -18.47 -37.67 24.92
C GLU B 665 -18.60 -37.33 26.39
N SER B 666 -18.69 -36.04 26.69
CA SER B 666 -18.70 -35.54 28.04
C SER B 666 -20.04 -35.84 28.73
N PRO B 667 -20.05 -35.96 30.05
CA PRO B 667 -21.33 -36.10 30.77
C PRO B 667 -22.16 -34.85 30.75
N ILE B 668 -21.54 -33.69 30.59
CA ILE B 668 -22.23 -32.41 30.58
C ILE B 668 -22.05 -31.78 29.21
N ASP B 669 -23.11 -31.15 28.72
CA ASP B 669 -23.08 -30.51 27.40
C ASP B 669 -23.57 -29.08 27.43
N SER B 670 -24.15 -28.62 28.52
CA SER B 670 -24.58 -27.23 28.68
C SER B 670 -24.69 -26.96 30.16
N ALA B 671 -25.07 -25.73 30.50
CA ALA B 671 -25.32 -25.42 31.90
C ALA B 671 -26.57 -26.08 32.44
N ASP B 672 -27.50 -26.46 31.55
CA ASP B 672 -28.69 -27.18 31.96
C ASP B 672 -28.36 -28.56 32.48
N ASP B 673 -27.32 -29.18 31.95
CA ASP B 673 -26.87 -30.46 32.47
C ASP B 673 -26.16 -30.30 33.81
N LEU B 674 -25.62 -29.12 34.08
CA LEU B 674 -25.06 -28.86 35.40
C LEU B 674 -26.13 -28.64 36.45
N ALA B 675 -27.36 -28.35 36.02
CA ALA B 675 -28.42 -28.12 36.98
C ALA B 675 -28.83 -29.38 37.72
N LYS B 676 -28.61 -30.55 37.12
CA LYS B 676 -29.02 -31.81 37.71
C LYS B 676 -27.85 -32.60 38.27
N GLN B 677 -26.70 -32.55 37.61
CA GLN B 677 -25.52 -33.27 38.06
C GLN B 677 -24.95 -32.61 39.30
N THR B 678 -25.35 -33.09 40.47
CA THR B 678 -24.77 -32.60 41.70
C THR B 678 -23.40 -33.21 41.95
N LYS B 679 -23.10 -34.32 41.27
CA LYS B 679 -21.79 -34.95 41.37
C LYS B 679 -20.70 -34.06 40.77
N ILE B 680 -21.01 -33.39 39.66
CA ILE B 680 -20.11 -32.39 39.13
C ILE B 680 -20.43 -31.06 39.79
N GLU B 681 -19.45 -30.48 40.46
CA GLU B 681 -19.67 -29.28 41.24
C GLU B 681 -19.38 -28.03 40.42
N TYR B 682 -20.01 -26.93 40.82
CA TYR B 682 -19.84 -25.66 40.13
C TYR B 682 -18.56 -24.99 40.59
N GLY B 683 -18.38 -23.74 40.19
CA GLY B 683 -17.27 -22.94 40.68
C GLY B 683 -17.11 -21.63 39.96
N ALA B 684 -16.86 -20.56 40.72
CA ALA B 684 -16.59 -19.27 40.12
C ALA B 684 -15.64 -18.49 41.02
N VAL B 685 -15.06 -17.43 40.46
CA VAL B 685 -14.19 -16.55 41.23
C VAL B 685 -15.04 -15.78 42.24
N GLU B 686 -14.52 -15.67 43.46
CA GLU B 686 -15.22 -14.95 44.52
C GLU B 686 -15.38 -13.47 44.16
N ASP B 687 -16.63 -13.01 44.21
CA ASP B 687 -17.00 -11.60 44.08
C ASP B 687 -16.64 -11.04 42.70
N GLY B 688 -16.67 -11.91 41.69
CA GLY B 688 -16.42 -11.49 40.33
C GLY B 688 -17.71 -11.18 39.60
N ALA B 689 -17.56 -10.73 38.36
CA ALA B 689 -18.71 -10.42 37.52
C ALA B 689 -19.48 -11.65 37.12
N THR B 690 -18.81 -12.80 37.04
CA THR B 690 -19.49 -14.06 36.80
C THR B 690 -20.37 -14.43 38.00
N MET B 691 -19.80 -14.37 39.20
CA MET B 691 -20.56 -14.55 40.43
C MET B 691 -21.65 -13.50 40.57
N THR B 692 -21.40 -12.30 40.07
CA THR B 692 -22.40 -11.24 40.11
C THR B 692 -23.60 -11.59 39.26
N PHE B 693 -23.38 -12.28 38.14
CA PHE B 693 -24.47 -12.49 37.19
C PHE B 693 -25.46 -13.51 37.71
N PHE B 694 -24.99 -14.54 38.42
CA PHE B 694 -25.91 -15.52 38.95
C PHE B 694 -26.64 -15.04 40.18
N LYS B 695 -26.02 -14.14 40.95
CA LYS B 695 -26.69 -13.59 42.12
C LYS B 695 -27.84 -12.69 41.71
N LYS B 696 -27.64 -11.86 40.70
CA LYS B 696 -28.71 -11.00 40.22
C LYS B 696 -29.57 -11.66 39.16
N SER B 697 -29.37 -12.95 38.90
CA SER B 697 -30.09 -13.60 37.81
C SER B 697 -31.56 -13.79 38.16
N LYS B 698 -32.32 -14.15 37.15
CA LYS B 698 -33.72 -14.46 37.32
C LYS B 698 -34.11 -15.73 36.58
N ILE B 699 -33.26 -16.23 35.68
CA ILE B 699 -33.59 -17.41 34.90
C ILE B 699 -33.51 -18.65 35.79
N SER B 700 -34.47 -19.56 35.60
CA SER B 700 -34.72 -20.64 36.55
C SER B 700 -33.56 -21.61 36.66
N THR B 701 -32.84 -21.81 35.57
CA THR B 701 -31.63 -22.61 35.62
C THR B 701 -30.58 -21.96 36.50
N TYR B 702 -30.37 -20.66 36.30
CA TYR B 702 -29.31 -19.95 36.98
C TYR B 702 -29.65 -19.71 38.43
N ASP B 703 -30.93 -19.71 38.78
CA ASP B 703 -31.33 -19.63 40.17
C ASP B 703 -30.94 -20.89 40.91
N LYS B 704 -31.23 -22.04 40.30
CA LYS B 704 -30.80 -23.31 40.88
C LYS B 704 -29.29 -23.43 40.87
N MET B 705 -28.63 -22.87 39.86
CA MET B 705 -27.18 -22.83 39.85
C MET B 705 -26.62 -21.87 40.89
N TRP B 706 -27.35 -20.82 41.23
CA TRP B 706 -26.86 -19.92 42.25
C TRP B 706 -27.16 -20.44 43.65
N ALA B 707 -28.30 -21.12 43.82
CA ALA B 707 -28.72 -21.56 45.14
C ALA B 707 -27.78 -22.62 45.71
N PHE B 708 -27.17 -23.42 44.85
CA PHE B 708 -26.12 -24.32 45.32
C PHE B 708 -24.88 -23.54 45.70
N MET B 709 -24.42 -22.68 44.79
CA MET B 709 -23.18 -21.95 45.00
C MET B 709 -23.30 -20.92 46.11
N SER B 710 -24.51 -20.41 46.36
CA SER B 710 -24.71 -19.61 47.55
C SER B 710 -24.61 -20.46 48.80
N SER B 711 -25.28 -21.61 48.81
CA SER B 711 -25.28 -22.46 50.00
C SER B 711 -24.19 -23.52 49.94
N ARG B 712 -22.97 -23.08 49.59
CA ARG B 712 -21.74 -23.84 49.71
C ARG B 712 -20.60 -22.88 49.50
N ARG B 713 -19.55 -23.01 50.31
CA ARG B 713 -18.42 -22.11 50.21
C ARG B 713 -17.18 -22.86 50.68
N GLN B 714 -16.03 -22.47 50.09
CA GLN B 714 -14.66 -22.94 50.29
C GLN B 714 -14.44 -24.32 49.67
N SER B 715 -15.51 -24.97 49.25
CA SER B 715 -15.48 -26.11 48.36
C SER B 715 -16.09 -25.79 47.01
N VAL B 716 -17.18 -25.02 46.98
CA VAL B 716 -17.59 -24.37 45.74
C VAL B 716 -17.69 -22.87 46.01
N LEU B 717 -16.53 -22.20 45.93
CA LEU B 717 -16.24 -20.85 45.44
C LEU B 717 -14.73 -20.67 45.43
N VAL B 718 -14.15 -20.26 44.31
CA VAL B 718 -12.71 -20.06 44.31
C VAL B 718 -12.41 -18.59 44.55
N LYS B 719 -11.19 -18.31 44.97
CA LYS B 719 -10.70 -16.96 45.22
C LYS B 719 -10.20 -16.29 43.95
N SER B 720 -9.45 -17.02 43.12
CA SER B 720 -8.95 -16.50 41.86
C SER B 720 -9.06 -17.59 40.81
N ASN B 721 -9.15 -17.17 39.54
CA ASN B 721 -9.38 -18.13 38.46
C ASN B 721 -8.20 -19.05 38.21
N GLU B 722 -6.98 -18.59 38.49
CA GLU B 722 -5.81 -19.43 38.34
C GLU B 722 -5.81 -20.58 39.33
N GLU B 723 -6.37 -20.35 40.51
CA GLU B 723 -6.57 -21.43 41.46
C GLU B 723 -7.64 -22.41 40.99
N GLY B 724 -8.70 -21.92 40.35
CA GLY B 724 -9.76 -22.81 39.89
C GLY B 724 -9.37 -23.65 38.70
N ILE B 725 -8.43 -23.15 37.89
CA ILE B 725 -7.81 -23.94 36.83
C ILE B 725 -7.17 -25.19 37.40
N GLN B 726 -6.48 -25.05 38.53
CA GLN B 726 -5.94 -26.22 39.21
C GLN B 726 -7.06 -27.10 39.75
N ARG B 727 -8.20 -26.52 40.12
CA ARG B 727 -9.25 -27.32 40.70
C ARG B 727 -10.03 -28.13 39.67
N VAL B 728 -10.18 -27.62 38.45
CA VAL B 728 -10.69 -28.47 37.38
C VAL B 728 -9.66 -29.54 37.04
N LEU B 729 -8.39 -29.14 37.01
CA LEU B 729 -7.32 -30.04 36.63
C LEU B 729 -7.16 -31.16 37.66
N THR B 730 -7.29 -30.85 38.93
CA THR B 730 -7.18 -31.87 39.97
C THR B 730 -8.51 -32.58 40.20
N SER B 731 -9.52 -31.85 40.64
CA SER B 731 -10.75 -32.47 41.11
C SER B 731 -11.80 -32.50 40.00
N ASP B 732 -12.96 -33.10 40.28
CA ASP B 732 -14.13 -33.04 39.41
C ASP B 732 -14.82 -31.72 39.74
N TYR B 733 -14.62 -30.74 38.86
CA TYR B 733 -14.92 -29.36 39.19
C TYR B 733 -15.19 -28.63 37.89
N ALA B 734 -16.33 -27.97 37.81
CA ALA B 734 -16.73 -27.25 36.61
C ALA B 734 -16.69 -25.77 36.92
N PHE B 735 -15.87 -25.02 36.19
CA PHE B 735 -15.53 -23.68 36.60
C PHE B 735 -16.18 -22.65 35.68
N LEU B 736 -16.89 -21.70 36.28
CA LEU B 736 -17.58 -20.65 35.55
C LEU B 736 -16.68 -19.42 35.51
N MET B 737 -16.38 -18.95 34.30
CA MET B 737 -15.56 -17.78 34.15
C MET B 737 -15.89 -17.11 32.82
N GLU B 738 -15.10 -16.11 32.47
CA GLU B 738 -15.28 -15.36 31.23
C GLU B 738 -14.99 -16.25 30.03
N SER B 739 -15.55 -15.86 28.87
CA SER B 739 -15.39 -16.66 27.67
C SER B 739 -13.97 -16.63 27.14
N THR B 740 -13.50 -15.46 26.72
CA THR B 740 -12.21 -15.40 26.03
C THR B 740 -11.03 -15.63 26.95
N THR B 741 -11.25 -15.72 28.25
CA THR B 741 -10.21 -16.26 29.09
C THR B 741 -10.05 -17.76 28.86
N ILE B 742 -11.15 -18.46 28.55
CA ILE B 742 -11.09 -19.92 28.42
C ILE B 742 -10.31 -20.32 27.17
N GLU B 743 -10.57 -19.66 26.03
CA GLU B 743 -9.85 -20.00 24.81
C GLU B 743 -8.38 -19.67 24.87
N PHE B 744 -7.94 -18.83 25.80
CA PHE B 744 -6.50 -18.77 25.99
C PHE B 744 -6.02 -19.97 26.78
N VAL B 745 -6.82 -20.43 27.74
CA VAL B 745 -6.39 -21.52 28.59
C VAL B 745 -6.54 -22.86 27.87
N THR B 746 -7.65 -23.02 27.14
CA THR B 746 -7.93 -24.28 26.46
C THR B 746 -6.91 -24.57 25.36
N GLN B 747 -6.46 -23.53 24.67
CA GLN B 747 -5.57 -23.71 23.53
C GLN B 747 -4.20 -24.20 23.95
N ARG B 748 -3.79 -23.91 25.19
CA ARG B 748 -2.47 -24.30 25.68
C ARG B 748 -2.55 -25.22 26.89
N ASN B 749 -3.69 -25.87 27.11
CA ASN B 749 -3.80 -26.90 28.14
C ASN B 749 -4.78 -27.92 27.61
N CYS B 750 -4.27 -28.93 26.89
CA CYS B 750 -5.10 -29.69 25.98
C CYS B 750 -5.85 -30.83 26.63
N ASN B 751 -6.02 -30.82 27.94
CA ASN B 751 -7.06 -31.62 28.54
C ASN B 751 -7.99 -30.77 29.40
N LEU B 752 -8.23 -29.54 28.96
CA LEU B 752 -9.33 -28.71 29.40
C LEU B 752 -10.19 -28.39 28.20
N THR B 753 -11.50 -28.43 28.38
CA THR B 753 -12.38 -28.11 27.27
C THR B 753 -13.47 -27.15 27.73
N GLN B 754 -14.08 -26.53 26.72
CA GLN B 754 -15.15 -25.56 26.92
C GLN B 754 -16.44 -26.22 26.50
N ILE B 755 -17.24 -26.64 27.47
CA ILE B 755 -18.52 -27.24 27.18
C ILE B 755 -19.58 -26.16 27.26
N GLY B 756 -20.63 -26.31 26.47
CA GLY B 756 -21.68 -25.32 26.45
C GLY B 756 -21.33 -24.13 25.58
N GLY B 757 -21.85 -22.96 25.92
CA GLY B 757 -21.59 -21.78 25.12
C GLY B 757 -21.47 -20.53 25.95
N LEU B 758 -21.70 -19.38 25.33
CA LEU B 758 -21.69 -18.13 26.08
C LEU B 758 -22.97 -18.02 26.88
N ILE B 759 -22.83 -17.78 28.18
CA ILE B 759 -24.00 -17.52 29.01
C ILE B 759 -24.31 -16.04 28.93
N ASP B 760 -23.36 -15.21 29.37
CA ASP B 760 -23.56 -13.78 29.29
C ASP B 760 -23.12 -13.29 27.92
N SER B 761 -23.29 -12.00 27.65
CA SER B 761 -22.85 -11.43 26.39
C SER B 761 -22.46 -9.98 26.66
N LYS B 762 -21.18 -9.74 26.87
CA LYS B 762 -20.68 -8.41 27.18
C LYS B 762 -19.43 -8.16 26.35
N GLY B 763 -18.83 -6.99 26.54
CA GLY B 763 -17.72 -6.60 25.68
C GLY B 763 -16.69 -5.76 26.38
N TYR B 764 -15.48 -5.87 25.87
CA TYR B 764 -14.40 -5.00 26.28
C TYR B 764 -14.43 -3.77 25.36
N GLY B 765 -14.33 -2.60 25.96
CA GLY B 765 -14.38 -1.35 25.21
C GLY B 765 -13.23 -0.43 25.59
N VAL B 766 -12.83 0.42 24.64
CA VAL B 766 -11.74 1.35 24.88
C VAL B 766 -12.24 2.41 25.85
N GLY B 767 -11.55 2.56 26.98
CA GLY B 767 -11.94 3.54 27.95
C GLY B 767 -11.48 4.93 27.58
N THR B 768 -12.42 5.87 27.68
CA THR B 768 -12.21 7.29 27.47
C THR B 768 -12.77 8.01 28.68
N PRO B 769 -12.23 9.18 29.04
CA PRO B 769 -12.79 9.91 30.18
C PRO B 769 -14.15 10.49 29.81
N MET B 770 -14.85 10.96 30.85
CA MET B 770 -16.26 11.32 30.71
C MET B 770 -16.40 12.56 29.84
N GLY B 771 -16.60 12.34 28.54
CA GLY B 771 -16.57 13.41 27.58
C GLY B 771 -15.19 13.54 27.00
N SER B 772 -15.02 13.08 25.76
CA SER B 772 -13.76 13.23 25.06
C SER B 772 -14.04 13.13 23.57
N PRO B 773 -13.28 13.82 22.73
CA PRO B 773 -13.39 13.59 21.28
C PRO B 773 -12.72 12.32 20.82
N TYR B 774 -11.91 11.68 21.66
CA TYR B 774 -11.27 10.43 21.28
C TYR B 774 -12.19 9.23 21.39
N ARG B 775 -13.39 9.39 21.96
CA ARG B 775 -14.33 8.28 21.96
C ARG B 775 -14.85 8.01 20.56
N ASP B 776 -15.18 9.06 19.82
CA ASP B 776 -15.82 8.86 18.53
C ASP B 776 -14.84 8.43 17.46
N LYS B 777 -13.66 9.04 17.40
CA LYS B 777 -12.70 8.72 16.36
C LYS B 777 -12.11 7.31 16.50
N ILE B 778 -11.91 6.85 17.73
CA ILE B 778 -11.48 5.48 17.93
C ILE B 778 -12.57 4.49 17.54
N THR B 779 -13.82 4.86 17.77
CA THR B 779 -14.95 4.01 17.41
C THR B 779 -15.03 3.78 15.89
N ILE B 780 -14.81 4.82 15.09
CA ILE B 780 -14.64 4.62 13.65
C ILE B 780 -13.41 3.78 13.37
N ALA B 781 -12.32 4.02 14.11
CA ALA B 781 -11.06 3.34 13.87
C ALA B 781 -11.10 1.88 14.30
N ILE B 782 -11.91 1.56 15.30
CA ILE B 782 -12.08 0.15 15.66
C ILE B 782 -12.84 -0.58 14.56
N LEU B 783 -13.84 0.06 13.95
CA LEU B 783 -14.55 -0.58 12.86
C LEU B 783 -13.72 -0.68 11.58
N GLN B 784 -12.62 0.07 11.49
CA GLN B 784 -11.74 -0.09 10.35
C GLN B 784 -10.96 -1.41 10.43
N LEU B 785 -10.43 -1.73 11.61
CA LEU B 785 -9.66 -2.95 11.78
C LEU B 785 -10.51 -4.20 11.63
N GLN B 786 -11.79 -4.11 11.95
CA GLN B 786 -12.66 -5.27 11.91
C GLN B 786 -13.18 -5.53 10.52
N GLU B 787 -13.53 -4.48 9.77
CA GLU B 787 -14.04 -4.72 8.43
C GLU B 787 -12.92 -5.03 7.44
N GLU B 788 -11.74 -4.49 7.66
CA GLU B 788 -10.59 -4.92 6.88
C GLU B 788 -10.09 -6.29 7.33
N GLY B 789 -10.42 -6.71 8.54
CA GLY B 789 -10.05 -8.02 9.02
C GLY B 789 -8.81 -8.06 9.90
N LYS B 790 -8.15 -6.91 10.10
CA LYS B 790 -6.96 -6.86 10.94
C LYS B 790 -7.29 -7.15 12.40
N LEU B 791 -8.48 -6.81 12.84
CA LEU B 791 -8.90 -7.08 14.20
C LEU B 791 -9.04 -8.56 14.48
N HIS B 792 -9.44 -9.34 13.47
CA HIS B 792 -9.59 -10.77 13.67
C HIS B 792 -8.26 -11.48 13.70
N MET B 793 -7.32 -11.08 12.84
CA MET B 793 -6.04 -11.77 12.75
C MET B 793 -5.19 -11.57 13.99
N MET B 794 -5.43 -10.51 14.75
CA MET B 794 -4.74 -10.34 16.02
C MET B 794 -5.22 -11.34 17.04
N LYS B 795 -6.48 -11.72 16.95
CA LYS B 795 -7.00 -12.77 17.82
C LYS B 795 -6.38 -14.10 17.47
N GLU B 796 -6.21 -14.34 16.19
CA GLU B 796 -5.68 -15.62 15.70
C GLU B 796 -4.21 -15.81 16.01
N LYS B 797 -3.49 -14.74 16.37
CA LYS B 797 -2.08 -14.89 16.70
C LYS B 797 -1.80 -14.84 18.19
N TRP B 798 -2.72 -14.33 19.00
CA TRP B 798 -2.44 -14.24 20.43
C TRP B 798 -3.19 -15.25 21.26
N TRP B 799 -4.23 -15.89 20.74
CA TRP B 799 -4.82 -17.00 21.48
C TRP B 799 -4.39 -18.35 20.96
N ARG B 800 -4.02 -18.48 19.70
CA ARG B 800 -3.55 -19.76 19.20
C ARG B 800 -2.18 -20.09 19.77
N GLY B 801 -1.97 -21.37 20.01
CA GLY B 801 -0.74 -21.86 20.61
C GLY B 801 -0.22 -23.08 19.90
N ASN B 802 -0.06 -24.16 20.65
CA ASN B 802 0.54 -25.38 20.11
C ASN B 802 -0.40 -26.05 19.11
N GLY B 803 -1.62 -26.35 19.53
CA GLY B 803 -2.59 -26.91 18.61
C GLY B 803 -3.05 -28.29 18.99
N CYS B 804 -2.09 -29.14 19.46
CA CYS B 804 -2.22 -30.51 19.96
C CYS B 804 -3.16 -31.39 19.13
N PRO B 805 -2.75 -31.82 17.95
CA PRO B 805 -3.65 -32.64 17.14
C PRO B 805 -3.70 -34.09 17.56
N GLU B 806 -4.34 -34.39 18.69
CA GLU B 806 -4.61 -35.78 19.06
C GLU B 806 -5.89 -36.30 18.46
N GLU B 807 -6.45 -35.60 17.47
CA GLU B 807 -7.54 -36.17 16.70
C GLU B 807 -7.08 -37.35 15.85
N GLU B 808 -5.79 -37.38 15.50
CA GLU B 808 -5.23 -38.57 14.89
C GLU B 808 -5.28 -39.73 15.87
N SER B 809 -5.97 -40.79 15.47
CA SER B 809 -6.22 -41.91 16.36
C SER B 809 -4.92 -42.66 16.62
N LYS B 810 -4.60 -42.83 17.89
CA LYS B 810 -3.41 -43.55 18.27
C LYS B 810 -3.66 -45.04 18.17
N GLU B 811 -2.65 -45.82 18.54
CA GLU B 811 -2.83 -47.27 18.60
C GLU B 811 -3.78 -47.61 19.73
N ALA B 812 -4.45 -48.73 19.58
CA ALA B 812 -5.64 -49.11 20.31
C ALA B 812 -5.46 -49.28 21.80
N SER B 813 -4.26 -49.15 22.36
CA SER B 813 -4.06 -49.11 23.81
C SER B 813 -4.59 -50.39 24.45
N ALA B 814 -3.84 -51.47 24.19
CA ALA B 814 -4.15 -52.89 24.45
C ALA B 814 -4.96 -53.16 25.70
N LEU B 815 -6.04 -53.91 25.53
CA LEU B 815 -7.12 -54.03 26.52
C LEU B 815 -6.64 -54.55 27.87
N GLY B 816 -6.81 -53.72 28.89
CA GLY B 816 -6.54 -54.09 30.25
C GLY B 816 -7.80 -54.30 31.04
N VAL B 817 -7.64 -54.44 32.36
CA VAL B 817 -8.74 -54.76 33.25
C VAL B 817 -9.74 -53.64 33.40
N GLN B 818 -9.40 -52.44 32.95
CA GLN B 818 -10.33 -51.33 32.90
C GLN B 818 -11.22 -51.39 31.68
N ASN B 819 -10.94 -52.29 30.74
CA ASN B 819 -11.58 -52.28 29.45
C ASN B 819 -12.55 -53.44 29.29
N ILE B 820 -12.07 -54.67 29.46
CA ILE B 820 -12.97 -55.82 29.51
C ILE B 820 -13.51 -56.02 30.91
N GLY B 821 -12.65 -56.40 31.85
CA GLY B 821 -12.90 -56.21 33.26
C GLY B 821 -14.01 -57.01 33.89
N GLY B 822 -15.24 -56.77 33.40
CA GLY B 822 -16.44 -57.35 33.97
C GLY B 822 -16.66 -58.79 33.67
N ILE B 823 -15.86 -59.37 32.77
CA ILE B 823 -16.01 -60.79 32.50
C ILE B 823 -15.44 -61.65 33.60
N PHE B 824 -14.46 -61.16 34.35
CA PHE B 824 -13.95 -61.91 35.49
C PHE B 824 -14.92 -61.88 36.65
N ILE B 825 -15.72 -60.82 36.73
CA ILE B 825 -16.80 -60.77 37.71
C ILE B 825 -17.89 -61.76 37.34
N VAL B 826 -18.32 -61.75 36.08
CA VAL B 826 -19.41 -62.66 35.69
C VAL B 826 -18.93 -64.09 35.55
N LEU B 827 -17.62 -64.32 35.48
CA LEU B 827 -17.13 -65.69 35.54
C LEU B 827 -17.30 -66.25 36.94
N ALA B 828 -16.79 -65.52 37.94
CA ALA B 828 -16.95 -65.92 39.34
C ALA B 828 -18.40 -65.90 39.76
N ALA B 829 -19.21 -65.04 39.13
CA ALA B 829 -20.65 -65.07 39.38
C ALA B 829 -21.29 -66.34 38.84
N GLY B 830 -20.69 -66.96 37.83
CA GLY B 830 -21.18 -68.24 37.36
C GLY B 830 -20.61 -69.36 38.19
N LEU B 831 -19.43 -69.13 38.76
CA LEU B 831 -18.81 -70.14 39.60
C LEU B 831 -19.50 -70.31 40.94
N VAL B 832 -19.92 -69.22 41.58
CA VAL B 832 -20.56 -69.33 42.88
C VAL B 832 -21.97 -69.88 42.74
N LEU B 833 -22.67 -69.45 41.67
CA LEU B 833 -24.04 -69.89 41.45
C LEU B 833 -24.12 -71.38 41.14
N SER B 834 -23.09 -71.94 40.51
CA SER B 834 -23.12 -73.36 40.20
C SER B 834 -22.90 -74.23 41.44
N VAL B 835 -22.15 -73.74 42.42
CA VAL B 835 -21.90 -74.51 43.63
C VAL B 835 -23.19 -74.61 44.47
N PHE B 836 -24.01 -73.57 44.45
CA PHE B 836 -25.29 -73.61 45.15
C PHE B 836 -26.24 -74.60 44.50
N VAL B 837 -26.18 -74.72 43.18
CA VAL B 837 -26.96 -75.75 42.51
C VAL B 837 -26.31 -77.12 42.74
N ALA B 838 -24.98 -77.16 42.89
CA ALA B 838 -24.28 -78.41 43.15
C ALA B 838 -24.65 -78.99 44.51
N VAL B 839 -24.80 -78.14 45.52
CA VAL B 839 -25.33 -78.61 46.80
C VAL B 839 -26.85 -78.64 46.78
N GLY B 840 -27.48 -77.95 45.81
CA GLY B 840 -28.92 -77.98 45.73
C GLY B 840 -29.45 -79.30 45.22
N GLU B 841 -28.92 -79.77 44.09
CA GLU B 841 -29.34 -81.04 43.54
C GLU B 841 -28.74 -82.23 44.28
N PHE B 842 -27.77 -82.00 45.16
CA PHE B 842 -27.25 -83.08 45.99
C PHE B 842 -28.24 -83.45 47.10
N LEU B 843 -28.94 -82.46 47.64
CA LEU B 843 -30.00 -82.74 48.59
C LEU B 843 -31.23 -83.31 47.92
N TYR B 844 -31.44 -82.97 46.64
CA TYR B 844 -32.55 -83.57 45.90
C TYR B 844 -32.31 -85.05 45.64
N LYS B 845 -31.05 -85.47 45.55
CA LYS B 845 -30.79 -86.89 45.33
C LYS B 845 -30.75 -87.67 46.62
N SER B 846 -30.21 -87.09 47.70
CA SER B 846 -30.18 -87.78 48.98
C SER B 846 -31.58 -87.93 49.57
N LYS B 847 -32.47 -86.96 49.32
CA LYS B 847 -33.87 -87.13 49.70
C LYS B 847 -34.55 -88.15 48.81
N LYS B 848 -34.19 -88.20 47.53
CA LYS B 848 -34.73 -89.22 46.63
C LYS B 848 -34.21 -90.59 46.99
N ASN B 849 -32.95 -90.67 47.46
CA ASN B 849 -32.41 -91.95 47.89
C ASN B 849 -32.95 -92.39 49.25
N ALA B 850 -33.39 -91.45 50.08
CA ALA B 850 -33.94 -91.80 51.39
C ALA B 850 -35.43 -92.10 51.30
N THR C 33 -34.43 82.41 34.78
CA THR C 33 -35.32 81.51 34.06
C THR C 33 -34.89 81.40 32.61
N HIS C 34 -34.63 80.19 32.16
CA HIS C 34 -34.14 79.94 30.81
C HIS C 34 -35.14 79.09 30.04
N VAL C 35 -35.13 79.26 28.72
CA VAL C 35 -36.04 78.56 27.83
C VAL C 35 -35.20 77.84 26.76
N LEU C 36 -34.87 76.59 27.04
CA LEU C 36 -34.06 75.80 26.11
C LEU C 36 -34.96 74.93 25.26
N ARG C 37 -34.69 74.94 23.95
CA ARG C 37 -35.55 74.30 22.96
C ARG C 37 -34.76 73.18 22.30
N PHE C 38 -34.96 71.94 22.76
CA PHE C 38 -34.38 70.79 22.08
C PHE C 38 -35.26 70.39 20.91
N GLY C 39 -34.73 70.49 19.70
CA GLY C 39 -35.46 70.05 18.54
C GLY C 39 -35.56 68.54 18.50
N GLY C 40 -36.56 68.08 17.75
CA GLY C 40 -36.79 66.67 17.59
C GLY C 40 -37.40 66.38 16.24
N ILE C 41 -36.92 65.34 15.58
CA ILE C 41 -37.38 64.97 14.24
C ILE C 41 -37.77 63.50 14.31
N PHE C 42 -39.06 63.22 14.22
CA PHE C 42 -39.54 61.87 14.44
C PHE C 42 -40.35 61.36 13.25
N GLU C 43 -40.91 60.19 13.42
CA GLU C 43 -41.68 59.54 12.37
C GLU C 43 -43.07 60.15 12.29
N TYR C 44 -43.56 60.34 11.06
CA TYR C 44 -44.94 60.72 10.84
C TYR C 44 -45.78 59.45 10.67
N VAL C 45 -46.59 59.17 11.68
CA VAL C 45 -47.58 58.09 11.61
C VAL C 45 -48.94 58.73 11.42
N GLU C 46 -49.83 58.02 10.75
CA GLU C 46 -51.16 58.56 10.46
C GLU C 46 -52.24 57.99 11.34
N SER C 47 -52.16 56.71 11.70
CA SER C 47 -53.23 56.03 12.39
C SER C 47 -53.01 55.95 13.90
N GLY C 48 -51.90 55.35 14.32
CA GLY C 48 -51.66 55.12 15.73
C GLY C 48 -51.13 56.35 16.45
N PRO C 49 -50.70 56.17 17.70
CA PRO C 49 -50.09 57.26 18.45
C PRO C 49 -48.67 57.52 17.98
N MET C 50 -48.03 58.50 18.64
CA MET C 50 -46.69 58.94 18.28
C MET C 50 -45.66 57.85 18.51
N GLY C 51 -44.50 58.01 17.89
CA GLY C 51 -43.45 57.00 17.95
C GLY C 51 -42.88 56.83 19.34
N ALA C 52 -42.28 55.65 19.55
CA ALA C 52 -41.77 55.27 20.85
C ALA C 52 -40.59 56.15 21.26
N GLU C 53 -39.77 56.54 20.30
CA GLU C 53 -38.77 57.56 20.58
C GLU C 53 -39.41 58.89 20.88
N GLU C 54 -40.48 59.24 20.17
CA GLU C 54 -41.16 60.51 20.42
C GLU C 54 -41.88 60.47 21.76
N LEU C 55 -42.35 59.30 22.17
CA LEU C 55 -42.90 59.14 23.51
C LEU C 55 -41.82 59.31 24.56
N ALA C 56 -40.67 58.65 24.38
CA ALA C 56 -39.60 58.77 25.35
C ALA C 56 -38.94 60.13 25.32
N PHE C 57 -39.00 60.83 24.19
CA PHE C 57 -38.49 62.20 24.15
C PHE C 57 -39.41 63.13 24.92
N ARG C 58 -40.73 62.94 24.79
CA ARG C 58 -41.67 63.70 25.61
C ARG C 58 -41.61 63.25 27.06
N PHE C 59 -41.31 61.98 27.30
CA PHE C 59 -41.19 61.50 28.66
C PHE C 59 -39.96 62.04 29.36
N ALA C 60 -38.86 62.25 28.61
CA ALA C 60 -37.62 62.71 29.22
C ALA C 60 -37.62 64.21 29.47
N VAL C 61 -38.18 65.00 28.54
CA VAL C 61 -38.28 66.43 28.73
C VAL C 61 -39.20 66.74 29.91
N ASN C 62 -40.21 65.91 30.11
CA ASN C 62 -41.07 66.05 31.27
C ASN C 62 -40.38 65.54 32.54
N THR C 63 -39.28 64.81 32.43
CA THR C 63 -38.65 64.27 33.62
C THR C 63 -37.71 65.28 34.27
N ILE C 64 -36.84 65.90 33.47
CA ILE C 64 -35.89 66.89 34.00
C ILE C 64 -36.62 68.17 34.41
N ASN C 65 -37.59 68.62 33.63
CA ASN C 65 -38.33 69.83 33.96
C ASN C 65 -39.19 69.64 35.21
N ARG C 66 -39.51 68.40 35.58
CA ARG C 66 -40.06 68.18 36.90
C ARG C 66 -39.00 68.31 37.99
N ASN C 67 -37.77 67.91 37.69
CA ASN C 67 -36.78 67.79 38.76
C ASN C 67 -36.02 69.10 38.94
N ARG C 68 -35.48 69.28 40.14
CA ARG C 68 -34.88 70.54 40.56
C ARG C 68 -33.37 70.51 40.72
N THR C 69 -32.82 69.37 41.15
CA THR C 69 -31.37 69.26 41.28
C THR C 69 -30.69 69.31 39.92
N LEU C 70 -31.09 68.44 39.01
CA LEU C 70 -30.61 68.52 37.63
C LEU C 70 -31.36 69.64 36.93
N LEU C 71 -30.61 70.64 36.45
CA LEU C 71 -31.08 71.87 35.85
C LEU C 71 -32.05 72.65 36.73
N PRO C 72 -31.58 73.31 37.79
CA PRO C 72 -32.46 74.25 38.48
C PRO C 72 -32.68 75.49 37.62
N ASN C 73 -33.88 76.05 37.74
CA ASN C 73 -34.31 77.33 37.18
C ASN C 73 -34.33 77.39 35.65
N THR C 74 -34.15 76.29 34.94
CA THR C 74 -34.23 76.28 33.49
C THR C 74 -35.39 75.40 33.03
N THR C 75 -35.90 75.70 31.84
CA THR C 75 -37.11 75.07 31.32
C THR C 75 -36.80 74.47 29.94
N LEU C 76 -36.86 73.16 29.85
CA LEU C 76 -36.68 72.51 28.55
C LEU C 76 -38.02 72.45 27.83
N THR C 77 -38.07 73.05 26.65
CA THR C 77 -39.18 72.88 25.73
C THR C 77 -38.70 72.18 24.47
N TYR C 78 -39.62 71.83 23.59
CA TYR C 78 -39.29 71.07 22.41
C TYR C 78 -40.04 71.57 21.19
N ASP C 79 -39.55 71.17 20.03
CA ASP C 79 -40.07 71.60 18.73
C ASP C 79 -40.20 70.39 17.81
N THR C 80 -40.89 69.35 18.29
CA THR C 80 -40.94 68.08 17.58
C THR C 80 -41.65 68.17 16.24
N GLN C 81 -40.96 67.71 15.20
CA GLN C 81 -41.50 67.58 13.86
C GLN C 81 -41.60 66.10 13.50
N LYS C 82 -42.40 65.81 12.49
CA LYS C 82 -42.59 64.45 12.00
C LYS C 82 -42.28 64.39 10.52
N ILE C 83 -41.49 63.38 10.12
CA ILE C 83 -41.05 63.22 8.74
C ILE C 83 -41.41 61.82 8.26
N ASN C 84 -41.08 61.56 7.00
CA ASN C 84 -41.37 60.30 6.34
C ASN C 84 -40.28 59.26 6.57
N LEU C 85 -39.12 59.67 7.12
CA LEU C 85 -37.93 58.88 7.44
C LEU C 85 -37.20 58.34 6.21
N TYR C 86 -37.70 58.64 5.02
CA TYR C 86 -37.04 58.28 3.78
C TYR C 86 -37.02 59.44 2.81
N ASP C 87 -37.00 60.67 3.34
CA ASP C 87 -36.88 61.87 2.51
C ASP C 87 -35.91 62.81 3.23
N SER C 88 -34.67 62.84 2.76
CA SER C 88 -33.70 63.77 3.32
C SER C 88 -34.01 65.22 2.94
N PHE C 89 -34.73 65.44 1.83
CA PHE C 89 -35.20 66.77 1.48
C PHE C 89 -36.21 67.28 2.49
N GLU C 90 -37.16 66.41 2.87
CA GLU C 90 -38.07 66.73 3.97
C GLU C 90 -37.30 66.90 5.28
N ALA C 91 -36.29 66.05 5.50
CA ALA C 91 -35.49 66.16 6.70
C ALA C 91 -34.66 67.43 6.71
N SER C 92 -34.28 67.92 5.53
CA SER C 92 -33.50 69.16 5.46
C SER C 92 -34.36 70.38 5.74
N LYS C 93 -35.62 70.36 5.30
CA LYS C 93 -36.49 71.50 5.54
C LYS C 93 -36.87 71.62 7.01
N LYS C 94 -37.20 70.48 7.64
CA LYS C 94 -37.54 70.48 9.05
C LYS C 94 -36.33 70.81 9.91
N ALA C 95 -35.13 70.44 9.46
CA ALA C 95 -33.93 70.88 10.15
C ALA C 95 -33.66 72.35 9.92
N CYS C 96 -33.98 72.86 8.72
CA CYS C 96 -33.88 74.29 8.50
C CYS C 96 -34.94 75.08 9.24
N ASP C 97 -36.09 74.47 9.53
CA ASP C 97 -37.12 75.22 10.23
C ASP C 97 -36.83 75.25 11.73
N GLN C 98 -36.26 74.18 12.28
CA GLN C 98 -35.90 74.17 13.69
C GLN C 98 -34.74 75.12 13.97
N LEU C 99 -33.82 75.27 13.03
CA LEU C 99 -32.72 76.21 13.21
C LEU C 99 -33.19 77.65 13.07
N SER C 100 -34.15 77.89 12.17
CA SER C 100 -34.71 79.22 12.02
C SER C 100 -35.55 79.60 13.23
N LEU C 101 -36.26 78.63 13.81
CA LEU C 101 -36.86 78.85 15.12
C LEU C 101 -35.80 78.85 16.20
N GLY C 102 -34.68 78.19 15.96
CA GLY C 102 -33.61 78.21 16.93
C GLY C 102 -33.74 77.07 17.91
N VAL C 103 -32.82 76.12 17.84
CA VAL C 103 -32.79 74.99 18.75
C VAL C 103 -31.42 74.93 19.42
N ALA C 104 -31.31 74.05 20.43
CA ALA C 104 -30.05 73.82 21.11
C ALA C 104 -29.39 72.51 20.72
N ALA C 105 -30.18 71.50 20.33
CA ALA C 105 -29.69 70.23 19.83
C ALA C 105 -30.84 69.58 19.07
N ILE C 106 -30.50 68.67 18.16
CA ILE C 106 -31.47 67.94 17.38
C ILE C 106 -31.29 66.47 17.65
N PHE C 107 -32.35 65.80 18.11
CA PHE C 107 -32.26 64.43 18.57
C PHE C 107 -32.60 63.40 17.50
N GLY C 108 -31.93 63.49 16.36
CA GLY C 108 -31.80 62.39 15.43
C GLY C 108 -32.99 62.17 14.54
N PRO C 109 -32.73 61.91 13.25
CA PRO C 109 -33.80 61.43 12.37
C PRO C 109 -34.01 59.93 12.44
N SER C 110 -33.19 59.22 13.21
CA SER C 110 -33.36 57.80 13.55
C SER C 110 -33.26 56.87 12.34
N HIS C 111 -32.68 57.33 11.24
CA HIS C 111 -32.53 56.50 10.05
C HIS C 111 -31.42 57.08 9.18
N SER C 112 -30.69 56.17 8.53
CA SER C 112 -29.38 56.48 7.95
C SER C 112 -29.47 57.51 6.85
N SER C 113 -30.45 57.38 5.96
CA SER C 113 -30.55 58.27 4.81
C SER C 113 -30.92 59.68 5.23
N SER C 114 -31.76 59.79 6.26
CA SER C 114 -32.17 61.11 6.72
C SER C 114 -31.21 61.66 7.77
N ALA C 115 -30.35 60.83 8.37
CA ALA C 115 -29.49 61.35 9.42
C ALA C 115 -28.33 62.14 8.84
N ASN C 116 -27.69 61.63 7.78
CA ASN C 116 -26.49 62.26 7.22
C ASN C 116 -26.77 63.63 6.65
N ALA C 117 -27.98 63.83 6.12
CA ALA C 117 -28.35 65.16 5.64
C ALA C 117 -28.45 66.14 6.79
N VAL C 118 -29.10 65.75 7.88
CA VAL C 118 -29.22 66.63 9.04
C VAL C 118 -27.89 66.69 9.78
N GLN C 119 -27.10 65.63 9.67
CA GLN C 119 -25.73 65.68 10.20
C GLN C 119 -24.88 66.66 9.41
N SER C 120 -25.11 66.74 8.10
CA SER C 120 -24.40 67.72 7.28
C SER C 120 -24.86 69.14 7.58
N ILE C 121 -26.13 69.30 7.97
CA ILE C 121 -26.64 70.62 8.29
C ILE C 121 -26.17 71.04 9.68
N CYS C 122 -26.26 70.13 10.66
CA CYS C 122 -25.85 70.46 12.01
C CYS C 122 -24.34 70.66 12.12
N ASN C 123 -23.56 70.02 11.26
CA ASN C 123 -22.15 70.34 11.19
C ASN C 123 -21.94 71.73 10.60
N ALA C 124 -22.66 72.04 9.53
CA ALA C 124 -22.43 73.29 8.82
C ALA C 124 -22.99 74.49 9.55
N LEU C 125 -23.88 74.28 10.52
CA LEU C 125 -24.47 75.39 11.26
C LEU C 125 -24.11 75.37 12.74
N GLY C 126 -23.19 74.51 13.16
CA GLY C 126 -22.62 74.59 14.49
C GLY C 126 -23.32 73.86 15.60
N VAL C 127 -24.65 73.79 15.52
CA VAL C 127 -25.46 73.17 16.58
C VAL C 127 -25.23 71.66 16.56
N PRO C 128 -25.07 71.02 17.71
CA PRO C 128 -24.85 69.57 17.74
C PRO C 128 -26.01 68.74 17.20
N HIS C 129 -25.68 67.50 16.85
CA HIS C 129 -26.61 66.52 16.30
C HIS C 129 -26.51 65.30 17.20
N ILE C 130 -27.64 64.88 17.78
CA ILE C 130 -27.63 63.77 18.72
C ILE C 130 -28.30 62.58 18.09
N GLN C 131 -27.61 61.45 18.05
CA GLN C 131 -28.09 60.24 17.41
C GLN C 131 -28.24 59.12 18.43
N THR C 132 -29.25 58.28 18.22
CA THR C 132 -29.51 57.14 19.09
C THR C 132 -29.56 55.83 18.33
N ARG C 133 -29.38 55.85 17.02
CA ARG C 133 -29.41 54.63 16.23
C ARG C 133 -28.17 54.57 15.35
N TRP C 134 -27.79 53.37 14.98
CA TRP C 134 -26.58 53.16 14.21
C TRP C 134 -26.82 53.53 12.75
N LYS C 135 -25.78 54.05 12.11
CA LYS C 135 -25.78 54.18 10.67
C LYS C 135 -24.36 53.98 10.16
N HIS C 136 -24.24 53.86 8.85
CA HIS C 136 -22.92 53.73 8.26
C HIS C 136 -22.21 55.08 8.28
N GLN C 137 -21.17 55.18 9.10
CA GLN C 137 -20.28 56.33 9.04
C GLN C 137 -19.28 56.08 7.94
N VAL C 138 -19.37 56.87 6.86
CA VAL C 138 -18.33 56.82 5.84
C VAL C 138 -17.04 57.38 6.43
N SER C 139 -15.91 56.83 5.99
CA SER C 139 -14.66 57.08 6.68
C SER C 139 -14.09 58.45 6.37
N ASP C 140 -14.37 58.99 5.18
CA ASP C 140 -13.79 60.25 4.74
C ASP C 140 -14.72 61.43 5.03
N ASN C 141 -15.52 61.34 6.08
CA ASN C 141 -16.44 62.41 6.45
C ASN C 141 -15.84 63.17 7.62
N LYS C 142 -15.47 64.43 7.39
CA LYS C 142 -14.83 65.25 8.41
C LYS C 142 -15.89 66.02 9.20
N ASP C 143 -16.73 65.27 9.88
CA ASP C 143 -17.78 65.81 10.74
C ASP C 143 -17.40 65.58 12.20
N SER C 144 -17.67 66.57 13.04
CA SER C 144 -17.43 66.46 14.48
C SER C 144 -18.66 66.78 15.30
N PHE C 145 -19.64 67.47 14.73
CA PHE C 145 -20.82 67.95 15.46
C PHE C 145 -21.90 66.87 15.54
N TYR C 146 -21.50 65.71 16.08
CA TYR C 146 -22.41 64.60 16.28
C TYR C 146 -21.81 63.65 17.30
N VAL C 147 -22.67 63.08 18.13
CA VAL C 147 -22.37 61.87 18.87
C VAL C 147 -23.56 60.93 18.72
N SER C 148 -23.28 59.64 18.67
CA SER C 148 -24.32 58.63 18.66
C SER C 148 -24.29 57.87 19.97
N LEU C 149 -25.47 57.56 20.49
CA LEU C 149 -25.59 56.83 21.74
C LEU C 149 -25.91 55.37 21.52
N TYR C 150 -26.01 54.94 20.29
CA TYR C 150 -26.26 53.55 20.00
C TYR C 150 -24.97 52.76 20.21
N PRO C 151 -25.05 51.55 20.76
CA PRO C 151 -23.84 50.74 20.97
C PRO C 151 -23.25 50.31 19.64
N ASP C 152 -21.96 50.57 19.45
CA ASP C 152 -21.35 50.41 18.15
C ASP C 152 -21.13 48.95 17.80
N PHE C 153 -21.44 48.60 16.54
CA PHE C 153 -21.26 47.25 16.03
C PHE C 153 -19.81 46.83 15.91
N SER C 154 -18.88 47.79 15.95
CA SER C 154 -17.47 47.46 16.07
C SER C 154 -17.20 46.77 17.41
N SER C 155 -17.91 47.17 18.45
CA SER C 155 -17.80 46.48 19.72
C SER C 155 -18.75 45.30 19.80
N LEU C 156 -19.91 45.43 19.17
CA LEU C 156 -20.92 44.38 19.26
C LEU C 156 -20.50 43.11 18.56
N SER C 157 -19.89 43.23 17.39
CA SER C 157 -19.50 42.04 16.65
C SER C 157 -18.35 41.30 17.33
N ARG C 158 -17.45 42.03 17.99
CA ARG C 158 -16.42 41.39 18.79
C ARG C 158 -17.03 40.65 19.97
N ALA C 159 -18.08 41.22 20.56
CA ALA C 159 -18.76 40.55 21.66
C ALA C 159 -19.45 39.29 21.18
N ILE C 160 -20.00 39.31 19.97
CA ILE C 160 -20.55 38.10 19.38
C ILE C 160 -19.44 37.13 19.05
N LEU C 161 -18.29 37.65 18.60
CA LEU C 161 -17.15 36.81 18.26
C LEU C 161 -16.57 36.13 19.49
N ASP C 162 -16.72 36.75 20.65
CA ASP C 162 -16.26 36.09 21.87
C ASP C 162 -17.21 34.97 22.27
N LEU C 163 -18.48 35.07 21.90
CA LEU C 163 -19.41 34.01 22.26
C LEU C 163 -19.19 32.74 21.46
N VAL C 164 -18.93 32.88 20.16
CA VAL C 164 -18.76 31.70 19.32
C VAL C 164 -17.45 30.99 19.62
N GLN C 165 -16.50 31.69 20.23
CA GLN C 165 -15.32 31.04 20.77
C GLN C 165 -15.64 30.38 22.11
N PHE C 166 -16.43 31.06 22.94
CA PHE C 166 -16.77 30.52 24.24
C PHE C 166 -17.68 29.30 24.11
N PHE C 167 -18.49 29.27 23.07
CA PHE C 167 -19.38 28.14 22.84
C PHE C 167 -18.75 27.09 21.96
N LYS C 168 -17.53 27.34 21.46
CA LYS C 168 -16.70 26.40 20.71
C LYS C 168 -17.39 25.94 19.43
N TRP C 169 -17.91 26.89 18.68
CA TRP C 169 -18.55 26.59 17.40
C TRP C 169 -17.53 26.55 16.28
N LYS C 170 -17.89 25.87 15.19
CA LYS C 170 -17.03 25.84 14.01
C LYS C 170 -17.72 25.99 12.66
N THR C 171 -19.04 26.07 12.60
CA THR C 171 -19.73 26.09 11.30
C THR C 171 -20.83 27.14 11.30
N VAL C 172 -20.46 28.37 11.65
CA VAL C 172 -21.44 29.44 11.89
C VAL C 172 -22.07 29.87 10.58
N THR C 173 -23.38 30.08 10.61
CA THR C 173 -24.11 30.58 9.44
C THR C 173 -24.83 31.86 9.84
N VAL C 174 -24.44 32.97 9.23
CA VAL C 174 -24.99 34.27 9.57
C VAL C 174 -26.13 34.60 8.61
N VAL C 175 -27.27 34.99 9.16
CA VAL C 175 -28.42 35.41 8.37
C VAL C 175 -28.73 36.84 8.76
N TYR C 176 -28.87 37.71 7.77
CA TYR C 176 -29.23 39.10 7.95
C TYR C 176 -30.46 39.40 7.10
N ASP C 177 -30.95 40.63 7.21
CA ASP C 177 -32.15 41.05 6.50
C ASP C 177 -31.89 42.10 5.43
N ASP C 178 -31.24 43.20 5.76
CA ASP C 178 -30.99 44.28 4.82
C ASP C 178 -29.50 44.47 4.62
N SER C 179 -29.16 45.11 3.50
CA SER C 179 -27.77 45.13 3.02
C SER C 179 -26.82 45.87 3.94
N THR C 180 -27.35 46.72 4.82
CA THR C 180 -26.52 47.42 5.78
C THR C 180 -25.98 46.50 6.87
N GLY C 181 -26.59 45.32 7.04
CA GLY C 181 -26.15 44.39 8.06
C GLY C 181 -24.78 43.79 7.84
N LEU C 182 -24.31 43.76 6.60
CA LEU C 182 -22.99 43.23 6.36
C LEU C 182 -21.94 44.16 6.91
N ILE C 183 -22.18 45.47 6.83
CA ILE C 183 -21.37 46.42 7.54
C ILE C 183 -21.55 46.25 9.03
N ARG C 184 -22.77 45.90 9.46
CA ARG C 184 -23.05 45.72 10.88
C ARG C 184 -22.28 44.53 11.43
N LEU C 185 -21.95 43.57 10.58
CA LEU C 185 -21.15 42.43 10.99
C LEU C 185 -19.86 42.29 10.21
N GLN C 186 -19.15 43.38 9.90
CA GLN C 186 -17.96 43.23 9.07
C GLN C 186 -16.80 42.60 9.84
N GLU C 187 -16.82 42.66 11.17
CA GLU C 187 -15.74 42.05 11.91
C GLU C 187 -16.00 40.58 12.21
N LEU C 188 -17.22 40.12 12.05
CA LEU C 188 -17.50 38.70 12.18
C LEU C 188 -17.26 37.97 10.87
N ILE C 189 -17.49 38.63 9.74
CA ILE C 189 -17.26 37.99 8.45
C ILE C 189 -15.78 37.76 8.22
N LYS C 190 -14.94 38.70 8.63
CA LYS C 190 -13.51 38.55 8.41
C LYS C 190 -12.84 37.59 9.38
N ALA C 191 -13.58 37.07 10.36
CA ALA C 191 -13.04 36.25 11.44
C ALA C 191 -12.43 34.89 11.06
N PRO C 192 -12.88 34.15 10.03
CA PRO C 192 -12.12 32.96 9.64
C PRO C 192 -10.74 33.23 9.06
N SER C 193 -10.39 34.48 8.77
CA SER C 193 -9.04 34.84 8.38
C SER C 193 -8.10 34.93 9.57
N ARG C 194 -8.63 34.92 10.79
CA ARG C 194 -7.80 34.97 11.98
C ARG C 194 -8.18 33.92 13.01
N TYR C 195 -9.22 33.14 12.77
CA TYR C 195 -9.57 32.00 13.61
C TYR C 195 -10.04 30.88 12.69
N ASN C 196 -10.71 29.91 13.29
CA ASN C 196 -11.05 28.65 12.62
C ASN C 196 -12.54 28.51 12.35
N LEU C 197 -13.24 29.61 12.12
CA LEU C 197 -14.65 29.56 11.79
C LEU C 197 -14.83 29.21 10.31
N ARG C 198 -16.09 28.99 9.95
CA ARG C 198 -16.43 28.63 8.57
C ARG C 198 -17.82 29.19 8.28
N LEU C 199 -17.87 30.31 7.59
CA LEU C 199 -19.13 31.04 7.39
C LEU C 199 -19.83 30.61 6.11
N LYS C 200 -21.14 30.82 6.09
CA LYS C 200 -21.97 30.73 4.89
C LYS C 200 -23.00 31.86 5.03
N ILE C 201 -22.69 33.03 4.50
CA ILE C 201 -23.58 34.17 4.70
C ILE C 201 -24.82 34.02 3.83
N ARG C 202 -25.99 34.03 4.47
CA ARG C 202 -27.27 33.97 3.79
C ARG C 202 -28.05 35.21 4.11
N GLN C 203 -29.04 35.48 3.30
CA GLN C 203 -29.84 36.69 3.44
C GLN C 203 -31.31 36.33 3.50
N LEU C 204 -32.05 37.00 4.39
CA LEU C 204 -33.49 36.89 4.44
C LEU C 204 -34.12 37.36 3.13
N PRO C 205 -35.34 36.91 2.84
CA PRO C 205 -36.07 37.48 1.70
C PRO C 205 -36.39 38.95 1.91
N ALA C 206 -36.89 39.56 0.83
CA ALA C 206 -36.91 41.02 0.70
C ALA C 206 -37.82 41.67 1.73
N ASP C 207 -39.11 41.43 1.66
CA ASP C 207 -40.04 42.14 2.54
C ASP C 207 -40.96 41.20 3.31
N THR C 208 -41.34 40.09 2.69
CA THR C 208 -42.31 39.19 3.29
C THR C 208 -41.67 38.44 4.45
N LYS C 209 -42.51 38.04 5.40
CA LYS C 209 -42.04 37.15 6.45
C LYS C 209 -42.24 35.69 6.07
N ASP C 210 -41.75 35.34 4.89
CA ASP C 210 -41.77 33.97 4.39
C ASP C 210 -40.37 33.39 4.50
N ALA C 211 -39.92 33.23 5.74
CA ALA C 211 -38.56 32.77 6.00
C ALA C 211 -38.39 31.27 5.84
N LYS C 212 -39.46 30.58 5.46
CA LYS C 212 -39.40 29.12 5.39
C LYS C 212 -38.51 28.54 4.30
N PRO C 213 -38.47 29.04 3.03
CA PRO C 213 -37.53 28.44 2.07
C PRO C 213 -36.09 28.63 2.46
N LEU C 214 -35.77 29.71 3.16
CA LEU C 214 -34.44 29.83 3.76
C LEU C 214 -34.21 28.75 4.79
N LEU C 215 -35.17 28.56 5.69
CA LEU C 215 -35.02 27.59 6.77
C LEU C 215 -35.11 26.15 6.28
N LYS C 216 -35.61 25.92 5.07
CA LYS C 216 -35.47 24.61 4.47
C LYS C 216 -34.02 24.33 4.14
N GLU C 217 -33.32 25.31 3.58
CA GLU C 217 -31.95 25.09 3.16
C GLU C 217 -31.02 24.96 4.35
N MET C 218 -31.28 25.73 5.41
CA MET C 218 -30.43 25.70 6.59
C MET C 218 -30.54 24.38 7.32
N LYS C 219 -31.76 23.82 7.35
CA LYS C 219 -31.97 22.50 7.92
C LYS C 219 -31.30 21.45 7.07
N ARG C 220 -31.37 21.60 5.75
CA ARG C 220 -30.64 20.71 4.86
C ARG C 220 -29.16 21.04 4.86
N GLY C 221 -28.80 22.24 5.26
CA GLY C 221 -27.39 22.57 5.32
C GLY C 221 -26.66 22.05 6.54
N LYS C 222 -27.37 21.35 7.42
CA LYS C 222 -26.87 20.92 8.74
C LYS C 222 -26.32 22.11 9.52
N GLU C 223 -27.09 23.17 9.55
CA GLU C 223 -26.64 24.46 10.07
C GLU C 223 -27.26 24.63 11.45
N PHE C 224 -26.45 24.45 12.47
CA PHE C 224 -26.94 24.43 13.83
C PHE C 224 -26.33 25.53 14.68
N HIS C 225 -25.54 26.41 14.10
CA HIS C 225 -24.90 27.48 14.84
C HIS C 225 -25.21 28.75 14.06
N VAL C 226 -26.34 29.35 14.39
CA VAL C 226 -27.00 30.32 13.53
C VAL C 226 -27.05 31.65 14.25
N ILE C 227 -26.62 32.71 13.57
CA ILE C 227 -26.67 34.06 14.11
C ILE C 227 -27.66 34.85 13.25
N PHE C 228 -28.67 35.44 13.90
CA PHE C 228 -29.64 36.28 13.23
C PHE C 228 -29.36 37.75 13.47
N ASP C 229 -29.25 38.50 12.38
CA ASP C 229 -29.17 39.95 12.42
C ASP C 229 -30.53 40.49 12.03
N CYS C 230 -31.37 40.76 13.02
CA CYS C 230 -32.70 41.26 12.77
C CYS C 230 -33.07 42.28 13.82
N SER C 231 -34.27 42.82 13.70
CA SER C 231 -34.90 43.50 14.80
C SER C 231 -35.70 42.49 15.61
N HIS C 232 -36.09 42.89 16.82
CA HIS C 232 -36.96 42.05 17.63
C HIS C 232 -38.35 41.96 17.03
N GLU C 233 -38.73 42.92 16.19
CA GLU C 233 -39.91 42.75 15.35
C GLU C 233 -39.73 41.61 14.37
N MET C 234 -38.56 41.52 13.75
CA MET C 234 -38.32 40.48 12.77
C MET C 234 -37.81 39.20 13.41
N ALA C 235 -37.34 39.27 14.67
CA ALA C 235 -36.93 38.07 15.37
C ALA C 235 -38.14 37.25 15.81
N ALA C 236 -39.18 37.92 16.28
CA ALA C 236 -40.39 37.20 16.69
C ALA C 236 -41.12 36.61 15.49
N GLY C 237 -40.90 37.17 14.29
CA GLY C 237 -41.57 36.65 13.11
C GLY C 237 -41.03 35.30 12.66
N ILE C 238 -39.73 35.08 12.86
CA ILE C 238 -39.09 33.88 12.33
C ILE C 238 -39.05 32.73 13.33
N LEU C 239 -39.17 33.02 14.62
CA LEU C 239 -39.12 31.94 15.60
C LEU C 239 -40.42 31.15 15.64
N LYS C 240 -41.54 31.78 15.28
CA LYS C 240 -42.77 31.03 15.12
C LYS C 240 -42.66 30.05 13.96
N GLN C 241 -41.97 30.45 12.90
CA GLN C 241 -41.78 29.57 11.76
C GLN C 241 -40.67 28.56 11.99
N ALA C 242 -39.72 28.87 12.87
CA ALA C 242 -38.72 27.88 13.25
C ALA C 242 -39.28 26.84 14.19
N LEU C 243 -40.32 27.19 14.93
CA LEU C 243 -41.05 26.18 15.70
C LEU C 243 -41.84 25.29 14.77
N ALA C 244 -42.48 25.87 13.77
CA ALA C 244 -43.43 25.13 12.94
C ALA C 244 -42.79 24.27 11.88
N MET C 245 -41.46 24.19 11.79
CA MET C 245 -40.91 23.30 10.76
C MET C 245 -40.16 22.12 11.34
N GLY C 246 -38.99 22.32 11.92
CA GLY C 246 -38.40 21.25 12.70
C GLY C 246 -37.37 21.74 13.69
N MET C 247 -37.20 23.05 13.78
CA MET C 247 -35.89 23.57 14.13
C MET C 247 -35.79 24.22 15.49
N MET C 248 -36.80 24.06 16.35
CA MET C 248 -36.62 24.39 17.75
C MET C 248 -36.35 23.13 18.56
N THR C 249 -35.26 22.45 18.21
CA THR C 249 -34.80 21.29 18.94
C THR C 249 -33.63 21.66 19.84
N GLU C 250 -33.05 20.64 20.49
CA GLU C 250 -31.80 20.82 21.24
C GLU C 250 -30.57 20.69 20.36
N TYR C 251 -30.76 20.56 19.05
CA TYR C 251 -29.65 20.56 18.12
C TYR C 251 -29.18 21.95 17.74
N TYR C 252 -30.05 22.94 17.85
CA TYR C 252 -29.77 24.28 17.37
C TYR C 252 -29.37 25.17 18.54
N HIS C 253 -28.47 26.09 18.27
CA HIS C 253 -28.08 27.08 19.25
C HIS C 253 -28.04 28.42 18.54
N TYR C 254 -28.82 29.37 19.03
CA TYR C 254 -29.06 30.62 18.33
C TYR C 254 -28.43 31.77 19.12
N ILE C 255 -27.66 32.55 18.45
CA ILE C 255 -27.29 33.87 18.96
C ILE C 255 -28.04 34.90 18.15
N PHE C 256 -28.57 35.93 18.81
CA PHE C 256 -29.25 37.01 18.11
C PHE C 256 -28.44 38.28 18.20
N THR C 257 -28.50 39.09 17.15
CA THR C 257 -27.80 40.35 17.17
C THR C 257 -28.47 41.35 18.09
N THR C 258 -29.80 41.32 18.16
CA THR C 258 -30.55 42.41 18.77
C THR C 258 -30.37 42.44 20.29
N LEU C 259 -30.51 43.64 20.83
CA LEU C 259 -30.35 43.86 22.26
C LEU C 259 -31.66 43.69 22.99
N ASP C 260 -32.75 43.50 22.27
CA ASP C 260 -34.09 43.42 22.82
C ASP C 260 -34.64 42.01 22.70
N LEU C 261 -33.78 41.02 22.93
CA LEU C 261 -34.24 39.65 23.08
C LEU C 261 -35.10 39.47 24.32
N PHE C 262 -34.86 40.28 25.34
CA PHE C 262 -35.58 40.26 26.60
C PHE C 262 -37.05 40.60 26.45
N ALA C 263 -37.44 41.23 25.36
CA ALA C 263 -38.83 41.59 25.10
C ALA C 263 -39.51 40.59 24.18
N LEU C 264 -39.17 39.31 24.29
CA LEU C 264 -39.81 38.26 23.51
C LEU C 264 -40.65 37.36 24.40
N ASP C 265 -41.82 36.98 23.91
CA ASP C 265 -42.63 35.97 24.57
C ASP C 265 -42.03 34.61 24.26
N VAL C 266 -41.10 34.17 25.09
CA VAL C 266 -40.39 32.92 24.88
C VAL C 266 -41.09 31.77 25.59
N GLU C 267 -42.32 32.00 26.06
CA GLU C 267 -43.08 30.98 26.76
C GLU C 267 -43.37 29.71 25.96
N PRO C 268 -43.66 29.73 24.65
CA PRO C 268 -43.72 28.44 23.93
C PRO C 268 -42.36 27.80 23.67
N TYR C 269 -41.27 28.35 24.20
CA TYR C 269 -39.94 27.84 23.93
C TYR C 269 -39.14 27.58 25.19
N ARG C 270 -39.71 27.82 26.38
CA ARG C 270 -38.97 27.60 27.62
C ARG C 270 -38.75 26.12 27.87
N TYR C 271 -39.77 25.31 27.58
CA TYR C 271 -39.67 23.88 27.72
C TYR C 271 -39.46 23.17 26.40
N SER C 272 -38.94 23.88 25.39
CA SER C 272 -38.67 23.27 24.09
C SER C 272 -37.27 22.68 23.99
N GLY C 273 -36.36 23.02 24.89
CA GLY C 273 -35.05 22.41 24.95
C GLY C 273 -33.98 23.02 24.06
N VAL C 274 -34.24 24.17 23.47
CA VAL C 274 -33.29 24.80 22.56
C VAL C 274 -32.27 25.56 23.38
N ASN C 275 -31.21 26.06 22.74
CA ASN C 275 -30.45 27.13 23.36
C ASN C 275 -30.54 28.36 22.46
N MET C 276 -30.78 29.51 23.08
CA MET C 276 -30.93 30.80 22.41
C MET C 276 -30.15 31.81 23.25
N THR C 277 -29.12 32.40 22.68
CA THR C 277 -28.30 33.33 23.43
C THR C 277 -28.50 34.75 22.89
N GLY C 278 -28.09 35.76 23.66
CA GLY C 278 -28.25 37.14 23.24
C GLY C 278 -27.52 38.07 24.18
N PHE C 279 -27.99 39.30 24.24
CA PHE C 279 -27.40 40.32 25.08
C PHE C 279 -28.47 41.26 25.61
N ARG C 280 -28.05 42.10 26.55
CA ARG C 280 -28.94 43.10 27.13
C ARG C 280 -28.10 44.22 27.70
N ILE C 281 -28.13 45.39 27.04
CA ILE C 281 -27.53 46.57 27.61
C ILE C 281 -28.51 47.25 28.57
N LEU C 282 -29.81 46.99 28.42
CA LEU C 282 -30.84 47.57 29.27
C LEU C 282 -30.69 47.02 30.68
N ASN C 283 -30.16 47.85 31.59
CA ASN C 283 -29.73 47.37 32.90
C ASN C 283 -30.95 47.21 33.79
N THR C 284 -31.68 46.11 33.58
CA THR C 284 -32.98 45.90 34.23
C THR C 284 -32.88 45.52 35.70
N GLU C 285 -31.69 45.32 36.24
CA GLU C 285 -31.53 44.86 37.61
C GLU C 285 -31.41 45.98 38.61
N ASN C 286 -31.39 47.23 38.17
CA ASN C 286 -31.43 48.36 39.08
C ASN C 286 -32.87 48.70 39.41
N THR C 287 -33.09 49.06 40.67
CA THR C 287 -34.41 49.50 41.12
C THR C 287 -34.78 50.82 40.46
N GLN C 288 -33.81 51.73 40.33
CA GLN C 288 -34.03 53.00 39.66
C GLN C 288 -34.39 52.81 38.19
N VAL C 289 -33.76 51.84 37.53
CA VAL C 289 -34.11 51.56 36.14
C VAL C 289 -35.44 50.82 36.07
N SER C 290 -35.67 49.87 36.99
CA SER C 290 -36.94 49.17 37.05
C SER C 290 -38.09 50.08 37.44
N SER C 291 -37.80 51.21 38.09
CA SER C 291 -38.83 52.20 38.37
C SER C 291 -39.31 52.87 37.09
N ILE C 292 -38.37 53.18 36.19
CA ILE C 292 -38.73 53.88 34.96
C ILE C 292 -39.45 52.94 34.00
N ILE C 293 -39.20 51.63 34.10
CA ILE C 293 -39.93 50.65 33.31
C ILE C 293 -41.39 50.63 33.70
N GLU C 294 -41.68 50.65 34.99
CA GLU C 294 -43.04 50.63 35.48
C GLU C 294 -43.78 51.93 35.17
N LYS C 295 -43.06 53.06 35.22
CA LYS C 295 -43.64 54.32 34.81
C LYS C 295 -43.94 54.33 33.32
N TRP C 296 -43.13 53.63 32.53
CA TRP C 296 -43.26 53.68 31.07
C TRP C 296 -44.56 53.04 30.60
N SER C 297 -45.00 51.97 31.27
CA SER C 297 -46.23 51.30 30.90
C SER C 297 -47.46 52.15 31.16
N MET C 298 -47.32 53.19 32.01
CA MET C 298 -48.48 53.99 32.38
C MET C 298 -48.91 54.92 31.24
N GLU C 299 -48.04 55.84 30.84
CA GLU C 299 -48.42 56.83 29.85
C GLU C 299 -48.44 56.27 28.43
N ARG C 300 -47.85 55.09 28.23
CA ARG C 300 -47.86 54.47 26.91
C ARG C 300 -49.23 53.91 26.54
N LEU C 301 -50.12 53.74 27.53
CA LEU C 301 -51.18 52.73 27.61
C LEU C 301 -51.88 52.33 26.31
N GLN C 302 -52.06 53.28 25.39
CA GLN C 302 -52.60 52.97 24.06
C GLN C 302 -51.63 52.11 23.24
N ALA C 303 -52.09 51.72 22.05
CA ALA C 303 -51.41 50.88 21.06
C ALA C 303 -50.95 49.55 21.67
N PRO C 304 -51.88 48.63 21.97
CA PRO C 304 -51.46 47.37 22.58
C PRO C 304 -50.83 46.45 21.55
N PRO C 305 -50.03 45.48 21.98
CA PRO C 305 -49.47 44.50 21.03
C PRO C 305 -50.53 43.52 20.58
N LYS C 306 -50.64 43.35 19.25
CA LYS C 306 -51.53 42.33 18.70
C LYS C 306 -50.98 40.94 19.03
N PRO C 307 -51.84 39.91 19.13
CA PRO C 307 -51.37 38.61 19.67
C PRO C 307 -50.36 37.90 18.79
N ASP C 308 -50.50 37.95 17.47
CA ASP C 308 -49.54 37.30 16.58
C ASP C 308 -48.37 38.24 16.23
N SER C 309 -47.82 38.86 17.26
CA SER C 309 -46.63 39.69 17.18
C SER C 309 -45.78 39.45 18.40
N GLY C 310 -45.47 38.17 18.67
CA GLY C 310 -45.33 37.66 20.02
C GLY C 310 -44.22 38.22 20.87
N LEU C 311 -44.27 39.53 21.09
CA LEU C 311 -43.42 40.22 22.03
C LEU C 311 -44.06 40.18 23.42
N LEU C 312 -43.42 40.85 24.36
CA LEU C 312 -44.01 41.02 25.68
C LEU C 312 -44.98 42.20 25.66
N ASP C 313 -45.64 42.43 26.81
CA ASP C 313 -46.60 43.51 26.89
C ASP C 313 -45.93 44.84 27.21
N GLY C 314 -45.31 44.92 28.38
CA GLY C 314 -44.79 46.19 28.87
C GLY C 314 -43.29 46.20 29.05
N PHE C 315 -42.61 47.04 28.28
CA PHE C 315 -41.16 47.04 28.18
C PHE C 315 -40.72 48.33 27.52
N MET C 316 -39.50 48.73 27.80
CA MET C 316 -38.86 49.75 26.98
C MET C 316 -37.96 49.09 25.95
N THR C 317 -38.12 49.46 24.70
CA THR C 317 -37.14 49.08 23.70
C THR C 317 -35.84 49.82 23.97
N THR C 318 -34.74 49.27 23.49
CA THR C 318 -33.49 50.00 23.57
C THR C 318 -33.45 51.18 22.61
N ASP C 319 -34.36 51.23 21.63
CA ASP C 319 -34.51 52.42 20.81
C ASP C 319 -34.99 53.59 21.66
N ALA C 320 -36.05 53.38 22.43
CA ALA C 320 -36.54 54.43 23.30
C ALA C 320 -35.69 54.59 24.55
N ALA C 321 -34.99 53.54 24.99
CA ALA C 321 -34.18 53.64 26.19
C ALA C 321 -33.00 54.56 25.99
N LEU C 322 -32.40 54.53 24.81
CA LEU C 322 -31.37 55.50 24.50
C LEU C 322 -31.92 56.89 24.27
N MET C 323 -33.14 56.98 23.71
CA MET C 323 -33.76 58.28 23.49
C MET C 323 -34.12 58.95 24.80
N TYR C 324 -34.45 58.17 25.82
CA TYR C 324 -34.59 58.71 27.17
C TYR C 324 -33.26 59.20 27.70
N ASP C 325 -32.20 58.45 27.43
CA ASP C 325 -30.89 58.81 27.97
C ASP C 325 -30.26 59.95 27.20
N ALA C 326 -30.65 60.13 25.93
CA ALA C 326 -30.05 61.15 25.08
C ALA C 326 -30.32 62.55 25.60
N VAL C 327 -31.48 62.76 26.22
CA VAL C 327 -31.79 64.06 26.81
C VAL C 327 -30.95 64.27 28.05
N HIS C 328 -30.70 63.21 28.82
CA HIS C 328 -30.00 63.30 30.09
C HIS C 328 -28.53 63.61 29.92
N VAL C 329 -27.94 63.11 28.84
CA VAL C 329 -26.53 63.34 28.61
C VAL C 329 -26.29 64.77 28.13
N VAL C 330 -27.22 65.31 27.33
CA VAL C 330 -27.15 66.73 26.97
C VAL C 330 -27.46 67.59 28.19
N SER C 331 -28.25 67.06 29.13
CA SER C 331 -28.60 67.80 30.34
C SER C 331 -27.41 67.99 31.26
N VAL C 332 -26.44 67.08 31.23
CA VAL C 332 -25.23 67.29 32.02
C VAL C 332 -24.40 68.41 31.43
N ALA C 333 -24.39 68.53 30.10
CA ALA C 333 -23.56 69.54 29.46
C ALA C 333 -24.14 70.94 29.61
N VAL C 334 -25.46 71.07 29.68
CA VAL C 334 -26.02 72.40 29.93
C VAL C 334 -25.92 72.78 31.39
N GLN C 335 -25.74 71.80 32.28
CA GLN C 335 -25.47 72.12 33.69
C GLN C 335 -24.10 72.75 33.85
N GLN C 336 -23.13 72.28 33.07
CA GLN C 336 -21.79 72.86 33.06
C GLN C 336 -21.68 74.02 32.07
N PHE C 337 -22.80 74.46 31.50
CA PHE C 337 -22.80 75.59 30.58
C PHE C 337 -24.10 76.35 30.77
N PRO C 338 -24.18 77.20 31.79
CA PRO C 338 -25.43 77.93 32.04
C PRO C 338 -25.68 79.09 31.10
N GLN C 339 -24.66 79.58 30.40
CA GLN C 339 -24.80 80.79 29.59
C GLN C 339 -25.29 80.51 28.17
N MET C 340 -25.96 79.38 27.95
CA MET C 340 -26.50 79.10 26.63
C MET C 340 -27.67 80.02 26.30
N THR C 341 -27.52 80.77 25.22
CA THR C 341 -28.62 81.54 24.64
C THR C 341 -28.92 80.97 23.27
N VAL C 342 -30.16 80.53 23.07
CA VAL C 342 -30.53 79.86 21.84
C VAL C 342 -30.65 80.90 20.73
N SER C 343 -29.88 80.71 19.66
CA SER C 343 -29.89 81.64 18.54
C SER C 343 -30.66 81.05 17.38
N SER C 344 -31.16 81.92 16.52
CA SER C 344 -31.93 81.54 15.34
C SER C 344 -30.99 81.61 14.14
N LEU C 345 -30.47 80.46 13.74
CA LEU C 345 -29.54 80.42 12.62
C LEU C 345 -30.30 80.28 11.30
N GLN C 346 -29.55 80.44 10.21
CA GLN C 346 -30.12 80.46 8.86
C GLN C 346 -29.36 79.46 7.99
N CYS C 347 -30.10 78.78 7.10
CA CYS C 347 -29.48 77.75 6.26
C CYS C 347 -28.72 78.36 5.09
N ASN C 348 -29.37 79.16 4.25
CA ASN C 348 -28.71 79.66 3.04
C ASN C 348 -27.74 80.80 3.32
N ARG C 349 -27.67 81.29 4.55
CA ARG C 349 -26.68 82.25 5.01
C ARG C 349 -25.96 81.68 6.22
N HIS C 350 -25.49 80.45 6.08
CA HIS C 350 -25.06 79.63 7.20
C HIS C 350 -23.86 80.22 7.92
N LYS C 351 -24.03 80.42 9.22
CA LYS C 351 -23.01 80.87 10.12
C LYS C 351 -22.92 79.88 11.27
N PRO C 352 -21.72 79.54 11.72
CA PRO C 352 -21.59 78.69 12.90
C PRO C 352 -22.12 79.39 14.13
N TRP C 353 -22.81 78.62 14.97
CA TRP C 353 -23.34 79.17 16.21
C TRP C 353 -22.19 79.51 17.15
N ARG C 354 -22.42 80.52 17.98
CA ARG C 354 -21.35 81.12 18.79
C ARG C 354 -20.79 80.15 19.81
N PHE C 355 -21.62 79.28 20.38
CA PHE C 355 -21.14 78.29 21.32
C PHE C 355 -21.23 76.87 20.78
N GLY C 356 -21.21 76.71 19.45
CA GLY C 356 -21.33 75.39 18.88
C GLY C 356 -20.10 74.53 19.07
N THR C 357 -18.94 75.15 19.30
CA THR C 357 -17.71 74.41 19.47
C THR C 357 -17.50 73.95 20.91
N ARG C 358 -17.69 74.86 21.87
CA ARG C 358 -17.45 74.53 23.28
C ARG C 358 -18.49 73.57 23.83
N PHE C 359 -19.77 73.81 23.52
CA PHE C 359 -20.84 72.96 24.04
C PHE C 359 -20.77 71.54 23.49
N MET C 360 -20.31 71.38 22.25
CA MET C 360 -20.09 70.05 21.69
C MET C 360 -19.00 69.31 22.45
N SER C 361 -17.96 70.03 22.90
CA SER C 361 -16.93 69.42 23.74
C SER C 361 -17.49 68.99 25.08
N LEU C 362 -18.45 69.73 25.61
CA LEU C 362 -19.07 69.37 26.87
C LEU C 362 -19.95 68.14 26.71
N ILE C 363 -20.48 67.93 25.51
CA ILE C 363 -21.22 66.71 25.22
C ILE C 363 -20.27 65.51 25.20
N LYS C 364 -19.14 65.65 24.51
CA LYS C 364 -18.20 64.54 24.38
C LYS C 364 -17.47 64.23 25.67
N GLU C 365 -17.52 65.11 26.66
CA GLU C 365 -16.91 64.86 27.96
C GLU C 365 -17.94 64.49 29.01
N ALA C 366 -19.15 64.10 28.61
CA ALA C 366 -20.21 63.86 29.56
C ALA C 366 -20.18 62.43 30.08
N HIS C 367 -20.54 62.26 31.35
CA HIS C 367 -20.67 60.96 31.99
C HIS C 367 -22.00 60.89 32.71
N TRP C 368 -22.66 59.74 32.61
CA TRP C 368 -24.04 59.60 33.04
C TRP C 368 -24.34 58.13 33.30
N GLU C 369 -25.17 57.88 34.30
CA GLU C 369 -25.63 56.53 34.63
C GLU C 369 -27.12 56.46 34.29
N GLY C 370 -27.41 55.92 33.11
CA GLY C 370 -28.76 55.85 32.60
C GLY C 370 -29.34 54.45 32.60
N LEU C 371 -30.28 54.22 31.68
CA LEU C 371 -30.96 52.93 31.59
C LEU C 371 -30.04 51.84 31.08
N THR C 372 -29.11 52.19 30.19
CA THR C 372 -28.26 51.23 29.51
C THR C 372 -26.87 51.17 30.12
N GLY C 373 -26.75 51.28 31.43
CA GLY C 373 -25.45 51.25 32.06
C GLY C 373 -24.73 52.57 31.98
N ARG C 374 -23.42 52.52 31.80
CA ARG C 374 -22.63 53.74 31.70
C ARG C 374 -22.63 54.27 30.26
N ILE C 375 -22.51 55.58 30.12
CA ILE C 375 -22.44 56.22 28.81
C ILE C 375 -21.18 57.08 28.81
N THR C 376 -20.10 56.52 28.27
CA THR C 376 -18.93 57.31 27.91
C THR C 376 -18.80 57.28 26.39
N PHE C 377 -18.11 58.27 25.86
CA PHE C 377 -18.02 58.40 24.42
C PHE C 377 -16.62 58.08 23.92
N ASN C 378 -16.53 57.91 22.60
CA ASN C 378 -15.29 57.61 21.91
C ASN C 378 -14.71 58.95 21.49
N LYS C 379 -13.65 59.36 22.19
CA LYS C 379 -13.00 60.68 22.03
C LYS C 379 -12.54 60.93 20.60
N THR C 380 -12.22 59.86 19.89
CA THR C 380 -11.77 59.97 18.50
C THR C 380 -12.87 60.50 17.59
N ASN C 381 -13.99 59.77 17.52
CA ASN C 381 -15.02 60.05 16.53
C ASN C 381 -16.36 60.46 17.13
N GLY C 382 -16.72 59.91 18.28
CA GLY C 382 -17.94 60.32 18.94
C GLY C 382 -18.93 59.20 19.12
N LEU C 383 -18.44 57.97 19.18
CA LEU C 383 -19.30 56.81 19.26
C LEU C 383 -19.30 56.26 20.68
N ARG C 384 -20.03 55.16 20.88
CA ARG C 384 -20.00 54.45 22.16
C ARG C 384 -19.43 53.07 21.90
N THR C 385 -18.12 52.95 22.10
CA THR C 385 -17.45 51.66 22.00
C THR C 385 -16.99 51.14 23.35
N ASP C 386 -17.30 51.84 24.43
CA ASP C 386 -17.01 51.36 25.78
C ASP C 386 -18.33 51.25 26.54
N PHE C 387 -18.86 50.02 26.63
CA PHE C 387 -20.12 49.79 27.31
C PHE C 387 -20.17 48.36 27.83
N ASP C 388 -21.03 48.15 28.82
CA ASP C 388 -21.09 46.89 29.55
C ASP C 388 -22.34 46.16 29.12
N LEU C 389 -22.18 44.96 28.57
CA LEU C 389 -23.32 44.15 28.18
C LEU C 389 -23.60 43.06 29.21
N ASP C 390 -24.79 42.48 29.11
CA ASP C 390 -25.21 41.44 30.04
C ASP C 390 -25.63 40.24 29.21
N VAL C 391 -24.87 39.17 29.30
CA VAL C 391 -25.13 38.00 28.48
C VAL C 391 -26.33 37.26 29.03
N ILE C 392 -27.41 37.25 28.26
CA ILE C 392 -28.66 36.62 28.67
C ILE C 392 -28.95 35.44 27.75
N SER C 393 -29.37 34.33 28.34
CA SER C 393 -29.60 33.09 27.61
C SER C 393 -30.92 32.48 28.05
N LEU C 394 -31.38 31.49 27.29
CA LEU C 394 -32.66 30.84 27.53
C LEU C 394 -32.46 29.61 28.39
N LYS C 395 -32.96 29.67 29.62
CA LYS C 395 -32.98 28.54 30.52
C LYS C 395 -34.35 27.87 30.43
N GLU C 396 -34.54 26.85 31.26
CA GLU C 396 -35.86 26.23 31.36
C GLU C 396 -36.85 27.17 32.02
N GLU C 397 -36.39 27.89 33.04
CA GLU C 397 -37.24 28.87 33.73
C GLU C 397 -37.59 30.03 32.81
N GLY C 398 -36.58 30.64 32.21
CA GLY C 398 -36.82 31.72 31.29
C GLY C 398 -35.56 32.23 30.62
N LEU C 399 -35.49 33.54 30.43
CA LEU C 399 -34.40 34.17 29.72
C LEU C 399 -33.57 34.92 30.76
N GLU C 400 -32.45 34.35 31.19
CA GLU C 400 -31.78 34.80 32.39
C GLU C 400 -30.33 35.19 32.13
N LYS C 401 -29.84 36.13 32.95
CA LYS C 401 -28.49 36.67 32.82
C LYS C 401 -27.46 35.64 33.23
N ILE C 402 -26.53 35.34 32.33
CA ILE C 402 -25.50 34.34 32.59
C ILE C 402 -24.09 34.91 32.51
N GLY C 403 -23.94 36.15 32.06
CA GLY C 403 -22.59 36.68 31.92
C GLY C 403 -22.58 38.16 31.59
N THR C 404 -21.37 38.70 31.51
CA THR C 404 -21.19 40.13 31.36
C THR C 404 -20.01 40.38 30.43
N TRP C 405 -20.15 41.39 29.57
CA TRP C 405 -19.10 41.71 28.63
C TRP C 405 -18.64 43.15 28.82
N ASP C 406 -17.34 43.35 28.65
CA ASP C 406 -16.66 44.62 28.76
C ASP C 406 -15.60 44.64 27.67
N PRO C 407 -15.45 45.72 26.90
CA PRO C 407 -14.37 45.78 25.91
C PRO C 407 -12.99 45.68 26.52
N ALA C 408 -12.78 46.24 27.71
CA ALA C 408 -11.52 46.07 28.41
C ALA C 408 -11.36 44.65 28.92
N SER C 409 -12.36 44.16 29.67
CA SER C 409 -12.22 42.88 30.35
C SER C 409 -12.45 41.71 29.38
N GLY C 410 -13.61 41.66 28.74
CA GLY C 410 -14.02 40.51 27.97
C GLY C 410 -15.28 39.89 28.54
N LEU C 411 -15.43 38.59 28.31
CA LEU C 411 -16.58 37.85 28.84
C LEU C 411 -16.30 37.42 30.26
N ASN C 412 -16.93 38.07 31.23
CA ASN C 412 -16.95 37.58 32.61
C ASN C 412 -18.27 36.82 32.76
N MET C 413 -18.26 35.57 32.30
CA MET C 413 -19.45 34.74 32.31
C MET C 413 -19.40 33.83 33.54
N THR C 414 -20.02 34.30 34.62
CA THR C 414 -20.02 33.59 35.89
C THR C 414 -21.02 32.44 35.94
N GLU C 415 -21.68 32.12 34.83
CA GLU C 415 -22.53 30.94 34.76
C GLU C 415 -21.70 29.67 34.87
N SER C 416 -22.36 28.62 35.35
CA SER C 416 -21.75 27.29 35.47
C SER C 416 -22.71 26.25 34.93
N GLN C 417 -22.44 24.97 35.19
CA GLN C 417 -23.23 23.90 34.59
C GLN C 417 -23.64 22.84 35.62
N LYS C 418 -24.93 22.85 35.97
CA LYS C 418 -25.60 21.91 36.86
C LYS C 418 -27.09 21.90 36.55
N GLY C 419 -27.69 20.72 36.35
CA GLY C 419 -29.13 20.75 36.53
C GLY C 419 -29.42 20.31 37.95
N LYS C 420 -30.35 19.37 38.16
CA LYS C 420 -30.29 18.62 39.41
C LYS C 420 -29.78 17.17 39.24
N PRO C 421 -30.38 16.29 38.36
CA PRO C 421 -29.90 14.90 38.35
C PRO C 421 -28.93 14.57 37.22
N ALA C 422 -28.47 13.32 37.21
CA ALA C 422 -27.98 12.68 36.00
C ALA C 422 -28.74 11.39 35.74
N ASN C 423 -29.97 11.28 36.24
CA ASN C 423 -30.74 10.05 36.29
C ASN C 423 -31.35 9.74 34.93
N ILE C 424 -30.89 8.67 34.26
CA ILE C 424 -31.40 8.36 32.92
C ILE C 424 -32.88 7.97 32.94
N THR C 425 -33.39 7.50 34.08
CA THR C 425 -34.80 7.21 34.29
C THR C 425 -35.65 8.44 34.04
N ASP C 426 -36.47 8.39 32.97
CA ASP C 426 -37.28 9.50 32.49
C ASP C 426 -36.41 10.71 32.21
N SER C 427 -35.60 10.67 31.13
CA SER C 427 -34.52 11.63 30.93
C SER C 427 -35.03 12.96 30.36
N LEU C 428 -36.08 13.48 31.01
CA LEU C 428 -36.90 14.63 30.62
C LEU C 428 -37.15 14.62 29.12
N SER C 429 -37.59 13.48 28.59
CA SER C 429 -37.78 13.36 27.16
C SER C 429 -39.23 13.70 26.82
N ASN C 430 -39.68 14.82 27.34
CA ASN C 430 -41.05 15.28 27.22
C ASN C 430 -41.31 15.76 25.80
N ARG C 431 -41.42 14.82 24.87
CA ARG C 431 -41.58 15.09 23.45
C ARG C 431 -41.94 13.77 22.76
N SER C 432 -42.19 13.86 21.47
CA SER C 432 -42.49 12.70 20.64
C SER C 432 -41.33 12.44 19.71
N LEU C 433 -41.09 11.17 19.40
CA LEU C 433 -39.99 10.78 18.55
C LEU C 433 -40.50 10.02 17.33
N ILE C 434 -40.00 10.38 16.16
CA ILE C 434 -40.34 9.68 14.92
C ILE C 434 -39.36 8.53 14.77
N VAL C 435 -39.87 7.31 14.86
CA VAL C 435 -39.06 6.10 14.89
C VAL C 435 -39.19 5.42 13.54
N THR C 436 -38.07 5.29 12.82
CA THR C 436 -38.08 4.60 11.54
C THR C 436 -37.42 3.23 11.63
N THR C 437 -38.17 2.21 11.25
CA THR C 437 -37.71 0.84 11.25
C THR C 437 -38.09 0.22 9.91
N ILE C 438 -37.88 -1.09 9.80
CA ILE C 438 -38.25 -1.84 8.61
C ILE C 438 -38.95 -3.12 9.05
N LEU C 439 -39.75 -3.69 8.15
CA LEU C 439 -40.52 -4.89 8.45
C LEU C 439 -39.66 -6.14 8.35
N GLU C 440 -39.50 -6.85 9.45
CA GLU C 440 -38.77 -8.10 9.48
C GLU C 440 -39.27 -8.88 10.69
N GLU C 441 -38.93 -10.17 10.75
CA GLU C 441 -39.40 -11.00 11.85
C GLU C 441 -38.21 -11.56 12.60
N PRO C 442 -38.26 -11.67 13.95
CA PRO C 442 -39.21 -11.33 15.02
C PRO C 442 -39.27 -9.86 15.37
N TYR C 443 -38.79 -9.04 14.45
CA TYR C 443 -38.75 -7.60 14.56
C TYR C 443 -40.13 -7.03 14.25
N VAL C 444 -40.19 -5.75 13.88
CA VAL C 444 -41.43 -5.04 13.62
C VAL C 444 -42.29 -5.76 12.58
N LEU C 445 -43.46 -6.20 13.01
CA LEU C 445 -44.44 -6.92 12.23
C LEU C 445 -45.77 -6.20 12.35
N PHE C 446 -46.83 -6.87 11.90
CA PHE C 446 -48.21 -6.43 12.10
C PHE C 446 -48.88 -7.35 13.12
N LYS C 447 -49.94 -6.85 13.74
CA LYS C 447 -50.69 -7.70 14.65
C LYS C 447 -51.77 -8.49 13.91
N LYS C 448 -52.07 -9.67 14.41
CA LYS C 448 -52.89 -10.66 13.71
C LYS C 448 -54.33 -10.60 14.22
N SER C 449 -54.96 -9.46 13.95
CA SER C 449 -56.39 -9.29 14.15
C SER C 449 -56.90 -8.39 13.04
N ASP C 450 -58.18 -8.04 13.09
CA ASP C 450 -58.76 -7.22 12.04
C ASP C 450 -58.73 -5.72 12.37
N LYS C 451 -59.60 -5.28 13.33
CA LYS C 451 -59.70 -4.02 14.09
C LYS C 451 -59.11 -2.78 13.41
N PRO C 452 -59.57 -2.39 12.23
CA PRO C 452 -58.79 -1.50 11.36
C PRO C 452 -58.82 -0.02 11.74
N LEU C 453 -58.43 0.28 12.98
CA LEU C 453 -58.25 1.66 13.43
C LEU C 453 -56.98 1.72 14.27
N TYR C 454 -55.92 1.08 13.76
CA TYR C 454 -54.69 0.99 14.51
C TYR C 454 -53.84 2.23 14.34
N GLY C 455 -53.28 2.70 15.45
CA GLY C 455 -52.17 3.64 15.44
C GLY C 455 -51.35 3.40 16.69
N ASN C 456 -50.06 3.10 16.50
CA ASN C 456 -49.06 2.72 17.51
C ASN C 456 -49.41 1.43 18.24
N ASP C 457 -50.52 0.80 17.89
CA ASP C 457 -50.89 -0.55 18.29
C ASP C 457 -50.90 -1.44 17.06
N ARG C 458 -50.55 -0.87 15.91
CA ARG C 458 -50.53 -1.56 14.65
C ARG C 458 -49.44 -2.63 14.60
N PHE C 459 -48.35 -2.43 15.32
CA PHE C 459 -47.16 -3.22 15.14
C PHE C 459 -46.85 -4.04 16.38
N GLU C 460 -46.07 -5.10 16.18
CA GLU C 460 -45.64 -5.97 17.27
C GLU C 460 -44.39 -6.70 16.83
N GLY C 461 -43.41 -6.81 17.72
CA GLY C 461 -42.24 -7.58 17.39
C GLY C 461 -41.16 -7.40 18.43
N TYR C 462 -39.92 -7.67 18.02
CA TYR C 462 -38.82 -7.51 18.97
C TYR C 462 -38.55 -6.05 19.24
N CYS C 463 -38.45 -5.23 18.20
CA CYS C 463 -38.16 -3.82 18.35
C CYS C 463 -39.25 -3.07 19.08
N ILE C 464 -40.50 -3.50 18.92
CA ILE C 464 -41.59 -2.81 19.60
C ILE C 464 -41.54 -3.11 21.09
N ASP C 465 -41.25 -4.35 21.47
CA ASP C 465 -41.08 -4.66 22.88
C ASP C 465 -39.82 -4.03 23.44
N LEU C 466 -38.81 -3.84 22.59
CA LEU C 466 -37.64 -3.09 23.01
C LEU C 466 -37.98 -1.63 23.24
N LEU C 467 -38.66 -1.01 22.28
CA LEU C 467 -38.93 0.40 22.35
C LEU C 467 -39.95 0.72 23.42
N ARG C 468 -40.81 -0.24 23.74
CA ARG C 468 -41.70 -0.10 24.88
C ARG C 468 -40.92 -0.08 26.18
N GLU C 469 -39.91 -0.92 26.30
CA GLU C 469 -39.05 -0.86 27.48
C GLU C 469 -38.02 0.25 27.39
N LEU C 470 -37.80 0.81 26.20
CA LEU C 470 -36.99 2.02 26.11
C LEU C 470 -37.76 3.25 26.54
N SER C 471 -38.96 3.44 26.01
CA SER C 471 -39.78 4.60 26.37
C SER C 471 -40.23 4.56 27.82
N THR C 472 -40.18 3.39 28.47
CA THR C 472 -40.47 3.30 29.88
C THR C 472 -39.40 4.01 30.71
N ILE C 473 -38.12 3.70 30.47
CA ILE C 473 -37.07 4.27 31.29
C ILE C 473 -36.47 5.53 30.70
N LEU C 474 -36.87 5.93 29.50
CA LEU C 474 -36.51 7.27 29.03
C LEU C 474 -37.65 8.26 29.11
N GLY C 475 -38.89 7.79 29.14
CA GLY C 475 -40.01 8.68 29.35
C GLY C 475 -40.50 9.39 28.11
N PHE C 476 -39.88 9.18 26.95
CA PHE C 476 -40.42 9.78 25.76
C PHE C 476 -41.67 9.04 25.31
N THR C 477 -42.44 9.70 24.46
CA THR C 477 -43.39 9.00 23.62
C THR C 477 -42.87 9.03 22.19
N TYR C 478 -43.49 8.23 21.35
CA TYR C 478 -42.99 7.98 20.02
C TYR C 478 -44.16 7.72 19.10
N GLU C 479 -43.87 7.69 17.81
CA GLU C 479 -44.82 7.23 16.80
C GLU C 479 -44.05 6.50 15.73
N ILE C 480 -44.47 5.27 15.44
CA ILE C 480 -43.74 4.46 14.49
C ILE C 480 -44.11 4.89 13.08
N ARG C 481 -43.10 5.22 12.28
CA ARG C 481 -43.29 5.54 10.88
C ARG C 481 -42.28 4.72 10.09
N LEU C 482 -42.78 3.86 9.21
CA LEU C 482 -41.89 2.99 8.45
C LEU C 482 -41.10 3.79 7.42
N VAL C 483 -39.96 3.24 7.04
CA VAL C 483 -39.22 3.78 5.90
C VAL C 483 -40.05 3.57 4.64
N GLU C 484 -40.05 4.58 3.77
CA GLU C 484 -40.83 4.49 2.55
C GLU C 484 -40.14 3.59 1.53
N ASP C 485 -38.85 3.81 1.30
CA ASP C 485 -38.14 3.01 0.31
C ASP C 485 -37.41 1.83 0.95
N GLY C 486 -38.13 1.11 1.83
CA GLY C 486 -37.95 -0.28 2.18
C GLY C 486 -36.57 -0.91 2.20
N LYS C 487 -35.56 -0.19 2.67
CA LYS C 487 -34.18 -0.66 2.62
C LYS C 487 -33.47 -0.26 3.90
N TYR C 488 -32.31 -0.86 4.11
CA TYR C 488 -31.47 -0.53 5.26
C TYR C 488 -30.64 0.71 4.99
N GLY C 489 -29.99 0.77 3.83
CA GLY C 489 -29.30 1.96 3.43
C GLY C 489 -27.91 1.69 2.89
N ALA C 490 -27.58 2.32 1.77
CA ALA C 490 -26.27 2.19 1.17
C ALA C 490 -26.05 3.39 0.26
N GLN C 491 -24.81 3.55 -0.20
CA GLN C 491 -24.54 4.56 -1.21
C GLN C 491 -24.93 4.02 -2.57
N ASP C 492 -25.79 4.76 -3.27
CA ASP C 492 -26.31 4.32 -4.57
C ASP C 492 -25.31 4.55 -5.70
N ASP C 493 -24.22 5.27 -5.43
CA ASP C 493 -23.03 5.46 -6.25
C ASP C 493 -23.29 6.29 -7.50
N VAL C 494 -24.54 6.66 -7.80
CA VAL C 494 -24.82 7.61 -8.86
C VAL C 494 -24.73 9.04 -8.35
N ASN C 495 -24.89 9.24 -7.04
CA ASN C 495 -24.68 10.52 -6.41
C ASN C 495 -24.07 10.41 -5.02
N GLY C 496 -23.78 9.19 -4.56
CA GLY C 496 -23.33 8.99 -3.19
C GLY C 496 -24.40 9.26 -2.14
N GLN C 497 -25.66 9.35 -2.55
CA GLN C 497 -26.76 9.61 -1.64
C GLN C 497 -27.15 8.30 -0.98
N TRP C 498 -27.09 8.28 0.34
CA TRP C 498 -27.58 7.15 1.10
C TRP C 498 -29.09 7.05 0.95
N ASN C 499 -29.60 5.84 1.08
CA ASN C 499 -31.03 5.61 0.88
C ASN C 499 -31.59 4.90 2.09
N GLY C 500 -32.82 4.41 2.00
CA GLY C 500 -33.36 3.56 3.03
C GLY C 500 -33.58 4.33 4.33
N MET C 501 -33.26 3.69 5.44
CA MET C 501 -33.44 4.33 6.73
C MET C 501 -32.34 5.34 7.01
N VAL C 502 -31.10 5.07 6.57
CA VAL C 502 -30.00 5.99 6.88
C VAL C 502 -30.05 7.25 6.04
N ARG C 503 -30.90 7.32 5.02
CA ARG C 503 -31.22 8.61 4.45
C ARG C 503 -32.12 9.40 5.39
N GLU C 504 -33.07 8.73 6.02
CA GLU C 504 -33.95 9.40 6.96
C GLU C 504 -33.25 9.68 8.27
N LEU C 505 -32.09 9.10 8.49
CA LEU C 505 -31.31 9.46 9.67
C LEU C 505 -30.41 10.64 9.39
N ILE C 506 -29.95 10.79 8.16
CA ILE C 506 -29.03 11.87 7.84
C ILE C 506 -29.78 13.16 7.51
N ASP C 507 -31.06 13.06 7.15
CA ASP C 507 -31.87 14.24 6.85
C ASP C 507 -32.81 14.59 7.99
N HIS C 508 -32.68 13.92 9.13
CA HIS C 508 -33.45 14.18 10.36
C HIS C 508 -34.96 14.08 10.16
N LYS C 509 -35.40 13.26 9.21
CA LYS C 509 -36.81 12.97 9.10
C LYS C 509 -37.24 11.89 10.10
N ALA C 510 -36.31 11.37 10.89
CA ALA C 510 -36.63 10.45 11.94
C ALA C 510 -35.64 10.64 13.07
N ASP C 511 -36.10 10.40 14.29
CA ASP C 511 -35.24 10.54 15.46
C ASP C 511 -34.48 9.27 15.78
N LEU C 512 -35.08 8.11 15.55
CA LEU C 512 -34.47 6.83 15.91
C LEU C 512 -34.50 5.85 14.76
N ALA C 513 -33.69 4.82 14.89
CA ALA C 513 -33.73 3.65 14.01
C ALA C 513 -33.46 2.45 14.90
N VAL C 514 -34.54 1.84 15.37
CA VAL C 514 -34.48 0.59 16.09
C VAL C 514 -34.84 -0.47 15.07
N ALA C 515 -33.83 -1.15 14.56
CA ALA C 515 -34.00 -1.96 13.36
C ALA C 515 -32.87 -2.98 13.34
N PRO C 516 -32.98 -4.00 12.49
CA PRO C 516 -31.80 -4.84 12.23
C PRO C 516 -30.77 -4.14 11.37
N LEU C 517 -30.12 -3.14 11.93
CA LEU C 517 -29.20 -2.28 11.20
C LEU C 517 -27.80 -2.61 11.68
N ALA C 518 -27.01 -3.24 10.83
CA ALA C 518 -25.69 -3.68 11.21
C ALA C 518 -24.74 -2.49 11.32
N ILE C 519 -24.07 -2.39 12.46
CA ILE C 519 -23.05 -1.36 12.64
C ILE C 519 -21.87 -1.74 11.76
N THR C 520 -21.73 -1.04 10.64
CA THR C 520 -20.64 -1.29 9.72
C THR C 520 -19.86 0.01 9.51
N TYR C 521 -18.71 -0.14 8.88
CA TYR C 521 -17.70 0.91 8.86
C TYR C 521 -18.13 2.08 7.99
N VAL C 522 -18.73 1.81 6.84
CA VAL C 522 -19.17 2.90 5.99
C VAL C 522 -20.42 3.57 6.51
N ARG C 523 -21.20 2.90 7.35
CA ARG C 523 -22.39 3.50 7.92
C ARG C 523 -22.09 4.17 9.24
N GLU C 524 -20.94 3.89 9.84
CA GLU C 524 -20.54 4.59 11.05
C GLU C 524 -20.16 6.03 10.75
N LYS C 525 -19.65 6.29 9.56
CA LYS C 525 -19.09 7.61 9.27
C LYS C 525 -20.12 8.62 8.81
N VAL C 526 -21.40 8.25 8.69
CA VAL C 526 -22.43 9.18 8.28
C VAL C 526 -23.50 9.38 9.35
N ILE C 527 -23.91 8.30 10.03
CA ILE C 527 -24.78 8.39 11.19
C ILE C 527 -24.11 7.62 12.32
N ASP C 528 -24.62 7.81 13.53
CA ASP C 528 -23.96 7.26 14.71
C ASP C 528 -24.90 6.33 15.45
N PHE C 529 -24.35 5.20 15.92
CA PHE C 529 -25.15 4.13 16.51
C PHE C 529 -25.08 4.16 18.03
N SER C 530 -25.92 3.34 18.63
CA SER C 530 -25.89 3.14 20.07
C SER C 530 -24.85 2.09 20.41
N LYS C 531 -24.87 1.61 21.63
CA LYS C 531 -23.98 0.50 21.89
C LYS C 531 -24.75 -0.80 21.74
N PRO C 532 -24.21 -1.82 21.06
CA PRO C 532 -25.06 -2.82 20.38
C PRO C 532 -25.90 -3.69 21.30
N PHE C 533 -27.12 -3.94 20.85
CA PHE C 533 -28.15 -4.64 21.59
C PHE C 533 -28.38 -6.05 21.08
N MET C 534 -27.66 -6.48 20.06
CA MET C 534 -27.78 -7.84 19.57
C MET C 534 -26.50 -8.19 18.82
N THR C 535 -25.95 -9.35 19.13
CA THR C 535 -24.71 -9.82 18.53
C THR C 535 -25.04 -10.87 17.50
N LEU C 536 -24.49 -10.72 16.31
CA LEU C 536 -24.78 -11.66 15.24
C LEU C 536 -23.49 -12.04 14.54
N GLY C 537 -23.62 -12.84 13.49
CA GLY C 537 -22.47 -13.26 12.73
C GLY C 537 -22.88 -14.10 11.56
N ILE C 538 -21.94 -14.31 10.66
CA ILE C 538 -22.16 -15.14 9.49
C ILE C 538 -22.02 -16.59 9.87
N SER C 539 -23.05 -17.38 9.62
CA SER C 539 -22.96 -18.81 9.77
C SER C 539 -23.84 -19.46 8.71
N ILE C 540 -24.04 -20.76 8.83
CA ILE C 540 -24.38 -21.60 7.69
C ILE C 540 -25.72 -22.29 7.96
N LEU C 541 -26.63 -22.19 6.99
CA LEU C 541 -27.77 -23.09 6.97
C LEU C 541 -27.37 -24.43 6.39
N TYR C 542 -27.87 -25.50 7.00
CA TYR C 542 -27.70 -26.80 6.39
C TYR C 542 -28.88 -27.67 6.77
N ARG C 543 -29.21 -28.60 5.88
CA ARG C 543 -30.28 -29.56 6.10
C ARG C 543 -29.91 -30.44 7.29
N LYS C 544 -30.83 -30.56 8.25
CA LYS C 544 -30.59 -31.41 9.41
C LYS C 544 -30.46 -32.86 8.95
N PRO C 545 -29.46 -33.60 9.44
CA PRO C 545 -29.11 -34.88 8.80
C PRO C 545 -30.18 -35.95 8.99
N ASN C 546 -30.90 -36.16 7.90
CA ASN C 546 -31.79 -37.29 7.73
C ASN C 546 -30.95 -38.56 7.76
N GLY C 547 -31.08 -39.31 8.85
CA GLY C 547 -30.31 -40.53 8.99
C GLY C 547 -30.86 -41.61 8.09
N THR C 548 -29.98 -42.28 7.36
CA THR C 548 -30.40 -43.38 6.50
C THR C 548 -30.73 -44.58 7.36
N ASN C 549 -31.98 -44.99 7.33
CA ASN C 549 -32.35 -46.28 7.90
C ASN C 549 -31.61 -47.39 7.15
N PRO C 550 -30.90 -48.27 7.86
CA PRO C 550 -30.13 -49.31 7.17
C PRO C 550 -30.99 -50.39 6.57
N GLY C 551 -32.27 -50.44 6.90
CA GLY C 551 -33.12 -51.54 6.53
C GLY C 551 -33.05 -52.65 7.56
N VAL C 552 -34.01 -53.56 7.45
CA VAL C 552 -34.04 -54.68 8.37
C VAL C 552 -33.10 -55.80 7.90
N PHE C 553 -32.90 -55.91 6.59
CA PHE C 553 -31.94 -56.86 6.02
C PHE C 553 -30.62 -56.17 5.75
N SER C 554 -30.07 -55.50 6.75
CA SER C 554 -28.85 -54.74 6.56
C SER C 554 -27.59 -55.54 6.87
N PHE C 555 -27.74 -56.71 7.46
CA PHE C 555 -26.62 -57.61 7.64
C PHE C 555 -26.27 -58.35 6.37
N LEU C 556 -27.13 -58.30 5.36
CA LEU C 556 -26.78 -58.78 4.03
C LEU C 556 -25.84 -57.83 3.31
N ASN C 557 -25.64 -56.63 3.83
CA ASN C 557 -24.90 -55.61 3.09
C ASN C 557 -23.43 -55.89 2.78
N PRO C 558 -22.60 -56.55 3.60
CA PRO C 558 -21.19 -56.65 3.21
C PRO C 558 -20.90 -57.64 2.10
N LEU C 559 -21.88 -58.29 1.52
CA LEU C 559 -21.62 -59.12 0.34
C LEU C 559 -22.64 -58.76 -0.72
N SER C 560 -22.22 -58.84 -1.98
CA SER C 560 -23.15 -58.64 -3.07
C SER C 560 -24.13 -59.80 -3.12
N PRO C 561 -25.38 -59.54 -3.55
CA PRO C 561 -26.38 -60.61 -3.58
C PRO C 561 -26.10 -61.70 -4.60
N ASP C 562 -25.21 -61.47 -5.56
CA ASP C 562 -24.78 -62.54 -6.44
C ASP C 562 -23.97 -63.57 -5.67
N ILE C 563 -23.20 -63.13 -4.68
CA ILE C 563 -22.44 -64.06 -3.86
C ILE C 563 -23.39 -64.89 -2.99
N TRP C 564 -24.44 -64.25 -2.45
CA TRP C 564 -25.38 -64.97 -1.61
C TRP C 564 -26.16 -66.01 -2.38
N MET C 565 -26.36 -65.79 -3.69
CA MET C 565 -26.94 -66.84 -4.51
C MET C 565 -25.94 -67.95 -4.77
N TYR C 566 -24.68 -67.59 -5.00
CA TYR C 566 -23.69 -68.58 -5.40
C TYR C 566 -23.21 -69.44 -4.25
N VAL C 567 -23.25 -68.91 -3.02
CA VAL C 567 -22.95 -69.74 -1.87
C VAL C 567 -24.06 -70.76 -1.64
N LEU C 568 -25.30 -70.31 -1.77
CA LEU C 568 -26.44 -71.21 -1.61
C LEU C 568 -26.48 -72.27 -2.70
N LEU C 569 -26.05 -71.92 -3.92
CA LEU C 569 -25.90 -72.92 -4.95
C LEU C 569 -24.71 -73.83 -4.69
N ALA C 570 -23.70 -73.35 -4.00
CA ALA C 570 -22.59 -74.22 -3.64
C ALA C 570 -22.99 -75.18 -2.54
N CYS C 571 -23.95 -74.80 -1.70
CA CYS C 571 -24.46 -75.73 -0.72
C CYS C 571 -25.22 -76.87 -1.38
N LEU C 572 -26.07 -76.55 -2.36
CA LEU C 572 -26.80 -77.59 -3.06
C LEU C 572 -25.95 -78.30 -4.10
N GLY C 573 -24.76 -77.79 -4.39
CA GLY C 573 -23.88 -78.46 -5.33
C GLY C 573 -22.96 -79.44 -4.64
N VAL C 574 -22.23 -78.96 -3.63
CA VAL C 574 -21.18 -79.78 -3.00
C VAL C 574 -21.80 -80.90 -2.19
N SER C 575 -22.98 -80.67 -1.62
CA SER C 575 -23.67 -81.74 -0.91
C SER C 575 -24.14 -82.82 -1.86
N CYS C 576 -24.60 -82.46 -3.04
CA CYS C 576 -25.02 -83.46 -4.00
C CYS C 576 -23.85 -84.15 -4.69
N VAL C 577 -22.66 -83.58 -4.63
CA VAL C 577 -21.49 -84.27 -5.16
C VAL C 577 -20.96 -85.28 -4.16
N LEU C 578 -20.97 -84.92 -2.88
CA LEU C 578 -20.46 -85.83 -1.85
C LEU C 578 -21.36 -87.05 -1.71
N PHE C 579 -22.67 -86.89 -1.93
CA PHE C 579 -23.58 -88.03 -1.92
C PHE C 579 -23.30 -88.98 -3.06
N VAL C 580 -22.83 -88.46 -4.20
CA VAL C 580 -22.39 -89.31 -5.29
C VAL C 580 -21.15 -90.09 -4.89
N ILE C 581 -20.18 -89.41 -4.29
CA ILE C 581 -18.90 -90.05 -3.96
C ILE C 581 -19.07 -91.03 -2.81
N ALA C 582 -20.01 -90.76 -1.90
CA ALA C 582 -20.23 -91.66 -0.78
C ALA C 582 -20.81 -93.00 -1.21
N ARG C 583 -21.72 -93.00 -2.18
CA ARG C 583 -22.23 -94.25 -2.71
C ARG C 583 -21.22 -94.95 -3.61
N PHE C 584 -20.32 -94.19 -4.22
CA PHE C 584 -19.40 -94.73 -5.20
C PHE C 584 -18.11 -95.24 -4.59
N SER C 585 -17.64 -94.61 -3.53
CA SER C 585 -16.37 -95.04 -2.96
C SER C 585 -16.59 -96.26 -2.08
N PRO C 586 -15.70 -97.25 -2.13
CA PRO C 586 -15.91 -98.45 -1.33
C PRO C 586 -15.61 -98.27 0.14
N TYR C 587 -14.67 -97.38 0.47
CA TYR C 587 -14.23 -97.20 1.85
C TYR C 587 -15.33 -96.64 2.74
N GLU C 588 -16.21 -95.82 2.16
CA GLU C 588 -17.29 -95.22 2.94
C GLU C 588 -18.31 -96.25 3.35
N TRP C 589 -18.44 -97.33 2.58
CA TRP C 589 -19.27 -98.45 3.00
C TRP C 589 -18.57 -99.15 4.17
N TYR C 590 -19.05 -98.91 5.38
CA TYR C 590 -18.41 -99.43 6.57
C TYR C 590 -19.38 -100.28 7.37
N ASN C 591 -18.82 -100.99 8.34
CA ASN C 591 -19.59 -101.79 9.28
C ASN C 591 -19.98 -100.92 10.46
N PRO C 592 -21.27 -100.73 10.73
CA PRO C 592 -21.68 -99.97 11.92
C PRO C 592 -21.51 -100.71 13.24
N HIS C 593 -21.12 -101.99 13.23
CA HIS C 593 -20.95 -102.76 14.45
C HIS C 593 -19.51 -103.25 14.57
N PRO C 594 -18.64 -102.48 15.24
CA PRO C 594 -17.45 -103.09 15.83
C PRO C 594 -17.77 -103.87 17.09
N CYS C 595 -18.94 -103.64 17.68
CA CYS C 595 -19.46 -104.45 18.76
C CYS C 595 -19.83 -105.87 18.30
N ASN C 596 -20.18 -106.03 17.03
CA ASN C 596 -20.54 -107.34 16.47
C ASN C 596 -19.90 -107.47 15.09
N PRO C 597 -18.80 -108.22 14.96
CA PRO C 597 -18.11 -108.33 13.66
C PRO C 597 -18.91 -109.13 12.63
N ASP C 598 -19.97 -108.54 12.10
CA ASP C 598 -20.89 -109.24 11.21
C ASP C 598 -20.56 -108.91 9.75
N SER C 599 -21.45 -109.33 8.86
CA SER C 599 -21.40 -108.96 7.46
C SER C 599 -22.82 -108.66 7.01
N ASP C 600 -22.93 -108.10 5.79
CA ASP C 600 -24.15 -107.75 5.04
C ASP C 600 -24.90 -106.57 5.68
N VAL C 601 -24.48 -106.07 6.83
CA VAL C 601 -25.03 -104.87 7.44
C VAL C 601 -24.21 -103.63 7.06
N VAL C 602 -23.35 -103.76 6.04
CA VAL C 602 -22.46 -102.68 5.65
C VAL C 602 -23.26 -101.54 5.05
N GLU C 603 -23.07 -100.35 5.59
CA GLU C 603 -23.94 -99.22 5.28
C GLU C 603 -23.13 -97.93 5.25
N ASN C 604 -23.76 -96.90 4.71
CA ASN C 604 -23.26 -95.54 4.81
C ASN C 604 -24.09 -94.77 5.83
N ASN C 605 -23.54 -93.66 6.29
CA ASN C 605 -24.32 -92.67 7.00
C ASN C 605 -24.69 -91.47 6.14
N PHE C 606 -24.02 -91.31 4.99
CA PHE C 606 -24.28 -90.18 4.12
C PHE C 606 -25.45 -90.52 3.21
N THR C 607 -26.65 -90.22 3.69
CA THR C 607 -27.83 -90.28 2.85
C THR C 607 -27.92 -89.00 2.04
N LEU C 608 -29.01 -88.84 1.29
CA LEU C 608 -29.20 -87.59 0.56
C LEU C 608 -29.54 -86.46 1.51
N LEU C 609 -30.29 -86.76 2.57
CA LEU C 609 -30.57 -85.75 3.58
C LEU C 609 -29.37 -85.46 4.45
N ASN C 610 -28.55 -86.49 4.74
CA ASN C 610 -27.37 -86.30 5.57
C ASN C 610 -26.32 -85.47 4.87
N SER C 611 -26.15 -85.63 3.56
CA SER C 611 -25.16 -84.86 2.83
C SER C 611 -25.53 -83.38 2.77
N PHE C 612 -26.83 -83.08 2.74
CA PHE C 612 -27.28 -81.71 2.91
C PHE C 612 -26.93 -81.21 4.30
N TRP C 613 -27.09 -82.06 5.30
CA TRP C 613 -26.83 -81.66 6.68
C TRP C 613 -25.35 -81.46 6.95
N PHE C 614 -24.46 -82.14 6.22
CA PHE C 614 -23.05 -81.88 6.44
C PHE C 614 -22.63 -80.55 5.84
N GLY C 615 -23.14 -80.24 4.64
CA GLY C 615 -22.78 -78.98 4.00
C GLY C 615 -23.31 -77.78 4.75
N VAL C 616 -24.52 -77.91 5.30
CA VAL C 616 -25.08 -76.84 6.12
C VAL C 616 -24.33 -76.71 7.43
N GLY C 617 -24.09 -77.84 8.10
CA GLY C 617 -23.47 -77.80 9.42
C GLY C 617 -22.02 -77.35 9.38
N ALA C 618 -21.34 -77.61 8.27
CA ALA C 618 -20.02 -77.05 8.11
C ALA C 618 -20.08 -75.61 7.66
N LEU C 619 -21.21 -75.16 7.11
CA LEU C 619 -21.29 -73.78 6.68
C LEU C 619 -21.35 -72.84 7.88
N MET C 620 -21.95 -73.26 8.97
CA MET C 620 -22.06 -72.39 10.13
C MET C 620 -20.93 -72.61 11.13
N GLN C 621 -19.83 -73.21 10.68
CA GLN C 621 -18.57 -73.34 11.43
C GLN C 621 -18.71 -74.15 12.72
N GLN C 622 -19.74 -74.98 12.82
CA GLN C 622 -19.91 -75.79 14.02
C GLN C 622 -19.73 -77.27 13.72
N GLY C 623 -19.52 -77.62 12.46
CA GLY C 623 -19.39 -79.01 12.11
C GLY C 623 -20.71 -79.74 12.17
N SER C 624 -20.61 -81.06 12.17
CA SER C 624 -21.75 -81.95 12.24
C SER C 624 -21.30 -83.20 12.99
N GLU C 625 -22.08 -84.27 12.85
CA GLU C 625 -21.74 -85.54 13.47
C GLU C 625 -21.44 -86.62 12.43
N LEU C 626 -21.07 -86.22 11.22
CA LEU C 626 -20.87 -87.18 10.15
C LEU C 626 -19.40 -87.48 9.90
N MET C 627 -18.58 -86.46 9.58
CA MET C 627 -17.13 -86.53 9.51
C MET C 627 -16.61 -87.65 8.59
N PRO C 628 -16.60 -87.43 7.27
CA PRO C 628 -16.44 -88.54 6.31
C PRO C 628 -15.14 -89.31 6.49
N LYS C 629 -15.22 -90.61 6.26
CA LYS C 629 -14.08 -91.49 6.46
C LYS C 629 -13.29 -91.73 5.19
N ALA C 630 -13.96 -91.84 4.05
CA ALA C 630 -13.30 -92.19 2.81
C ALA C 630 -12.48 -91.01 2.28
N LEU C 631 -11.33 -91.33 1.68
CA LEU C 631 -10.34 -90.34 1.29
C LEU C 631 -10.86 -89.37 0.26
N SER C 632 -11.57 -89.87 -0.76
CA SER C 632 -12.14 -88.98 -1.76
C SER C 632 -13.30 -88.18 -1.22
N THR C 633 -14.02 -88.72 -0.23
CA THR C 633 -14.98 -87.90 0.49
C THR C 633 -14.30 -86.91 1.41
N ARG C 634 -13.10 -87.24 1.89
CA ARG C 634 -12.34 -86.33 2.72
C ARG C 634 -11.69 -85.21 1.95
N ILE C 635 -11.49 -85.39 0.64
CA ILE C 635 -11.01 -84.29 -0.19
C ILE C 635 -12.12 -83.25 -0.35
N VAL C 636 -13.36 -83.71 -0.49
CA VAL C 636 -14.48 -82.78 -0.53
C VAL C 636 -14.64 -82.09 0.81
N GLY C 637 -14.45 -82.84 1.90
CA GLY C 637 -14.53 -82.24 3.21
C GLY C 637 -13.40 -81.28 3.49
N GLY C 638 -12.25 -81.48 2.84
CA GLY C 638 -11.15 -80.57 3.03
C GLY C 638 -11.35 -79.23 2.35
N ILE C 639 -11.85 -79.25 1.13
CA ILE C 639 -11.94 -78.00 0.36
C ILE C 639 -13.15 -77.21 0.79
N TRP C 640 -14.26 -77.88 1.09
CA TRP C 640 -15.45 -77.20 1.58
C TRP C 640 -15.21 -76.51 2.91
N TRP C 641 -14.30 -77.02 3.71
CA TRP C 641 -13.96 -76.32 4.94
C TRP C 641 -13.09 -75.10 4.66
N PHE C 642 -12.12 -75.24 3.75
CA PHE C 642 -11.36 -74.07 3.34
C PHE C 642 -12.22 -73.09 2.58
N PHE C 643 -13.30 -73.57 1.96
CA PHE C 643 -14.24 -72.63 1.37
C PHE C 643 -14.97 -71.83 2.42
N THR C 644 -15.22 -72.42 3.58
CA THR C 644 -16.13 -71.79 4.52
C THR C 644 -15.41 -70.76 5.38
N LEU C 645 -14.13 -70.97 5.65
CA LEU C 645 -13.40 -69.96 6.40
C LEU C 645 -13.18 -68.71 5.57
N ILE C 646 -13.13 -68.84 4.24
CA ILE C 646 -12.96 -67.64 3.46
C ILE C 646 -14.25 -66.83 3.45
N ILE C 647 -15.40 -67.50 3.47
CA ILE C 647 -16.65 -66.75 3.46
C ILE C 647 -16.88 -66.05 4.79
N ILE C 648 -16.67 -66.75 5.90
CA ILE C 648 -16.87 -66.12 7.20
C ILE C 648 -15.82 -65.07 7.44
N SER C 649 -14.56 -65.38 7.18
CA SER C 649 -13.59 -64.33 7.40
C SER C 649 -13.45 -63.38 6.22
N SER C 650 -14.37 -63.41 5.27
CA SER C 650 -14.64 -62.21 4.49
C SER C 650 -15.98 -61.60 4.84
N TYR C 651 -16.82 -62.31 5.56
CA TYR C 651 -18.01 -61.65 6.06
C TYR C 651 -17.66 -60.73 7.20
N THR C 652 -16.95 -61.25 8.19
CA THR C 652 -16.64 -60.48 9.40
C THR C 652 -15.78 -59.28 9.08
N ALA C 653 -14.74 -59.49 8.29
CA ALA C 653 -13.85 -58.38 7.95
C ALA C 653 -14.54 -57.32 7.12
N ASN C 654 -15.51 -57.72 6.31
CA ASN C 654 -16.20 -56.68 5.55
C ASN C 654 -17.29 -56.03 6.37
N LEU C 655 -17.92 -56.77 7.27
CA LEU C 655 -18.87 -56.13 8.16
C LEU C 655 -18.17 -55.24 9.16
N ALA C 656 -16.93 -55.57 9.51
CA ALA C 656 -16.13 -54.62 10.25
C ALA C 656 -15.60 -53.50 9.39
N ALA C 657 -15.83 -53.52 8.08
CA ALA C 657 -15.48 -52.38 7.28
C ALA C 657 -16.61 -51.39 7.11
N PHE C 658 -17.85 -51.86 6.93
CA PHE C 658 -18.97 -50.92 6.92
C PHE C 658 -19.15 -50.24 8.25
N LEU C 659 -18.77 -50.88 9.35
CA LEU C 659 -18.95 -50.20 10.62
C LEU C 659 -17.72 -49.44 11.07
N THR C 660 -16.58 -49.58 10.41
CA THR C 660 -15.50 -48.67 10.75
C THR C 660 -15.39 -47.53 9.78
N VAL C 661 -16.12 -47.56 8.67
CA VAL C 661 -16.14 -46.38 7.82
C VAL C 661 -17.24 -45.44 8.26
N GLU C 662 -18.43 -45.99 8.51
CA GLU C 662 -19.57 -45.17 8.88
C GLU C 662 -19.38 -44.51 10.24
N ARG C 663 -18.66 -45.17 11.15
CA ARG C 663 -18.35 -44.53 12.41
C ARG C 663 -17.23 -43.50 12.26
N MET C 664 -16.31 -43.71 11.33
CA MET C 664 -15.22 -42.76 11.16
C MET C 664 -15.68 -41.47 10.50
N GLU C 665 -16.66 -41.54 9.61
CA GLU C 665 -17.10 -40.33 8.94
C GLU C 665 -17.94 -39.48 9.87
N SER C 666 -18.11 -38.22 9.48
CA SER C 666 -18.82 -37.23 10.28
C SER C 666 -19.48 -36.23 9.35
N PRO C 667 -20.60 -35.64 9.76
CA PRO C 667 -21.14 -34.52 9.00
C PRO C 667 -20.27 -33.29 9.16
N ILE C 668 -20.53 -32.31 8.29
CA ILE C 668 -19.80 -31.05 8.30
C ILE C 668 -20.09 -30.29 9.59
N ASP C 669 -19.06 -29.67 10.14
CA ASP C 669 -19.24 -28.90 11.38
C ASP C 669 -18.38 -27.64 11.35
N SER C 670 -17.82 -27.30 10.19
CA SER C 670 -17.01 -26.10 10.07
C SER C 670 -17.06 -25.66 8.62
N ALA C 671 -16.59 -24.44 8.38
CA ALA C 671 -16.49 -23.93 7.03
C ALA C 671 -15.36 -24.58 6.27
N ASP C 672 -14.34 -25.06 6.98
CA ASP C 672 -13.21 -25.70 6.34
C ASP C 672 -13.59 -27.07 5.82
N ASP C 673 -14.41 -27.80 6.57
CA ASP C 673 -15.03 -29.01 6.06
C ASP C 673 -16.02 -28.70 4.95
N LEU C 674 -16.64 -27.53 4.99
CA LEU C 674 -17.44 -27.06 3.88
C LEU C 674 -16.60 -26.50 2.74
N ALA C 675 -15.34 -26.13 3.01
CA ALA C 675 -14.51 -25.60 1.94
C ALA C 675 -14.10 -26.67 0.93
N LYS C 676 -13.84 -27.89 1.40
CA LYS C 676 -13.20 -28.90 0.57
C LYS C 676 -14.20 -29.66 -0.27
N GLN C 677 -15.29 -30.10 0.34
CA GLN C 677 -16.20 -31.03 -0.34
C GLN C 677 -17.06 -30.25 -1.32
N THR C 678 -16.67 -30.31 -2.59
CA THR C 678 -17.36 -29.60 -3.65
C THR C 678 -18.66 -30.25 -4.06
N LYS C 679 -19.04 -31.36 -3.44
CA LYS C 679 -20.37 -31.91 -3.67
C LYS C 679 -21.44 -31.03 -3.02
N ILE C 680 -21.12 -30.40 -1.90
CA ILE C 680 -22.12 -29.58 -1.21
C ILE C 680 -22.21 -28.22 -1.88
N GLU C 681 -23.38 -27.89 -2.42
CA GLU C 681 -23.63 -26.59 -3.00
C GLU C 681 -23.72 -25.54 -1.91
N TYR C 682 -23.08 -24.40 -2.12
CA TYR C 682 -23.06 -23.34 -1.13
C TYR C 682 -24.32 -22.50 -1.27
N GLY C 683 -24.31 -21.30 -0.68
CA GLY C 683 -25.34 -20.34 -0.98
C GLY C 683 -25.16 -18.99 -0.30
N ALA C 684 -25.51 -17.91 -1.00
CA ALA C 684 -25.38 -16.57 -0.43
C ALA C 684 -26.37 -15.65 -1.11
N VAL C 685 -26.75 -14.59 -0.40
CA VAL C 685 -27.57 -13.53 -0.96
C VAL C 685 -26.79 -12.84 -2.06
N GLU C 686 -27.39 -12.77 -3.26
CA GLU C 686 -26.85 -11.92 -4.30
C GLU C 686 -26.90 -10.46 -3.85
N ASP C 687 -25.72 -9.83 -3.84
CA ASP C 687 -25.51 -8.48 -3.32
C ASP C 687 -26.00 -8.35 -1.87
N GLY C 688 -25.36 -9.12 -1.00
CA GLY C 688 -25.54 -8.96 0.42
C GLY C 688 -24.21 -8.63 1.08
N ALA C 689 -24.27 -8.34 2.37
CA ALA C 689 -23.06 -8.11 3.14
C ALA C 689 -22.28 -9.40 3.36
N THR C 690 -22.93 -10.54 3.21
CA THR C 690 -22.26 -11.84 3.34
C THR C 690 -21.27 -12.05 2.21
N MET C 691 -21.74 -11.98 0.96
CA MET C 691 -20.82 -12.11 -0.17
C MET C 691 -19.92 -10.89 -0.30
N THR C 692 -20.31 -9.75 0.30
CA THR C 692 -19.40 -8.63 0.40
C THR C 692 -18.23 -8.98 1.29
N PHE C 693 -18.47 -9.75 2.35
CA PHE C 693 -17.39 -10.14 3.24
C PHE C 693 -16.43 -11.11 2.57
N PHE C 694 -16.93 -11.96 1.69
CA PHE C 694 -16.04 -12.90 1.02
C PHE C 694 -15.29 -12.28 -0.15
N LYS C 695 -15.65 -11.07 -0.57
CA LYS C 695 -14.77 -10.34 -1.48
C LYS C 695 -13.54 -9.84 -0.72
N LYS C 696 -13.77 -9.14 0.37
CA LYS C 696 -12.72 -8.47 1.13
C LYS C 696 -12.00 -9.41 2.07
N SER C 697 -12.39 -10.69 2.13
CA SER C 697 -11.76 -11.62 3.03
C SER C 697 -10.36 -11.95 2.55
N LYS C 698 -9.42 -11.98 3.49
CA LYS C 698 -8.06 -12.42 3.21
C LYS C 698 -7.76 -13.75 3.85
N ILE C 699 -8.77 -14.45 4.37
CA ILE C 699 -8.57 -15.77 4.92
C ILE C 699 -8.55 -16.79 3.79
N SER C 700 -7.57 -17.68 3.83
CA SER C 700 -7.38 -18.71 2.82
C SER C 700 -8.55 -19.67 2.71
N THR C 701 -9.35 -19.80 3.75
CA THR C 701 -10.49 -20.69 3.69
C THR C 701 -11.71 -20.05 3.08
N TYR C 702 -11.67 -18.75 2.81
CA TYR C 702 -12.87 -18.02 2.44
C TYR C 702 -12.86 -17.51 1.01
N ASP C 703 -11.69 -17.08 0.51
CA ASP C 703 -11.57 -16.74 -0.89
C ASP C 703 -11.75 -17.97 -1.77
N LYS C 704 -11.38 -19.15 -1.26
CA LYS C 704 -11.70 -20.39 -1.95
C LYS C 704 -13.19 -20.62 -2.02
N MET C 705 -13.90 -20.31 -0.93
CA MET C 705 -15.36 -20.29 -0.98
C MET C 705 -15.84 -19.19 -1.91
N TRP C 706 -15.13 -18.06 -1.94
CA TRP C 706 -15.43 -17.04 -2.92
C TRP C 706 -15.02 -17.49 -4.32
N ALA C 707 -13.99 -18.33 -4.43
CA ALA C 707 -13.68 -18.92 -5.72
C ALA C 707 -14.73 -19.92 -6.15
N PHE C 708 -15.42 -20.54 -5.19
CA PHE C 708 -16.56 -21.38 -5.54
C PHE C 708 -17.73 -20.55 -6.02
N MET C 709 -18.01 -19.44 -5.36
CA MET C 709 -19.16 -18.62 -5.72
C MET C 709 -18.92 -17.80 -6.98
N SER C 710 -17.67 -17.43 -7.23
CA SER C 710 -17.35 -16.81 -8.51
C SER C 710 -17.44 -17.81 -9.65
N SER C 711 -17.16 -19.09 -9.37
CA SER C 711 -17.27 -20.12 -10.39
C SER C 711 -18.71 -20.40 -10.76
N ARG C 712 -19.51 -20.84 -9.79
CA ARG C 712 -20.86 -21.32 -10.03
C ARG C 712 -21.91 -20.26 -9.77
N ARG C 713 -21.58 -19.01 -10.09
CA ARG C 713 -22.52 -17.90 -10.04
C ARG C 713 -23.71 -18.17 -10.97
N GLN C 714 -24.87 -17.60 -10.60
CA GLN C 714 -26.25 -17.81 -11.06
C GLN C 714 -26.80 -19.12 -10.50
N SER C 715 -25.98 -19.95 -9.85
CA SER C 715 -26.48 -21.14 -9.17
C SER C 715 -26.33 -21.06 -7.67
N VAL C 716 -25.28 -20.41 -7.16
CA VAL C 716 -25.05 -20.29 -5.73
C VAL C 716 -25.22 -18.85 -5.25
N LEU C 717 -25.86 -18.02 -6.06
CA LEU C 717 -25.98 -16.59 -5.85
C LEU C 717 -27.44 -16.16 -5.85
N VAL C 718 -28.26 -16.85 -5.06
CA VAL C 718 -29.67 -16.51 -4.99
C VAL C 718 -29.85 -15.10 -4.41
N LYS C 719 -31.00 -14.50 -4.72
CA LYS C 719 -31.16 -13.05 -4.54
C LYS C 719 -31.52 -12.64 -3.12
N SER C 720 -32.12 -13.52 -2.34
CA SER C 720 -32.59 -13.13 -1.01
C SER C 720 -32.49 -14.31 -0.06
N ASN C 721 -32.86 -14.04 1.19
CA ASN C 721 -32.84 -15.07 2.21
C ASN C 721 -33.97 -16.07 2.01
N GLU C 722 -35.13 -15.60 1.59
CA GLU C 722 -36.32 -16.45 1.53
C GLU C 722 -36.21 -17.49 0.44
N GLU C 723 -35.70 -17.10 -0.72
CA GLU C 723 -35.39 -18.09 -1.73
C GLU C 723 -34.15 -18.88 -1.40
N GLY C 724 -33.28 -18.36 -0.53
CA GLY C 724 -32.14 -19.14 -0.06
C GLY C 724 -32.53 -20.26 0.86
N ILE C 725 -33.61 -20.09 1.62
CA ILE C 725 -34.05 -21.12 2.55
C ILE C 725 -34.63 -22.31 1.79
N GLN C 726 -35.38 -22.05 0.73
CA GLN C 726 -36.08 -23.13 0.04
C GLN C 726 -35.15 -24.02 -0.75
N ARG C 727 -33.96 -23.53 -1.10
CA ARG C 727 -33.00 -24.35 -1.80
C ARG C 727 -32.41 -25.43 -0.92
N VAL C 728 -32.21 -25.14 0.37
CA VAL C 728 -31.71 -26.16 1.28
C VAL C 728 -32.78 -27.21 1.52
N LEU C 729 -34.05 -26.79 1.52
CA LEU C 729 -35.15 -27.72 1.70
C LEU C 729 -35.30 -28.64 0.48
N THR C 730 -34.80 -28.22 -0.68
CA THR C 730 -34.80 -29.06 -1.88
C THR C 730 -33.45 -29.70 -2.13
N SER C 731 -32.42 -28.89 -2.29
CA SER C 731 -31.12 -29.33 -2.74
C SER C 731 -30.15 -29.45 -1.56
N ASP C 732 -28.90 -29.77 -1.88
CA ASP C 732 -27.80 -29.81 -0.90
C ASP C 732 -27.15 -28.42 -0.82
N TYR C 733 -27.93 -27.47 -0.35
CA TYR C 733 -27.58 -26.06 -0.39
C TYR C 733 -27.05 -25.68 0.98
N ALA C 734 -26.03 -24.83 1.01
CA ALA C 734 -25.31 -24.53 2.25
C ALA C 734 -25.30 -23.03 2.49
N PHE C 735 -26.51 -22.46 2.50
CA PHE C 735 -26.71 -21.03 2.39
C PHE C 735 -26.07 -20.24 3.54
N LEU C 736 -25.32 -19.20 3.17
CA LEU C 736 -24.54 -18.39 4.10
C LEU C 736 -25.32 -17.12 4.39
N MET C 737 -25.70 -16.94 5.65
CA MET C 737 -26.44 -15.75 6.05
C MET C 737 -26.10 -15.43 7.49
N GLU C 738 -26.74 -14.40 8.01
CA GLU C 738 -26.46 -13.98 9.36
C GLU C 738 -27.15 -14.88 10.38
N SER C 739 -26.57 -14.91 11.59
CA SER C 739 -26.87 -15.91 12.60
C SER C 739 -28.26 -15.78 13.17
N THR C 740 -28.73 -14.56 13.39
CA THR C 740 -30.01 -14.39 14.01
C THR C 740 -31.16 -14.77 13.11
N THR C 741 -30.98 -14.71 11.80
CA THR C 741 -31.92 -15.29 10.84
C THR C 741 -31.59 -16.75 10.56
N ILE C 742 -30.69 -17.34 11.34
CA ILE C 742 -30.58 -18.79 11.37
C ILE C 742 -31.21 -19.35 12.63
N GLU C 743 -30.94 -18.73 13.77
CA GLU C 743 -31.58 -19.14 15.00
C GLU C 743 -33.07 -18.94 14.97
N PHE C 744 -33.57 -18.04 14.13
CA PHE C 744 -35.01 -17.93 13.94
C PHE C 744 -35.55 -19.07 13.11
N VAL C 745 -34.88 -19.39 12.00
CA VAL C 745 -35.44 -20.32 11.04
C VAL C 745 -35.29 -21.76 11.52
N THR C 746 -34.12 -22.08 12.07
CA THR C 746 -33.86 -23.42 12.59
C THR C 746 -34.79 -23.76 13.74
N GLN C 747 -34.99 -22.83 14.66
CA GLN C 747 -35.78 -23.15 15.84
C GLN C 747 -37.29 -23.11 15.55
N ARG C 748 -37.71 -22.63 14.39
CA ARG C 748 -39.10 -22.81 13.98
C ARG C 748 -39.22 -23.69 12.75
N ASN C 749 -38.14 -24.36 12.35
CA ASN C 749 -38.22 -25.41 11.32
C ASN C 749 -37.11 -26.41 11.64
N CYS C 750 -37.49 -27.52 12.26
CA CYS C 750 -36.54 -28.50 12.76
C CYS C 750 -36.13 -29.50 11.72
N ASN C 751 -36.23 -29.15 10.45
CA ASN C 751 -35.58 -29.90 9.40
C ASN C 751 -34.26 -29.26 8.99
N LEU C 752 -33.89 -28.17 9.63
CA LEU C 752 -32.74 -27.38 9.27
C LEU C 752 -31.84 -27.24 10.47
N THR C 753 -30.57 -26.91 10.24
CA THR C 753 -29.64 -26.79 11.35
C THR C 753 -28.55 -25.78 11.03
N GLN C 754 -27.88 -25.36 12.10
CA GLN C 754 -26.75 -24.44 12.04
C GLN C 754 -25.49 -25.23 12.29
N ILE C 755 -24.69 -25.40 11.28
CA ILE C 755 -23.42 -26.07 11.44
C ILE C 755 -22.32 -25.03 11.45
N GLY C 756 -21.35 -25.23 12.32
CA GLY C 756 -20.29 -24.26 12.49
C GLY C 756 -20.63 -23.24 13.57
N GLY C 757 -19.82 -22.19 13.62
CA GLY C 757 -20.02 -21.13 14.57
C GLY C 757 -20.10 -19.78 13.87
N LEU C 758 -19.90 -18.71 14.61
CA LEU C 758 -19.96 -17.39 14.01
C LEU C 758 -18.64 -17.08 13.31
N ILE C 759 -18.72 -16.77 12.02
CA ILE C 759 -17.56 -16.40 11.24
C ILE C 759 -17.27 -14.94 11.48
N ASP C 760 -18.25 -14.11 11.17
CA ASP C 760 -18.14 -12.68 11.31
C ASP C 760 -18.68 -12.30 12.68
N SER C 761 -18.51 -11.03 13.06
CA SER C 761 -19.03 -10.57 14.34
C SER C 761 -19.50 -9.13 14.15
N LYS C 762 -20.77 -8.99 13.86
CA LYS C 762 -21.40 -7.68 13.71
C LYS C 762 -22.28 -7.40 14.91
N GLY C 763 -22.90 -6.23 14.93
CA GLY C 763 -23.82 -5.88 15.98
C GLY C 763 -24.89 -4.91 15.52
N TYR C 764 -26.13 -5.21 15.81
CA TYR C 764 -27.21 -4.29 15.53
C TYR C 764 -27.15 -3.14 16.52
N GLY C 765 -27.16 -1.93 16.00
CA GLY C 765 -27.14 -0.75 16.84
C GLY C 765 -28.33 0.13 16.55
N VAL C 766 -28.85 0.76 17.60
CA VAL C 766 -29.96 1.70 17.47
C VAL C 766 -29.43 2.90 16.72
N GLY C 767 -30.06 3.24 15.60
CA GLY C 767 -29.59 4.35 14.81
C GLY C 767 -29.99 5.69 15.40
N THR C 768 -29.03 6.60 15.44
CA THR C 768 -29.24 7.97 15.84
C THR C 768 -28.65 8.84 14.73
N PRO C 769 -29.18 10.05 14.54
CA PRO C 769 -28.51 10.99 13.66
C PRO C 769 -27.19 11.44 14.28
N MET C 770 -26.30 11.91 13.42
CA MET C 770 -24.93 12.21 13.84
C MET C 770 -24.92 13.37 14.82
N GLY C 771 -24.41 13.11 16.02
CA GLY C 771 -24.32 14.14 17.03
C GLY C 771 -25.56 14.32 17.86
N SER C 772 -26.41 13.32 17.96
CA SER C 772 -27.55 13.50 18.83
C SER C 772 -27.13 13.34 20.28
N PRO C 773 -27.79 14.06 21.20
CA PRO C 773 -27.61 13.76 22.62
C PRO C 773 -28.22 12.45 23.03
N TYR C 774 -29.18 11.93 22.25
CA TYR C 774 -29.81 10.66 22.55
C TYR C 774 -28.90 9.46 22.36
N ARG C 775 -27.81 9.60 21.61
CA ARG C 775 -26.86 8.50 21.38
C ARG C 775 -26.25 8.01 22.68
N ASP C 776 -26.05 8.90 23.64
CA ASP C 776 -25.44 8.45 24.88
C ASP C 776 -26.45 7.93 25.88
N LYS C 777 -27.66 8.49 25.93
CA LYS C 777 -28.66 8.00 26.87
C LYS C 777 -29.10 6.59 26.53
N ILE C 778 -29.29 6.31 25.24
CA ILE C 778 -29.70 4.99 24.80
C ILE C 778 -28.63 3.96 25.10
N THR C 779 -27.35 4.36 24.98
CA THR C 779 -26.26 3.50 25.41
C THR C 779 -26.31 3.26 26.92
N ILE C 780 -26.75 4.26 27.68
CA ILE C 780 -26.99 3.98 29.09
C ILE C 780 -28.35 3.29 29.25
N ALA C 781 -29.25 3.40 28.27
CA ALA C 781 -30.53 2.71 28.40
C ALA C 781 -30.44 1.23 28.05
N ILE C 782 -29.74 0.90 26.96
CA ILE C 782 -29.59 -0.51 26.58
C ILE C 782 -28.76 -1.25 27.60
N LEU C 783 -27.72 -0.61 28.12
CA LEU C 783 -26.86 -1.28 29.07
C LEU C 783 -27.52 -1.44 30.45
N GLN C 784 -28.63 -0.75 30.71
CA GLN C 784 -29.39 -1.03 31.93
C GLN C 784 -30.17 -2.32 31.81
N LEU C 785 -30.88 -2.50 30.70
CA LEU C 785 -31.68 -3.69 30.48
C LEU C 785 -30.84 -4.95 30.36
N GLN C 786 -29.57 -4.79 29.98
CA GLN C 786 -28.64 -5.89 29.96
C GLN C 786 -28.36 -6.42 31.35
N GLU C 787 -28.24 -5.54 32.34
CA GLU C 787 -27.83 -5.98 33.65
C GLU C 787 -28.96 -6.63 34.43
N GLU C 788 -30.20 -6.36 34.06
CA GLU C 788 -31.33 -7.05 34.64
C GLU C 788 -31.91 -8.08 33.69
N GLY C 789 -31.17 -8.44 32.64
CA GLY C 789 -31.50 -9.59 31.83
C GLY C 789 -32.78 -9.47 31.05
N LYS C 790 -33.13 -8.27 30.61
CA LYS C 790 -34.39 -8.10 29.90
C LYS C 790 -34.36 -8.73 28.53
N LEU C 791 -33.34 -8.41 27.74
CA LEU C 791 -33.29 -8.76 26.34
C LEU C 791 -33.20 -10.26 26.09
N HIS C 792 -32.51 -10.99 26.96
CA HIS C 792 -32.39 -12.42 26.76
C HIS C 792 -33.71 -13.11 26.94
N MET C 793 -34.49 -12.68 27.93
CA MET C 793 -35.88 -13.10 28.02
C MET C 793 -36.69 -12.59 26.85
N MET C 794 -36.36 -11.42 26.32
CA MET C 794 -37.04 -10.93 25.13
C MET C 794 -36.65 -11.72 23.90
N LYS C 795 -35.38 -12.08 23.80
CA LYS C 795 -34.91 -12.98 22.77
C LYS C 795 -35.56 -14.36 22.91
N GLU C 796 -35.59 -14.87 24.13
CA GLU C 796 -36.31 -16.13 24.35
C GLU C 796 -37.81 -15.97 24.26
N LYS C 797 -38.33 -14.75 24.27
CA LYS C 797 -39.75 -14.60 24.05
C LYS C 797 -40.08 -14.67 22.57
N TRP C 798 -39.16 -14.28 21.71
CA TRP C 798 -39.47 -14.13 20.30
C TRP C 798 -38.84 -15.15 19.39
N TRP C 799 -37.69 -15.72 19.74
CA TRP C 799 -37.07 -16.72 18.89
C TRP C 799 -37.37 -18.14 19.31
N ARG C 800 -38.11 -18.33 20.41
CA ARG C 800 -38.31 -19.67 20.93
C ARG C 800 -39.26 -20.48 20.05
N GLY C 801 -40.50 -20.02 19.95
CA GLY C 801 -41.44 -20.67 19.07
C GLY C 801 -42.07 -21.90 19.71
N ASN C 802 -42.33 -22.89 18.87
CA ASN C 802 -43.08 -24.07 19.26
C ASN C 802 -42.18 -25.03 20.04
N GLY C 803 -42.69 -26.24 20.27
CA GLY C 803 -41.85 -27.30 20.81
C GLY C 803 -40.75 -27.68 19.84
N CYS C 804 -41.13 -27.96 18.57
CA CYS C 804 -40.25 -28.26 17.45
C CYS C 804 -39.36 -29.46 17.78
N PRO C 805 -39.83 -30.71 17.57
CA PRO C 805 -39.39 -31.91 18.33
C PRO C 805 -37.90 -32.28 18.34
N GLU C 806 -37.01 -31.36 17.95
CA GLU C 806 -35.57 -31.52 17.76
C GLU C 806 -34.77 -32.21 18.86
N GLU C 807 -35.38 -32.49 20.02
CA GLU C 807 -34.81 -33.27 21.13
C GLU C 807 -34.00 -34.47 20.66
N GLU C 808 -34.67 -35.39 19.95
CA GLU C 808 -34.14 -36.27 18.89
C GLU C 808 -32.77 -36.88 19.20
N SER C 809 -32.75 -37.73 20.23
CA SER C 809 -31.50 -38.23 20.81
C SER C 809 -30.84 -39.21 19.84
N LYS C 810 -30.11 -38.63 18.91
CA LYS C 810 -29.39 -39.42 17.91
C LYS C 810 -28.11 -40.00 18.52
N GLU C 811 -27.91 -41.29 18.31
CA GLU C 811 -26.67 -41.98 18.63
C GLU C 811 -26.30 -42.86 17.46
N ALA C 812 -25.14 -43.49 17.55
CA ALA C 812 -24.64 -44.28 16.44
C ALA C 812 -23.75 -45.39 16.99
N SER C 813 -23.52 -46.38 16.12
CA SER C 813 -22.58 -47.49 16.29
C SER C 813 -22.89 -48.41 17.45
N ALA C 814 -24.03 -48.22 18.10
CA ALA C 814 -24.65 -49.26 18.90
C ALA C 814 -25.62 -49.99 17.99
N LEU C 815 -25.42 -51.29 17.80
CA LEU C 815 -26.29 -52.07 16.95
C LEU C 815 -27.66 -52.23 17.60
N GLY C 816 -28.71 -51.82 16.90
CA GLY C 816 -30.04 -51.86 17.46
C GLY C 816 -30.94 -52.80 16.71
N VAL C 817 -32.25 -52.68 16.92
CA VAL C 817 -33.16 -53.51 16.15
C VAL C 817 -33.26 -53.01 14.72
N GLN C 818 -33.10 -51.70 14.54
CA GLN C 818 -33.23 -51.01 13.27
C GLN C 818 -32.16 -51.38 12.25
N ASN C 819 -31.02 -51.88 12.70
CA ASN C 819 -29.92 -52.20 11.81
C ASN C 819 -29.47 -53.65 11.88
N ILE C 820 -29.83 -54.40 12.91
CA ILE C 820 -29.81 -55.85 12.88
C ILE C 820 -31.14 -56.32 13.46
N GLY C 821 -32.12 -56.48 12.58
CA GLY C 821 -33.40 -57.01 13.01
C GLY C 821 -33.90 -58.10 12.10
N GLY C 822 -33.31 -58.22 10.92
CA GLY C 822 -33.78 -59.22 9.98
C GLY C 822 -33.39 -60.63 10.35
N ILE C 823 -32.39 -60.76 11.23
CA ILE C 823 -32.04 -62.06 11.77
C ILE C 823 -32.97 -62.47 12.90
N PHE C 824 -33.82 -61.57 13.35
CA PHE C 824 -34.96 -61.98 14.15
C PHE C 824 -36.11 -62.46 13.28
N ILE C 825 -36.32 -61.82 12.13
CA ILE C 825 -37.45 -62.16 11.29
C ILE C 825 -37.23 -63.50 10.59
N VAL C 826 -36.04 -63.69 10.01
CA VAL C 826 -35.78 -64.93 9.30
C VAL C 826 -35.54 -66.08 10.28
N LEU C 827 -35.25 -65.77 11.55
CA LEU C 827 -35.27 -66.80 12.59
C LEU C 827 -36.69 -67.31 12.78
N ALA C 828 -37.64 -66.40 12.96
CA ALA C 828 -39.04 -66.79 13.12
C ALA C 828 -39.60 -67.38 11.83
N ALA C 829 -39.07 -66.97 10.68
CA ALA C 829 -39.49 -67.53 9.41
C ALA C 829 -39.05 -68.99 9.24
N GLY C 830 -38.03 -69.42 9.98
CA GLY C 830 -37.58 -70.79 9.91
C GLY C 830 -38.26 -71.68 10.92
N LEU C 831 -38.61 -71.14 12.08
CA LEU C 831 -39.32 -71.91 13.08
C LEU C 831 -40.76 -72.18 12.70
N VAL C 832 -41.41 -71.23 12.03
CA VAL C 832 -42.78 -71.43 11.60
C VAL C 832 -42.84 -72.47 10.49
N LEU C 833 -41.86 -72.45 9.57
CA LEU C 833 -41.81 -73.47 8.52
C LEU C 833 -41.49 -74.84 9.10
N SER C 834 -40.69 -74.90 10.17
CA SER C 834 -40.34 -76.18 10.77
C SER C 834 -41.50 -76.82 11.50
N VAL C 835 -42.49 -76.03 11.92
CA VAL C 835 -43.73 -76.60 12.42
C VAL C 835 -44.47 -77.32 11.30
N PHE C 836 -44.48 -76.72 10.11
CA PHE C 836 -45.24 -77.26 8.99
C PHE C 836 -44.59 -78.49 8.40
N VAL C 837 -43.31 -78.72 8.68
CA VAL C 837 -42.68 -79.98 8.34
C VAL C 837 -42.90 -81.02 9.43
N ALA C 838 -42.91 -80.58 10.69
CA ALA C 838 -43.16 -81.49 11.80
C ALA C 838 -44.59 -82.03 11.80
N VAL C 839 -45.53 -81.24 11.28
CA VAL C 839 -46.85 -81.78 10.99
C VAL C 839 -46.77 -82.76 9.83
N GLY C 840 -45.97 -82.43 8.81
CA GLY C 840 -45.82 -83.30 7.66
C GLY C 840 -45.06 -84.58 7.95
N GLU C 841 -44.29 -84.62 9.04
CA GLU C 841 -43.65 -85.85 9.47
C GLU C 841 -44.61 -86.76 10.19
N PHE C 842 -45.41 -86.20 11.11
CA PHE C 842 -46.32 -87.00 11.91
C PHE C 842 -47.46 -87.57 11.08
N LEU C 843 -47.86 -86.87 10.02
CA LEU C 843 -48.86 -87.44 9.14
C LEU C 843 -48.26 -88.50 8.23
N TYR C 844 -47.03 -88.30 7.76
CA TYR C 844 -46.40 -89.25 6.85
C TYR C 844 -46.07 -90.55 7.57
N LYS C 845 -45.82 -90.50 8.86
CA LYS C 845 -45.62 -91.73 9.62
C LYS C 845 -46.92 -92.49 9.81
N SER C 846 -47.98 -91.78 10.23
CA SER C 846 -49.26 -92.43 10.53
C SER C 846 -49.95 -92.92 9.27
N LYS C 847 -49.73 -92.25 8.13
CA LYS C 847 -50.24 -92.76 6.87
C LYS C 847 -49.42 -93.94 6.37
N LYS C 848 -48.21 -94.14 6.89
CA LYS C 848 -47.50 -95.39 6.65
C LYS C 848 -47.96 -96.47 7.62
N ASN C 849 -48.35 -96.08 8.84
CA ASN C 849 -48.86 -97.05 9.81
C ASN C 849 -50.24 -97.55 9.41
N ALA C 850 -51.13 -96.64 9.02
CA ALA C 850 -52.49 -97.02 8.64
C ALA C 850 -52.53 -97.65 7.26
N THR D 33 -34.65 77.69 -32.35
CA THR D 33 -33.40 77.55 -31.60
C THR D 33 -33.71 77.40 -30.12
N HIS D 34 -33.13 76.37 -29.50
CA HIS D 34 -33.36 76.09 -28.10
C HIS D 34 -32.09 76.29 -27.28
N VAL D 35 -32.26 76.46 -25.98
CA VAL D 35 -31.17 76.63 -25.03
C VAL D 35 -31.45 75.70 -23.84
N LEU D 36 -30.85 74.51 -23.86
CA LEU D 36 -31.05 73.55 -22.79
C LEU D 36 -29.87 73.62 -21.81
N ARG D 37 -30.18 73.63 -20.51
CA ARG D 37 -29.19 73.88 -19.47
C ARG D 37 -29.09 72.66 -18.55
N PHE D 38 -28.21 71.72 -18.91
CA PHE D 38 -27.97 70.58 -18.04
C PHE D 38 -27.09 71.00 -16.88
N GLY D 39 -27.56 70.77 -15.67
CA GLY D 39 -26.76 71.04 -14.51
C GLY D 39 -25.69 69.98 -14.29
N GLY D 40 -24.73 70.35 -13.44
CA GLY D 40 -23.63 69.46 -13.09
C GLY D 40 -22.99 69.91 -11.80
N ILE D 41 -22.72 68.98 -10.89
CA ILE D 41 -22.16 69.29 -9.58
C ILE D 41 -20.93 68.42 -9.41
N PHE D 42 -19.75 69.00 -9.59
CA PHE D 42 -18.53 68.22 -9.70
C PHE D 42 -17.63 68.47 -8.50
N GLU D 43 -16.50 67.77 -8.49
CA GLU D 43 -15.49 67.92 -7.46
C GLU D 43 -14.83 69.29 -7.57
N TYR D 44 -14.59 69.93 -6.43
CA TYR D 44 -13.85 71.19 -6.39
C TYR D 44 -12.37 70.87 -6.18
N VAL D 45 -11.57 71.15 -7.19
CA VAL D 45 -10.13 70.95 -7.16
C VAL D 45 -9.43 72.30 -7.07
N GLU D 46 -8.31 72.35 -6.35
CA GLU D 46 -7.62 73.60 -6.10
C GLU D 46 -6.33 73.76 -6.87
N SER D 47 -5.65 72.67 -7.21
CA SER D 47 -4.35 72.75 -7.84
C SER D 47 -4.39 72.42 -9.34
N GLY D 48 -4.90 71.24 -9.68
CA GLY D 48 -4.89 70.81 -11.07
C GLY D 48 -6.07 71.35 -11.85
N PRO D 49 -6.26 70.85 -13.06
CA PRO D 49 -7.45 71.22 -13.84
C PRO D 49 -8.70 70.56 -13.29
N MET D 50 -9.80 70.76 -14.00
CA MET D 50 -11.11 70.25 -13.60
C MET D 50 -11.12 68.73 -13.58
N GLY D 51 -12.10 68.17 -12.87
CA GLY D 51 -12.21 66.73 -12.73
C GLY D 51 -12.47 66.05 -14.06
N ALA D 52 -12.13 64.75 -14.09
CA ALA D 52 -12.19 63.97 -15.32
C ALA D 52 -13.62 63.78 -15.80
N GLU D 53 -14.57 63.72 -14.87
CA GLU D 53 -15.97 63.75 -15.25
C GLU D 53 -16.38 65.13 -15.74
N GLU D 54 -15.81 66.18 -15.17
CA GLU D 54 -16.14 67.53 -15.59
C GLU D 54 -15.61 67.83 -16.98
N LEU D 55 -14.47 67.25 -17.34
CA LEU D 55 -13.97 67.36 -18.70
C LEU D 55 -14.86 66.62 -19.68
N ALA D 56 -15.25 65.38 -19.33
CA ALA D 56 -16.08 64.59 -20.23
C ALA D 56 -17.49 65.13 -20.33
N PHE D 57 -17.94 65.89 -19.33
CA PHE D 57 -19.21 66.60 -19.45
C PHE D 57 -19.10 67.75 -20.42
N ARG D 58 -18.02 68.53 -20.32
CA ARG D 58 -17.76 69.61 -21.26
C ARG D 58 -17.45 69.08 -22.65
N PHE D 59 -16.78 67.93 -22.73
CA PHE D 59 -16.48 67.34 -24.02
C PHE D 59 -17.74 66.80 -24.67
N ALA D 60 -18.70 66.35 -23.88
CA ALA D 60 -19.94 65.83 -24.44
C ALA D 60 -20.84 66.93 -24.96
N VAL D 61 -20.97 68.02 -24.19
CA VAL D 61 -21.84 69.14 -24.56
C VAL D 61 -21.36 69.79 -25.86
N ASN D 62 -20.05 69.88 -26.03
CA ASN D 62 -19.51 70.46 -27.24
C ASN D 62 -19.65 69.53 -28.44
N THR D 63 -19.89 68.24 -28.20
CA THR D 63 -20.00 67.30 -29.30
C THR D 63 -21.36 67.39 -29.99
N ILE D 64 -22.44 67.33 -29.22
CA ILE D 64 -23.79 67.41 -29.79
C ILE D 64 -24.07 68.83 -30.27
N ASN D 65 -23.41 69.83 -29.69
CA ASN D 65 -23.48 71.17 -30.25
C ASN D 65 -22.82 71.24 -31.62
N ARG D 66 -21.77 70.45 -31.85
CA ARG D 66 -21.18 70.39 -33.18
C ARG D 66 -21.94 69.45 -34.10
N ASN D 67 -22.30 68.27 -33.60
CA ASN D 67 -22.94 67.26 -34.44
C ASN D 67 -24.39 67.66 -34.71
N ARG D 68 -24.88 67.32 -35.90
CA ARG D 68 -26.12 67.90 -36.39
C ARG D 68 -27.31 66.95 -36.43
N THR D 69 -27.09 65.66 -36.74
CA THR D 69 -28.20 64.71 -36.77
C THR D 69 -28.76 64.49 -35.38
N LEU D 70 -27.89 64.38 -34.39
CA LEU D 70 -28.32 64.34 -32.99
C LEU D 70 -28.53 65.77 -32.51
N LEU D 71 -29.77 66.06 -32.11
CA LEU D 71 -30.29 67.37 -31.68
C LEU D 71 -30.05 68.46 -32.72
N PRO D 72 -30.79 68.49 -33.81
CA PRO D 72 -30.74 69.66 -34.69
C PRO D 72 -31.43 70.85 -34.03
N ASN D 73 -30.94 72.04 -34.36
CA ASN D 73 -31.50 73.35 -34.01
C ASN D 73 -31.53 73.64 -32.52
N THR D 74 -30.82 72.88 -31.68
CA THR D 74 -30.78 73.16 -30.25
C THR D 74 -29.35 73.42 -29.81
N THR D 75 -29.22 74.14 -28.69
CA THR D 75 -27.92 74.51 -28.13
C THR D 75 -27.90 74.10 -26.66
N LEU D 76 -27.13 73.07 -26.35
CA LEU D 76 -26.97 72.62 -24.97
C LEU D 76 -26.00 73.55 -24.25
N THR D 77 -26.45 74.15 -23.15
CA THR D 77 -25.54 74.87 -22.26
C THR D 77 -25.49 74.15 -20.92
N TYR D 78 -24.59 74.60 -20.05
CA TYR D 78 -24.34 73.94 -18.78
C TYR D 78 -24.13 74.96 -17.68
N ASP D 79 -24.32 74.49 -16.45
CA ASP D 79 -24.37 75.33 -15.25
C ASP D 79 -23.53 74.68 -14.14
N THR D 80 -22.28 74.35 -14.47
CA THR D 80 -21.46 73.52 -13.58
C THR D 80 -21.05 74.24 -12.31
N GLN D 81 -21.22 73.55 -11.18
CA GLN D 81 -20.76 73.98 -9.86
C GLN D 81 -19.78 72.97 -9.30
N LYS D 82 -19.06 73.38 -8.25
CA LYS D 82 -18.04 72.55 -7.63
C LYS D 82 -18.22 72.51 -6.12
N ILE D 83 -18.19 71.30 -5.55
CA ILE D 83 -18.46 71.06 -4.14
C ILE D 83 -17.34 70.23 -3.52
N ASN D 84 -17.50 69.93 -2.23
CA ASN D 84 -16.53 69.24 -1.40
C ASN D 84 -16.60 67.72 -1.53
N LEU D 85 -17.72 67.20 -2.07
CA LEU D 85 -18.04 65.77 -2.23
C LEU D 85 -18.25 65.06 -0.89
N TYR D 86 -18.19 65.80 0.21
CA TYR D 86 -18.38 65.25 1.55
C TYR D 86 -19.23 66.18 2.40
N ASP D 87 -20.07 66.99 1.75
CA ASP D 87 -20.95 67.92 2.44
C ASP D 87 -22.28 67.89 1.72
N SER D 88 -23.24 67.15 2.28
CA SER D 88 -24.58 67.12 1.73
C SER D 88 -25.29 68.46 1.89
N PHE D 89 -24.88 69.26 2.86
CA PHE D 89 -25.37 70.62 2.98
C PHE D 89 -24.92 71.50 1.82
N GLU D 90 -23.64 71.42 1.45
CA GLU D 90 -23.15 72.17 0.30
C GLU D 90 -23.78 71.67 -0.99
N ALA D 91 -23.97 70.36 -1.10
CA ALA D 91 -24.66 69.80 -2.24
C ALA D 91 -26.11 70.23 -2.29
N SER D 92 -26.70 70.50 -1.13
CA SER D 92 -28.05 71.04 -1.09
C SER D 92 -28.11 72.47 -1.59
N LYS D 93 -27.06 73.24 -1.36
CA LYS D 93 -27.09 74.65 -1.75
C LYS D 93 -26.91 74.80 -3.26
N LYS D 94 -25.94 74.10 -3.84
CA LYS D 94 -25.68 74.23 -5.26
C LYS D 94 -26.77 73.57 -6.09
N ALA D 95 -27.50 72.61 -5.52
CA ALA D 95 -28.63 72.03 -6.24
C ALA D 95 -29.81 72.99 -6.26
N CYS D 96 -30.04 73.71 -5.17
CA CYS D 96 -31.08 74.72 -5.17
C CYS D 96 -30.75 75.91 -6.05
N ASP D 97 -29.46 76.16 -6.27
CA ASP D 97 -29.08 77.25 -7.14
C ASP D 97 -29.27 76.87 -8.60
N GLN D 98 -28.96 75.64 -8.96
CA GLN D 98 -29.23 75.18 -10.33
C GLN D 98 -30.72 75.02 -10.58
N LEU D 99 -31.50 74.75 -9.52
CA LEU D 99 -32.94 74.76 -9.67
C LEU D 99 -33.48 76.18 -9.70
N SER D 100 -32.81 77.12 -9.04
CA SER D 100 -33.23 78.51 -9.11
C SER D 100 -32.99 79.09 -10.50
N LEU D 101 -31.82 78.81 -11.08
CA LEU D 101 -31.60 79.18 -12.46
C LEU D 101 -32.43 78.33 -13.40
N GLY D 102 -32.74 77.11 -12.99
CA GLY D 102 -33.59 76.26 -13.78
C GLY D 102 -32.80 75.32 -14.67
N VAL D 103 -32.82 74.04 -14.35
CA VAL D 103 -32.18 73.02 -15.16
C VAL D 103 -33.24 72.01 -15.59
N ALA D 104 -32.85 71.14 -16.52
CA ALA D 104 -33.67 70.00 -16.92
C ALA D 104 -33.15 68.69 -16.37
N ALA D 105 -31.91 68.67 -15.87
CA ALA D 105 -31.29 67.49 -15.28
C ALA D 105 -30.13 67.96 -14.41
N ILE D 106 -29.73 67.09 -13.49
CA ILE D 106 -28.51 67.27 -12.72
C ILE D 106 -27.69 65.99 -12.85
N PHE D 107 -26.47 66.12 -13.35
CA PHE D 107 -25.61 64.98 -13.63
C PHE D 107 -24.72 64.61 -12.44
N GLY D 108 -25.35 64.45 -11.28
CA GLY D 108 -24.76 63.73 -10.17
C GLY D 108 -23.73 64.49 -9.37
N PRO D 109 -23.73 64.26 -8.06
CA PRO D 109 -22.61 64.73 -7.23
C PRO D 109 -21.46 63.74 -7.17
N SER D 110 -21.65 62.52 -7.68
CA SER D 110 -20.63 61.49 -7.86
C SER D 110 -20.04 60.99 -6.54
N HIS D 111 -20.72 61.16 -5.41
CA HIS D 111 -20.28 60.56 -4.16
C HIS D 111 -21.50 60.19 -3.32
N SER D 112 -21.36 59.09 -2.56
CA SER D 112 -22.50 58.39 -1.95
C SER D 112 -23.23 59.25 -0.93
N SER D 113 -22.50 60.02 -0.13
CA SER D 113 -23.15 60.85 0.87
C SER D 113 -23.86 62.03 0.23
N SER D 114 -23.20 62.69 -0.71
CA SER D 114 -23.75 63.89 -1.30
C SER D 114 -24.87 63.59 -2.28
N ALA D 115 -24.82 62.43 -2.94
CA ALA D 115 -25.84 62.13 -3.94
C ALA D 115 -27.19 61.87 -3.30
N ASN D 116 -27.21 61.35 -2.06
CA ASN D 116 -28.47 61.03 -1.42
C ASN D 116 -29.24 62.29 -1.03
N ALA D 117 -28.54 63.38 -0.72
CA ALA D 117 -29.24 64.63 -0.48
C ALA D 117 -29.82 65.18 -1.78
N VAL D 118 -29.04 65.15 -2.86
CA VAL D 118 -29.48 65.73 -4.12
C VAL D 118 -30.52 64.85 -4.78
N GLN D 119 -30.51 63.56 -4.48
CA GLN D 119 -31.52 62.65 -5.04
C GLN D 119 -32.89 62.96 -4.48
N SER D 120 -32.95 63.37 -3.21
CA SER D 120 -34.22 63.73 -2.61
C SER D 120 -34.74 65.06 -3.13
N ILE D 121 -33.83 65.98 -3.49
CA ILE D 121 -34.24 67.28 -3.99
C ILE D 121 -34.81 67.14 -5.39
N CYS D 122 -34.09 66.42 -6.27
CA CYS D 122 -34.56 66.22 -7.63
C CYS D 122 -35.79 65.34 -7.68
N ASN D 123 -35.95 64.43 -6.71
CA ASN D 123 -37.20 63.70 -6.61
C ASN D 123 -38.35 64.63 -6.24
N ALA D 124 -38.10 65.57 -5.33
CA ALA D 124 -39.17 66.40 -4.84
C ALA D 124 -39.54 67.52 -5.80
N LEU D 125 -38.60 67.98 -6.62
CA LEU D 125 -38.86 69.11 -7.50
C LEU D 125 -39.06 68.70 -8.95
N GLY D 126 -39.19 67.40 -9.22
CA GLY D 126 -39.59 66.94 -10.54
C GLY D 126 -38.47 66.68 -11.52
N VAL D 127 -37.39 67.44 -11.40
CA VAL D 127 -36.27 67.39 -12.35
C VAL D 127 -35.56 66.04 -12.24
N PRO D 128 -35.26 65.37 -13.34
CA PRO D 128 -34.48 64.13 -13.28
C PRO D 128 -33.09 64.32 -12.71
N HIS D 129 -32.56 63.24 -12.15
CA HIS D 129 -31.23 63.23 -11.55
C HIS D 129 -30.42 62.12 -12.19
N ILE D 130 -29.37 62.48 -12.91
CA ILE D 130 -28.53 61.51 -13.60
C ILE D 130 -27.37 61.19 -12.68
N GLN D 131 -27.09 59.91 -12.49
CA GLN D 131 -25.96 59.47 -11.70
C GLN D 131 -25.00 58.68 -12.58
N THR D 132 -23.71 58.78 -12.29
CA THR D 132 -22.70 58.03 -13.02
C THR D 132 -21.87 57.14 -12.13
N ARG D 133 -21.96 57.30 -10.81
CA ARG D 133 -21.15 56.50 -9.91
C ARG D 133 -22.06 55.77 -8.93
N TRP D 134 -21.62 54.59 -8.55
CA TRP D 134 -22.42 53.71 -7.70
C TRP D 134 -22.52 54.28 -6.30
N LYS D 135 -23.66 54.05 -5.66
CA LYS D 135 -23.82 54.30 -4.24
C LYS D 135 -24.78 53.26 -3.69
N HIS D 136 -24.92 53.24 -2.38
CA HIS D 136 -25.89 52.34 -1.78
C HIS D 136 -27.30 52.89 -1.96
N GLN D 137 -28.18 52.08 -2.53
CA GLN D 137 -29.61 52.35 -2.49
C GLN D 137 -30.20 51.58 -1.33
N VAL D 138 -30.76 52.29 -0.35
CA VAL D 138 -31.48 51.62 0.71
C VAL D 138 -32.78 51.04 0.15
N SER D 139 -33.26 49.97 0.79
CA SER D 139 -34.30 49.16 0.18
C SER D 139 -35.68 49.81 0.21
N ASP D 140 -35.93 50.68 1.19
CA ASP D 140 -37.27 51.24 1.38
C ASP D 140 -37.34 52.71 1.01
N ASN D 141 -36.55 53.15 0.03
CA ASN D 141 -36.59 54.52 -0.44
C ASN D 141 -37.53 54.57 -1.63
N LYS D 142 -38.57 55.40 -1.53
CA LYS D 142 -39.57 55.52 -2.58
C LYS D 142 -39.25 56.71 -3.49
N ASP D 143 -38.14 56.57 -4.22
CA ASP D 143 -37.67 57.60 -5.13
C ASP D 143 -37.77 57.12 -6.57
N SER D 144 -38.15 58.03 -7.46
CA SER D 144 -38.38 57.71 -8.86
C SER D 144 -37.49 58.45 -9.82
N PHE D 145 -37.12 59.70 -9.51
CA PHE D 145 -36.50 60.61 -10.46
C PHE D 145 -34.98 60.48 -10.44
N TYR D 146 -34.51 59.26 -10.71
CA TYR D 146 -33.07 59.03 -10.79
C TYR D 146 -32.79 57.82 -11.66
N VAL D 147 -31.72 57.90 -12.44
CA VAL D 147 -31.08 56.74 -13.04
C VAL D 147 -29.58 56.86 -12.80
N SER D 148 -28.92 55.72 -12.66
CA SER D 148 -27.48 55.68 -12.54
C SER D 148 -26.89 54.86 -13.67
N LEU D 149 -25.94 55.46 -14.38
CA LEU D 149 -25.30 54.81 -15.51
C LEU D 149 -24.12 53.95 -15.10
N TYR D 150 -23.80 53.94 -13.82
CA TYR D 150 -22.81 52.98 -13.40
C TYR D 150 -23.43 51.58 -13.41
N PRO D 151 -22.75 50.60 -13.99
CA PRO D 151 -23.32 49.25 -14.05
C PRO D 151 -23.39 48.64 -12.67
N ASP D 152 -24.54 48.08 -12.34
CA ASP D 152 -24.81 47.71 -10.96
C ASP D 152 -24.02 46.47 -10.57
N PHE D 153 -23.50 46.50 -9.34
CA PHE D 153 -22.79 45.38 -8.76
C PHE D 153 -23.65 44.15 -8.55
N SER D 154 -24.98 44.30 -8.59
CA SER D 154 -25.85 43.13 -8.61
C SER D 154 -25.64 42.34 -9.90
N SER D 155 -25.29 43.01 -10.98
CA SER D 155 -24.87 42.27 -12.16
C SER D 155 -23.40 41.94 -12.11
N LEU D 156 -22.58 42.82 -11.55
CA LEU D 156 -21.15 42.63 -11.58
C LEU D 156 -20.70 41.50 -10.68
N SER D 157 -21.42 41.28 -9.58
CA SER D 157 -21.09 40.15 -8.73
C SER D 157 -21.48 38.83 -9.36
N ARG D 158 -22.53 38.81 -10.18
CA ARG D 158 -22.84 37.61 -10.93
C ARG D 158 -21.80 37.36 -12.01
N ALA D 159 -21.23 38.43 -12.56
CA ALA D 159 -20.20 38.28 -13.57
C ALA D 159 -18.95 37.66 -12.97
N ILE D 160 -18.50 38.17 -11.83
CA ILE D 160 -17.32 37.61 -11.16
C ILE D 160 -17.58 36.18 -10.71
N LEU D 161 -18.81 35.90 -10.27
CA LEU D 161 -19.15 34.57 -9.79
C LEU D 161 -19.14 33.56 -10.93
N ASP D 162 -19.45 33.99 -12.13
CA ASP D 162 -19.35 33.09 -13.27
C ASP D 162 -17.89 32.78 -13.60
N LEU D 163 -17.00 33.73 -13.33
CA LEU D 163 -15.59 33.50 -13.59
C LEU D 163 -15.00 32.46 -12.66
N VAL D 164 -15.27 32.57 -11.36
CA VAL D 164 -14.66 31.66 -10.40
C VAL D 164 -15.24 30.27 -10.50
N GLN D 165 -16.43 30.13 -11.09
CA GLN D 165 -16.93 28.83 -11.46
C GLN D 165 -16.23 28.33 -12.71
N PHE D 166 -15.88 29.24 -13.62
CA PHE D 166 -15.19 28.83 -14.83
C PHE D 166 -13.76 28.44 -14.53
N PHE D 167 -13.13 29.09 -13.56
CA PHE D 167 -11.75 28.77 -13.24
C PHE D 167 -11.65 27.63 -12.24
N LYS D 168 -12.79 27.09 -11.78
CA LYS D 168 -12.88 25.95 -10.88
C LYS D 168 -12.16 26.21 -9.56
N TRP D 169 -12.17 27.46 -9.13
CA TRP D 169 -11.52 27.82 -7.88
C TRP D 169 -12.28 27.26 -6.70
N LYS D 170 -11.58 27.10 -5.59
CA LYS D 170 -12.23 26.67 -4.36
C LYS D 170 -11.77 27.44 -3.15
N THR D 171 -10.77 28.31 -3.27
CA THR D 171 -10.18 28.93 -2.10
C THR D 171 -10.03 30.42 -2.37
N VAL D 172 -11.13 31.03 -2.80
CA VAL D 172 -11.12 32.45 -3.13
C VAL D 172 -10.96 33.28 -1.87
N THR D 173 -10.08 34.27 -1.94
CA THR D 173 -9.95 35.28 -0.90
C THR D 173 -10.32 36.61 -1.53
N VAL D 174 -11.28 37.30 -0.95
CA VAL D 174 -11.74 38.58 -1.47
C VAL D 174 -11.18 39.69 -0.59
N VAL D 175 -10.56 40.68 -1.23
CA VAL D 175 -10.02 41.83 -0.54
C VAL D 175 -10.74 43.07 -1.04
N TYR D 176 -11.30 43.83 -0.12
CA TYR D 176 -11.99 45.08 -0.38
C TYR D 176 -11.24 46.21 0.31
N ASP D 177 -11.69 47.43 0.09
CA ASP D 177 -10.98 48.61 0.58
C ASP D 177 -11.75 49.39 1.63
N ASP D 178 -12.94 49.88 1.31
CA ASP D 178 -13.83 50.48 2.28
C ASP D 178 -15.01 49.56 2.51
N SER D 179 -15.71 49.77 3.63
CA SER D 179 -16.71 48.81 4.07
C SER D 179 -17.90 48.72 3.13
N THR D 180 -18.10 49.74 2.31
CA THR D 180 -19.17 49.76 1.33
C THR D 180 -18.98 48.71 0.24
N GLY D 181 -17.75 48.25 0.03
CA GLY D 181 -17.52 47.17 -0.91
C GLY D 181 -18.13 45.86 -0.52
N LEU D 182 -18.39 45.66 0.77
CA LEU D 182 -19.11 44.48 1.22
C LEU D 182 -20.50 44.44 0.61
N ILE D 183 -21.16 45.60 0.55
CA ILE D 183 -22.44 45.71 -0.13
C ILE D 183 -22.24 45.52 -1.61
N ARG D 184 -21.13 46.05 -2.14
CA ARG D 184 -20.84 45.94 -3.56
C ARG D 184 -20.58 44.49 -3.95
N LEU D 185 -20.18 43.67 -2.99
CA LEU D 185 -19.86 42.27 -3.28
C LEU D 185 -20.76 41.31 -2.53
N GLN D 186 -22.00 41.69 -2.24
CA GLN D 186 -22.83 40.86 -1.38
C GLN D 186 -23.26 39.57 -2.06
N GLU D 187 -23.42 39.58 -3.38
CA GLU D 187 -23.80 38.37 -4.06
C GLU D 187 -22.63 37.42 -4.19
N LEU D 188 -21.42 37.95 -4.21
CA LEU D 188 -20.27 37.07 -4.20
C LEU D 188 -20.05 36.46 -2.82
N ILE D 189 -20.39 37.19 -1.76
CA ILE D 189 -20.20 36.60 -0.44
C ILE D 189 -21.26 35.55 -0.15
N LYS D 190 -22.46 35.68 -0.71
CA LYS D 190 -23.52 34.71 -0.45
C LYS D 190 -23.40 33.44 -1.27
N ALA D 191 -22.34 33.28 -2.05
CA ALA D 191 -22.16 32.12 -2.91
C ALA D 191 -21.81 30.79 -2.25
N PRO D 192 -21.01 30.70 -1.16
CA PRO D 192 -20.80 29.38 -0.54
C PRO D 192 -22.02 28.80 0.15
N SER D 193 -23.11 29.56 0.27
CA SER D 193 -24.41 29.02 0.61
C SER D 193 -25.09 28.34 -0.57
N ARG D 194 -24.52 28.48 -1.77
CA ARG D 194 -25.05 27.84 -2.96
C ARG D 194 -24.01 26.98 -3.65
N TYR D 195 -22.72 27.23 -3.42
CA TYR D 195 -21.67 26.46 -4.08
C TYR D 195 -20.65 26.06 -3.02
N ASN D 196 -19.50 25.61 -3.51
CA ASN D 196 -18.50 24.94 -2.71
C ASN D 196 -17.26 25.80 -2.46
N LEU D 197 -17.41 27.11 -2.53
CA LEU D 197 -16.29 27.98 -2.25
C LEU D 197 -16.04 28.05 -0.75
N ARG D 198 -14.86 28.55 -0.38
CA ARG D 198 -14.54 28.77 1.03
C ARG D 198 -13.85 30.14 1.11
N LEU D 199 -14.66 31.17 1.32
CA LEU D 199 -14.17 32.53 1.28
C LEU D 199 -13.49 32.90 2.59
N LYS D 200 -12.44 33.71 2.48
CA LYS D 200 -11.80 34.34 3.63
C LYS D 200 -11.78 35.80 3.24
N ILE D 201 -12.72 36.59 3.73
CA ILE D 201 -12.78 37.98 3.29
C ILE D 201 -11.84 38.81 4.14
N ARG D 202 -10.91 39.49 3.50
CA ARG D 202 -9.92 40.32 4.19
C ARG D 202 -10.09 41.76 3.76
N GLN D 203 -9.54 42.65 4.54
CA GLN D 203 -9.70 44.07 4.29
C GLN D 203 -8.34 44.73 4.27
N LEU D 204 -8.18 45.68 3.35
CA LEU D 204 -7.00 46.51 3.27
C LEU D 204 -6.82 47.31 4.56
N PRO D 205 -5.63 47.87 4.78
CA PRO D 205 -5.51 48.93 5.77
C PRO D 205 -6.31 50.15 5.35
N ALA D 206 -6.59 51.00 6.34
CA ALA D 206 -7.57 52.07 6.19
C ALA D 206 -7.15 53.09 5.14
N ASP D 207 -6.00 53.73 5.34
CA ASP D 207 -5.67 54.91 4.56
C ASP D 207 -4.34 54.81 3.84
N THR D 208 -3.37 54.16 4.46
CA THR D 208 -2.03 54.08 3.90
C THR D 208 -1.98 53.02 2.81
N LYS D 209 -1.02 53.18 1.91
CA LYS D 209 -0.73 52.12 0.94
C LYS D 209 0.36 51.20 1.47
N ASP D 210 0.15 50.73 2.71
CA ASP D 210 1.04 49.79 3.35
C ASP D 210 0.36 48.42 3.36
N ALA D 211 0.18 47.85 2.18
CA ALA D 211 -0.51 46.58 2.06
C ALA D 211 0.36 45.39 2.41
N LYS D 212 1.59 45.63 2.82
CA LYS D 212 2.52 44.53 3.09
C LYS D 212 2.14 43.63 4.27
N PRO D 213 1.68 44.11 5.44
CA PRO D 213 1.28 43.15 6.47
C PRO D 213 0.04 42.36 6.10
N LEU D 214 -0.78 42.88 5.20
CA LEU D 214 -1.86 42.09 4.65
C LEU D 214 -1.33 40.94 3.80
N LEU D 215 -0.43 41.24 2.87
CA LEU D 215 0.04 40.21 1.96
C LEU D 215 0.94 39.20 2.66
N LYS D 216 1.57 39.58 3.77
CA LYS D 216 2.32 38.60 4.54
C LYS D 216 1.40 37.53 5.12
N GLU D 217 0.20 37.92 5.51
CA GLU D 217 -0.74 36.92 5.97
C GLU D 217 -1.31 36.13 4.82
N MET D 218 -1.43 36.76 3.65
CA MET D 218 -2.00 36.04 2.51
C MET D 218 -1.01 35.04 1.93
N LYS D 219 0.27 35.41 1.88
CA LYS D 219 1.29 34.53 1.35
C LYS D 219 1.54 33.36 2.28
N ARG D 220 1.60 33.63 3.58
CA ARG D 220 1.68 32.53 4.54
C ARG D 220 0.36 31.81 4.64
N GLY D 221 -0.73 32.46 4.27
CA GLY D 221 -2.00 31.79 4.22
C GLY D 221 -2.23 30.94 3.00
N LYS D 222 -1.27 30.95 2.05
CA LYS D 222 -1.31 30.15 0.82
C LYS D 222 -2.57 30.45 0.00
N GLU D 223 -2.92 31.71 -0.06
CA GLU D 223 -4.14 32.17 -0.70
C GLU D 223 -3.79 32.54 -2.12
N PHE D 224 -4.10 31.66 -3.07
CA PHE D 224 -3.57 31.80 -4.41
C PHE D 224 -4.59 32.25 -5.44
N HIS D 225 -5.77 32.68 -5.03
CA HIS D 225 -6.77 33.14 -5.98
C HIS D 225 -7.47 34.34 -5.35
N VAL D 226 -7.05 35.54 -5.68
CA VAL D 226 -7.42 36.73 -4.95
C VAL D 226 -8.39 37.53 -5.81
N ILE D 227 -9.43 38.07 -5.19
CA ILE D 227 -10.33 39.02 -5.84
C ILE D 227 -10.21 40.37 -5.15
N PHE D 228 -9.74 41.37 -5.88
CA PHE D 228 -9.52 42.69 -5.32
C PHE D 228 -10.69 43.60 -5.63
N ASP D 229 -11.19 44.26 -4.59
CA ASP D 229 -12.13 45.37 -4.72
C ASP D 229 -11.40 46.67 -4.39
N CYS D 230 -10.88 47.34 -5.40
CA CYS D 230 -10.22 48.61 -5.23
C CYS D 230 -10.62 49.52 -6.39
N SER D 231 -10.06 50.71 -6.40
CA SER D 231 -10.01 51.48 -7.62
C SER D 231 -8.84 51.00 -8.44
N HIS D 232 -8.79 51.42 -9.70
CA HIS D 232 -7.56 51.21 -10.45
C HIS D 232 -6.46 52.13 -9.95
N GLU D 233 -6.81 53.22 -9.27
CA GLU D 233 -5.81 54.02 -8.59
C GLU D 233 -5.21 53.25 -7.42
N MET D 234 -6.00 52.46 -6.72
CA MET D 234 -5.43 51.69 -5.62
C MET D 234 -4.83 50.37 -6.08
N ALA D 235 -5.27 49.84 -7.22
CA ALA D 235 -4.78 48.55 -7.70
C ALA D 235 -3.32 48.64 -8.10
N ALA D 236 -2.95 49.70 -8.80
CA ALA D 236 -1.54 49.96 -9.09
C ALA D 236 -0.76 50.28 -7.81
N GLY D 237 -1.45 50.73 -6.76
CA GLY D 237 -0.79 50.95 -5.49
C GLY D 237 -0.34 49.66 -4.85
N ILE D 238 -1.09 48.57 -5.06
CA ILE D 238 -0.70 47.29 -4.48
C ILE D 238 -0.04 46.35 -5.46
N LEU D 239 -0.20 46.56 -6.76
CA LEU D 239 0.51 45.74 -7.74
C LEU D 239 2.00 45.91 -7.61
N LYS D 240 2.45 47.13 -7.30
CA LYS D 240 3.85 47.30 -6.98
C LYS D 240 4.18 46.61 -5.68
N GLN D 241 3.27 46.59 -4.73
CA GLN D 241 3.55 45.86 -3.51
C GLN D 241 3.22 44.39 -3.63
N ALA D 242 2.46 43.99 -4.64
CA ALA D 242 2.38 42.56 -4.94
C ALA D 242 3.65 42.06 -5.59
N LEU D 243 4.37 42.95 -6.27
CA LEU D 243 5.55 42.52 -7.00
C LEU D 243 6.72 42.32 -6.06
N ALA D 244 6.98 43.28 -5.19
CA ALA D 244 8.16 43.21 -4.34
C ALA D 244 8.01 42.33 -3.12
N MET D 245 6.96 41.52 -3.00
CA MET D 245 6.86 40.68 -1.81
C MET D 245 6.95 39.19 -2.10
N GLY D 246 6.05 38.61 -2.85
CA GLY D 246 6.44 37.34 -3.41
C GLY D 246 5.61 36.92 -4.58
N MET D 247 4.65 37.74 -4.97
CA MET D 247 3.39 37.17 -5.39
C MET D 247 3.07 37.30 -6.86
N MET D 248 3.98 37.77 -7.68
CA MET D 248 3.68 37.77 -9.10
C MET D 248 4.32 36.55 -9.79
N THR D 249 3.99 35.38 -9.29
CA THR D 249 4.54 34.16 -9.84
C THR D 249 3.57 33.60 -10.88
N GLU D 250 3.76 32.35 -11.26
CA GLU D 250 2.75 31.66 -12.04
C GLU D 250 1.69 31.02 -11.18
N TYR D 251 1.81 31.13 -9.86
CA TYR D 251 0.87 30.49 -8.97
C TYR D 251 -0.31 31.38 -8.60
N TYR D 252 -0.15 32.68 -8.64
CA TYR D 252 -1.19 33.60 -8.20
C TYR D 252 -2.05 34.02 -9.37
N HIS D 253 -3.27 34.42 -9.08
CA HIS D 253 -4.24 34.74 -10.11
C HIS D 253 -5.20 35.77 -9.58
N TYR D 254 -5.20 36.96 -10.19
CA TYR D 254 -5.85 38.14 -9.65
C TYR D 254 -7.03 38.53 -10.51
N ILE D 255 -8.21 38.56 -9.94
CA ILE D 255 -9.37 39.15 -10.59
C ILE D 255 -9.70 40.45 -9.89
N PHE D 256 -9.99 41.48 -10.68
CA PHE D 256 -10.16 42.83 -10.15
C PHE D 256 -11.61 43.25 -10.30
N THR D 257 -12.13 43.91 -9.27
CA THR D 257 -13.51 44.38 -9.33
C THR D 257 -13.63 45.60 -10.22
N THR D 258 -12.63 46.48 -10.21
CA THR D 258 -12.74 47.74 -10.91
C THR D 258 -12.71 47.54 -12.42
N LEU D 259 -13.23 48.55 -13.11
CA LEU D 259 -13.48 48.47 -14.53
C LEU D 259 -12.43 49.19 -15.34
N ASP D 260 -11.30 49.52 -14.74
CA ASP D 260 -10.22 50.21 -15.43
C ASP D 260 -8.91 49.45 -15.30
N LEU D 261 -8.99 48.13 -15.40
CA LEU D 261 -7.77 47.32 -15.44
C LEU D 261 -6.99 47.56 -16.71
N PHE D 262 -7.68 47.93 -17.78
CA PHE D 262 -7.10 48.20 -19.09
C PHE D 262 -6.17 49.41 -19.10
N ALA D 263 -6.25 50.26 -18.08
CA ALA D 263 -5.40 51.44 -18.00
C ALA D 263 -4.38 51.36 -16.87
N LEU D 264 -3.84 50.18 -16.59
CA LEU D 264 -2.67 50.04 -15.74
C LEU D 264 -1.50 49.62 -16.61
N ASP D 265 -0.30 50.10 -16.28
CA ASP D 265 0.89 49.67 -16.99
C ASP D 265 1.25 48.27 -16.50
N VAL D 266 1.04 47.29 -17.37
CA VAL D 266 1.26 45.91 -17.02
C VAL D 266 2.56 45.37 -17.63
N GLU D 267 3.34 46.26 -18.27
CA GLU D 267 4.61 45.86 -18.90
C GLU D 267 5.64 45.29 -17.92
N PRO D 268 5.78 45.75 -16.66
CA PRO D 268 6.60 44.98 -15.72
C PRO D 268 6.00 43.65 -15.28
N TYR D 269 4.90 43.18 -15.87
CA TYR D 269 4.31 41.93 -15.45
C TYR D 269 3.97 41.02 -16.62
N ARG D 270 4.30 41.42 -17.86
CA ARG D 270 3.89 40.63 -19.02
C ARG D 270 4.62 39.31 -19.08
N TYR D 271 5.89 39.32 -18.72
CA TYR D 271 6.67 38.10 -18.70
C TYR D 271 6.59 37.40 -17.35
N SER D 272 5.75 37.89 -16.45
CA SER D 272 5.80 37.38 -15.09
C SER D 272 5.05 36.07 -14.90
N GLY D 273 4.39 35.55 -15.93
CA GLY D 273 3.67 34.32 -15.81
C GLY D 273 2.41 34.39 -14.97
N VAL D 274 2.00 35.58 -14.55
CA VAL D 274 0.83 35.74 -13.71
C VAL D 274 -0.41 35.61 -14.56
N ASN D 275 -1.56 35.52 -13.91
CA ASN D 275 -2.82 35.51 -14.62
C ASN D 275 -3.68 36.60 -14.00
N MET D 276 -4.02 37.62 -14.76
CA MET D 276 -4.72 38.77 -14.20
C MET D 276 -6.00 38.97 -15.00
N THR D 277 -7.07 38.36 -14.53
CA THR D 277 -8.33 38.46 -15.25
C THR D 277 -9.04 39.73 -14.80
N GLY D 278 -9.89 40.28 -15.65
CA GLY D 278 -10.66 41.45 -15.30
C GLY D 278 -11.67 41.78 -16.37
N PHE D 279 -12.44 42.83 -16.14
CA PHE D 279 -13.53 43.17 -17.02
C PHE D 279 -13.25 44.49 -17.70
N ARG D 280 -13.98 44.72 -18.78
CA ARG D 280 -13.95 46.00 -19.47
C ARG D 280 -15.31 46.22 -20.09
N ILE D 281 -15.96 47.33 -19.73
CA ILE D 281 -17.17 47.75 -20.44
C ILE D 281 -16.81 48.78 -21.51
N LEU D 282 -15.64 49.38 -21.44
CA LEU D 282 -15.24 50.38 -22.42
C LEU D 282 -14.91 49.68 -23.73
N ASN D 283 -15.84 49.75 -24.69
CA ASN D 283 -15.76 48.94 -25.90
C ASN D 283 -14.80 49.63 -26.88
N THR D 284 -13.51 49.47 -26.60
CA THR D 284 -12.46 50.10 -27.39
C THR D 284 -12.24 49.46 -28.76
N GLU D 285 -12.92 48.35 -29.05
CA GLU D 285 -12.73 47.63 -30.30
C GLU D 285 -13.51 48.23 -31.46
N ASN D 286 -14.34 49.22 -31.21
CA ASN D 286 -15.05 49.90 -32.28
C ASN D 286 -14.15 50.98 -32.86
N THR D 287 -14.29 51.20 -34.16
CA THR D 287 -13.55 52.26 -34.82
C THR D 287 -14.04 53.63 -34.36
N GLN D 288 -15.35 53.78 -34.20
CA GLN D 288 -15.93 55.03 -33.74
C GLN D 288 -15.50 55.35 -32.31
N VAL D 289 -15.48 54.34 -31.44
CA VAL D 289 -15.14 54.57 -30.04
C VAL D 289 -13.65 54.88 -29.90
N SER D 290 -12.81 54.09 -30.58
CA SER D 290 -11.37 54.30 -30.54
C SER D 290 -10.96 55.62 -31.15
N SER D 291 -11.76 56.16 -32.06
CA SER D 291 -11.55 57.51 -32.55
C SER D 291 -11.72 58.53 -31.42
N ILE D 292 -12.78 58.36 -30.62
CA ILE D 292 -13.06 59.30 -29.55
C ILE D 292 -12.02 59.19 -28.44
N ILE D 293 -11.47 57.99 -28.24
CA ILE D 293 -10.36 57.81 -27.31
C ILE D 293 -9.15 58.59 -27.79
N GLU D 294 -8.85 58.50 -29.08
CA GLU D 294 -7.74 59.25 -29.66
C GLU D 294 -8.03 60.74 -29.63
N LYS D 295 -9.30 61.12 -29.74
CA LYS D 295 -9.67 62.52 -29.60
C LYS D 295 -9.55 62.99 -28.16
N TRP D 296 -9.67 62.07 -27.20
CA TRP D 296 -9.78 62.47 -25.81
C TRP D 296 -8.46 62.98 -25.24
N SER D 297 -7.35 62.33 -25.59
CA SER D 297 -6.06 62.70 -25.01
C SER D 297 -5.55 64.04 -25.51
N MET D 298 -6.15 64.56 -26.59
CA MET D 298 -5.73 65.84 -27.14
C MET D 298 -6.10 66.98 -26.20
N GLU D 299 -7.39 67.15 -25.94
CA GLU D 299 -7.82 68.29 -25.14
C GLU D 299 -7.62 68.06 -23.65
N ARG D 300 -7.41 66.81 -23.23
CA ARG D 300 -7.10 66.54 -21.83
C ARG D 300 -5.71 67.02 -21.43
N LEU D 301 -4.83 67.25 -22.41
CA LEU D 301 -3.37 67.08 -22.40
C LEU D 301 -2.66 67.37 -21.08
N GLN D 302 -3.15 68.36 -20.33
CA GLN D 302 -2.61 68.69 -19.02
C GLN D 302 -2.85 67.56 -18.01
N ALA D 303 -2.25 67.73 -16.82
CA ALA D 303 -2.20 66.80 -15.69
C ALA D 303 -1.64 65.43 -16.10
N PRO D 304 -0.33 65.33 -16.35
CA PRO D 304 0.23 64.06 -16.80
C PRO D 304 0.35 63.07 -15.66
N PRO D 305 0.40 61.77 -15.93
CA PRO D 305 0.59 60.78 -14.87
C PRO D 305 2.02 60.78 -14.34
N LYS D 306 2.16 60.84 -13.02
CA LYS D 306 3.48 60.79 -12.39
C LYS D 306 4.04 59.36 -12.49
N PRO D 307 5.38 59.19 -12.44
CA PRO D 307 5.96 57.88 -12.80
C PRO D 307 5.64 56.73 -11.84
N ASP D 308 5.67 56.95 -10.54
CA ASP D 308 5.34 55.85 -9.62
C ASP D 308 3.84 55.75 -9.35
N SER D 309 3.08 55.77 -10.43
CA SER D 309 1.63 55.69 -10.44
C SER D 309 1.19 54.82 -11.59
N GLY D 310 1.71 53.60 -11.67
CA GLY D 310 1.91 52.90 -12.93
C GLY D 310 0.68 52.54 -13.73
N LEU D 311 -0.07 53.59 -14.08
CA LEU D 311 -1.16 53.54 -15.03
C LEU D 311 -0.63 53.86 -16.43
N LEU D 312 -1.51 53.79 -17.42
CA LEU D 312 -1.11 54.20 -18.75
C LEU D 312 -1.16 55.73 -18.86
N ASP D 313 -0.82 56.23 -20.04
CA ASP D 313 -0.69 57.68 -20.20
C ASP D 313 -2.01 58.32 -20.66
N GLY D 314 -2.50 57.92 -21.83
CA GLY D 314 -3.67 58.54 -22.40
C GLY D 314 -4.83 57.60 -22.59
N PHE D 315 -5.95 57.88 -21.91
CA PHE D 315 -7.09 56.99 -21.83
C PHE D 315 -8.27 57.73 -21.23
N MET D 316 -9.46 57.17 -21.41
CA MET D 316 -10.59 57.52 -20.56
C MET D 316 -10.74 56.49 -19.46
N THR D 317 -10.96 56.95 -18.24
CA THR D 317 -11.43 56.05 -17.22
C THR D 317 -12.88 55.68 -17.50
N THR D 318 -13.35 54.61 -16.85
CA THR D 318 -14.76 54.26 -16.99
C THR D 318 -15.67 55.24 -16.27
N ASP D 319 -15.13 56.08 -15.39
CA ASP D 319 -15.94 57.13 -14.78
C ASP D 319 -16.32 58.18 -15.81
N ALA D 320 -15.33 58.74 -16.48
CA ALA D 320 -15.57 59.74 -17.49
C ALA D 320 -16.19 59.16 -18.76
N ALA D 321 -16.02 57.86 -18.99
CA ALA D 321 -16.65 57.23 -20.15
C ALA D 321 -18.16 57.21 -20.01
N LEU D 322 -18.66 57.16 -18.78
CA LEU D 322 -20.09 57.21 -18.56
C LEU D 322 -20.63 58.62 -18.59
N MET D 323 -19.86 59.60 -18.09
CA MET D 323 -20.32 60.99 -18.09
C MET D 323 -20.46 61.53 -19.50
N TYR D 324 -19.56 61.14 -20.40
CA TYR D 324 -19.75 61.40 -21.82
C TYR D 324 -20.99 60.69 -22.34
N ASP D 325 -21.20 59.45 -21.91
CA ASP D 325 -22.39 58.72 -22.32
C ASP D 325 -23.62 59.21 -21.59
N ALA D 326 -23.43 59.92 -20.46
CA ALA D 326 -24.56 60.41 -19.69
C ALA D 326 -25.38 61.45 -20.44
N VAL D 327 -24.70 62.35 -21.16
CA VAL D 327 -25.42 63.38 -21.91
C VAL D 327 -26.13 62.77 -23.10
N HIS D 328 -25.54 61.75 -23.71
CA HIS D 328 -26.03 61.19 -24.96
C HIS D 328 -27.33 60.42 -24.79
N VAL D 329 -27.50 59.77 -23.64
CA VAL D 329 -28.76 59.08 -23.40
C VAL D 329 -29.85 60.09 -23.05
N VAL D 330 -29.49 61.16 -22.34
CA VAL D 330 -30.45 62.24 -22.09
C VAL D 330 -30.72 62.99 -23.39
N SER D 331 -29.75 62.99 -24.31
CA SER D 331 -29.97 63.57 -25.63
C SER D 331 -30.92 62.73 -26.48
N VAL D 332 -31.02 61.42 -26.19
CA VAL D 332 -32.04 60.62 -26.86
C VAL D 332 -33.44 61.07 -26.44
N ALA D 333 -33.61 61.40 -25.15
CA ALA D 333 -34.94 61.73 -24.66
C ALA D 333 -35.38 63.13 -25.07
N VAL D 334 -34.44 64.08 -25.15
CA VAL D 334 -34.83 65.42 -25.59
C VAL D 334 -35.04 65.46 -27.10
N GLN D 335 -34.50 64.50 -27.85
CA GLN D 335 -34.82 64.44 -29.27
C GLN D 335 -36.25 63.95 -29.48
N GLN D 336 -36.72 63.05 -28.64
CA GLN D 336 -38.09 62.58 -28.68
C GLN D 336 -39.03 63.48 -27.88
N PHE D 337 -38.55 64.62 -27.40
CA PHE D 337 -39.38 65.55 -26.63
C PHE D 337 -38.96 66.96 -26.99
N PRO D 338 -39.48 67.51 -28.10
CA PRO D 338 -39.02 68.83 -28.54
C PRO D 338 -39.63 70.00 -27.80
N GLN D 339 -40.79 69.83 -27.16
CA GLN D 339 -41.49 70.94 -26.54
C GLN D 339 -41.01 71.25 -25.13
N MET D 340 -39.80 70.83 -24.78
CA MET D 340 -39.24 71.13 -23.47
C MET D 340 -38.99 72.62 -23.29
N THR D 341 -39.56 73.18 -22.24
CA THR D 341 -39.27 74.54 -21.81
C THR D 341 -38.74 74.49 -20.38
N VAL D 342 -37.53 75.02 -20.19
CA VAL D 342 -36.89 74.96 -18.89
C VAL D 342 -37.52 75.99 -17.96
N SER D 343 -38.01 75.53 -16.82
CA SER D 343 -38.63 76.39 -15.83
C SER D 343 -37.68 76.61 -14.66
N SER D 344 -37.94 77.68 -13.91
CA SER D 344 -37.14 78.03 -12.75
C SER D 344 -37.94 77.63 -11.50
N LEU D 345 -37.55 76.52 -10.90
CA LEU D 345 -38.25 76.01 -9.72
C LEU D 345 -37.62 76.58 -8.44
N GLN D 346 -38.29 76.35 -7.32
CA GLN D 346 -37.87 76.88 -6.03
C GLN D 346 -37.94 75.80 -4.96
N CYS D 347 -36.92 75.75 -4.10
CA CYS D 347 -36.76 74.66 -3.14
C CYS D 347 -37.74 74.77 -1.98
N ASN D 348 -37.77 75.89 -1.27
CA ASN D 348 -38.62 76.00 -0.09
C ASN D 348 -40.10 76.19 -0.42
N ARG D 349 -40.45 76.30 -1.71
CA ARG D 349 -41.82 76.34 -2.21
C ARG D 349 -41.98 75.26 -3.25
N HIS D 350 -41.57 74.04 -2.89
CA HIS D 350 -41.30 72.97 -3.85
C HIS D 350 -42.55 72.53 -4.60
N LYS D 351 -42.45 72.57 -5.92
CA LYS D 351 -43.48 72.20 -6.85
C LYS D 351 -42.84 71.35 -7.94
N PRO D 352 -43.50 70.29 -8.39
CA PRO D 352 -42.93 69.45 -9.45
C PRO D 352 -42.86 70.19 -10.77
N TRP D 353 -41.82 69.87 -11.54
CA TRP D 353 -41.68 70.45 -12.86
C TRP D 353 -42.74 69.86 -13.79
N ARG D 354 -43.21 70.69 -14.73
CA ARG D 354 -44.41 70.39 -15.51
C ARG D 354 -44.23 69.17 -16.39
N PHE D 355 -43.02 68.93 -16.88
CA PHE D 355 -42.75 67.72 -17.64
C PHE D 355 -41.77 66.81 -16.92
N GLY D 356 -41.70 66.90 -15.59
CA GLY D 356 -40.77 66.07 -14.84
C GLY D 356 -41.15 64.61 -14.85
N THR D 357 -42.42 64.31 -15.10
CA THR D 357 -42.88 62.93 -15.15
C THR D 357 -42.69 62.32 -16.53
N ARG D 358 -43.07 63.05 -17.59
CA ARG D 358 -43.00 62.52 -18.95
C ARG D 358 -41.55 62.38 -19.41
N PHE D 359 -40.71 63.35 -19.09
CA PHE D 359 -39.32 63.31 -19.55
C PHE D 359 -38.50 62.26 -18.82
N MET D 360 -38.84 61.97 -17.56
CA MET D 360 -38.14 60.92 -16.82
C MET D 360 -38.43 59.55 -17.42
N SER D 361 -39.66 59.33 -17.89
CA SER D 361 -39.99 58.04 -18.50
C SER D 361 -39.29 57.88 -19.85
N LEU D 362 -39.06 58.99 -20.56
CA LEU D 362 -38.31 58.92 -21.81
C LEU D 362 -36.85 58.61 -21.57
N ILE D 363 -36.32 59.05 -20.43
CA ILE D 363 -35.01 58.61 -19.98
C ILE D 363 -35.01 57.11 -19.74
N LYS D 364 -36.06 56.60 -19.11
CA LYS D 364 -36.17 55.18 -18.81
C LYS D 364 -36.54 54.34 -20.03
N GLU D 365 -36.72 54.95 -21.21
CA GLU D 365 -37.00 54.21 -22.42
C GLU D 365 -35.97 54.47 -23.52
N ALA D 366 -34.90 55.18 -23.21
CA ALA D 366 -33.91 55.53 -24.21
C ALA D 366 -32.95 54.38 -24.45
N HIS D 367 -32.59 54.17 -25.72
CA HIS D 367 -31.60 53.20 -26.11
C HIS D 367 -30.43 53.92 -26.78
N TRP D 368 -29.22 53.46 -26.52
CA TRP D 368 -28.05 54.18 -26.97
C TRP D 368 -26.85 53.23 -27.04
N GLU D 369 -26.05 53.40 -28.08
CA GLU D 369 -24.80 52.67 -28.27
C GLU D 369 -23.68 53.69 -28.06
N GLY D 370 -23.21 53.78 -26.82
CA GLY D 370 -22.18 54.72 -26.45
C GLY D 370 -20.82 54.08 -26.37
N LEU D 371 -19.97 54.67 -25.52
CA LEU D 371 -18.65 54.11 -25.26
C LEU D 371 -18.74 52.78 -24.56
N THR D 372 -19.76 52.61 -23.73
CA THR D 372 -19.89 51.45 -22.85
C THR D 372 -20.97 50.48 -23.31
N GLY D 373 -21.07 50.25 -24.62
CA GLY D 373 -22.01 49.27 -25.13
C GLY D 373 -23.43 49.79 -25.19
N ARG D 374 -24.40 48.89 -25.21
CA ARG D 374 -25.79 49.27 -25.18
C ARG D 374 -26.14 49.83 -23.81
N ILE D 375 -27.02 50.82 -23.78
CA ILE D 375 -27.39 51.50 -22.55
C ILE D 375 -28.91 51.39 -22.43
N THR D 376 -29.37 50.37 -21.71
CA THR D 376 -30.78 50.22 -21.37
C THR D 376 -30.91 50.22 -19.86
N PHE D 377 -32.12 50.51 -19.39
CA PHE D 377 -32.32 50.72 -17.97
C PHE D 377 -33.23 49.66 -17.36
N ASN D 378 -33.14 49.53 -16.05
CA ASN D 378 -33.90 48.54 -15.30
C ASN D 378 -35.20 49.21 -14.92
N LYS D 379 -36.27 48.87 -15.63
CA LYS D 379 -37.57 49.54 -15.56
C LYS D 379 -38.17 49.53 -14.16
N THR D 380 -37.78 48.54 -13.36
CA THR D 380 -38.18 48.46 -11.96
C THR D 380 -37.72 49.68 -11.17
N ASN D 381 -36.43 50.00 -11.25
CA ASN D 381 -35.86 51.08 -10.46
C ASN D 381 -35.14 52.14 -11.28
N GLY D 382 -34.39 51.74 -12.30
CA GLY D 382 -33.74 52.72 -13.15
C GLY D 382 -32.24 52.51 -13.29
N LEU D 383 -31.76 51.32 -12.94
CA LEU D 383 -30.34 51.05 -12.92
C LEU D 383 -29.93 50.36 -14.22
N ARG D 384 -28.65 50.03 -14.33
CA ARG D 384 -28.14 49.32 -15.50
C ARG D 384 -27.75 47.91 -15.07
N THR D 385 -28.66 46.98 -15.25
CA THR D 385 -28.40 45.57 -15.04
C THR D 385 -28.36 44.77 -16.33
N ASP D 386 -28.51 45.42 -17.47
CA ASP D 386 -28.36 44.76 -18.77
C ASP D 386 -27.30 45.53 -19.56
N PHE D 387 -26.13 44.93 -19.71
CA PHE D 387 -25.02 45.53 -20.41
C PHE D 387 -24.09 44.43 -20.89
N ASP D 388 -23.02 44.81 -21.57
CA ASP D 388 -22.11 43.86 -22.21
C ASP D 388 -20.68 44.12 -21.75
N LEU D 389 -20.05 43.12 -21.18
CA LEU D 389 -18.70 43.24 -20.69
C LEU D 389 -17.70 42.51 -21.57
N ASP D 390 -16.43 42.87 -21.41
CA ASP D 390 -15.35 42.22 -22.13
C ASP D 390 -14.39 41.61 -21.13
N VAL D 391 -14.37 40.28 -21.06
CA VAL D 391 -13.47 39.59 -20.15
C VAL D 391 -12.07 39.70 -20.69
N ILE D 392 -11.21 40.41 -19.97
CA ILE D 392 -9.84 40.66 -20.43
C ILE D 392 -8.87 39.96 -19.48
N SER D 393 -7.78 39.46 -20.03
CA SER D 393 -6.73 38.84 -19.25
C SER D 393 -5.38 39.26 -19.78
N LEU D 394 -4.35 38.79 -19.07
CA LEU D 394 -2.97 39.09 -19.38
C LEU D 394 -2.32 37.87 -20.00
N LYS D 395 -1.93 37.98 -21.24
CA LYS D 395 -1.05 37.01 -21.86
C LYS D 395 0.37 37.55 -21.79
N GLU D 396 1.32 36.76 -22.31
CA GLU D 396 2.72 37.18 -22.30
C GLU D 396 2.93 38.40 -23.20
N GLU D 397 2.18 38.46 -24.29
CA GLU D 397 2.24 39.62 -25.18
C GLU D 397 1.73 40.86 -24.48
N GLY D 398 0.51 40.79 -23.96
CA GLY D 398 -0.03 41.92 -23.23
C GLY D 398 -1.40 41.64 -22.63
N LEU D 399 -2.21 42.68 -22.52
CA LEU D 399 -3.48 42.63 -21.80
C LEU D 399 -4.59 42.62 -22.83
N GLU D 400 -5.19 41.46 -23.05
CA GLU D 400 -6.07 41.22 -24.19
C GLU D 400 -7.43 40.70 -23.75
N LYS D 401 -8.45 40.96 -24.58
CA LYS D 401 -9.79 40.45 -24.34
C LYS D 401 -9.83 38.94 -24.59
N ILE D 402 -10.34 38.19 -23.62
CA ILE D 402 -10.39 36.74 -23.70
C ILE D 402 -11.82 36.21 -23.63
N GLY D 403 -12.82 37.08 -23.52
CA GLY D 403 -14.16 36.55 -23.39
C GLY D 403 -15.20 37.63 -23.24
N THR D 404 -16.46 37.17 -23.22
CA THR D 404 -17.61 38.06 -23.32
C THR D 404 -18.65 37.63 -22.31
N TRP D 405 -19.22 38.62 -21.61
CA TRP D 405 -20.16 38.35 -20.55
C TRP D 405 -21.49 39.00 -20.87
N ASP D 406 -22.57 38.29 -20.53
CA ASP D 406 -23.91 38.74 -20.84
C ASP D 406 -24.86 38.27 -19.74
N PRO D 407 -25.65 39.17 -19.14
CA PRO D 407 -26.66 38.73 -18.16
C PRO D 407 -27.68 37.76 -18.73
N ALA D 408 -28.02 37.88 -20.00
CA ALA D 408 -28.87 36.90 -20.64
C ALA D 408 -28.13 35.59 -20.86
N SER D 409 -27.00 35.67 -21.57
CA SER D 409 -26.29 34.45 -21.97
C SER D 409 -25.49 33.87 -20.82
N GLY D 410 -24.54 34.63 -20.28
CA GLY D 410 -23.55 34.12 -19.37
C GLY D 410 -22.14 34.43 -19.87
N LEU D 411 -21.23 33.51 -19.58
CA LEU D 411 -19.89 33.56 -20.15
C LEU D 411 -19.86 32.88 -21.50
N ASN D 412 -19.72 33.67 -22.57
CA ASN D 412 -19.17 33.13 -23.80
C ASN D 412 -17.71 33.55 -23.93
N MET D 413 -16.87 32.90 -23.12
CA MET D 413 -15.43 33.14 -23.21
C MET D 413 -14.89 32.53 -24.49
N THR D 414 -14.20 33.36 -25.29
CA THR D 414 -13.64 32.90 -26.55
C THR D 414 -12.38 32.06 -26.36
N GLU D 415 -11.98 31.78 -25.11
CA GLU D 415 -10.83 30.92 -24.88
C GLU D 415 -11.15 29.44 -25.02
N SER D 416 -12.35 29.08 -25.45
CA SER D 416 -12.60 27.72 -25.89
C SER D 416 -12.06 27.52 -27.30
N GLN D 417 -11.71 28.63 -27.97
CA GLN D 417 -10.84 28.58 -29.14
C GLN D 417 -9.44 28.28 -28.62
N LYS D 418 -8.55 27.78 -29.51
CA LYS D 418 -7.35 27.01 -29.15
C LYS D 418 -7.75 25.82 -28.25
N GLY D 419 -8.90 25.21 -28.55
CA GLY D 419 -9.41 24.04 -27.84
C GLY D 419 -8.49 22.85 -27.88
N LYS D 420 -8.18 22.38 -29.11
CA LYS D 420 -7.25 21.31 -29.52
C LYS D 420 -7.17 20.10 -28.58
N PRO D 421 -8.25 19.34 -28.35
CA PRO D 421 -8.14 18.20 -27.43
C PRO D 421 -7.35 17.07 -28.07
N ALA D 422 -6.33 16.59 -27.33
CA ALA D 422 -5.33 15.64 -27.82
C ALA D 422 -4.72 16.12 -29.13
N ASN D 423 -3.85 17.14 -29.04
CA ASN D 423 -3.71 18.30 -29.93
C ASN D 423 -3.94 18.01 -31.42
N ILE D 424 -2.98 17.37 -32.10
CA ILE D 424 -3.26 16.74 -33.38
C ILE D 424 -2.63 15.35 -33.43
N THR D 425 -1.56 15.16 -32.63
CA THR D 425 -0.75 13.95 -32.69
C THR D 425 -0.05 13.72 -31.34
N ASP D 426 0.14 12.44 -31.01
CA ASP D 426 0.61 12.02 -29.68
C ASP D 426 1.07 10.57 -29.73
N SER D 427 2.31 10.29 -29.32
CA SER D 427 2.85 8.95 -29.47
C SER D 427 4.00 8.73 -28.48
N LEU D 428 4.49 7.48 -28.46
CA LEU D 428 5.77 6.99 -27.93
C LEU D 428 5.86 6.91 -26.41
N SER D 429 4.95 7.56 -25.68
CA SER D 429 4.69 7.14 -24.30
C SER D 429 3.64 6.05 -24.36
N ASN D 430 2.50 6.41 -24.95
CA ASN D 430 1.31 5.60 -25.16
C ASN D 430 1.33 4.91 -26.51
N ARG D 431 2.50 4.35 -26.86
CA ARG D 431 2.67 3.63 -28.10
C ARG D 431 1.84 2.34 -28.14
N SER D 432 1.50 1.78 -26.95
CA SER D 432 0.70 0.55 -26.79
C SER D 432 1.34 -0.60 -27.55
N LEU D 433 2.51 -1.05 -27.09
CA LEU D 433 3.36 -1.99 -27.82
C LEU D 433 2.63 -3.29 -28.15
N ILE D 434 2.83 -3.74 -29.38
CA ILE D 434 1.92 -4.68 -30.04
C ILE D 434 2.28 -6.09 -29.55
N VAL D 435 1.68 -6.48 -28.43
CA VAL D 435 2.01 -7.76 -27.80
C VAL D 435 1.33 -8.89 -28.57
N THR D 436 2.13 -9.84 -29.05
CA THR D 436 1.58 -11.01 -29.73
C THR D 436 1.20 -12.09 -28.73
N THR D 437 0.30 -12.98 -29.16
CA THR D 437 -0.29 -13.97 -28.26
C THR D 437 -0.86 -15.15 -29.03
N ILE D 438 -0.47 -16.36 -28.64
CA ILE D 438 -1.13 -17.58 -29.08
C ILE D 438 -2.08 -18.02 -27.98
N LEU D 439 -3.19 -18.65 -28.34
CA LEU D 439 -4.24 -18.98 -27.38
C LEU D 439 -3.99 -20.34 -26.76
N GLU D 440 -3.76 -20.37 -25.46
CA GLU D 440 -3.66 -21.62 -24.74
C GLU D 440 -4.42 -21.52 -23.42
N GLU D 441 -4.85 -22.68 -22.93
CA GLU D 441 -5.58 -22.78 -21.70
C GLU D 441 -4.65 -23.33 -20.63
N PRO D 442 -4.62 -22.75 -19.42
CA PRO D 442 -5.36 -21.58 -18.94
C PRO D 442 -4.58 -20.31 -19.12
N TYR D 443 -3.79 -20.23 -20.19
CA TYR D 443 -2.91 -19.09 -20.38
C TYR D 443 -3.69 -17.87 -20.85
N VAL D 444 -4.31 -17.97 -22.03
CA VAL D 444 -5.13 -16.92 -22.60
C VAL D 444 -6.39 -17.57 -23.15
N LEU D 445 -7.55 -17.16 -22.64
CA LEU D 445 -8.83 -17.72 -23.04
C LEU D 445 -9.74 -16.62 -23.57
N PHE D 446 -10.96 -17.01 -23.95
CA PHE D 446 -11.99 -16.06 -24.32
C PHE D 446 -12.88 -15.79 -23.10
N LYS D 447 -12.96 -14.53 -22.70
CA LYS D 447 -13.93 -14.13 -21.69
C LYS D 447 -15.29 -13.92 -22.33
N LYS D 448 -16.32 -14.52 -21.74
CA LYS D 448 -17.68 -14.45 -22.27
C LYS D 448 -18.62 -14.15 -21.11
N SER D 449 -19.31 -13.01 -21.17
CA SER D 449 -20.46 -12.80 -20.28
C SER D 449 -21.75 -12.59 -21.06
N ASP D 450 -21.91 -11.46 -21.75
CA ASP D 450 -23.14 -11.23 -22.50
C ASP D 450 -22.95 -10.46 -23.79
N LYS D 451 -21.91 -9.64 -23.83
CA LYS D 451 -22.03 -8.49 -24.70
C LYS D 451 -21.25 -8.67 -26.01
N PRO D 452 -21.70 -8.03 -27.08
CA PRO D 452 -20.91 -8.10 -28.34
C PRO D 452 -19.67 -7.24 -28.32
N LEU D 453 -19.71 -6.05 -27.73
CA LEU D 453 -18.67 -5.04 -27.94
C LEU D 453 -17.40 -5.40 -27.19
N TYR D 454 -16.27 -5.45 -27.92
CA TYR D 454 -15.07 -6.12 -27.43
C TYR D 454 -13.77 -5.35 -27.57
N GLY D 455 -12.68 -5.97 -27.13
CA GLY D 455 -11.34 -5.45 -27.23
C GLY D 455 -10.63 -5.39 -25.90
N ASN D 456 -9.52 -6.14 -25.78
CA ASN D 456 -8.62 -6.20 -24.61
C ASN D 456 -9.32 -6.62 -23.30
N ASP D 457 -10.56 -7.09 -23.37
CA ASP D 457 -11.26 -7.68 -22.24
C ASP D 457 -11.76 -9.06 -22.61
N ARG D 458 -11.58 -9.47 -23.87
CA ARG D 458 -11.90 -10.82 -24.28
C ARG D 458 -10.98 -11.83 -23.63
N PHE D 459 -9.79 -11.42 -23.23
CA PHE D 459 -8.72 -12.36 -22.91
C PHE D 459 -8.47 -12.42 -21.42
N GLU D 460 -8.46 -13.63 -20.89
CA GLU D 460 -8.25 -13.89 -19.49
C GLU D 460 -7.44 -15.16 -19.34
N GLY D 461 -6.88 -15.34 -18.16
CA GLY D 461 -6.10 -16.52 -17.89
C GLY D 461 -4.83 -16.17 -17.18
N TYR D 462 -3.83 -17.03 -17.32
CA TYR D 462 -2.58 -16.84 -16.62
C TYR D 462 -1.76 -15.72 -17.23
N CYS D 463 -1.56 -15.74 -18.54
CA CYS D 463 -0.69 -14.79 -19.20
C CYS D 463 -1.24 -13.37 -19.19
N ILE D 464 -2.55 -13.22 -19.25
CA ILE D 464 -3.16 -11.90 -19.18
C ILE D 464 -2.94 -11.29 -17.81
N ASP D 465 -3.00 -12.11 -16.77
CA ASP D 465 -2.69 -11.64 -15.43
C ASP D 465 -1.22 -11.33 -15.26
N LEU D 466 -0.36 -11.92 -16.08
CA LEU D 466 1.04 -11.55 -16.03
C LEU D 466 1.26 -10.16 -16.60
N LEU D 467 0.64 -9.88 -17.75
CA LEU D 467 0.93 -8.66 -18.48
C LEU D 467 0.38 -7.43 -17.77
N ARG D 468 -0.74 -7.59 -17.09
CA ARG D 468 -1.32 -6.50 -16.34
C ARG D 468 -0.60 -6.21 -15.04
N GLU D 469 0.24 -7.13 -14.57
CA GLU D 469 1.06 -6.84 -13.41
C GLU D 469 2.44 -6.36 -13.79
N LEU D 470 2.88 -6.65 -15.01
CA LEU D 470 4.07 -6.02 -15.53
C LEU D 470 3.81 -4.56 -15.89
N SER D 471 2.72 -4.31 -16.62
CA SER D 471 2.32 -2.94 -16.94
C SER D 471 1.92 -2.18 -15.69
N THR D 472 1.52 -2.88 -14.63
CA THR D 472 1.43 -2.28 -13.32
C THR D 472 2.80 -1.83 -12.84
N ILE D 473 3.80 -2.68 -12.96
CA ILE D 473 5.11 -2.33 -12.43
C ILE D 473 5.90 -1.51 -13.44
N LEU D 474 6.00 -1.98 -14.67
CA LEU D 474 6.93 -1.37 -15.60
C LEU D 474 6.37 -0.08 -16.19
N GLY D 475 5.07 0.03 -16.37
CA GLY D 475 4.45 1.27 -16.77
C GLY D 475 4.02 1.33 -18.22
N PHE D 476 4.21 0.26 -18.97
CA PHE D 476 3.82 0.24 -20.38
C PHE D 476 2.31 0.02 -20.50
N THR D 477 1.86 -0.17 -21.74
CA THR D 477 0.47 -0.51 -22.01
C THR D 477 0.37 -1.66 -23.00
N TYR D 478 -0.66 -2.50 -22.79
CA TYR D 478 -1.08 -3.55 -23.71
C TYR D 478 -1.92 -2.95 -24.85
N GLU D 479 -2.87 -3.72 -25.41
CA GLU D 479 -3.14 -4.03 -26.82
C GLU D 479 -2.31 -5.24 -27.20
N ILE D 480 -2.59 -6.30 -26.44
CA ILE D 480 -2.46 -7.67 -26.94
C ILE D 480 -3.13 -7.74 -28.31
N ARG D 481 -2.40 -8.22 -29.31
CA ARG D 481 -3.00 -8.60 -30.57
C ARG D 481 -2.62 -10.05 -30.84
N LEU D 482 -3.48 -10.77 -31.57
CA LEU D 482 -3.24 -12.19 -31.72
C LEU D 482 -2.25 -12.48 -32.84
N VAL D 483 -1.64 -13.65 -32.77
CA VAL D 483 -0.70 -14.11 -33.79
C VAL D 483 -1.47 -14.79 -34.90
N GLU D 484 -0.91 -14.77 -36.10
CA GLU D 484 -1.41 -15.56 -37.22
C GLU D 484 -0.78 -16.94 -37.22
N ASP D 485 -1.40 -17.84 -37.99
CA ASP D 485 -1.02 -19.24 -38.25
C ASP D 485 -1.15 -20.14 -37.01
N GLY D 486 -1.42 -19.60 -35.83
CA GLY D 486 -1.54 -20.36 -34.60
C GLY D 486 -0.34 -21.21 -34.24
N LYS D 487 0.86 -20.64 -34.39
CA LYS D 487 2.09 -21.40 -34.25
C LYS D 487 3.00 -20.69 -33.25
N TYR D 488 3.68 -21.48 -32.41
CA TYR D 488 4.69 -20.91 -31.53
C TYR D 488 5.84 -20.34 -32.34
N GLY D 489 6.55 -21.19 -33.06
CA GLY D 489 7.62 -20.77 -33.91
C GLY D 489 8.40 -21.94 -34.45
N ALA D 490 8.69 -21.91 -35.75
CA ALA D 490 9.43 -23.00 -36.37
C ALA D 490 10.09 -22.48 -37.62
N GLN D 491 11.37 -22.81 -37.76
CA GLN D 491 12.13 -22.44 -38.93
C GLN D 491 11.78 -23.41 -40.04
N ASP D 492 11.47 -22.88 -41.21
CA ASP D 492 11.22 -23.77 -42.32
C ASP D 492 12.53 -24.41 -42.77
N ASP D 493 12.45 -25.68 -43.15
CA ASP D 493 13.66 -26.43 -43.39
C ASP D 493 14.30 -26.09 -44.73
N VAL D 494 13.50 -25.69 -45.73
CA VAL D 494 14.03 -25.29 -47.01
C VAL D 494 13.92 -23.79 -47.25
N ASN D 495 12.98 -23.11 -46.61
CA ASN D 495 12.91 -21.66 -46.73
C ASN D 495 13.91 -21.01 -45.78
N GLY D 496 13.94 -21.46 -44.53
CA GLY D 496 14.76 -20.82 -43.52
C GLY D 496 14.01 -19.66 -42.91
N GLN D 497 12.69 -19.74 -42.92
CA GLN D 497 11.84 -18.70 -42.39
C GLN D 497 11.00 -19.24 -41.24
N TRP D 498 10.51 -18.33 -40.42
CA TRP D 498 9.84 -18.64 -39.18
C TRP D 498 8.34 -18.47 -39.35
N ASN D 499 7.60 -19.10 -38.45
CA ASN D 499 6.15 -19.19 -38.59
C ASN D 499 5.52 -18.84 -37.25
N GLY D 500 4.80 -17.73 -37.21
CA GLY D 500 4.13 -17.36 -35.98
C GLY D 500 4.79 -16.23 -35.22
N MET D 501 4.97 -16.43 -33.91
CA MET D 501 5.34 -15.32 -33.02
C MET D 501 6.78 -14.87 -33.25
N VAL D 502 7.72 -15.79 -33.41
CA VAL D 502 9.11 -15.38 -33.64
C VAL D 502 9.32 -14.82 -35.03
N ARG D 503 8.47 -15.18 -35.99
CA ARG D 503 8.44 -14.46 -37.26
C ARG D 503 7.91 -13.06 -37.06
N GLU D 504 6.94 -12.91 -36.17
CA GLU D 504 6.35 -11.61 -35.89
C GLU D 504 7.27 -10.76 -35.01
N LEU D 505 8.17 -11.39 -34.26
CA LEU D 505 9.14 -10.62 -33.48
C LEU D 505 10.35 -10.20 -34.30
N ILE D 506 10.79 -11.05 -35.22
CA ILE D 506 11.98 -10.74 -35.99
C ILE D 506 11.70 -9.66 -37.01
N ASP D 507 10.44 -9.50 -37.42
CA ASP D 507 10.03 -8.44 -38.33
C ASP D 507 9.60 -7.19 -37.58
N HIS D 508 9.70 -7.21 -36.25
CA HIS D 508 9.21 -6.17 -35.35
C HIS D 508 7.73 -5.87 -35.55
N LYS D 509 6.98 -6.86 -36.02
CA LYS D 509 5.54 -6.80 -36.08
C LYS D 509 4.90 -7.19 -34.76
N ALA D 510 5.73 -7.49 -33.77
CA ALA D 510 5.31 -7.53 -32.37
C ALA D 510 6.46 -7.00 -31.54
N ASP D 511 6.16 -6.68 -30.29
CA ASP D 511 7.17 -6.18 -29.39
C ASP D 511 7.39 -7.07 -28.19
N LEU D 512 6.35 -7.72 -27.68
CA LEU D 512 6.46 -8.75 -26.66
C LEU D 512 5.70 -9.99 -27.08
N ALA D 513 6.12 -11.12 -26.52
CA ALA D 513 5.58 -12.42 -26.85
C ALA D 513 5.25 -13.18 -25.57
N VAL D 514 4.46 -12.55 -24.70
CA VAL D 514 4.04 -13.19 -23.47
C VAL D 514 3.07 -14.30 -23.84
N ALA D 515 3.55 -15.54 -23.74
CA ALA D 515 2.93 -16.74 -24.27
C ALA D 515 3.66 -17.94 -23.68
N PRO D 516 3.15 -19.17 -23.83
CA PRO D 516 3.96 -20.34 -23.47
C PRO D 516 5.11 -20.59 -24.43
N LEU D 517 6.08 -19.71 -24.45
CA LEU D 517 7.14 -19.72 -25.46
C LEU D 517 8.37 -20.36 -24.83
N ALA D 518 8.62 -21.61 -25.19
CA ALA D 518 9.66 -22.40 -24.55
C ALA D 518 11.04 -21.94 -24.98
N ILE D 519 11.88 -21.66 -23.99
CA ILE D 519 13.24 -21.23 -24.27
C ILE D 519 14.06 -22.43 -24.72
N THR D 520 14.43 -22.43 -25.98
CA THR D 520 15.26 -23.47 -26.55
C THR D 520 16.39 -22.80 -27.32
N TYR D 521 17.34 -23.63 -27.75
CA TYR D 521 18.61 -23.11 -28.26
C TYR D 521 18.46 -22.45 -29.62
N VAL D 522 17.58 -22.99 -30.46
CA VAL D 522 17.45 -22.44 -31.80
C VAL D 522 16.74 -21.10 -31.79
N ARG D 523 15.76 -20.93 -30.90
CA ARG D 523 15.07 -19.66 -30.80
C ARG D 523 15.93 -18.59 -30.13
N GLU D 524 16.89 -18.99 -29.31
CA GLU D 524 17.73 -18.02 -28.61
C GLU D 524 18.65 -17.28 -29.57
N LYS D 525 19.12 -17.95 -30.62
CA LYS D 525 19.94 -17.30 -31.62
C LYS D 525 19.15 -16.37 -32.53
N VAL D 526 17.84 -16.27 -32.35
CA VAL D 526 16.96 -15.50 -33.21
C VAL D 526 16.38 -14.31 -32.49
N ILE D 527 15.62 -14.54 -31.42
CA ILE D 527 15.11 -13.47 -30.59
C ILE D 527 15.74 -13.60 -29.22
N ASP D 528 15.43 -12.66 -28.34
CA ASP D 528 16.00 -12.64 -27.00
C ASP D 528 14.89 -12.83 -25.99
N PHE D 529 15.13 -13.68 -25.01
CA PHE D 529 14.14 -14.01 -24.00
C PHE D 529 14.48 -13.37 -22.67
N SER D 530 13.50 -13.33 -21.79
CA SER D 530 13.72 -12.88 -20.43
C SER D 530 14.24 -14.07 -19.63
N LYS D 531 14.43 -13.89 -18.36
CA LYS D 531 14.66 -15.07 -17.56
C LYS D 531 13.32 -15.74 -17.27
N PRO D 532 13.29 -17.07 -17.17
CA PRO D 532 12.01 -17.78 -17.26
C PRO D 532 11.10 -17.59 -16.06
N PHE D 533 9.80 -17.61 -16.33
CA PHE D 533 8.78 -17.39 -15.33
C PHE D 533 8.05 -18.66 -14.92
N MET D 534 8.21 -19.74 -15.66
CA MET D 534 7.65 -21.03 -15.27
C MET D 534 8.67 -22.11 -15.56
N THR D 535 8.79 -23.06 -14.63
CA THR D 535 9.74 -24.13 -14.74
C THR D 535 9.00 -25.39 -15.10
N LEU D 536 9.42 -26.07 -16.16
CA LEU D 536 8.62 -27.17 -16.67
C LEU D 536 9.52 -28.15 -17.40
N GLY D 537 8.98 -29.33 -17.65
CA GLY D 537 9.73 -30.38 -18.27
C GLY D 537 8.81 -31.42 -18.88
N ILE D 538 9.35 -32.61 -19.08
CA ILE D 538 8.56 -33.69 -19.65
C ILE D 538 8.15 -34.62 -18.52
N SER D 539 6.87 -34.98 -18.49
CA SER D 539 6.40 -36.01 -17.58
C SER D 539 5.36 -36.86 -18.27
N ILE D 540 4.67 -37.69 -17.49
CA ILE D 540 3.96 -38.85 -17.98
C ILE D 540 2.51 -38.80 -17.51
N LEU D 541 1.57 -38.84 -18.45
CA LEU D 541 0.18 -39.08 -18.13
C LEU D 541 -0.06 -40.57 -17.99
N TYR D 542 -0.91 -40.94 -17.03
CA TYR D 542 -1.34 -42.31 -16.91
C TYR D 542 -2.68 -42.31 -16.18
N ARG D 543 -3.47 -43.36 -16.43
CA ARG D 543 -4.75 -43.48 -15.75
C ARG D 543 -4.52 -43.76 -14.27
N LYS D 544 -5.36 -43.16 -13.43
CA LYS D 544 -5.24 -43.35 -12.00
C LYS D 544 -5.55 -44.81 -11.63
N PRO D 545 -4.79 -45.40 -10.70
CA PRO D 545 -5.08 -46.77 -10.27
C PRO D 545 -6.43 -46.86 -9.57
N ASN D 546 -7.13 -47.94 -9.84
CA ASN D 546 -8.58 -47.94 -9.65
C ASN D 546 -9.07 -48.94 -8.63
N GLY D 547 -8.48 -50.13 -8.58
CA GLY D 547 -8.94 -51.13 -7.65
C GLY D 547 -10.26 -51.76 -8.03
N THR D 548 -10.65 -51.71 -9.29
CA THR D 548 -11.85 -52.42 -9.72
C THR D 548 -11.55 -53.81 -10.24
N ASN D 549 -10.31 -54.11 -10.59
CA ASN D 549 -9.87 -55.47 -10.84
C ASN D 549 -8.60 -55.69 -10.02
N PRO D 550 -8.75 -56.07 -8.75
CA PRO D 550 -7.57 -56.25 -7.90
C PRO D 550 -6.88 -57.58 -8.10
N GLY D 551 -7.40 -58.43 -8.98
CA GLY D 551 -6.94 -59.79 -9.11
C GLY D 551 -7.97 -60.75 -8.54
N VAL D 552 -8.12 -61.90 -9.20
CA VAL D 552 -9.18 -62.83 -8.82
C VAL D 552 -8.77 -63.65 -7.61
N PHE D 553 -7.53 -63.56 -7.16
CA PHE D 553 -7.10 -64.17 -5.91
C PHE D 553 -6.72 -63.09 -4.89
N SER D 554 -7.54 -62.06 -4.81
CA SER D 554 -7.29 -60.96 -3.89
C SER D 554 -7.43 -61.34 -2.43
N PHE D 555 -8.15 -62.41 -2.12
CA PHE D 555 -8.24 -62.89 -0.75
C PHE D 555 -6.91 -63.43 -0.25
N LEU D 556 -6.01 -63.77 -1.16
CA LEU D 556 -4.74 -64.30 -0.76
C LEU D 556 -3.81 -63.21 -0.25
N ASN D 557 -4.16 -61.95 -0.49
CA ASN D 557 -3.25 -60.83 -0.18
C ASN D 557 -2.81 -60.69 1.27
N PRO D 558 -3.67 -60.69 2.31
CA PRO D 558 -3.22 -60.17 3.61
C PRO D 558 -2.26 -61.07 4.33
N LEU D 559 -2.07 -62.28 3.89
CA LEU D 559 -0.94 -63.07 4.32
C LEU D 559 0.03 -63.13 3.16
N SER D 560 1.32 -62.95 3.44
CA SER D 560 2.33 -63.11 2.42
C SER D 560 2.42 -64.58 2.03
N PRO D 561 2.78 -64.87 0.78
CA PRO D 561 2.93 -66.28 0.36
C PRO D 561 4.06 -67.02 1.06
N ASP D 562 4.95 -66.32 1.76
CA ASP D 562 5.81 -66.99 2.73
C ASP D 562 4.98 -67.68 3.78
N ILE D 563 3.96 -66.99 4.29
CA ILE D 563 3.14 -67.54 5.35
C ILE D 563 2.21 -68.62 4.80
N TRP D 564 1.74 -68.45 3.57
CA TRP D 564 0.88 -69.46 2.96
C TRP D 564 1.62 -70.77 2.74
N MET D 565 2.95 -70.73 2.58
CA MET D 565 3.71 -71.96 2.47
C MET D 565 4.09 -72.49 3.84
N TYR D 566 4.49 -71.60 4.75
CA TYR D 566 4.91 -72.04 6.07
C TYR D 566 3.76 -72.56 6.91
N VAL D 567 2.54 -72.14 6.63
CA VAL D 567 1.37 -72.75 7.25
C VAL D 567 1.21 -74.18 6.76
N LEU D 568 1.31 -74.37 5.44
CA LEU D 568 0.97 -75.67 4.88
C LEU D 568 2.02 -76.71 5.23
N LEU D 569 3.29 -76.31 5.34
CA LEU D 569 4.29 -77.20 5.89
C LEU D 569 4.06 -77.47 7.36
N ALA D 570 3.55 -76.48 8.09
CA ALA D 570 3.24 -76.71 9.49
C ALA D 570 2.02 -77.61 9.64
N CYS D 571 1.12 -77.59 8.66
CA CYS D 571 0.04 -78.56 8.69
C CYS D 571 0.55 -79.95 8.36
N LEU D 572 1.53 -80.05 7.48
CA LEU D 572 2.10 -81.35 7.16
C LEU D 572 3.04 -81.85 8.25
N GLY D 573 3.82 -80.95 8.84
CA GLY D 573 4.84 -81.38 9.78
C GLY D 573 4.26 -81.87 11.09
N VAL D 574 3.28 -81.14 11.64
CA VAL D 574 2.66 -81.54 12.89
C VAL D 574 1.83 -82.79 12.70
N SER D 575 1.23 -82.96 11.52
CA SER D 575 0.49 -84.18 11.22
C SER D 575 1.40 -85.40 11.15
N CYS D 576 2.67 -85.22 10.79
CA CYS D 576 3.60 -86.34 10.84
C CYS D 576 4.05 -86.63 12.26
N VAL D 577 4.24 -85.59 13.08
CA VAL D 577 4.59 -85.78 14.48
C VAL D 577 3.42 -86.40 15.24
N LEU D 578 2.20 -86.11 14.81
CA LEU D 578 1.02 -86.79 15.34
C LEU D 578 1.05 -88.27 15.07
N PHE D 579 1.61 -88.67 13.93
CA PHE D 579 1.69 -90.08 13.63
C PHE D 579 2.75 -90.77 14.48
N VAL D 580 3.84 -90.07 14.76
CA VAL D 580 4.97 -90.67 15.48
C VAL D 580 4.65 -90.85 16.95
N ILE D 581 4.10 -89.80 17.58
CA ILE D 581 3.86 -89.81 19.01
C ILE D 581 2.75 -90.80 19.36
N ALA D 582 1.80 -90.98 18.44
CA ALA D 582 0.66 -91.85 18.70
C ALA D 582 1.05 -93.33 18.82
N ARG D 583 2.11 -93.75 18.14
CA ARG D 583 2.47 -95.17 18.13
C ARG D 583 3.04 -95.61 19.48
N PHE D 584 4.20 -95.06 19.86
CA PHE D 584 4.88 -95.54 21.05
C PHE D 584 4.43 -94.88 22.34
N SER D 585 3.37 -94.08 22.30
CA SER D 585 2.70 -93.69 23.51
C SER D 585 1.73 -94.80 23.90
N PRO D 586 1.93 -95.48 25.03
CA PRO D 586 1.09 -96.64 25.36
C PRO D 586 -0.35 -96.30 25.70
N TYR D 587 -0.60 -95.12 26.27
CA TYR D 587 -1.94 -94.74 26.64
C TYR D 587 -2.81 -94.37 25.44
N GLU D 588 -2.22 -94.22 24.26
CA GLU D 588 -2.95 -94.04 23.01
C GLU D 588 -3.37 -95.35 22.38
N TRP D 589 -3.21 -96.45 23.09
CA TRP D 589 -3.63 -97.76 22.64
C TRP D 589 -4.76 -98.20 23.56
N TYR D 590 -5.98 -97.82 23.21
CA TYR D 590 -7.13 -97.98 24.05
C TYR D 590 -7.87 -99.28 23.69
N ASN D 591 -9.07 -99.45 24.24
CA ASN D 591 -9.91 -100.60 23.95
C ASN D 591 -10.97 -100.19 22.94
N PRO D 592 -10.85 -100.56 21.67
CA PRO D 592 -11.85 -100.15 20.67
C PRO D 592 -13.12 -100.98 20.67
N HIS D 593 -13.32 -101.84 21.67
CA HIS D 593 -14.49 -102.72 21.76
C HIS D 593 -15.21 -102.39 23.06
N PRO D 594 -16.05 -101.36 23.05
CA PRO D 594 -16.54 -100.80 24.32
C PRO D 594 -17.78 -101.48 24.87
N CYS D 595 -18.58 -102.10 24.00
CA CYS D 595 -19.84 -102.70 24.45
C CYS D 595 -19.60 -103.96 25.27
N ASN D 596 -18.43 -104.57 25.12
CA ASN D 596 -18.06 -105.74 25.91
C ASN D 596 -16.74 -105.48 26.66
N PRO D 597 -16.58 -106.01 27.90
CA PRO D 597 -15.56 -105.46 28.81
C PRO D 597 -14.10 -105.63 28.43
N ASP D 598 -13.63 -106.85 28.19
CA ASP D 598 -12.18 -107.09 28.16
C ASP D 598 -11.80 -108.00 27.01
N SER D 599 -12.38 -107.79 25.84
CA SER D 599 -11.89 -108.45 24.65
C SER D 599 -10.55 -107.84 24.25
N ASP D 600 -9.50 -108.66 24.20
CA ASP D 600 -8.15 -108.15 23.99
C ASP D 600 -7.93 -107.85 22.50
N VAL D 601 -8.46 -106.70 22.10
CA VAL D 601 -8.15 -106.09 20.82
C VAL D 601 -7.62 -104.69 21.11
N VAL D 602 -6.67 -104.24 20.30
CA VAL D 602 -6.01 -102.96 20.52
C VAL D 602 -5.92 -102.22 19.19
N GLU D 603 -6.05 -100.90 19.24
CA GLU D 603 -6.09 -100.11 18.02
C GLU D 603 -5.59 -98.69 18.30
N ASN D 604 -4.72 -98.21 17.41
CA ASN D 604 -4.42 -96.78 17.31
C ASN D 604 -5.21 -96.23 16.14
N ASN D 605 -6.22 -95.43 16.43
CA ASN D 605 -7.00 -94.77 15.40
C ASN D 605 -6.29 -93.58 14.78
N PHE D 606 -5.19 -93.13 15.37
CA PHE D 606 -4.38 -92.06 14.77
C PHE D 606 -3.44 -92.70 13.76
N THR D 607 -3.98 -93.00 12.59
CA THR D 607 -3.20 -93.57 11.50
C THR D 607 -2.48 -92.45 10.76
N LEU D 608 -1.89 -92.80 9.61
CA LEU D 608 -1.26 -91.78 8.79
C LEU D 608 -2.31 -90.92 8.09
N LEU D 609 -3.43 -91.52 7.72
CA LEU D 609 -4.46 -90.76 7.02
C LEU D 609 -5.18 -89.82 7.97
N ASN D 610 -5.56 -90.30 9.15
CA ASN D 610 -6.31 -89.49 10.10
C ASN D 610 -5.48 -88.41 10.76
N SER D 611 -4.15 -88.55 10.75
CA SER D 611 -3.33 -87.49 11.33
C SER D 611 -3.32 -86.25 10.45
N PHE D 612 -3.35 -86.42 9.12
CA PHE D 612 -3.63 -85.27 8.27
C PHE D 612 -5.06 -84.81 8.43
N TRP D 613 -5.96 -85.73 8.77
CA TRP D 613 -7.34 -85.34 8.95
C TRP D 613 -7.56 -84.62 10.27
N PHE D 614 -6.67 -84.81 11.23
CA PHE D 614 -6.75 -84.01 12.45
C PHE D 614 -6.12 -82.64 12.25
N GLY D 615 -5.04 -82.58 11.47
CA GLY D 615 -4.38 -81.30 11.28
C GLY D 615 -5.18 -80.36 10.39
N VAL D 616 -5.76 -80.89 9.32
CA VAL D 616 -6.60 -80.08 8.45
C VAL D 616 -7.92 -79.75 9.13
N GLY D 617 -8.50 -80.73 9.82
CA GLY D 617 -9.76 -80.49 10.52
C GLY D 617 -9.61 -79.48 11.63
N ALA D 618 -8.42 -79.36 12.20
CA ALA D 618 -8.19 -78.32 13.19
C ALA D 618 -7.86 -76.99 12.55
N LEU D 619 -7.18 -76.99 11.41
CA LEU D 619 -6.85 -75.73 10.74
C LEU D 619 -8.09 -75.01 10.27
N MET D 620 -9.09 -75.73 9.83
CA MET D 620 -10.33 -75.09 9.41
C MET D 620 -11.31 -74.91 10.55
N GLN D 621 -10.82 -74.88 11.79
CA GLN D 621 -11.55 -74.45 12.99
C GLN D 621 -12.73 -75.34 13.34
N GLN D 622 -12.85 -76.51 12.73
CA GLN D 622 -14.01 -77.34 12.99
C GLN D 622 -13.70 -78.60 13.77
N GLY D 623 -12.46 -79.08 13.72
CA GLY D 623 -12.09 -80.23 14.51
C GLY D 623 -12.55 -81.54 13.90
N SER D 624 -11.72 -82.56 14.04
CA SER D 624 -12.05 -83.89 13.57
C SER D 624 -12.94 -84.58 14.60
N GLU D 625 -13.15 -85.88 14.41
CA GLU D 625 -13.85 -86.70 15.39
C GLU D 625 -12.88 -87.43 16.30
N LEU D 626 -11.60 -87.07 16.25
CA LEU D 626 -10.58 -87.85 16.93
C LEU D 626 -10.49 -87.50 18.40
N MET D 627 -10.25 -86.20 18.71
CA MET D 627 -10.15 -85.66 20.06
C MET D 627 -9.12 -86.40 20.91
N PRO D 628 -7.82 -86.08 20.74
CA PRO D 628 -6.72 -86.87 21.34
C PRO D 628 -6.85 -87.14 22.82
N LYS D 629 -6.28 -88.27 23.24
CA LYS D 629 -6.80 -88.96 24.41
C LYS D 629 -5.81 -89.23 25.53
N ALA D 630 -4.51 -88.97 25.38
CA ALA D 630 -3.72 -89.33 26.55
C ALA D 630 -3.07 -88.17 27.28
N LEU D 631 -1.91 -87.69 26.80
CA LEU D 631 -1.43 -86.39 27.23
C LEU D 631 -0.59 -85.77 26.13
N SER D 632 0.07 -86.61 25.36
CA SER D 632 1.11 -86.11 24.47
C SER D 632 0.57 -85.78 23.10
N THR D 633 -0.43 -86.53 22.64
CA THR D 633 -1.23 -86.10 21.52
C THR D 633 -2.20 -84.99 21.89
N ARG D 634 -2.45 -84.82 23.18
CA ARG D 634 -3.25 -83.70 23.65
C ARG D 634 -2.48 -82.39 23.66
N ILE D 635 -1.20 -82.44 24.03
CA ILE D 635 -0.37 -81.24 23.97
C ILE D 635 -0.12 -80.83 22.52
N VAL D 636 0.11 -81.81 21.64
CA VAL D 636 0.28 -81.51 20.23
C VAL D 636 -1.00 -80.94 19.64
N GLY D 637 -2.15 -81.53 19.99
CA GLY D 637 -3.41 -81.04 19.48
C GLY D 637 -3.76 -79.66 20.01
N GLY D 638 -3.49 -79.42 21.29
CA GLY D 638 -3.82 -78.14 21.87
C GLY D 638 -2.90 -77.01 21.42
N ILE D 639 -1.62 -77.29 21.26
CA ILE D 639 -0.74 -76.23 20.79
C ILE D 639 -0.96 -75.99 19.30
N TRP D 640 -1.34 -77.02 18.56
CA TRP D 640 -1.80 -76.78 17.20
C TRP D 640 -3.10 -76.00 17.18
N TRP D 641 -3.93 -76.14 18.20
CA TRP D 641 -5.14 -75.34 18.28
C TRP D 641 -4.84 -73.87 18.48
N PHE D 642 -3.99 -73.56 19.46
CA PHE D 642 -3.66 -72.16 19.71
C PHE D 642 -2.87 -71.58 18.55
N PHE D 643 -2.21 -72.42 17.76
CA PHE D 643 -1.67 -71.96 16.49
C PHE D 643 -2.79 -71.54 15.54
N THR D 644 -3.96 -72.19 15.64
CA THR D 644 -4.95 -72.00 14.60
C THR D 644 -5.73 -70.71 14.78
N LEU D 645 -5.95 -70.32 16.03
CA LEU D 645 -6.66 -69.08 16.28
C LEU D 645 -5.83 -67.90 15.86
N ILE D 646 -4.54 -67.92 16.20
CA ILE D 646 -3.66 -66.78 15.92
C ILE D 646 -3.53 -66.56 14.43
N ILE D 647 -3.59 -67.61 13.64
CA ILE D 647 -3.63 -67.45 12.20
C ILE D 647 -4.96 -66.85 11.76
N ILE D 648 -6.05 -67.54 12.09
CA ILE D 648 -7.37 -67.12 11.61
C ILE D 648 -7.77 -65.78 12.19
N SER D 649 -7.44 -65.52 13.44
CA SER D 649 -7.68 -64.18 13.93
C SER D 649 -6.67 -63.18 13.42
N SER D 650 -5.60 -63.60 12.77
CA SER D 650 -4.84 -62.63 12.03
C SER D 650 -5.41 -62.39 10.66
N TYR D 651 -5.84 -63.45 9.98
CA TYR D 651 -6.36 -63.30 8.63
C TYR D 651 -7.68 -62.56 8.62
N THR D 652 -8.49 -62.71 9.65
CA THR D 652 -9.67 -61.88 9.73
C THR D 652 -9.30 -60.44 10.03
N ALA D 653 -8.34 -60.24 10.94
CA ALA D 653 -7.95 -58.89 11.33
C ALA D 653 -7.28 -58.17 10.19
N ASN D 654 -6.41 -58.85 9.47
CA ASN D 654 -5.67 -58.17 8.43
C ASN D 654 -6.54 -57.91 7.21
N LEU D 655 -7.55 -58.75 6.97
CA LEU D 655 -8.41 -58.51 5.82
C LEU D 655 -9.31 -57.31 6.07
N ALA D 656 -9.74 -57.09 7.30
CA ALA D 656 -10.52 -55.90 7.59
C ALA D 656 -9.68 -54.64 7.47
N ALA D 657 -8.37 -54.76 7.61
CA ALA D 657 -7.53 -53.62 7.34
C ALA D 657 -7.50 -53.29 5.86
N PHE D 658 -7.45 -54.30 4.99
CA PHE D 658 -7.44 -54.01 3.56
C PHE D 658 -8.78 -53.52 3.07
N LEU D 659 -9.86 -53.88 3.75
CA LEU D 659 -11.14 -53.48 3.23
C LEU D 659 -11.56 -52.10 3.71
N THR D 660 -10.78 -51.46 4.56
CA THR D 660 -11.11 -50.11 4.93
C THR D 660 -10.01 -49.10 4.69
N VAL D 661 -8.77 -49.54 4.52
CA VAL D 661 -7.68 -48.63 4.15
C VAL D 661 -7.11 -49.17 2.85
N GLU D 662 -7.54 -48.58 1.75
CA GLU D 662 -7.16 -49.05 0.42
C GLU D 662 -5.99 -48.22 -0.08
N ARG D 663 -4.83 -48.83 -0.20
CA ARG D 663 -3.68 -48.19 -0.83
C ARG D 663 -3.55 -48.74 -2.24
N MET D 664 -4.02 -47.98 -3.22
CA MET D 664 -3.89 -48.35 -4.63
C MET D 664 -2.56 -47.84 -5.14
N GLU D 665 -1.75 -48.72 -5.69
CA GLU D 665 -0.43 -48.36 -6.19
C GLU D 665 -0.31 -48.73 -7.66
N SER D 666 0.26 -47.82 -8.44
CA SER D 666 0.36 -47.94 -9.89
C SER D 666 1.40 -48.99 -10.26
N PRO D 667 1.25 -49.63 -11.43
CA PRO D 667 2.30 -50.54 -11.90
C PRO D 667 3.56 -49.83 -12.32
N ILE D 668 3.47 -48.56 -12.69
CA ILE D 668 4.60 -47.77 -13.12
C ILE D 668 4.82 -46.64 -12.12
N ASP D 669 6.08 -46.35 -11.84
CA ASP D 669 6.43 -45.29 -10.91
C ASP D 669 7.44 -44.30 -11.45
N SER D 670 8.07 -44.59 -12.59
CA SER D 670 8.99 -43.69 -13.24
C SER D 670 9.07 -44.10 -14.70
N ALA D 671 9.88 -43.37 -15.46
CA ALA D 671 10.11 -43.76 -16.84
C ALA D 671 10.94 -45.03 -16.95
N ASP D 672 11.71 -45.35 -15.92
CA ASP D 672 12.49 -46.59 -15.91
C ASP D 672 11.58 -47.81 -15.85
N ASP D 673 10.42 -47.69 -15.21
CA ASP D 673 9.47 -48.77 -15.23
C ASP D 673 8.77 -48.88 -16.56
N LEU D 674 8.72 -47.81 -17.34
CA LEU D 674 8.20 -47.89 -18.69
C LEU D 674 9.18 -48.55 -19.65
N ALA D 675 10.45 -48.65 -19.26
CA ALA D 675 11.43 -49.25 -20.14
C ALA D 675 11.23 -50.75 -20.27
N LYS D 676 10.62 -51.39 -19.28
CA LYS D 676 10.43 -52.82 -19.27
C LYS D 676 9.00 -53.23 -19.58
N GLN D 677 8.03 -52.47 -19.11
CA GLN D 677 6.62 -52.78 -19.33
C GLN D 677 6.27 -52.49 -20.77
N THR D 678 6.34 -53.51 -21.62
CA THR D 678 5.90 -53.36 -22.99
C THR D 678 4.38 -53.42 -23.09
N LYS D 679 3.72 -53.96 -22.06
CA LYS D 679 2.27 -53.98 -22.01
C LYS D 679 1.69 -52.58 -21.91
N ILE D 680 2.33 -51.71 -21.15
CA ILE D 680 1.95 -50.31 -21.12
C ILE D 680 2.72 -49.61 -22.24
N GLU D 681 1.99 -49.00 -23.16
CA GLU D 681 2.61 -48.41 -24.34
C GLU D 681 2.92 -46.93 -24.10
N TYR D 682 3.91 -46.43 -24.85
CA TYR D 682 4.32 -45.04 -24.74
C TYR D 682 3.37 -44.15 -25.53
N GLY D 683 3.74 -42.89 -25.68
CA GLY D 683 3.00 -41.98 -26.54
C GLY D 683 3.44 -40.54 -26.42
N ALA D 684 3.57 -39.87 -27.56
CA ALA D 684 3.91 -38.45 -27.56
C ALA D 684 3.26 -37.79 -28.78
N VAL D 685 3.21 -36.46 -28.73
CA VAL D 685 2.72 -35.69 -29.86
C VAL D 685 3.70 -35.80 -31.01
N GLU D 686 3.18 -35.99 -32.22
CA GLU D 686 4.00 -36.08 -33.41
C GLU D 686 4.77 -34.79 -33.65
N ASP D 687 6.09 -34.93 -33.77
CA ASP D 687 7.01 -33.86 -34.18
C ASP D 687 7.01 -32.71 -33.17
N GLY D 688 6.78 -33.03 -31.90
CA GLY D 688 6.85 -32.05 -30.85
C GLY D 688 8.21 -32.01 -30.19
N ALA D 689 8.36 -31.09 -29.25
CA ALA D 689 9.60 -30.96 -28.51
C ALA D 689 9.84 -32.13 -27.58
N THR D 690 8.78 -32.78 -27.12
CA THR D 690 8.92 -34.01 -26.34
C THR D 690 9.46 -35.13 -27.20
N MET D 691 8.87 -35.33 -28.38
CA MET D 691 9.39 -36.27 -29.35
C MET D 691 10.79 -35.90 -29.80
N THR D 692 11.09 -34.60 -29.84
CA THR D 692 12.41 -34.14 -30.22
C THR D 692 13.45 -34.57 -29.20
N PHE D 693 13.07 -34.61 -27.93
CA PHE D 693 14.05 -34.85 -26.88
C PHE D 693 14.51 -36.30 -26.87
N PHE D 694 13.61 -37.23 -27.15
CA PHE D 694 14.00 -38.62 -27.15
C PHE D 694 14.76 -39.00 -28.42
N LYS D 695 14.49 -38.32 -29.52
CA LYS D 695 15.22 -38.60 -30.75
C LYS D 695 16.67 -38.16 -30.63
N LYS D 696 16.91 -36.98 -30.06
CA LYS D 696 18.26 -36.50 -29.86
C LYS D 696 18.88 -36.99 -28.56
N SER D 697 18.20 -37.86 -27.83
CA SER D 697 18.69 -38.26 -26.51
C SER D 697 19.92 -39.14 -26.62
N LYS D 698 20.56 -39.33 -25.49
CA LYS D 698 21.70 -40.22 -25.40
C LYS D 698 21.61 -41.13 -24.18
N ILE D 699 20.71 -40.85 -23.25
CA ILE D 699 20.61 -41.65 -22.03
C ILE D 699 19.96 -42.98 -22.36
N SER D 700 20.48 -44.05 -21.74
CA SER D 700 20.21 -45.42 -22.15
C SER D 700 18.75 -45.79 -21.98
N THR D 701 18.11 -45.24 -20.95
CA THR D 701 16.67 -45.44 -20.79
C THR D 701 15.91 -44.83 -21.95
N TYR D 702 16.24 -43.60 -22.30
CA TYR D 702 15.51 -42.86 -23.30
C TYR D 702 15.79 -43.37 -24.69
N ASP D 703 16.93 -44.02 -24.89
CA ASP D 703 17.20 -44.67 -26.17
C ASP D 703 16.27 -45.85 -26.37
N LYS D 704 16.12 -46.67 -25.33
CA LYS D 704 15.19 -47.77 -25.39
C LYS D 704 13.76 -47.27 -25.47
N MET D 705 13.47 -46.14 -24.83
CA MET D 705 12.17 -45.52 -24.96
C MET D 705 11.95 -44.92 -26.34
N TRP D 706 13.01 -44.48 -27.00
CA TRP D 706 12.83 -43.95 -28.34
C TRP D 706 12.78 -45.05 -29.38
N ALA D 707 13.54 -46.13 -29.18
CA ALA D 707 13.61 -47.19 -30.17
C ALA D 707 12.30 -47.91 -30.35
N PHE D 708 11.48 -48.00 -29.28
CA PHE D 708 10.14 -48.50 -29.46
C PHE D 708 9.28 -47.51 -30.23
N MET D 709 9.28 -46.26 -29.78
CA MET D 709 8.43 -45.24 -30.37
C MET D 709 8.85 -44.88 -31.78
N SER D 710 10.13 -45.04 -32.10
CA SER D 710 10.54 -44.94 -33.49
C SER D 710 10.00 -46.10 -34.30
N SER D 711 10.16 -47.33 -33.80
CA SER D 711 9.71 -48.49 -34.54
C SER D 711 8.29 -48.90 -34.17
N ARG D 712 7.39 -47.92 -34.13
CA ARG D 712 5.94 -48.10 -34.05
C ARG D 712 5.30 -46.77 -34.34
N ARG D 713 4.23 -46.78 -35.13
CA ARG D 713 3.57 -45.54 -35.48
C ARG D 713 2.10 -45.85 -35.72
N GLN D 714 1.26 -44.84 -35.44
CA GLN D 714 -0.20 -44.76 -35.57
C GLN D 714 -0.90 -45.56 -34.46
N SER D 715 -0.14 -46.36 -33.73
CA SER D 715 -0.56 -46.94 -32.46
C SER D 715 0.25 -46.38 -31.31
N VAL D 716 1.55 -46.17 -31.48
CA VAL D 716 2.29 -45.31 -30.57
C VAL D 716 2.96 -44.21 -31.41
N LEU D 717 2.18 -43.16 -31.70
CA LEU D 717 2.50 -41.74 -31.81
C LEU D 717 1.19 -40.97 -32.01
N VAL D 718 0.92 -39.96 -31.20
CA VAL D 718 -0.32 -39.23 -31.40
C VAL D 718 -0.01 -37.98 -32.23
N LYS D 719 -1.06 -37.43 -32.85
CA LYS D 719 -0.99 -36.22 -33.66
C LYS D 719 -1.06 -34.96 -32.80
N SER D 720 -1.96 -34.93 -31.82
CA SER D 720 -2.11 -33.81 -30.92
C SER D 720 -2.36 -34.33 -29.51
N ASN D 721 -2.00 -33.52 -28.51
CA ASN D 721 -2.07 -33.98 -27.13
C ASN D 721 -3.50 -34.16 -26.63
N GLU D 722 -4.45 -33.40 -27.18
CA GLU D 722 -5.85 -33.58 -26.80
C GLU D 722 -6.38 -34.92 -27.26
N GLU D 723 -5.88 -35.42 -28.39
CA GLU D 723 -6.22 -36.78 -28.80
C GLU D 723 -5.59 -37.82 -27.89
N GLY D 724 -4.37 -37.59 -27.40
CA GLY D 724 -3.72 -38.56 -26.54
C GLY D 724 -4.32 -38.63 -25.15
N ILE D 725 -4.90 -37.52 -24.69
CA ILE D 725 -5.70 -37.50 -23.47
C ILE D 725 -6.83 -38.49 -23.55
N GLN D 726 -7.50 -38.55 -24.70
CA GLN D 726 -8.52 -39.58 -24.91
C GLN D 726 -7.90 -40.97 -24.95
N ARG D 727 -6.65 -41.08 -25.41
CA ARG D 727 -6.06 -42.40 -25.54
C ARG D 727 -5.60 -42.98 -24.20
N VAL D 728 -5.15 -42.13 -23.28
CA VAL D 728 -4.92 -42.62 -21.92
C VAL D 728 -6.25 -42.94 -21.27
N LEU D 729 -7.26 -42.10 -21.52
CA LEU D 729 -8.57 -42.27 -20.90
C LEU D 729 -9.25 -43.54 -21.41
N THR D 730 -9.11 -43.83 -22.70
CA THR D 730 -9.71 -45.05 -23.24
C THR D 730 -8.80 -46.25 -23.06
N SER D 731 -7.62 -46.24 -23.66
CA SER D 731 -6.79 -47.43 -23.73
C SER D 731 -5.75 -47.42 -22.61
N ASP D 732 -4.96 -48.49 -22.54
CA ASP D 732 -3.79 -48.57 -21.67
C ASP D 732 -2.67 -47.88 -22.41
N TYR D 733 -2.37 -46.64 -22.02
CA TYR D 733 -1.59 -45.76 -22.85
C TYR D 733 -0.93 -44.74 -21.92
N ALA D 734 0.39 -44.62 -22.01
CA ALA D 734 1.14 -43.71 -21.16
C ALA D 734 1.67 -42.59 -22.04
N PHE D 735 1.29 -41.36 -21.74
CA PHE D 735 1.47 -40.27 -22.68
C PHE D 735 2.56 -39.33 -22.19
N LEU D 736 3.54 -39.06 -23.05
CA LEU D 736 4.65 -38.17 -22.75
C LEU D 736 4.32 -36.79 -23.27
N MET D 737 4.35 -35.79 -22.38
CA MET D 737 4.07 -34.43 -22.79
C MET D 737 4.75 -33.49 -21.80
N GLU D 738 4.47 -32.21 -21.94
CA GLU D 738 5.03 -31.17 -21.10
C GLU D 738 4.52 -31.32 -19.67
N SER D 739 5.29 -30.76 -18.73
CA SER D 739 4.93 -30.87 -17.32
C SER D 739 3.69 -30.07 -16.98
N THR D 740 3.76 -28.75 -17.09
CA THR D 740 2.67 -27.91 -16.60
C THR D 740 1.42 -27.99 -17.46
N THR D 741 1.47 -28.67 -18.59
CA THR D 741 0.23 -29.05 -19.24
C THR D 741 -0.48 -30.13 -18.44
N ILE D 742 0.25 -31.02 -17.78
CA ILE D 742 -0.36 -32.14 -17.08
C ILE D 742 -1.13 -31.67 -15.86
N GLU D 743 -0.53 -30.78 -15.05
CA GLU D 743 -1.22 -30.28 -13.86
C GLU D 743 -2.44 -29.45 -14.19
N PHE D 744 -2.58 -28.95 -15.41
CA PHE D 744 -3.88 -28.41 -15.73
C PHE D 744 -4.87 -29.51 -16.03
N VAL D 745 -4.41 -30.59 -16.64
CA VAL D 745 -5.31 -31.66 -17.03
C VAL D 745 -5.65 -32.53 -15.83
N THR D 746 -4.64 -32.82 -14.99
CA THR D 746 -4.82 -33.70 -13.84
C THR D 746 -5.79 -33.10 -12.82
N GLN D 747 -5.72 -31.78 -12.64
CA GLN D 747 -6.50 -31.12 -11.61
C GLN D 747 -7.99 -31.16 -11.91
N ARG D 748 -8.35 -31.23 -13.19
CA ARG D 748 -9.75 -31.23 -13.60
C ARG D 748 -10.14 -32.51 -14.34
N ASN D 749 -9.38 -33.58 -14.18
CA ASN D 749 -9.79 -34.89 -14.70
C ASN D 749 -9.25 -35.92 -13.72
N CYS D 750 -10.06 -36.25 -12.72
CA CYS D 750 -9.54 -36.85 -11.51
C CYS D 750 -9.37 -38.36 -11.58
N ASN D 751 -9.31 -38.93 -12.77
CA ASN D 751 -8.73 -40.25 -12.91
C ASN D 751 -7.62 -40.26 -13.94
N LEU D 752 -6.87 -39.16 -14.01
CA LEU D 752 -5.57 -39.09 -14.65
C LEU D 752 -4.55 -38.69 -13.61
N THR D 753 -3.40 -39.33 -13.63
CA THR D 753 -2.37 -38.97 -12.67
C THR D 753 -1.03 -38.79 -13.38
N GLN D 754 -0.13 -38.13 -12.66
CA GLN D 754 1.20 -37.83 -13.12
C GLN D 754 2.16 -38.74 -12.37
N ILE D 755 2.63 -39.78 -13.02
CA ILE D 755 3.59 -40.67 -12.39
C ILE D 755 4.99 -40.24 -12.80
N GLY D 756 5.95 -40.46 -11.93
CA GLY D 756 7.31 -40.05 -12.21
C GLY D 756 7.54 -38.58 -11.92
N GLY D 757 8.45 -37.97 -12.65
CA GLY D 757 8.75 -36.57 -12.41
C GLY D 757 9.06 -35.81 -13.67
N LEU D 758 9.80 -34.72 -13.55
CA LEU D 758 10.21 -33.98 -14.72
C LEU D 758 11.36 -34.71 -15.39
N ILE D 759 11.22 -34.98 -16.69
CA ILE D 759 12.32 -35.56 -17.45
C ILE D 759 13.20 -34.42 -17.93
N ASP D 760 12.64 -33.54 -18.75
CA ASP D 760 13.40 -32.40 -19.23
C ASP D 760 13.31 -31.27 -18.21
N SER D 761 14.00 -30.17 -18.46
CA SER D 761 13.93 -29.02 -17.57
C SER D 761 14.13 -27.79 -18.43
N LYS D 762 13.04 -27.15 -18.82
CA LYS D 762 13.09 -25.99 -19.68
C LYS D 762 12.13 -24.95 -19.14
N GLY D 763 12.03 -23.82 -19.82
CA GLY D 763 11.24 -22.71 -19.29
C GLY D 763 10.58 -21.88 -20.35
N TYR D 764 9.47 -21.28 -19.96
CA TYR D 764 8.80 -20.28 -20.76
C TYR D 764 9.39 -18.93 -20.42
N GLY D 765 9.74 -18.15 -21.43
CA GLY D 765 10.35 -16.85 -21.24
C GLY D 765 9.63 -15.78 -22.04
N VAL D 766 9.69 -14.54 -21.55
CA VAL D 766 9.04 -13.43 -22.24
C VAL D 766 9.84 -13.13 -23.51
N GLY D 767 9.17 -13.19 -24.65
CA GLY D 767 9.83 -12.93 -25.90
C GLY D 767 10.02 -11.44 -26.15
N THR D 768 11.23 -11.09 -26.53
CA THR D 768 11.62 -9.74 -26.93
C THR D 768 12.32 -9.85 -28.26
N PRO D 769 12.26 -8.82 -29.10
CA PRO D 769 12.98 -8.88 -30.38
C PRO D 769 14.47 -8.80 -30.16
N MET D 770 15.22 -9.10 -31.23
CA MET D 770 16.65 -9.32 -31.12
C MET D 770 17.36 -8.00 -30.81
N GLY D 771 17.54 -7.75 -29.52
CA GLY D 771 18.04 -6.48 -29.08
C GLY D 771 16.88 -5.58 -28.71
N SER D 772 16.65 -5.40 -27.41
CA SER D 772 15.62 -4.49 -26.93
C SER D 772 15.96 -4.11 -25.52
N PRO D 773 15.62 -2.89 -25.09
CA PRO D 773 15.75 -2.55 -23.66
C PRO D 773 14.67 -3.15 -22.80
N TYR D 774 13.60 -3.68 -23.38
CA TYR D 774 12.55 -4.31 -22.60
C TYR D 774 12.91 -5.71 -22.14
N ARG D 775 14.01 -6.29 -22.62
CA ARG D 775 14.42 -7.58 -22.10
C ARG D 775 14.91 -7.46 -20.66
N ASP D 776 15.70 -6.43 -20.38
CA ASP D 776 16.32 -6.33 -19.07
C ASP D 776 15.34 -5.89 -17.99
N LYS D 777 14.52 -4.87 -18.29
CA LYS D 777 13.59 -4.33 -17.30
C LYS D 777 12.49 -5.32 -16.92
N ILE D 778 12.02 -6.12 -17.87
CA ILE D 778 11.05 -7.16 -17.55
C ILE D 778 11.68 -8.25 -16.71
N THR D 779 12.95 -8.55 -16.96
CA THR D 779 13.68 -9.55 -16.19
C THR D 779 13.79 -9.16 -14.71
N ILE D 780 14.07 -7.89 -14.41
CA ILE D 780 13.96 -7.42 -13.02
C ILE D 780 12.52 -7.52 -12.54
N ALA D 781 11.57 -7.17 -13.41
CA ALA D 781 10.16 -7.14 -13.03
C ALA D 781 9.58 -8.53 -12.86
N ILE D 782 10.09 -9.53 -13.56
CA ILE D 782 9.68 -10.90 -13.32
C ILE D 782 10.16 -11.36 -11.95
N LEU D 783 11.37 -11.00 -11.57
CA LEU D 783 11.86 -11.37 -10.25
C LEU D 783 11.18 -10.61 -9.12
N GLN D 784 10.48 -9.52 -9.43
CA GLN D 784 9.70 -8.85 -8.40
C GLN D 784 8.47 -9.65 -8.02
N LEU D 785 7.76 -10.17 -9.01
CA LEU D 785 6.55 -10.94 -8.74
C LEU D 785 6.84 -12.26 -8.05
N GLN D 786 8.01 -12.82 -8.26
CA GLN D 786 8.35 -14.10 -7.68
C GLN D 786 8.83 -13.98 -6.26
N GLU D 787 9.63 -12.96 -5.96
CA GLU D 787 10.12 -12.83 -4.59
C GLU D 787 9.07 -12.25 -3.67
N GLU D 788 8.19 -11.40 -4.20
CA GLU D 788 7.03 -11.00 -3.42
C GLU D 788 6.00 -12.10 -3.32
N GLY D 789 6.02 -13.07 -4.23
CA GLY D 789 5.11 -14.19 -4.18
C GLY D 789 3.89 -14.07 -5.08
N LYS D 790 3.73 -12.95 -5.78
CA LYS D 790 2.59 -12.78 -6.67
C LYS D 790 2.65 -13.72 -7.85
N LEU D 791 3.85 -14.08 -8.29
CA LEU D 791 4.00 -15.02 -9.38
C LEU D 791 3.51 -16.40 -9.04
N HIS D 792 3.64 -16.81 -7.78
CA HIS D 792 3.20 -18.13 -7.37
C HIS D 792 1.69 -18.20 -7.23
N MET D 793 1.06 -17.15 -6.70
CA MET D 793 -0.36 -17.18 -6.45
C MET D 793 -1.17 -17.15 -7.73
N MET D 794 -0.59 -16.67 -8.83
CA MET D 794 -1.26 -16.76 -10.12
C MET D 794 -1.31 -18.19 -10.62
N LYS D 795 -0.30 -18.97 -10.27
CA LYS D 795 -0.33 -20.39 -10.61
C LYS D 795 -1.40 -21.10 -9.81
N GLU D 796 -1.54 -20.74 -8.55
CA GLU D 796 -2.49 -21.38 -7.65
C GLU D 796 -3.94 -21.06 -7.99
N LYS D 797 -4.20 -20.05 -8.81
CA LYS D 797 -5.57 -19.73 -9.17
C LYS D 797 -5.94 -20.17 -10.58
N TRP D 798 -4.96 -20.44 -11.44
CA TRP D 798 -5.29 -20.82 -12.80
C TRP D 798 -5.10 -22.29 -13.09
N TRP D 799 -4.36 -23.02 -12.28
CA TRP D 799 -4.32 -24.46 -12.46
C TRP D 799 -5.21 -25.21 -11.49
N ARG D 800 -5.49 -24.66 -10.32
CA ARG D 800 -6.39 -25.34 -9.40
C ARG D 800 -7.82 -25.29 -9.92
N GLY D 801 -8.55 -26.35 -9.63
CA GLY D 801 -9.91 -26.51 -10.09
C GLY D 801 -10.82 -27.02 -9.01
N ASN D 802 -11.47 -28.16 -9.28
CA ASN D 802 -12.45 -28.71 -8.35
C ASN D 802 -11.77 -29.25 -7.09
N GLY D 803 -10.81 -30.14 -7.24
CA GLY D 803 -10.08 -30.63 -6.10
C GLY D 803 -10.25 -32.11 -5.87
N CYS D 804 -11.49 -32.60 -6.03
CA CYS D 804 -11.97 -33.99 -5.94
C CYS D 804 -11.40 -34.76 -4.75
N PRO D 805 -11.84 -34.49 -3.53
CA PRO D 805 -11.27 -35.20 -2.38
C PRO D 805 -11.85 -36.59 -2.19
N GLU D 806 -11.48 -37.54 -3.05
CA GLU D 806 -11.83 -38.93 -2.82
C GLU D 806 -10.80 -39.65 -1.95
N GLU D 807 -9.94 -38.89 -1.27
CA GLU D 807 -9.10 -39.50 -0.24
C GLU D 807 -9.92 -39.95 0.96
N GLU D 808 -11.08 -39.32 1.18
CA GLU D 808 -12.02 -39.83 2.16
C GLU D 808 -12.51 -41.20 1.72
N SER D 809 -12.28 -42.20 2.58
CA SER D 809 -12.58 -43.57 2.23
C SER D 809 -14.07 -43.79 2.18
N LYS D 810 -14.55 -44.30 1.05
CA LYS D 810 -15.96 -44.55 0.89
C LYS D 810 -16.32 -45.86 1.60
N GLU D 811 -17.59 -46.24 1.48
CA GLU D 811 -18.00 -47.52 2.01
C GLU D 811 -17.37 -48.65 1.20
N ALA D 812 -17.20 -49.78 1.84
CA ALA D 812 -16.33 -50.87 1.43
C ALA D 812 -16.69 -51.52 0.13
N SER D 813 -17.78 -51.16 -0.56
CA SER D 813 -18.07 -51.62 -1.91
C SER D 813 -18.16 -53.14 -1.94
N ALA D 814 -19.25 -53.63 -1.34
CA ALA D 814 -19.54 -55.03 -0.98
C ALA D 814 -19.03 -56.07 -1.95
N LEU D 815 -18.32 -57.06 -1.40
CA LEU D 815 -17.49 -57.98 -2.16
C LEU D 815 -18.24 -58.75 -3.23
N GLY D 816 -17.84 -58.55 -4.48
CA GLY D 816 -18.36 -59.28 -5.60
C GLY D 816 -17.35 -60.28 -6.13
N VAL D 817 -17.67 -60.84 -7.29
CA VAL D 817 -16.87 -61.91 -7.88
C VAL D 817 -15.52 -61.43 -8.37
N GLN D 818 -15.31 -60.14 -8.47
CA GLN D 818 -14.02 -59.58 -8.78
C GLN D 818 -13.12 -59.50 -7.57
N ASN D 819 -13.66 -59.74 -6.38
CA ASN D 819 -12.95 -59.49 -5.14
C ASN D 819 -12.53 -60.77 -4.44
N ILE D 820 -13.47 -61.66 -4.16
CA ILE D 820 -13.11 -62.98 -3.67
C ILE D 820 -12.82 -63.93 -4.82
N GLY D 821 -13.83 -64.27 -5.61
CA GLY D 821 -13.65 -64.77 -6.96
C GLY D 821 -13.00 -66.13 -7.11
N GLY D 822 -11.76 -66.23 -6.65
CA GLY D 822 -10.94 -67.41 -6.84
C GLY D 822 -11.29 -68.58 -5.97
N ILE D 823 -12.17 -68.38 -4.98
CA ILE D 823 -12.58 -69.50 -4.16
C ILE D 823 -13.54 -70.42 -4.88
N PHE D 824 -14.31 -69.91 -5.84
CA PHE D 824 -15.16 -70.78 -6.63
C PHE D 824 -14.37 -71.61 -7.62
N ILE D 825 -13.22 -71.09 -8.04
CA ILE D 825 -12.30 -71.86 -8.86
C ILE D 825 -11.67 -72.97 -8.03
N VAL D 826 -11.17 -72.63 -6.84
CA VAL D 826 -10.51 -73.66 -6.04
C VAL D 826 -11.50 -74.60 -5.39
N LEU D 827 -12.78 -74.24 -5.34
CA LEU D 827 -13.78 -75.21 -4.90
C LEU D 827 -13.97 -76.28 -5.95
N ALA D 828 -14.24 -75.88 -7.19
CA ALA D 828 -14.37 -76.82 -8.29
C ALA D 828 -13.07 -77.55 -8.56
N ALA D 829 -11.93 -76.92 -8.25
CA ALA D 829 -10.65 -77.62 -8.34
C ALA D 829 -10.54 -78.71 -7.29
N GLY D 830 -11.24 -78.57 -6.17
CA GLY D 830 -11.26 -79.64 -5.19
C GLY D 830 -12.30 -80.68 -5.55
N LEU D 831 -13.34 -80.24 -6.27
CA LEU D 831 -14.38 -81.16 -6.69
C LEU D 831 -13.94 -82.11 -7.79
N VAL D 832 -13.17 -81.63 -8.77
CA VAL D 832 -12.74 -82.49 -9.86
C VAL D 832 -11.66 -83.45 -9.38
N LEU D 833 -10.76 -82.96 -8.53
CA LEU D 833 -9.66 -83.78 -8.02
C LEU D 833 -10.16 -84.91 -7.14
N SER D 834 -11.28 -84.72 -6.44
CA SER D 834 -11.79 -85.78 -5.59
C SER D 834 -12.44 -86.90 -6.38
N VAL D 835 -13.02 -86.59 -7.55
CA VAL D 835 -13.66 -87.62 -8.37
C VAL D 835 -12.59 -88.54 -8.98
N PHE D 836 -11.43 -88.00 -9.31
CA PHE D 836 -10.33 -88.82 -9.81
C PHE D 836 -9.81 -89.76 -8.75
N VAL D 837 -9.79 -89.31 -7.49
CA VAL D 837 -9.44 -90.21 -6.41
C VAL D 837 -10.60 -91.17 -6.12
N ALA D 838 -11.84 -90.73 -6.36
CA ALA D 838 -13.00 -91.59 -6.17
C ALA D 838 -13.01 -92.76 -7.15
N VAL D 839 -12.63 -92.52 -8.40
CA VAL D 839 -12.44 -93.62 -9.33
C VAL D 839 -11.06 -94.24 -9.16
N GLY D 840 -10.14 -93.55 -8.51
CA GLY D 840 -8.80 -94.11 -8.29
C GLY D 840 -8.82 -95.22 -7.25
N GLU D 841 -9.40 -94.94 -6.09
CA GLU D 841 -9.47 -95.94 -5.04
C GLU D 841 -10.55 -96.97 -5.29
N PHE D 842 -11.43 -96.75 -6.28
CA PHE D 842 -12.40 -97.77 -6.65
C PHE D 842 -11.74 -98.90 -7.42
N LEU D 843 -10.75 -98.58 -8.25
CA LEU D 843 -9.99 -99.62 -8.93
C LEU D 843 -9.02 -100.30 -7.98
N TYR D 844 -8.60 -99.61 -6.92
CA TYR D 844 -7.76 -100.24 -5.91
C TYR D 844 -8.54 -101.28 -5.11
N LYS D 845 -9.86 -101.08 -4.96
CA LYS D 845 -10.65 -102.06 -4.22
C LYS D 845 -11.10 -103.21 -5.10
N SER D 846 -11.45 -102.93 -6.36
CA SER D 846 -11.87 -104.00 -7.26
C SER D 846 -10.71 -104.92 -7.62
N LYS D 847 -9.48 -104.38 -7.69
CA LYS D 847 -8.32 -105.22 -7.85
C LYS D 847 -8.01 -106.00 -6.57
N LYS D 848 -8.25 -105.37 -5.42
CA LYS D 848 -8.10 -106.07 -4.15
C LYS D 848 -9.16 -107.15 -3.97
N ASN D 849 -10.36 -106.90 -4.48
CA ASN D 849 -11.41 -107.91 -4.43
C ASN D 849 -11.21 -109.02 -5.43
N ALA D 850 -10.50 -108.76 -6.53
CA ALA D 850 -10.26 -109.78 -7.53
C ALA D 850 -9.00 -110.59 -7.20
#